data_5DS0
#
_entry.id   5DS0
#
_cell.length_a   114.638
_cell.length_b   165.372
_cell.length_c   125.789
_cell.angle_alpha   90.00
_cell.angle_beta   90.87
_cell.angle_gamma   90.00
#
_symmetry.space_group_name_H-M   'P 1 21 1'
#
loop_
_entity.id
_entity.type
_entity.pdbx_description
1 polymer 'Peptidase M42'
2 non-polymer 'COBALT (II) ION'
3 non-polymer GLYCEROL
#
_entity_poly.entity_id   1
_entity_poly.type   'polypeptide(L)'
_entity_poly.pdbx_seq_one_letter_code
;SNADKS(MSE)EL(MSE)KTL(MSE)EAFGPSGFEREVNAICKEY(MSE)EPYADEVVVDKLGSVTFIAKGNDRPRIL
(MSE)AGHTDEVGFIVSSISKEGYLTFNTLGGWWSQVLLGQRVVVRTCKG(MSE)VHGIIASKPPHILPPDERKKIVEAR
D(MSE)FIDIGATSEEEAEESGVKVGDPIVPWSPFSVIQNGRVA(MSE)GKAFDDRIGAFVL(MSE)EAIRR(MSE)KDQ
GIEHPNTVYGSATVQEEVGLRGAQTTAHVVDPDVALVLEVDIAGDVPGIKPHEALTK(MSE)GKGPGLVTYDRS(MSE)I
PNQPLKEFVINVAKQAQIPLQLSQ(MSE)SGGGTDAGRIH(MSE)NRAGCPSVVITIPTRHIHSHVGLLSLKDTENAIRL
VIELIKRLDLETVEGFT
;
_entity_poly.pdbx_strand_id   A,B,C,D,E,F,G,H,I,J,K,L
#
loop_
_chem_comp.id
_chem_comp.type
_chem_comp.name
_chem_comp.formula
CO non-polymer 'COBALT (II) ION' 'Co 2'
GOL non-polymer GLYCEROL 'C3 H8 O3'
#
# COMPACT_ATOMS: atom_id res chain seq x y z
N SER A 1 47.40 0.07 44.94
CA SER A 1 46.86 -1.22 45.45
C SER A 1 45.33 -1.18 45.57
N ASN A 2 44.73 -0.44 46.50
CA ASN A 2 43.26 -0.50 46.58
C ASN A 2 42.63 -0.03 45.27
N ALA A 3 43.18 1.05 44.71
CA ALA A 3 42.80 1.55 43.38
C ALA A 3 43.05 0.50 42.27
N ASP A 4 44.13 -0.26 42.39
CA ASP A 4 44.40 -1.45 41.57
C ASP A 4 43.38 -2.56 41.81
N LYS A 5 43.21 -2.95 43.07
CA LYS A 5 42.25 -3.99 43.48
C LYS A 5 40.80 -3.66 43.05
N SER A 6 40.44 -2.38 43.09
CA SER A 6 39.14 -1.92 42.58
C SER A 6 39.01 -2.10 41.08
N MSE A 7 40.00 -1.63 40.33
CA MSE A 7 39.96 -1.73 38.88
C MSE A 7 40.07 -3.15 38.44
O MSE A 7 39.52 -3.51 37.44
CB MSE A 7 41.05 -0.90 38.23
CG MSE A 7 40.70 0.59 38.29
SE MSE A 7 38.99 1.03 37.38
CE MSE A 7 38.11 1.92 38.92
N GLU A 8 40.78 -3.95 39.20
CA GLU A 8 40.88 -5.35 38.91
C GLU A 8 39.55 -6.06 39.13
N LEU A 9 38.81 -5.63 40.14
CA LEU A 9 37.48 -6.14 40.35
C LEU A 9 36.58 -5.74 39.20
N MSE A 10 36.57 -4.46 38.85
CA MSE A 10 35.75 -3.96 37.75
C MSE A 10 36.01 -4.76 36.52
O MSE A 10 35.09 -5.32 35.95
CB MSE A 10 35.96 -2.48 37.48
CG MSE A 10 34.75 -1.94 36.72
SE MSE A 10 34.96 -0.06 36.18
CE MSE A 10 34.63 0.72 37.96
N LYS A 11 37.26 -4.89 36.12
CA LYS A 11 37.62 -5.67 34.94
C LYS A 11 37.07 -7.10 35.01
N THR A 12 37.29 -7.75 36.14
CA THR A 12 36.92 -9.13 36.29
C THR A 12 35.41 -9.33 36.18
N LEU A 13 34.66 -8.43 36.79
CA LEU A 13 33.21 -8.44 36.72
C LEU A 13 32.70 -8.30 35.30
N MSE A 14 33.15 -7.25 34.62
CA MSE A 14 32.67 -6.98 33.26
C MSE A 14 33.10 -8.05 32.28
O MSE A 14 32.48 -8.20 31.24
CB MSE A 14 33.17 -5.65 32.74
CG MSE A 14 32.83 -4.42 33.56
SE MSE A 14 31.04 -4.47 34.40
CE MSE A 14 31.51 -3.54 36.08
N GLU A 15 34.17 -8.78 32.60
CA GLU A 15 34.63 -9.85 31.72
C GLU A 15 34.11 -11.23 32.10
N ALA A 16 33.53 -11.35 33.28
CA ALA A 16 32.95 -12.62 33.76
C ALA A 16 31.77 -13.10 32.94
N PHE A 17 31.57 -14.41 32.96
CA PHE A 17 30.46 -15.06 32.30
C PHE A 17 29.27 -15.14 33.25
N GLY A 18 28.16 -14.48 32.91
CA GLY A 18 26.98 -14.54 33.77
C GLY A 18 25.67 -14.00 33.22
N PRO A 19 25.09 -14.68 32.23
CA PRO A 19 23.79 -14.27 31.69
C PRO A 19 22.67 -14.68 32.62
N SER A 20 21.47 -14.13 32.41
CA SER A 20 20.35 -14.40 33.31
C SER A 20 20.14 -15.90 33.49
N GLY A 21 20.07 -16.36 34.73
CA GLY A 21 19.95 -17.78 35.06
C GLY A 21 21.28 -18.52 35.31
N PHE A 22 22.39 -17.90 34.93
CA PHE A 22 23.68 -18.56 35.01
C PHE A 22 24.72 -17.62 35.60
N GLU A 23 24.43 -17.06 36.76
CA GLU A 23 25.25 -15.98 37.33
C GLU A 23 26.26 -16.46 38.36
N ARG A 24 26.49 -17.75 38.48
CA ARG A 24 27.27 -18.26 39.60
C ARG A 24 28.73 -17.83 39.58
N GLU A 25 29.36 -17.85 38.41
CA GLU A 25 30.75 -17.39 38.27
C GLU A 25 30.93 -15.94 38.74
N VAL A 26 29.98 -15.07 38.39
CA VAL A 26 30.06 -13.65 38.72
C VAL A 26 29.79 -13.42 40.22
N ASN A 27 28.87 -14.17 40.80
CA ASN A 27 28.57 -14.02 42.21
C ASN A 27 29.64 -14.64 43.11
N ALA A 28 30.38 -15.61 42.57
CA ALA A 28 31.57 -16.13 43.23
C ALA A 28 32.65 -15.06 43.35
N ILE A 29 32.83 -14.29 42.28
CA ILE A 29 33.79 -13.19 42.27
C ILE A 29 33.44 -12.15 43.33
N CYS A 30 32.15 -11.89 43.47
CA CYS A 30 31.66 -10.95 44.47
C CYS A 30 31.90 -11.46 45.88
N LYS A 31 31.60 -12.73 46.14
CA LYS A 31 31.85 -13.31 47.46
C LYS A 31 33.30 -13.23 47.86
N GLU A 32 34.19 -13.53 46.92
CA GLU A 32 35.60 -13.53 47.20
C GLU A 32 36.11 -12.13 47.55
N TYR A 33 35.73 -11.15 46.77
CA TYR A 33 36.15 -9.77 47.03
C TYR A 33 35.67 -9.28 48.37
N MSE A 34 34.48 -9.74 48.78
CA MSE A 34 33.84 -9.26 50.00
C MSE A 34 34.11 -10.07 51.24
O MSE A 34 33.69 -9.66 52.32
CB MSE A 34 32.34 -9.22 49.80
CG MSE A 34 31.96 -8.18 48.76
SE MSE A 34 32.05 -6.36 49.48
CE MSE A 34 30.44 -6.48 50.60
N GLU A 35 34.82 -11.20 51.14
CA GLU A 35 35.13 -12.02 52.34
C GLU A 35 35.66 -11.17 53.51
N PRO A 36 36.65 -10.30 53.25
CA PRO A 36 37.18 -9.52 54.37
C PRO A 36 36.36 -8.33 54.81
N TYR A 37 35.25 -8.00 54.15
CA TYR A 37 34.52 -6.76 54.44
C TYR A 37 33.07 -6.92 54.95
N ALA A 38 32.44 -8.04 54.67
CA ALA A 38 31.07 -8.24 55.11
C ALA A 38 31.03 -8.97 56.44
N ASP A 39 30.11 -8.56 57.30
CA ASP A 39 29.95 -9.22 58.58
C ASP A 39 29.23 -10.57 58.45
N GLU A 40 28.47 -10.75 57.38
CA GLU A 40 27.71 -11.98 57.17
C GLU A 40 27.25 -12.02 55.70
N VAL A 41 26.96 -13.22 55.19
CA VAL A 41 26.50 -13.39 53.81
C VAL A 41 25.25 -14.27 53.77
N VAL A 42 24.17 -13.75 53.22
CA VAL A 42 22.94 -14.54 53.04
C VAL A 42 22.63 -14.65 51.55
N VAL A 43 21.91 -15.70 51.19
CA VAL A 43 21.60 -15.96 49.79
C VAL A 43 20.12 -16.23 49.60
N ASP A 44 19.63 -16.04 48.39
CA ASP A 44 18.33 -16.61 48.03
C ASP A 44 18.58 -17.89 47.20
N LYS A 45 17.52 -18.65 46.96
CA LYS A 45 17.66 -19.94 46.30
C LYS A 45 17.74 -19.81 44.78
N LEU A 46 17.52 -18.60 44.26
CA LEU A 46 17.72 -18.34 42.83
C LEU A 46 19.18 -18.09 42.49
N GLY A 47 19.99 -17.74 43.49
CA GLY A 47 21.41 -17.45 43.28
C GLY A 47 21.88 -16.05 43.65
N SER A 48 20.99 -15.21 44.18
CA SER A 48 21.39 -13.88 44.65
C SER A 48 22.20 -14.02 45.92
N VAL A 49 23.35 -13.37 45.97
CA VAL A 49 24.11 -13.26 47.22
C VAL A 49 24.02 -11.84 47.77
N THR A 50 23.92 -11.76 49.10
CA THR A 50 23.67 -10.52 49.80
C THR A 50 24.65 -10.38 50.98
N PHE A 51 25.29 -9.22 51.06
CA PHE A 51 26.36 -8.97 52.04
C PHE A 51 25.85 -7.99 53.09
N ILE A 52 25.99 -8.37 54.35
CA ILE A 52 25.46 -7.61 55.45
C ILE A 52 26.56 -6.89 56.18
N ALA A 53 26.39 -5.57 56.34
CA ALA A 53 27.24 -4.77 57.20
C ALA A 53 26.39 -4.37 58.40
N LYS A 54 26.72 -4.92 59.57
CA LYS A 54 25.90 -4.78 60.76
C LYS A 54 25.97 -3.40 61.40
N GLY A 55 24.87 -3.05 62.07
CA GLY A 55 24.74 -1.85 62.86
C GLY A 55 23.47 -2.07 63.66
N ASN A 56 22.59 -1.09 63.72
CA ASN A 56 21.34 -1.26 64.44
C ASN A 56 20.42 -2.23 63.71
N ASP A 57 19.83 -3.18 64.46
CA ASP A 57 18.87 -4.16 63.93
C ASP A 57 17.93 -3.57 62.85
N ARG A 58 17.42 -2.38 63.15
CA ARG A 58 16.52 -1.65 62.27
C ARG A 58 16.94 -0.16 62.27
N PRO A 59 16.81 0.56 61.15
CA PRO A 59 16.21 0.07 59.89
C PRO A 59 17.14 -0.77 59.02
N ARG A 60 16.55 -1.66 58.23
CA ARG A 60 17.30 -2.44 57.26
C ARG A 60 17.31 -1.72 55.92
N ILE A 61 18.52 -1.38 55.46
CA ILE A 61 18.71 -0.76 54.15
C ILE A 61 19.08 -1.84 53.15
N LEU A 62 18.30 -1.98 52.08
CA LEU A 62 18.66 -2.88 51.00
C LEU A 62 19.21 -2.11 49.82
N MSE A 63 20.46 -2.40 49.45
CA MSE A 63 21.03 -1.90 48.19
C MSE A 63 21.12 -3.06 47.26
O MSE A 63 21.62 -4.12 47.63
CB MSE A 63 22.44 -1.39 48.36
CG MSE A 63 22.50 -0.11 49.16
SE MSE A 63 24.26 0.70 48.81
CE MSE A 63 25.38 -0.48 49.94
N ALA A 64 20.68 -2.88 46.02
CA ALA A 64 20.64 -3.98 45.07
C ALA A 64 21.17 -3.57 43.72
N GLY A 65 22.03 -4.41 43.16
CA GLY A 65 22.46 -4.27 41.76
C GLY A 65 22.53 -5.65 41.13
N HIS A 66 21.86 -5.85 40.01
CA HIS A 66 21.81 -7.19 39.42
C HIS A 66 23.09 -7.55 38.68
N THR A 67 23.57 -8.77 38.88
CA THR A 67 24.77 -9.23 38.25
C THR A 67 24.54 -10.05 36.99
N ASP A 68 23.29 -10.37 36.68
CA ASP A 68 23.01 -11.00 35.41
C ASP A 68 23.16 -9.98 34.29
N GLU A 69 23.59 -10.47 33.13
CA GLU A 69 23.72 -9.65 31.92
C GLU A 69 22.86 -10.24 30.83
N VAL A 70 22.49 -9.40 29.89
CA VAL A 70 21.76 -9.93 28.75
C VAL A 70 22.66 -10.91 28.05
N GLY A 71 22.05 -11.96 27.50
CA GLY A 71 22.79 -13.02 26.85
C GLY A 71 21.90 -13.85 25.94
N PHE A 72 22.30 -15.10 25.70
CA PHE A 72 21.53 -16.00 24.85
C PHE A 72 21.66 -17.42 25.38
N ILE A 73 20.90 -18.32 24.78
CA ILE A 73 20.88 -19.72 25.19
C ILE A 73 20.68 -20.57 23.94
N VAL A 74 21.39 -21.70 23.89
CA VAL A 74 21.37 -22.56 22.70
C VAL A 74 20.01 -23.23 22.59
N SER A 75 19.36 -23.09 21.44
CA SER A 75 18.03 -23.65 21.23
C SER A 75 18.05 -24.87 20.32
N SER A 76 19.11 -25.05 19.55
CA SER A 76 19.28 -26.24 18.73
C SER A 76 20.64 -26.28 18.04
N ILE A 77 21.02 -27.46 17.56
CA ILE A 77 22.15 -27.61 16.65
C ILE A 77 21.59 -28.05 15.31
N SER A 78 21.85 -27.27 14.27
CA SER A 78 21.40 -27.62 12.92
C SER A 78 22.28 -28.72 12.35
N LYS A 79 21.75 -29.38 11.32
CA LYS A 79 22.48 -30.49 10.69
C LYS A 79 23.83 -30.05 10.10
N GLU A 80 23.99 -28.75 9.80
CA GLU A 80 25.23 -28.24 9.22
C GLU A 80 26.24 -27.74 10.26
N GLY A 81 25.88 -27.75 11.53
CA GLY A 81 26.83 -27.37 12.60
C GLY A 81 26.71 -25.94 13.12
N TYR A 82 25.53 -25.37 12.96
CA TYR A 82 25.25 -24.02 13.41
C TYR A 82 24.34 -24.13 14.58
N LEU A 83 24.36 -23.13 15.44
CA LEU A 83 23.49 -23.12 16.60
C LEU A 83 22.40 -22.12 16.40
N THR A 84 21.16 -22.46 16.77
CA THR A 84 20.11 -21.46 16.90
C THR A 84 20.09 -21.07 18.36
N PHE A 85 19.52 -19.91 18.67
CA PHE A 85 19.54 -19.43 20.05
C PHE A 85 18.30 -18.65 20.38
N ASN A 86 17.94 -18.63 21.66
CA ASN A 86 16.94 -17.68 22.16
C ASN A 86 17.65 -16.61 22.95
N THR A 87 17.04 -15.44 23.03
CA THR A 87 17.64 -14.34 23.78
C THR A 87 17.29 -14.48 25.24
N LEU A 88 18.20 -14.00 26.09
CA LEU A 88 17.98 -13.92 27.54
C LEU A 88 18.05 -12.45 27.89
N GLY A 89 16.88 -11.83 28.04
CA GLY A 89 16.79 -10.40 28.28
C GLY A 89 16.54 -9.69 26.97
N GLY A 90 16.26 -8.41 27.04
CA GLY A 90 15.86 -7.63 25.86
C GLY A 90 17.05 -7.21 25.03
N TRP A 91 17.07 -7.64 23.76
CA TRP A 91 18.09 -7.25 22.78
C TRP A 91 17.45 -6.57 21.60
N TRP A 92 18.11 -5.57 21.05
CA TRP A 92 17.71 -5.01 19.77
C TRP A 92 18.38 -5.81 18.66
N SER A 93 17.61 -6.33 17.72
CA SER A 93 18.18 -7.24 16.73
C SER A 93 19.31 -6.57 15.94
N GLN A 94 19.20 -5.26 15.73
CA GLN A 94 20.14 -4.56 14.85
C GLN A 94 21.57 -4.45 15.37
N VAL A 95 21.79 -4.74 16.66
CA VAL A 95 23.13 -4.79 17.23
C VAL A 95 23.74 -6.19 17.32
N LEU A 96 23.07 -7.19 16.77
CA LEU A 96 23.50 -8.59 16.90
C LEU A 96 24.40 -9.14 15.77
N LEU A 97 24.00 -8.96 14.51
CA LEU A 97 24.75 -9.52 13.40
C LEU A 97 26.24 -9.16 13.42
N GLY A 98 27.07 -10.18 13.22
CA GLY A 98 28.50 -10.01 13.06
C GLY A 98 29.24 -10.01 14.36
N GLN A 99 28.54 -10.27 15.46
CA GLN A 99 29.12 -10.10 16.78
C GLN A 99 29.67 -11.40 17.33
N ARG A 100 30.73 -11.30 18.11
CA ARG A 100 31.34 -12.47 18.73
C ARG A 100 30.63 -12.84 20.01
N VAL A 101 30.41 -14.13 20.19
CA VAL A 101 29.84 -14.64 21.41
C VAL A 101 30.66 -15.80 21.89
N VAL A 102 30.41 -16.22 23.12
CA VAL A 102 31.03 -17.40 23.66
C VAL A 102 29.99 -18.23 24.44
N VAL A 103 30.01 -19.53 24.16
CA VAL A 103 29.06 -20.48 24.70
C VAL A 103 29.78 -21.29 25.76
N ARG A 104 29.14 -21.49 26.90
CA ARG A 104 29.73 -22.32 27.94
C ARG A 104 29.16 -23.72 27.86
N THR A 105 30.00 -24.67 27.44
CA THR A 105 29.62 -26.07 27.39
C THR A 105 30.20 -26.82 28.58
N CYS A 106 29.86 -28.10 28.69
CA CYS A 106 30.53 -28.99 29.65
C CYS A 106 32.05 -29.13 29.38
N LYS A 107 32.47 -28.98 28.12
CA LYS A 107 33.88 -29.03 27.77
C LYS A 107 34.63 -27.69 27.88
N GLY A 108 33.93 -26.62 28.25
CA GLY A 108 34.54 -25.29 28.34
C GLY A 108 33.97 -24.26 27.38
N MSE A 109 34.67 -23.13 27.25
CA MSE A 109 34.21 -22.01 26.42
C MSE A 109 34.39 -22.30 24.95
O MSE A 109 35.45 -22.75 24.52
CB MSE A 109 35.01 -20.75 26.73
CG MSE A 109 34.84 -20.26 28.16
SE MSE A 109 32.95 -19.85 28.62
CE MSE A 109 33.18 -19.59 30.56
N VAL A 110 33.34 -22.05 24.19
CA VAL A 110 33.38 -22.25 22.75
C VAL A 110 32.99 -20.95 22.05
N HIS A 111 33.87 -20.45 21.19
CA HIS A 111 33.65 -19.16 20.56
C HIS A 111 32.86 -19.30 19.28
N GLY A 112 32.11 -18.25 18.97
CA GLY A 112 31.30 -18.21 17.78
C GLY A 112 30.93 -16.81 17.36
N ILE A 113 30.21 -16.73 16.24
CA ILE A 113 29.85 -15.47 15.61
C ILE A 113 28.39 -15.50 15.27
N ILE A 114 27.66 -14.43 15.59
CA ILE A 114 26.26 -14.36 15.22
C ILE A 114 26.20 -14.10 13.72
N ALA A 115 25.42 -14.91 13.01
CA ALA A 115 25.36 -14.82 11.55
C ALA A 115 23.96 -15.02 11.02
N SER A 116 23.79 -14.66 9.75
CA SER A 116 22.54 -14.92 9.04
C SER A 116 22.85 -15.36 7.62
N LYS A 117 21.81 -15.65 6.85
CA LYS A 117 21.96 -15.84 5.42
C LYS A 117 22.46 -14.53 4.83
N PRO A 118 23.48 -14.61 3.94
CA PRO A 118 24.04 -13.41 3.29
C PRO A 118 23.04 -12.83 2.32
N PRO A 119 22.97 -11.49 2.19
CA PRO A 119 21.91 -10.84 1.40
C PRO A 119 21.93 -11.13 -0.12
N HIS A 120 23.10 -11.42 -0.69
CA HIS A 120 23.20 -11.70 -2.14
C HIS A 120 22.55 -13.04 -2.58
N ILE A 121 22.26 -13.95 -1.64
CA ILE A 121 21.44 -15.16 -1.94
C ILE A 121 19.97 -15.01 -1.57
N LEU A 122 19.51 -13.77 -1.40
CA LEU A 122 18.11 -13.50 -1.13
C LEU A 122 17.51 -12.72 -2.29
N PRO A 123 16.17 -12.73 -2.41
CA PRO A 123 15.52 -11.91 -3.43
C PRO A 123 15.77 -10.42 -3.17
N PRO A 124 15.81 -9.58 -4.23
CA PRO A 124 16.09 -8.15 -4.03
C PRO A 124 15.21 -7.42 -2.99
N ASP A 125 13.92 -7.78 -2.91
CA ASP A 125 12.98 -7.14 -1.97
C ASP A 125 13.17 -7.58 -0.50
N GLU A 126 13.89 -8.68 -0.29
CA GLU A 126 14.16 -9.20 1.06
C GLU A 126 15.49 -8.70 1.67
N ARG A 127 16.34 -8.08 0.85
CA ARG A 127 17.63 -7.53 1.33
C ARG A 127 17.46 -6.25 2.15
N LYS A 128 16.47 -5.42 1.77
CA LYS A 128 16.16 -4.20 2.52
C LYS A 128 15.41 -4.50 3.82
N LYS A 129 14.98 -5.75 4.03
CA LYS A 129 14.29 -6.15 5.25
C LYS A 129 15.27 -6.38 6.39
N ILE A 130 14.89 -5.94 7.59
CA ILE A 130 15.67 -6.20 8.78
C ILE A 130 15.75 -7.70 9.00
N VAL A 131 16.91 -8.20 9.40
CA VAL A 131 17.03 -9.60 9.79
C VAL A 131 16.57 -9.75 11.24
N GLU A 132 15.53 -10.55 11.46
CA GLU A 132 15.01 -10.79 12.79
C GLU A 132 15.92 -11.81 13.49
N ALA A 133 15.97 -11.74 14.82
CA ALA A 133 16.80 -12.63 15.61
C ALA A 133 16.40 -14.10 15.47
N ARG A 134 15.12 -14.37 15.29
CA ARG A 134 14.64 -15.73 15.02
C ARG A 134 15.32 -16.39 13.79
N ASP A 135 15.74 -15.58 12.82
CA ASP A 135 16.42 -16.08 11.62
C ASP A 135 17.95 -16.01 11.67
N MSE A 136 18.51 -15.75 12.84
CA MSE A 136 19.96 -15.72 13.00
C MSE A 136 20.42 -17.02 13.59
O MSE A 136 19.61 -17.81 14.06
CB MSE A 136 20.36 -14.58 13.92
CG MSE A 136 20.06 -13.22 13.31
SE MSE A 136 20.61 -11.78 14.56
CE MSE A 136 19.68 -10.32 13.65
N PHE A 137 21.72 -17.25 13.56
CA PHE A 137 22.31 -18.37 14.28
C PHE A 137 23.74 -18.05 14.61
N ILE A 138 24.38 -18.97 15.30
CA ILE A 138 25.73 -18.79 15.76
C ILE A 138 26.59 -19.79 15.03
N ASP A 139 27.65 -19.25 14.44
CA ASP A 139 28.62 -20.02 13.70
C ASP A 139 29.80 -20.24 14.62
N ILE A 140 30.12 -21.50 14.88
CA ILE A 140 31.25 -21.83 15.75
C ILE A 140 32.40 -22.48 14.97
N GLY A 141 32.36 -22.34 13.65
CA GLY A 141 33.42 -22.86 12.79
C GLY A 141 33.28 -24.34 12.49
N ALA A 142 32.10 -24.89 12.77
CA ALA A 142 31.87 -26.31 12.57
C ALA A 142 31.37 -26.53 11.15
N THR A 143 31.58 -27.74 10.64
CA THR A 143 31.19 -28.11 9.26
C THR A 143 30.13 -29.22 9.22
N SER A 144 29.63 -29.65 10.37
CA SER A 144 28.62 -30.70 10.46
C SER A 144 28.06 -30.79 11.88
N GLU A 145 26.87 -31.36 12.02
CA GLU A 145 26.25 -31.56 13.34
C GLU A 145 27.18 -32.29 14.32
N GLU A 146 28.02 -33.20 13.80
CA GLU A 146 28.93 -34.01 14.64
C GLU A 146 30.09 -33.17 15.13
N GLU A 147 30.67 -32.39 14.23
CA GLU A 147 31.81 -31.54 14.58
C GLU A 147 31.40 -30.50 15.63
N ALA A 148 30.14 -30.09 15.59
CA ALA A 148 29.57 -29.19 16.56
C ALA A 148 29.40 -29.85 17.90
N GLU A 149 28.87 -31.07 17.88
CA GLU A 149 28.70 -31.84 19.11
C GLU A 149 30.03 -32.08 19.82
N GLU A 150 31.09 -32.33 19.04
CA GLU A 150 32.43 -32.56 19.60
C GLU A 150 32.91 -31.43 20.50
N SER A 151 32.47 -30.22 20.22
CA SER A 151 32.81 -29.06 21.02
C SER A 151 32.13 -29.06 22.39
N GLY A 152 31.06 -29.84 22.53
CA GLY A 152 30.39 -30.02 23.81
C GLY A 152 29.02 -29.36 23.93
N VAL A 153 28.60 -28.73 22.85
CA VAL A 153 27.38 -27.94 22.85
C VAL A 153 26.13 -28.79 23.03
N LYS A 154 25.24 -28.31 23.90
CA LYS A 154 23.94 -28.93 24.12
C LYS A 154 22.87 -27.89 24.16
N VAL A 155 21.66 -28.30 23.78
CA VAL A 155 20.50 -27.42 23.94
C VAL A 155 20.38 -27.04 25.42
N GLY A 156 20.11 -25.76 25.66
CA GLY A 156 20.09 -25.22 27.00
C GLY A 156 21.40 -24.61 27.52
N ASP A 157 22.47 -24.68 26.73
CA ASP A 157 23.75 -24.08 27.13
C ASP A 157 23.73 -22.55 27.00
N PRO A 158 24.31 -21.86 27.99
CA PRO A 158 24.26 -20.41 28.05
C PRO A 158 25.29 -19.75 27.18
N ILE A 159 24.99 -18.53 26.76
CA ILE A 159 25.82 -17.78 25.83
C ILE A 159 25.93 -16.33 26.29
N VAL A 160 27.13 -15.77 26.22
CA VAL A 160 27.30 -14.35 26.47
C VAL A 160 28.05 -13.68 25.34
N PRO A 161 27.92 -12.34 25.27
CA PRO A 161 28.74 -11.57 24.37
C PRO A 161 30.22 -11.71 24.72
N TRP A 162 31.08 -11.63 23.72
CA TRP A 162 32.51 -11.55 23.95
C TRP A 162 32.95 -10.11 23.84
N SER A 163 33.49 -9.56 24.93
CA SER A 163 33.74 -8.12 25.00
C SER A 163 34.75 -7.77 26.09
N PRO A 164 36.00 -7.54 25.71
CA PRO A 164 37.01 -7.23 26.70
C PRO A 164 36.83 -5.89 27.37
N PHE A 165 37.31 -5.79 28.58
CA PHE A 165 37.22 -4.58 29.33
C PHE A 165 38.49 -3.75 29.15
N SER A 166 38.30 -2.46 28.92
CA SER A 166 39.41 -1.54 28.95
C SER A 166 38.94 -0.17 29.39
N VAL A 167 39.90 0.74 29.55
CA VAL A 167 39.61 2.12 29.87
C VAL A 167 40.16 3.01 28.77
N ILE A 168 39.39 4.01 28.37
CA ILE A 168 39.80 4.92 27.31
C ILE A 168 39.69 6.36 27.78
N GLN A 169 39.94 7.30 26.89
CA GLN A 169 39.87 8.72 27.20
C GLN A 169 40.74 9.06 28.40
N ASN A 170 42.02 8.71 28.33
CA ASN A 170 42.99 9.05 29.36
C ASN A 170 42.49 8.64 30.72
N GLY A 171 42.03 7.40 30.84
CA GLY A 171 41.64 6.85 32.13
C GLY A 171 40.27 7.23 32.64
N ARG A 172 39.48 7.97 31.85
CA ARG A 172 38.22 8.56 32.34
C ARG A 172 36.99 7.70 32.10
N VAL A 173 37.02 6.89 31.06
CA VAL A 173 35.83 6.19 30.57
C VAL A 173 36.07 4.70 30.41
N ALA A 174 35.20 3.89 31.01
CA ALA A 174 35.31 2.45 30.95
C ALA A 174 34.56 1.88 29.78
N MSE A 175 35.12 0.85 29.16
CA MSE A 175 34.54 0.26 27.97
C MSE A 175 34.48 -1.23 28.14
O MSE A 175 35.47 -1.86 28.44
CB MSE A 175 35.42 0.57 26.76
CG MSE A 175 34.84 0.07 25.44
SE MSE A 175 36.02 0.71 23.99
CE MSE A 175 35.24 -0.07 22.37
N GLY A 176 33.30 -1.78 27.91
CA GLY A 176 33.10 -3.22 28.01
C GLY A 176 31.63 -3.60 28.06
N LYS A 177 31.35 -4.85 28.40
CA LYS A 177 30.00 -5.32 28.48
C LYS A 177 29.53 -5.41 29.92
N ALA A 178 28.25 -5.70 30.08
CA ALA A 178 27.66 -6.03 31.37
C ALA A 178 27.68 -4.92 32.43
N PHE A 179 27.92 -3.67 32.03
CA PHE A 179 27.81 -2.57 32.98
C PHE A 179 26.45 -2.62 33.64
N ASP A 180 25.42 -2.95 32.87
CA ASP A 180 24.09 -3.20 33.37
C ASP A 180 24.05 -4.66 33.84
N ASP A 181 24.13 -4.93 35.14
CA ASP A 181 24.19 -3.92 36.22
C ASP A 181 25.29 -4.27 37.22
N ARG A 182 26.41 -4.73 36.67
CA ARG A 182 27.54 -5.08 37.50
C ARG A 182 28.20 -3.81 38.03
N ILE A 183 28.04 -2.69 37.32
CA ILE A 183 28.54 -1.44 37.83
C ILE A 183 27.77 -1.07 39.09
N GLY A 184 26.47 -1.39 39.13
CA GLY A 184 25.66 -1.14 40.32
C GLY A 184 26.12 -2.03 41.46
N ALA A 185 26.43 -3.29 41.15
CA ALA A 185 26.96 -4.20 42.13
C ALA A 185 28.34 -3.70 42.61
N PHE A 186 29.13 -3.18 41.68
CA PHE A 186 30.43 -2.65 41.99
C PHE A 186 30.32 -1.52 43.00
N VAL A 187 29.36 -0.63 42.78
CA VAL A 187 29.14 0.50 43.66
C VAL A 187 28.78 0.07 45.07
N LEU A 188 27.81 -0.84 45.21
CA LEU A 188 27.38 -1.21 46.55
C LEU A 188 28.48 -1.97 47.29
N MSE A 189 29.25 -2.78 46.57
CA MSE A 189 30.39 -3.48 47.16
C MSE A 189 31.47 -2.54 47.60
O MSE A 189 32.02 -2.69 48.69
CB MSE A 189 30.98 -4.46 46.16
CG MSE A 189 30.11 -5.71 46.12
SE MSE A 189 31.00 -7.09 45.03
CE MSE A 189 30.75 -6.32 43.23
N GLU A 190 31.77 -1.54 46.78
CA GLU A 190 32.77 -0.54 47.14
C GLU A 190 32.31 0.33 48.30
N ALA A 191 31.01 0.61 48.36
CA ALA A 191 30.47 1.40 49.46
C ALA A 191 30.68 0.65 50.76
N ILE A 192 30.28 -0.61 50.81
CA ILE A 192 30.44 -1.39 52.01
C ILE A 192 31.90 -1.52 52.38
N ARG A 193 32.76 -1.74 51.40
CA ARG A 193 34.18 -1.90 51.66
C ARG A 193 34.72 -0.66 52.33
N ARG A 194 34.43 0.49 51.74
CA ARG A 194 34.93 1.76 52.24
C ARG A 194 34.43 2.13 53.62
N MSE A 195 33.20 1.76 53.92
CA MSE A 195 32.62 2.03 55.24
C MSE A 195 33.34 1.25 56.31
O MSE A 195 33.60 1.78 57.39
CB MSE A 195 31.15 1.70 55.21
CG MSE A 195 30.48 2.81 54.42
SE MSE A 195 28.52 2.78 54.62
CE MSE A 195 28.32 4.37 55.75
N LYS A 196 33.70 0.00 56.02
CA LYS A 196 34.49 -0.76 56.95
C LYS A 196 35.91 -0.21 57.03
N ASP A 197 36.58 -0.04 55.88
CA ASP A 197 37.97 0.44 55.85
C ASP A 197 38.20 1.75 56.60
N GLN A 198 37.27 2.68 56.51
CA GLN A 198 37.41 3.99 57.15
C GLN A 198 36.59 4.12 58.44
N GLY A 199 36.11 2.98 58.94
CA GLY A 199 35.29 2.94 60.15
C GLY A 199 34.13 3.92 60.19
N ILE A 200 33.43 4.08 59.07
CA ILE A 200 32.30 5.01 58.98
C ILE A 200 31.08 4.37 59.65
N GLU A 201 30.54 5.06 60.64
CA GLU A 201 29.42 4.52 61.42
C GLU A 201 28.11 4.81 60.70
N HIS A 202 27.16 3.89 60.82
CA HIS A 202 25.86 4.05 60.19
C HIS A 202 24.77 3.49 61.10
N PRO A 203 23.74 4.31 61.39
CA PRO A 203 22.69 3.96 62.36
C PRO A 203 21.67 2.94 61.84
N ASN A 204 22.17 1.81 61.33
CA ASN A 204 21.34 0.88 60.56
C ASN A 204 22.13 -0.34 60.12
N THR A 205 21.42 -1.33 59.62
CA THR A 205 22.04 -2.52 59.06
C THR A 205 21.88 -2.46 57.54
N VAL A 206 22.97 -2.69 56.82
CA VAL A 206 23.01 -2.55 55.37
C VAL A 206 23.09 -3.90 54.70
N TYR A 207 22.15 -4.18 53.82
CA TYR A 207 22.15 -5.41 53.04
C TYR A 207 22.51 -5.06 51.62
N GLY A 208 23.73 -5.39 51.22
CA GLY A 208 24.20 -5.12 49.87
C GLY A 208 24.03 -6.35 49.00
N SER A 209 23.13 -6.29 48.05
CA SER A 209 22.69 -7.49 47.38
C SER A 209 23.02 -7.52 45.88
N ALA A 210 23.65 -8.60 45.46
CA ALA A 210 23.94 -8.85 44.05
C ALA A 210 22.86 -9.79 43.49
N THR A 211 21.76 -9.21 43.04
CA THR A 211 20.60 -9.96 42.61
C THR A 211 20.81 -10.66 41.28
N VAL A 212 20.00 -11.70 41.04
CA VAL A 212 20.03 -12.46 39.80
C VAL A 212 18.72 -12.28 39.02
N GLN A 213 18.79 -12.61 37.74
CA GLN A 213 17.61 -12.65 36.88
C GLN A 213 16.77 -11.39 36.79
N GLU A 214 17.40 -10.22 36.83
CA GLU A 214 16.67 -8.96 36.61
C GLU A 214 16.21 -8.86 35.18
N GLU A 215 17.09 -9.21 34.25
CA GLU A 215 16.86 -8.92 32.83
C GLU A 215 15.72 -9.76 32.24
N VAL A 216 15.27 -10.77 32.96
CA VAL A 216 14.17 -11.64 32.51
C VAL A 216 12.88 -11.51 33.35
N GLY A 217 12.78 -10.52 34.23
CA GLY A 217 11.54 -10.30 34.98
C GLY A 217 11.65 -9.97 36.48
N LEU A 218 12.77 -9.36 36.88
CA LEU A 218 12.98 -8.91 38.25
C LEU A 218 12.83 -10.04 39.28
N ARG A 219 13.32 -11.22 38.90
CA ARG A 219 13.02 -12.44 39.66
C ARG A 219 13.81 -12.54 40.96
N GLY A 220 15.11 -12.30 40.91
CA GLY A 220 15.94 -12.33 42.11
C GLY A 220 15.62 -11.26 43.12
N ALA A 221 15.19 -10.10 42.65
CA ALA A 221 14.76 -9.01 43.52
C ALA A 221 13.58 -9.40 44.43
N GLN A 222 12.59 -10.08 43.85
CA GLN A 222 11.42 -10.51 44.61
C GLN A 222 11.80 -11.42 45.77
N THR A 223 12.61 -12.43 45.48
CA THR A 223 13.02 -13.43 46.46
C THR A 223 14.05 -12.90 47.47
N THR A 224 14.92 -11.98 47.04
CA THR A 224 15.86 -11.34 47.96
C THR A 224 15.14 -10.38 48.91
N ALA A 225 14.17 -9.65 48.40
CA ALA A 225 13.34 -8.79 49.23
C ALA A 225 12.64 -9.60 50.32
N HIS A 226 12.16 -10.77 49.95
CA HIS A 226 11.53 -11.67 50.93
C HIS A 226 12.49 -12.03 52.05
N VAL A 227 13.71 -12.39 51.69
CA VAL A 227 14.71 -12.81 52.66
C VAL A 227 15.09 -11.68 53.62
N VAL A 228 15.21 -10.47 53.09
CA VAL A 228 15.75 -9.35 53.85
C VAL A 228 14.73 -8.61 54.71
N ASP A 229 13.50 -8.46 54.24
CA ASP A 229 12.47 -7.63 54.92
C ASP A 229 12.97 -6.19 55.13
N PRO A 230 13.25 -5.47 54.03
CA PRO A 230 13.88 -4.16 54.14
C PRO A 230 12.90 -3.06 54.53
N ASP A 231 13.42 -2.04 55.20
CA ASP A 231 12.63 -0.86 55.60
C ASP A 231 12.78 0.30 54.61
N VAL A 232 13.90 0.30 53.87
CA VAL A 232 14.12 1.26 52.79
C VAL A 232 15.09 0.62 51.79
N ALA A 233 14.94 0.97 50.51
CA ALA A 233 15.75 0.34 49.46
C ALA A 233 16.38 1.35 48.51
N LEU A 234 17.66 1.15 48.21
CA LEU A 234 18.37 1.94 47.22
C LEU A 234 18.78 1.01 46.12
N VAL A 235 18.12 1.09 44.98
CA VAL A 235 18.46 0.25 43.87
C VAL A 235 19.42 0.98 42.97
N LEU A 236 20.51 0.30 42.62
CA LEU A 236 21.52 0.86 41.74
C LEU A 236 21.40 0.23 40.38
N GLU A 237 21.28 1.08 39.36
CA GLU A 237 21.09 0.62 38.00
C GLU A 237 21.88 1.52 37.07
N VAL A 238 21.80 1.21 35.79
CA VAL A 238 22.32 2.09 34.76
C VAL A 238 21.17 2.93 34.23
N ASP A 239 21.50 4.05 33.62
CA ASP A 239 20.54 4.88 32.96
C ASP A 239 20.96 4.91 31.51
N ILE A 240 19.99 4.92 30.60
CA ILE A 240 20.31 5.09 29.21
C ILE A 240 20.76 6.54 29.03
N ALA A 241 21.97 6.73 28.55
CA ALA A 241 22.53 8.07 28.43
C ALA A 241 22.25 8.64 27.06
N GLY A 242 21.56 9.78 27.04
CA GLY A 242 21.20 10.50 25.81
C GLY A 242 22.25 11.50 25.38
N ASP A 243 23.43 11.02 24.99
CA ASP A 243 24.53 11.88 24.54
C ASP A 243 24.61 11.89 23.01
N VAL A 244 23.76 11.08 22.38
CA VAL A 244 23.80 10.85 20.94
C VAL A 244 22.99 11.93 20.19
N PRO A 245 23.52 12.43 19.06
CA PRO A 245 22.90 13.59 18.37
C PRO A 245 21.46 13.39 17.90
N LYS A 248 16.15 14.59 21.02
CA LYS A 248 15.07 14.17 21.89
C LYS A 248 15.60 14.10 23.33
N PRO A 249 16.08 15.25 23.86
CA PRO A 249 16.61 15.42 25.22
C PRO A 249 15.63 14.82 26.23
N HIS A 250 14.34 15.05 26.04
CA HIS A 250 13.34 14.68 27.02
C HIS A 250 13.14 13.18 27.26
N GLU A 251 13.44 12.37 26.25
CA GLU A 251 13.33 10.91 26.36
C GLU A 251 14.51 10.28 27.13
N ALA A 252 15.67 10.93 27.11
CA ALA A 252 16.88 10.48 27.84
C ALA A 252 17.60 11.68 28.43
N LEU A 253 17.20 12.02 29.63
CA LEU A 253 17.71 13.22 30.29
C LEU A 253 19.19 13.16 30.68
N THR A 254 19.72 11.97 30.99
CA THR A 254 21.06 11.87 31.60
C THR A 254 22.18 11.92 30.58
N LYS A 255 23.29 12.48 31.03
CA LYS A 255 24.51 12.62 30.23
C LYS A 255 25.69 11.99 30.95
N MSE A 256 26.52 11.27 30.23
CA MSE A 256 27.67 10.61 30.82
C MSE A 256 28.64 11.68 31.23
O MSE A 256 28.96 12.58 30.46
CB MSE A 256 28.30 9.67 29.80
CG MSE A 256 29.46 8.89 30.40
SE MSE A 256 30.40 7.88 28.99
CE MSE A 256 31.40 9.31 28.05
N GLY A 257 29.07 11.62 32.49
CA GLY A 257 30.02 12.56 33.06
C GLY A 257 29.44 13.70 33.87
N LYS A 258 28.11 13.83 33.86
CA LYS A 258 27.43 14.91 34.58
C LYS A 258 26.84 14.42 35.90
N GLY A 259 27.26 13.24 36.34
CA GLY A 259 26.93 12.75 37.67
C GLY A 259 25.92 11.63 37.68
N PRO A 260 25.77 10.94 38.83
CA PRO A 260 24.76 9.90 38.91
C PRO A 260 23.35 10.44 38.75
N GLY A 261 22.44 9.57 38.39
CA GLY A 261 21.06 9.95 38.15
C GLY A 261 20.17 9.51 39.28
N LEU A 262 19.02 10.16 39.38
CA LEU A 262 18.01 9.77 40.32
C LEU A 262 16.73 9.63 39.53
N VAL A 263 16.12 8.46 39.62
CA VAL A 263 14.94 8.18 38.82
C VAL A 263 13.70 8.67 39.53
N THR A 264 12.99 9.58 38.88
CA THR A 264 11.79 10.22 39.43
C THR A 264 10.51 9.51 39.02
N TYR A 265 10.60 8.65 38.01
CA TYR A 265 9.49 7.83 37.56
C TYR A 265 9.98 6.75 36.61
N ASP A 266 9.47 5.55 36.75
CA ASP A 266 9.66 4.52 35.76
C ASP A 266 8.44 3.61 35.71
N ARG A 267 8.38 2.79 34.67
CA ARG A 267 7.24 1.92 34.42
C ARG A 267 6.96 0.95 35.58
N SER A 268 8.00 0.55 36.30
CA SER A 268 7.87 -0.40 37.41
C SER A 268 7.59 0.24 38.79
N MSE A 269 7.84 1.54 38.92
CA MSE A 269 7.68 2.20 40.22
C MSE A 269 7.66 3.72 40.13
O MSE A 269 8.49 4.33 39.44
CB MSE A 269 8.84 1.80 41.14
CG MSE A 269 8.75 2.52 42.49
SE MSE A 269 10.27 2.08 43.67
CE MSE A 269 11.65 3.25 42.87
N ILE A 270 6.77 4.33 40.92
CA ILE A 270 6.87 5.76 41.28
C ILE A 270 7.51 5.89 42.67
N PRO A 271 8.68 6.54 42.76
CA PRO A 271 9.41 6.47 44.02
C PRO A 271 8.64 7.14 45.16
N ASN A 272 8.91 6.69 46.39
CA ASN A 272 8.46 7.39 47.58
C ASN A 272 8.98 8.82 47.52
N GLN A 273 8.08 9.78 47.70
CA GLN A 273 8.43 11.18 47.47
C GLN A 273 9.32 11.80 48.56
N PRO A 274 9.00 11.57 49.84
CA PRO A 274 9.96 11.97 50.90
C PRO A 274 11.38 11.45 50.70
N LEU A 275 11.51 10.19 50.32
CA LEU A 275 12.82 9.59 50.09
C LEU A 275 13.52 10.23 48.90
N LYS A 276 12.76 10.54 47.85
CA LYS A 276 13.31 11.22 46.69
C LYS A 276 13.90 12.57 47.13
N GLU A 277 13.13 13.33 47.89
CA GLU A 277 13.57 14.65 48.33
C GLU A 277 14.81 14.54 49.20
N PHE A 278 14.83 13.50 50.03
CA PHE A 278 15.95 13.23 50.91
C PHE A 278 17.24 13.05 50.11
N VAL A 279 17.19 12.24 49.07
CA VAL A 279 18.37 11.98 48.27
C VAL A 279 18.83 13.27 47.58
N ILE A 280 17.89 14.02 47.02
CA ILE A 280 18.22 15.26 46.35
C ILE A 280 18.96 16.20 47.29
N ASN A 281 18.51 16.26 48.53
CA ASN A 281 19.12 17.17 49.52
C ASN A 281 20.46 16.68 50.02
N VAL A 282 20.56 15.39 50.30
CA VAL A 282 21.83 14.83 50.72
C VAL A 282 22.89 15.10 49.67
N ALA A 283 22.53 14.93 48.39
CA ALA A 283 23.45 15.15 47.30
C ALA A 283 23.87 16.61 47.20
N LYS A 284 22.91 17.51 47.34
CA LYS A 284 23.17 18.95 47.26
C LYS A 284 24.11 19.39 48.38
N GLN A 285 23.83 18.91 49.57
CA GLN A 285 24.59 19.22 50.76
C GLN A 285 26.01 18.68 50.65
N ALA A 286 26.15 17.47 50.10
CA ALA A 286 27.47 16.86 49.89
C ALA A 286 28.15 17.31 48.60
N GLN A 287 27.50 18.22 47.87
CA GLN A 287 28.02 18.76 46.61
C GLN A 287 28.32 17.69 45.55
N ILE A 288 27.46 16.68 45.51
CA ILE A 288 27.58 15.64 44.52
C ILE A 288 26.59 15.94 43.41
N PRO A 289 27.09 16.12 42.17
CA PRO A 289 26.17 16.37 41.05
C PRO A 289 25.19 15.21 40.84
N LEU A 290 23.94 15.54 40.57
CA LEU A 290 22.87 14.56 40.53
C LEU A 290 21.86 14.90 39.45
N GLN A 291 21.62 13.99 38.51
CA GLN A 291 20.76 14.30 37.34
C GLN A 291 19.39 13.69 37.53
N LEU A 292 18.36 14.51 37.50
CA LEU A 292 17.01 13.98 37.57
C LEU A 292 16.68 13.26 36.28
N SER A 293 16.19 12.04 36.42
CA SER A 293 15.97 11.14 35.29
C SER A 293 14.58 10.53 35.33
N GLN A 294 14.15 10.03 34.18
CA GLN A 294 12.87 9.36 34.09
C GLN A 294 12.96 8.28 33.01
N MSE A 295 12.59 7.04 33.32
CA MSE A 295 12.62 5.96 32.34
C MSE A 295 11.20 5.54 32.02
O MSE A 295 10.66 4.58 32.57
CB MSE A 295 13.45 4.76 32.83
CG MSE A 295 14.75 5.18 33.53
SE MSE A 295 15.61 3.63 34.47
CE MSE A 295 17.26 4.49 34.99
N SER A 296 10.59 6.28 31.10
CA SER A 296 9.23 6.00 30.57
C SER A 296 8.89 4.52 30.25
N GLY A 297 9.86 3.77 29.71
CA GLY A 297 9.61 2.40 29.27
C GLY A 297 10.65 1.37 29.70
N GLY A 298 10.94 1.33 30.99
CA GLY A 298 11.85 0.33 31.54
C GLY A 298 11.57 0.15 33.01
N GLY A 299 12.05 -0.94 33.58
CA GLY A 299 11.87 -1.21 35.01
C GLY A 299 13.16 -1.61 35.69
N THR A 300 13.07 -1.83 37.00
CA THR A 300 14.22 -2.10 37.87
C THR A 300 13.87 -3.10 38.95
N ASP A 301 14.90 -3.64 39.62
CA ASP A 301 14.69 -4.50 40.80
C ASP A 301 13.71 -3.82 41.78
N ALA A 302 13.70 -2.49 41.81
CA ALA A 302 12.81 -1.74 42.71
C ALA A 302 11.34 -2.02 42.48
N GLY A 303 11.00 -2.35 41.25
CA GLY A 303 9.64 -2.72 40.90
C GLY A 303 9.07 -3.81 41.77
N ARG A 304 9.92 -4.74 42.21
CA ARG A 304 9.53 -5.84 43.11
C ARG A 304 9.81 -5.55 44.58
N ILE A 305 10.95 -4.96 44.85
CA ILE A 305 11.38 -4.65 46.21
C ILE A 305 10.38 -3.75 46.95
N HIS A 306 9.90 -2.69 46.28
CA HIS A 306 9.01 -1.71 46.93
C HIS A 306 7.63 -2.27 47.22
N MSE A 307 7.35 -3.46 46.70
CA MSE A 307 6.05 -4.12 46.88
C MSE A 307 6.12 -5.24 47.86
O MSE A 307 5.14 -5.98 48.02
CB MSE A 307 5.66 -4.72 45.57
CG MSE A 307 5.81 -3.74 44.42
SE MSE A 307 4.04 -3.26 43.77
CE MSE A 307 3.98 -4.47 42.19
N ASN A 308 7.28 -5.41 48.49
CA ASN A 308 7.48 -6.49 49.44
C ASN A 308 6.64 -6.28 50.69
N ARG A 309 5.91 -7.32 51.08
CA ARG A 309 5.07 -7.30 52.28
C ARG A 309 4.08 -6.12 52.26
N ALA A 310 4.25 -5.14 53.16
CA ALA A 310 3.37 -3.99 53.28
C ALA A 310 3.87 -2.79 52.46
N GLY A 311 4.99 -2.99 51.76
CA GLY A 311 5.59 -1.94 50.96
C GLY A 311 6.93 -1.57 51.54
N CYS A 312 7.76 -0.96 50.72
CA CYS A 312 9.07 -0.52 51.14
C CYS A 312 9.45 0.72 50.35
N PRO A 313 9.67 1.86 51.03
CA PRO A 313 10.07 3.06 50.29
C PRO A 313 11.39 2.81 49.55
N SER A 314 11.43 3.13 48.27
CA SER A 314 12.59 2.85 47.47
C SER A 314 12.84 3.93 46.47
N VAL A 315 14.07 3.96 45.98
CA VAL A 315 14.46 4.94 45.00
C VAL A 315 15.53 4.31 44.12
N VAL A 316 15.55 4.66 42.86
CA VAL A 316 16.60 4.15 41.96
C VAL A 316 17.66 5.21 41.71
N ILE A 317 18.91 4.84 41.92
CA ILE A 317 20.05 5.70 41.65
C ILE A 317 20.85 5.07 40.52
N THR A 318 21.27 5.89 39.55
CA THR A 318 21.80 5.34 38.31
C THR A 318 23.14 5.91 37.90
N ILE A 319 23.91 5.10 37.19
CA ILE A 319 25.09 5.58 36.47
C ILE A 319 24.76 5.66 34.98
N PRO A 320 24.81 6.87 34.42
CA PRO A 320 24.56 6.98 32.98
C PRO A 320 25.57 6.17 32.18
N THR A 321 25.04 5.34 31.29
CA THR A 321 25.83 4.40 30.52
C THR A 321 25.36 4.46 29.07
N ARG A 322 26.30 4.47 28.14
CA ARG A 322 25.97 4.50 26.72
C ARG A 322 25.98 3.09 26.18
N HIS A 323 24.99 2.77 25.35
CA HIS A 323 24.92 1.49 24.65
C HIS A 323 24.79 0.27 25.57
N ILE A 324 23.83 0.31 26.49
CA ILE A 324 23.52 -0.86 27.30
C ILE A 324 22.78 -1.91 26.47
N HIS A 325 22.64 -3.11 27.02
CA HIS A 325 22.01 -4.22 26.31
C HIS A 325 22.62 -4.41 24.92
N SER A 326 23.94 -4.28 24.85
CA SER A 326 24.68 -4.50 23.62
C SER A 326 26.08 -5.03 23.98
N HIS A 327 26.87 -5.42 22.99
CA HIS A 327 28.19 -6.01 23.27
C HIS A 327 29.14 -5.11 24.01
N VAL A 328 29.07 -3.82 23.73
CA VAL A 328 30.02 -2.91 24.32
C VAL A 328 29.36 -1.56 24.65
N GLY A 329 29.58 -1.09 25.87
CA GLY A 329 29.02 0.16 26.34
C GLY A 329 30.11 1.02 26.93
N LEU A 330 29.77 2.24 27.30
CA LEU A 330 30.73 3.15 27.93
C LEU A 330 30.11 3.78 29.16
N LEU A 331 30.89 3.96 30.21
CA LEU A 331 30.45 4.79 31.33
C LEU A 331 31.61 5.56 31.94
N SER A 332 31.27 6.57 32.74
CA SER A 332 32.27 7.47 33.37
C SER A 332 32.70 6.97 34.73
N LEU A 333 34.01 6.84 34.95
CA LEU A 333 34.52 6.43 36.25
C LEU A 333 34.27 7.47 37.31
N LYS A 334 34.22 8.72 36.88
CA LYS A 334 33.89 9.83 37.77
C LYS A 334 32.46 9.73 38.28
N ASP A 335 31.51 9.47 37.38
CA ASP A 335 30.10 9.26 37.77
C ASP A 335 30.00 8.13 38.79
N THR A 336 30.72 7.04 38.53
CA THR A 336 30.74 5.87 39.39
C THR A 336 31.23 6.23 40.78
N GLU A 337 32.34 6.94 40.83
CA GLU A 337 32.91 7.38 42.09
C GLU A 337 31.90 8.20 42.88
N ASN A 338 31.24 9.14 42.21
CA ASN A 338 30.24 9.97 42.85
C ASN A 338 29.03 9.17 43.34
N ALA A 339 28.67 8.12 42.62
CA ALA A 339 27.58 7.26 43.06
C ALA A 339 27.97 6.57 44.35
N ILE A 340 29.22 6.13 44.44
CA ILE A 340 29.72 5.53 45.66
C ILE A 340 29.68 6.54 46.81
N ARG A 341 30.19 7.74 46.56
CA ARG A 341 30.14 8.79 47.55
C ARG A 341 28.71 9.03 48.03
N LEU A 342 27.81 9.16 47.09
CA LEU A 342 26.43 9.50 47.41
C LEU A 342 25.79 8.46 48.30
N VAL A 343 26.00 7.22 47.97
CA VAL A 343 25.34 6.15 48.69
C VAL A 343 25.83 6.07 50.14
N ILE A 344 27.11 6.31 50.33
CA ILE A 344 27.67 6.38 51.67
C ILE A 344 27.00 7.49 52.48
N GLU A 345 26.92 8.70 51.91
CA GLU A 345 26.28 9.82 52.61
C GLU A 345 24.84 9.48 52.97
N LEU A 346 24.12 8.79 52.10
CA LEU A 346 22.75 8.42 52.38
C LEU A 346 22.69 7.48 53.56
N ILE A 347 23.50 6.42 53.51
CA ILE A 347 23.51 5.41 54.56
C ILE A 347 23.89 6.00 55.92
N LYS A 348 24.85 6.91 55.95
CA LYS A 348 25.17 7.63 57.17
C LYS A 348 23.96 8.24 57.84
N ARG A 349 23.04 8.80 57.04
CA ARG A 349 21.92 9.58 57.57
C ARG A 349 20.58 8.85 57.68
N LEU A 350 20.53 7.60 57.26
CA LEU A 350 19.27 6.86 57.27
C LEU A 350 19.06 6.15 58.60
N ASP A 351 18.76 6.94 59.62
CA ASP A 351 18.43 6.38 60.95
C ASP A 351 16.94 5.99 61.00
N LEU A 352 16.53 5.32 62.08
CA LEU A 352 15.15 4.85 62.21
C LEU A 352 14.13 5.99 62.10
N GLU A 353 14.43 7.13 62.68
CA GLU A 353 13.48 8.25 62.69
C GLU A 353 13.24 8.83 61.29
N THR A 354 14.31 9.07 60.55
CA THR A 354 14.22 9.56 59.18
C THR A 354 13.40 8.62 58.32
N VAL A 355 13.65 7.33 58.47
CA VAL A 355 13.02 6.29 57.63
C VAL A 355 11.53 6.16 57.93
N GLU A 356 11.14 6.24 59.20
CA GLU A 356 9.72 6.21 59.55
C GLU A 356 9.03 7.45 59.04
N GLY A 357 9.77 8.57 58.97
CA GLY A 357 9.25 9.82 58.40
C GLY A 357 8.93 9.79 56.92
N PHE A 358 9.39 8.77 56.20
CA PHE A 358 9.11 8.64 54.76
C PHE A 358 7.72 8.08 54.49
N THR A 359 7.13 7.44 55.49
CA THR A 359 5.84 6.78 55.35
C THR A 359 4.83 7.45 56.28
N ALA B 3 -26.06 15.11 55.54
CA ALA B 3 -26.69 15.33 54.19
C ALA B 3 -25.86 16.14 53.17
N ASP B 4 -25.73 17.46 53.45
CA ASP B 4 -24.75 18.31 52.72
C ASP B 4 -23.41 17.62 52.86
N LYS B 5 -23.12 17.03 54.02
CA LYS B 5 -21.78 16.44 54.30
C LYS B 5 -21.34 15.37 53.31
N SER B 6 -22.27 14.53 52.88
CA SER B 6 -21.99 13.52 51.85
C SER B 6 -21.63 14.14 50.51
N MSE B 7 -22.45 15.07 50.06
CA MSE B 7 -22.19 15.74 48.79
C MSE B 7 -20.98 16.60 48.86
O MSE B 7 -20.30 16.74 47.87
CB MSE B 7 -23.41 16.56 48.34
CG MSE B 7 -24.51 15.63 47.82
SE MSE B 7 -23.94 14.51 46.28
CE MSE B 7 -24.42 12.76 47.08
N GLU B 8 -20.70 17.19 50.03
CA GLU B 8 -19.49 18.00 50.22
C GLU B 8 -18.25 17.09 50.16
N LEU B 9 -18.38 15.88 50.66
CA LEU B 9 -17.31 14.91 50.55
C LEU B 9 -17.08 14.54 49.08
N MSE B 10 -18.16 14.16 48.39
CA MSE B 10 -18.06 13.78 47.00
C MSE B 10 -17.36 14.87 46.25
O MSE B 10 -16.38 14.60 45.58
CB MSE B 10 -19.42 13.47 46.39
CG MSE B 10 -19.21 12.62 45.13
SE MSE B 10 -20.89 12.27 44.15
CE MSE B 10 -21.58 10.90 45.40
N LYS B 11 -17.84 16.10 46.36
CA LYS B 11 -17.23 17.22 45.65
C LYS B 11 -15.73 17.35 45.96
N THR B 12 -15.39 17.28 47.23
CA THR B 12 -14.02 17.47 47.65
C THR B 12 -13.10 16.38 47.11
N LEU B 13 -13.59 15.14 47.12
CA LEU B 13 -12.85 14.02 46.56
C LEU B 13 -12.57 14.18 45.09
N MSE B 14 -13.62 14.41 44.31
CA MSE B 14 -13.48 14.50 42.86
C MSE B 14 -12.66 15.70 42.46
O MSE B 14 -12.13 15.74 41.36
CB MSE B 14 -14.82 14.62 42.16
CG MSE B 14 -15.79 13.47 42.42
SE MSE B 14 -14.95 11.69 42.58
CE MSE B 14 -16.16 10.95 43.95
N GLU B 15 -12.59 16.71 43.33
CA GLU B 15 -11.82 17.92 43.02
C GLU B 15 -10.39 17.89 43.59
N ALA B 16 -10.12 16.95 44.49
CA ALA B 16 -8.80 16.81 45.08
C ALA B 16 -7.72 16.44 44.09
N PHE B 17 -6.49 16.81 44.44
CA PHE B 17 -5.32 16.46 43.67
C PHE B 17 -4.77 15.10 44.15
N GLY B 18 -4.76 14.09 43.28
CA GLY B 18 -4.20 12.79 43.67
C GLY B 18 -3.97 11.77 42.57
N PRO B 19 -3.01 12.03 41.67
CA PRO B 19 -2.64 11.05 40.64
C PRO B 19 -1.83 9.90 41.22
N SER B 20 -1.69 8.81 40.47
CA SER B 20 -0.99 7.62 40.97
C SER B 20 0.38 7.99 41.51
N GLY B 21 0.67 7.58 42.74
CA GLY B 21 1.93 7.90 43.41
C GLY B 21 1.91 9.15 44.29
N PHE B 22 0.86 9.95 44.14
CA PHE B 22 0.78 11.23 44.85
C PHE B 22 -0.60 11.43 45.45
N GLU B 23 -1.07 10.45 46.22
CA GLU B 23 -2.47 10.42 46.67
C GLU B 23 -2.66 10.97 48.08
N ARG B 24 -1.66 11.63 48.64
CA ARG B 24 -1.70 11.97 50.06
C ARG B 24 -2.80 12.99 50.42
N GLU B 25 -2.98 14.02 49.60
CA GLU B 25 -4.04 15.00 49.81
C GLU B 25 -5.42 14.34 49.87
N VAL B 26 -5.66 13.37 48.99
CA VAL B 26 -6.97 12.71 48.92
C VAL B 26 -7.20 11.77 50.09
N ASN B 27 -6.16 11.07 50.48
CA ASN B 27 -6.28 10.13 51.57
C ASN B 27 -6.37 10.86 52.90
N ALA B 28 -5.85 12.08 52.96
CA ALA B 28 -6.04 12.95 54.13
C ALA B 28 -7.51 13.33 54.27
N ILE B 29 -8.16 13.64 53.14
CA ILE B 29 -9.59 13.96 53.14
C ILE B 29 -10.42 12.80 53.65
N CYS B 30 -10.03 11.58 53.26
CA CYS B 30 -10.69 10.37 53.70
C CYS B 30 -10.51 10.16 55.20
N LYS B 31 -9.30 10.33 55.71
CA LYS B 31 -9.05 10.17 57.15
C LYS B 31 -9.87 11.14 57.97
N GLU B 32 -9.96 12.38 57.51
CA GLU B 32 -10.69 13.40 58.24
C GLU B 32 -12.20 13.10 58.31
N TYR B 33 -12.78 12.73 57.18
CA TYR B 33 -14.19 12.38 57.14
C TYR B 33 -14.51 11.20 58.05
N MSE B 34 -13.57 10.27 58.15
CA MSE B 34 -13.81 9.02 58.88
C MSE B 34 -13.37 9.01 60.32
O MSE B 34 -13.62 8.03 61.01
CB MSE B 34 -13.07 7.88 58.16
CG MSE B 34 -13.67 7.61 56.80
SE MSE B 34 -15.37 6.63 56.93
CE MSE B 34 -14.58 4.88 57.42
N GLU B 35 -12.74 10.08 60.81
CA GLU B 35 -12.31 10.14 62.22
C GLU B 35 -13.41 9.71 63.19
N PRO B 36 -14.63 10.27 63.03
CA PRO B 36 -15.67 9.89 63.97
C PRO B 36 -16.36 8.54 63.73
N TYR B 37 -16.01 7.82 62.67
CA TYR B 37 -16.74 6.59 62.32
C TYR B 37 -15.95 5.28 62.33
N ALA B 38 -14.63 5.34 62.21
CA ALA B 38 -13.82 4.13 62.18
C ALA B 38 -13.30 3.82 63.57
N ASP B 39 -13.28 2.53 63.91
CA ASP B 39 -12.79 2.09 65.20
C ASP B 39 -11.26 2.12 65.24
N GLU B 40 -10.62 2.04 64.08
CA GLU B 40 -9.16 2.03 64.00
C GLU B 40 -8.74 2.32 62.55
N VAL B 41 -7.52 2.80 62.35
CA VAL B 41 -7.00 3.10 61.03
C VAL B 41 -5.62 2.48 60.83
N VAL B 42 -5.48 1.64 59.81
CA VAL B 42 -4.17 1.06 59.47
C VAL B 42 -3.77 1.51 58.07
N VAL B 43 -2.47 1.52 57.82
CA VAL B 43 -1.95 2.00 56.54
C VAL B 43 -0.96 0.99 55.95
N ASP B 44 -0.74 1.07 54.64
CA ASP B 44 0.43 0.41 54.05
C ASP B 44 1.48 1.49 53.78
N LYS B 45 2.68 1.06 53.44
CA LYS B 45 3.78 2.00 53.28
C LYS B 45 3.78 2.67 51.91
N LEU B 46 2.91 2.23 51.02
CA LEU B 46 2.72 2.91 49.75
C LEU B 46 1.81 4.13 49.87
N GLY B 47 1.01 4.19 50.92
CA GLY B 47 0.10 5.30 51.13
C GLY B 47 -1.38 4.94 51.20
N SER B 48 -1.73 3.66 51.09
CA SER B 48 -3.12 3.24 51.27
C SER B 48 -3.52 3.40 52.71
N VAL B 49 -4.66 4.03 52.95
CA VAL B 49 -5.27 4.06 54.26
C VAL B 49 -6.49 3.14 54.30
N THR B 50 -6.65 2.46 55.44
CA THR B 50 -7.68 1.45 55.62
C THR B 50 -8.40 1.68 56.96
N PHE B 51 -9.73 1.69 56.91
CA PHE B 51 -10.57 2.00 58.06
C PHE B 51 -11.26 0.75 58.54
N ILE B 52 -11.13 0.46 59.83
CA ILE B 52 -11.65 -0.77 60.41
C ILE B 52 -12.90 -0.49 61.21
N ALA B 53 -13.97 -1.22 60.90
CA ALA B 53 -15.17 -1.26 61.72
C ALA B 53 -15.24 -2.64 62.39
N LYS B 54 -15.04 -2.67 63.71
CA LYS B 54 -14.85 -3.91 64.45
C LYS B 54 -16.14 -4.69 64.65
N GLY B 55 -15.95 -6.00 64.78
CA GLY B 55 -17.02 -6.95 65.07
C GLY B 55 -16.28 -8.22 65.43
N ASN B 56 -16.71 -9.34 64.88
CA ASN B 56 -16.01 -10.61 65.15
C ASN B 56 -14.64 -10.62 64.48
N ASP B 57 -13.61 -11.03 65.21
CA ASP B 57 -12.23 -11.17 64.70
C ASP B 57 -12.20 -11.68 63.25
N ARG B 58 -13.01 -12.71 63.00
CA ARG B 58 -13.10 -13.35 61.69
C ARG B 58 -14.59 -13.60 61.39
N PRO B 59 -15.03 -13.52 60.13
CA PRO B 59 -14.18 -13.25 58.96
C PRO B 59 -13.82 -11.79 58.76
N ARG B 60 -12.69 -11.56 58.11
CA ARG B 60 -12.29 -10.21 57.72
C ARG B 60 -12.81 -9.92 56.31
N ILE B 61 -13.65 -8.89 56.19
CA ILE B 61 -14.13 -8.40 54.91
C ILE B 61 -13.29 -7.21 54.46
N LEU B 62 -12.68 -7.32 53.27
CA LEU B 62 -11.95 -6.20 52.71
C LEU B 62 -12.77 -5.54 51.62
N MSE B 63 -13.10 -4.27 51.80
CA MSE B 63 -13.67 -3.45 50.74
C MSE B 63 -12.61 -2.48 50.27
O MSE B 63 -11.97 -1.83 51.08
CB MSE B 63 -14.82 -2.61 51.20
CG MSE B 63 -16.04 -3.43 51.55
SE MSE B 63 -17.57 -2.18 51.59
CE MSE B 63 -17.20 -1.31 53.33
N ALA B 64 -12.41 -2.39 48.97
CA ALA B 64 -11.34 -1.54 48.45
C ALA B 64 -11.84 -0.69 47.29
N GLY B 65 -11.47 0.59 47.32
CA GLY B 65 -11.64 1.48 46.18
C GLY B 65 -10.42 2.37 46.06
N HIS B 66 -9.82 2.41 44.88
CA HIS B 66 -8.55 3.16 44.73
C HIS B 66 -8.79 4.67 44.60
N THR B 67 -8.00 5.45 45.32
CA THR B 67 -8.14 6.91 45.31
C THR B 67 -7.19 7.60 44.35
N ASP B 68 -6.28 6.86 43.75
CA ASP B 68 -5.46 7.45 42.72
C ASP B 68 -6.29 7.63 41.45
N GLU B 69 -5.96 8.67 40.71
CA GLU B 69 -6.60 8.99 39.43
C GLU B 69 -5.55 8.98 38.35
N VAL B 70 -5.99 8.76 37.13
CA VAL B 70 -5.07 8.91 36.04
C VAL B 70 -4.58 10.36 36.01
N GLY B 71 -3.32 10.54 35.63
CA GLY B 71 -2.70 11.86 35.62
C GLY B 71 -1.45 11.89 34.74
N PHE B 72 -0.55 12.82 35.04
CA PHE B 72 0.69 12.94 34.30
C PHE B 72 1.79 13.39 35.25
N ILE B 73 3.01 13.43 34.72
CA ILE B 73 4.17 13.80 35.51
C ILE B 73 5.13 14.53 34.58
N VAL B 74 5.78 15.57 35.11
CA VAL B 74 6.66 16.41 34.30
C VAL B 74 7.92 15.63 33.96
N SER B 75 8.23 15.55 32.69
CA SER B 75 9.40 14.82 32.23
C SER B 75 10.54 15.73 31.78
N SER B 76 10.24 17.00 31.50
CA SER B 76 11.28 17.99 31.18
C SER B 76 10.70 19.38 31.04
N ILE B 77 11.58 20.38 31.10
CA ILE B 77 11.26 21.74 30.69
C ILE B 77 12.05 22.08 29.43
N SER B 78 11.36 22.41 28.34
CA SER B 78 12.02 22.76 27.10
C SER B 78 12.59 24.17 27.19
N LYS B 79 13.54 24.46 26.31
CA LYS B 79 14.20 25.77 26.29
C LYS B 79 13.23 26.95 26.09
N GLU B 80 12.05 26.67 25.50
CA GLU B 80 11.04 27.72 25.25
C GLU B 80 10.01 27.88 26.37
N GLY B 81 10.06 27.04 27.41
CA GLY B 81 9.17 27.17 28.57
C GLY B 81 7.94 26.27 28.57
N TYR B 82 8.04 25.16 27.85
CA TYR B 82 6.97 24.19 27.75
C TYR B 82 7.40 22.98 28.53
N LEU B 83 6.44 22.22 29.00
CA LEU B 83 6.76 21.02 29.75
C LEU B 83 6.46 19.82 28.88
N THR B 84 7.32 18.82 28.92
CA THR B 84 6.97 17.51 28.39
C THR B 84 6.49 16.68 29.57
N PHE B 85 5.73 15.62 29.31
CA PHE B 85 5.16 14.84 30.39
C PHE B 85 5.08 13.37 30.03
N ASN B 86 5.10 12.52 31.05
CA ASN B 86 4.70 11.13 30.87
C ASN B 86 3.34 10.94 31.49
N THR B 87 2.61 9.94 31.00
CA THR B 87 1.30 9.62 31.54
C THR B 87 1.44 8.76 32.77
N LEU B 88 0.49 8.90 33.69
CA LEU B 88 0.38 8.07 34.88
C LEU B 88 -0.96 7.35 34.77
N GLY B 89 -0.93 6.12 34.31
CA GLY B 89 -2.14 5.36 34.07
C GLY B 89 -2.48 5.43 32.59
N GLY B 90 -3.47 4.66 32.18
CA GLY B 90 -3.82 4.54 30.78
C GLY B 90 -4.69 5.68 30.32
N TRP B 91 -4.21 6.42 29.31
CA TRP B 91 -4.95 7.52 28.67
C TRP B 91 -5.08 7.25 27.19
N TRP B 92 -6.22 7.61 26.61
CA TRP B 92 -6.37 7.61 25.18
C TRP B 92 -5.88 8.97 24.68
N SER B 93 -4.95 8.98 23.73
CA SER B 93 -4.36 10.25 23.31
C SER B 93 -5.40 11.22 22.76
N GLN B 94 -6.46 10.68 22.14
CA GLN B 94 -7.44 11.53 21.47
C GLN B 94 -8.31 12.41 22.38
N VAL B 95 -8.28 12.15 23.69
CA VAL B 95 -8.97 13.01 24.66
C VAL B 95 -8.08 14.04 25.35
N LEU B 96 -6.83 14.17 24.93
CA LEU B 96 -5.86 15.01 25.64
C LEU B 96 -5.72 16.42 25.12
N LEU B 97 -5.55 16.58 23.82
CA LEU B 97 -5.30 17.90 23.24
C LEU B 97 -6.34 18.93 23.65
N GLY B 98 -5.84 20.10 24.06
CA GLY B 98 -6.68 21.25 24.34
C GLY B 98 -7.18 21.28 25.76
N GLN B 99 -6.72 20.34 26.58
CA GLN B 99 -7.29 20.15 27.91
C GLN B 99 -6.52 20.87 28.98
N ARG B 100 -7.22 21.34 30.00
CA ARG B 100 -6.57 22.05 31.09
C ARG B 100 -6.03 21.08 32.11
N VAL B 101 -4.83 21.35 32.58
CA VAL B 101 -4.24 20.55 33.63
C VAL B 101 -3.71 21.49 34.70
N VAL B 102 -3.34 20.90 35.82
CA VAL B 102 -2.66 21.64 36.86
C VAL B 102 -1.51 20.80 37.44
N VAL B 103 -0.38 21.46 37.61
CA VAL B 103 0.84 20.85 38.06
C VAL B 103 1.06 21.29 39.49
N ARG B 104 1.41 20.36 40.36
CA ARG B 104 1.76 20.73 41.72
C ARG B 104 3.27 20.88 41.89
N THR B 105 3.72 22.13 42.07
CA THR B 105 5.12 22.42 42.33
C THR B 105 5.34 22.68 43.82
N CYS B 106 6.60 22.86 44.20
CA CYS B 106 6.96 23.32 45.54
C CYS B 106 6.36 24.71 45.84
N LYS B 107 6.14 25.53 44.81
CA LYS B 107 5.52 26.86 44.98
C LYS B 107 4.00 26.87 44.93
N GLY B 108 3.39 25.70 44.70
CA GLY B 108 1.92 25.62 44.59
C GLY B 108 1.42 25.18 43.24
N MSE B 109 0.12 25.35 43.02
CA MSE B 109 -0.53 24.87 41.80
C MSE B 109 -0.20 25.77 40.63
O MSE B 109 -0.32 26.98 40.73
CB MSE B 109 -2.06 24.86 41.96
CG MSE B 109 -2.55 23.88 43.02
SE MSE B 109 -2.02 22.01 42.68
CE MSE B 109 -2.57 21.23 44.41
N VAL B 110 0.18 25.16 39.53
CA VAL B 110 0.46 25.91 38.31
C VAL B 110 -0.42 25.38 37.18
N HIS B 111 -1.19 26.25 36.56
CA HIS B 111 -2.13 25.85 35.53
C HIS B 111 -1.49 25.83 34.17
N GLY B 112 -2.00 24.95 33.30
CA GLY B 112 -1.51 24.79 31.96
C GLY B 112 -2.49 24.11 31.04
N ILE B 113 -2.08 23.99 29.77
CA ILE B 113 -2.92 23.45 28.72
C ILE B 113 -2.13 22.43 27.93
N ILE B 114 -2.73 21.28 27.65
CA ILE B 114 -2.07 20.28 26.82
C ILE B 114 -2.10 20.78 25.38
N ALA B 115 -0.94 20.80 24.75
CA ALA B 115 -0.83 21.36 23.39
C ALA B 115 0.09 20.54 22.51
N SER B 116 0.00 20.80 21.20
CA SER B 116 0.92 20.23 20.24
C SER B 116 1.30 21.28 19.22
N LYS B 117 2.15 20.90 18.27
CA LYS B 117 2.37 21.73 17.12
C LYS B 117 1.04 21.88 16.38
N PRO B 118 0.68 23.12 16.00
CA PRO B 118 -0.56 23.37 15.26
C PRO B 118 -0.48 22.76 13.88
N PRO B 119 -1.58 22.21 13.35
CA PRO B 119 -1.54 21.46 12.09
C PRO B 119 -1.15 22.28 10.82
N HIS B 120 -1.41 23.59 10.79
CA HIS B 120 -1.08 24.41 9.63
C HIS B 120 0.45 24.62 9.41
N ILE B 121 1.28 24.34 10.43
CA ILE B 121 2.75 24.31 10.35
C ILE B 121 3.30 22.91 10.03
N LEU B 122 2.45 21.97 9.66
CA LEU B 122 2.87 20.61 9.33
C LEU B 122 2.59 20.34 7.86
N PRO B 123 3.28 19.34 7.29
CA PRO B 123 2.98 18.96 5.90
C PRO B 123 1.55 18.43 5.77
N PRO B 124 0.90 18.60 4.59
CA PRO B 124 -0.49 18.16 4.43
C PRO B 124 -0.79 16.70 4.82
N ASP B 125 0.14 15.79 4.55
CA ASP B 125 -0.04 14.36 4.87
C ASP B 125 0.10 14.03 6.38
N GLU B 126 0.70 14.94 7.15
CA GLU B 126 0.88 14.76 8.60
C GLU B 126 -0.25 15.34 9.46
N ARG B 127 -1.13 16.14 8.85
CA ARG B 127 -2.28 16.73 9.56
C ARG B 127 -3.38 15.71 9.86
N LYS B 128 -3.58 14.76 8.94
CA LYS B 128 -4.55 13.67 9.14
C LYS B 128 -4.05 12.60 10.11
N LYS B 129 -2.78 12.67 10.50
CA LYS B 129 -2.21 11.73 11.46
C LYS B 129 -2.61 12.09 12.88
N ILE B 130 -2.89 11.07 13.69
CA ILE B 130 -3.14 11.27 15.10
C ILE B 130 -1.93 11.89 15.74
N VAL B 131 -2.12 12.82 16.64
CA VAL B 131 -1.02 13.31 17.45
C VAL B 131 -0.83 12.37 18.63
N GLU B 132 0.35 11.77 18.71
CA GLU B 132 0.70 10.88 19.82
C GLU B 132 1.04 11.71 21.06
N ALA B 133 0.82 11.14 22.23
CA ALA B 133 1.09 11.83 23.48
C ALA B 133 2.58 12.17 23.67
N ARG B 134 3.46 11.32 23.16
CA ARG B 134 4.90 11.61 23.18
C ARG B 134 5.24 12.95 22.52
N ASP B 135 4.44 13.40 21.55
CA ASP B 135 4.66 14.67 20.84
C ASP B 135 3.83 15.84 21.36
N MSE B 136 3.21 15.67 22.51
CA MSE B 136 2.46 16.75 23.13
C MSE B 136 3.31 17.41 24.19
O MSE B 136 4.33 16.86 24.60
CB MSE B 136 1.19 16.19 23.77
CG MSE B 136 0.24 15.67 22.71
SE MSE B 136 -1.41 15.01 23.58
CE MSE B 136 -2.11 14.05 22.01
N PHE B 137 2.87 18.56 24.66
CA PHE B 137 3.46 19.17 25.86
C PHE B 137 2.45 20.03 26.55
N ILE B 138 2.85 20.59 27.67
CA ILE B 138 2.00 21.41 28.48
C ILE B 138 2.49 22.84 28.42
N ASP B 139 1.57 23.74 28.09
CA ASP B 139 1.83 25.15 27.97
C ASP B 139 1.33 25.80 29.23
N ILE B 140 2.23 26.45 29.96
CA ILE B 140 1.88 27.10 31.21
C ILE B 140 1.97 28.62 31.10
N GLY B 141 1.98 29.12 29.87
CA GLY B 141 2.02 30.56 29.62
C GLY B 141 3.41 31.16 29.74
N ALA B 142 4.42 30.31 29.76
CA ALA B 142 5.79 30.78 29.93
C ALA B 142 6.36 31.10 28.55
N THR B 143 7.37 31.99 28.52
CA THR B 143 8.01 32.42 27.28
C THR B 143 9.48 32.05 27.22
N SER B 144 9.98 31.31 28.22
CA SER B 144 11.38 30.88 28.26
C SER B 144 11.57 29.85 29.36
N GLU B 145 12.64 29.07 29.25
CA GLU B 145 12.98 28.07 30.27
C GLU B 145 13.06 28.66 31.67
N GLU B 146 13.48 29.90 31.76
CA GLU B 146 13.58 30.54 33.07
C GLU B 146 12.25 30.92 33.64
N GLU B 147 11.41 31.53 32.80
CA GLU B 147 10.11 31.99 33.23
C GLU B 147 9.31 30.78 33.74
N ALA B 148 9.59 29.62 33.15
CA ALA B 148 8.98 28.37 33.58
C ALA B 148 9.49 27.93 34.92
N GLU B 149 10.81 27.99 35.09
CA GLU B 149 11.43 27.63 36.36
C GLU B 149 10.92 28.51 37.51
N GLU B 150 10.70 29.80 37.25
CA GLU B 150 10.17 30.73 38.26
C GLU B 150 8.84 30.28 38.87
N SER B 151 8.05 29.56 38.11
CA SER B 151 6.80 29.00 38.61
C SER B 151 6.99 27.83 39.61
N GLY B 152 8.18 27.22 39.61
CA GLY B 152 8.53 26.19 40.58
C GLY B 152 8.63 24.79 40.03
N VAL B 153 8.41 24.66 38.74
CA VAL B 153 8.32 23.36 38.09
C VAL B 153 9.66 22.62 38.10
N LYS B 154 9.59 21.34 38.44
CA LYS B 154 10.76 20.48 38.40
C LYS B 154 10.38 19.15 37.76
N VAL B 155 11.36 18.50 37.13
CA VAL B 155 11.16 17.17 36.61
C VAL B 155 10.70 16.28 37.77
N GLY B 156 9.72 15.43 37.50
CA GLY B 156 9.14 14.59 38.53
C GLY B 156 7.93 15.16 39.25
N ASP B 157 7.54 16.40 38.93
CA ASP B 157 6.34 17.00 39.53
C ASP B 157 5.05 16.42 38.95
N PRO B 158 4.07 16.14 39.82
CA PRO B 158 2.82 15.50 39.42
C PRO B 158 1.83 16.45 38.79
N ILE B 159 0.99 15.89 37.94
CA ILE B 159 0.02 16.66 37.16
C ILE B 159 -1.34 15.97 37.17
N VAL B 160 -2.40 16.74 37.35
CA VAL B 160 -3.74 16.19 37.22
C VAL B 160 -4.58 17.00 36.25
N PRO B 161 -5.65 16.38 35.72
CA PRO B 161 -6.66 17.13 34.99
C PRO B 161 -7.32 18.19 35.84
N TRP B 162 -7.71 19.30 35.21
CA TRP B 162 -8.49 20.34 35.88
C TRP B 162 -9.94 20.13 35.49
N SER B 163 -10.79 19.85 36.48
CA SER B 163 -12.16 19.46 36.22
C SER B 163 -13.05 19.64 37.41
N PRO B 164 -13.81 20.74 37.44
CA PRO B 164 -14.71 20.98 38.57
C PRO B 164 -15.84 19.97 38.68
N PHE B 165 -16.31 19.79 39.91
CA PHE B 165 -17.41 18.90 40.18
C PHE B 165 -18.72 19.66 40.21
N SER B 166 -19.72 19.10 39.55
CA SER B 166 -21.06 19.63 39.64
C SER B 166 -22.05 18.50 39.46
N VAL B 167 -23.32 18.82 39.65
CA VAL B 167 -24.41 17.87 39.43
C VAL B 167 -25.33 18.44 38.36
N ILE B 168 -25.76 17.59 37.44
CA ILE B 168 -26.62 18.00 36.33
C ILE B 168 -27.86 17.10 36.27
N GLN B 169 -28.70 17.33 35.25
CA GLN B 169 -29.92 16.56 35.09
C GLN B 169 -30.77 16.61 36.37
N ASN B 170 -31.07 17.81 36.84
CA ASN B 170 -31.96 18.00 37.98
C ASN B 170 -31.53 17.17 39.17
N GLY B 171 -30.25 17.25 39.50
CA GLY B 171 -29.73 16.59 40.68
C GLY B 171 -29.47 15.10 40.57
N ARG B 172 -29.63 14.52 39.38
CA ARG B 172 -29.55 13.05 39.20
C ARG B 172 -28.15 12.52 38.84
N VAL B 173 -27.35 13.33 38.18
CA VAL B 173 -26.11 12.89 37.55
C VAL B 173 -24.93 13.75 37.93
N ALA B 174 -23.87 13.12 38.41
CA ALA B 174 -22.66 13.83 38.86
C ALA B 174 -21.66 13.96 37.72
N MSE B 175 -20.99 15.10 37.66
CA MSE B 175 -20.08 15.41 36.58
C MSE B 175 -18.79 15.88 37.15
O MSE B 175 -18.78 16.80 37.96
CB MSE B 175 -20.66 16.50 35.71
CG MSE B 175 -19.81 16.84 34.48
SE MSE B 175 -20.79 18.15 33.38
CE MSE B 175 -19.56 18.55 31.91
N GLY B 176 -17.70 15.28 36.71
CA GLY B 176 -16.37 15.66 37.17
C GLY B 176 -15.33 14.60 36.83
N LYS B 177 -14.17 14.73 37.43
CA LYS B 177 -13.08 13.80 37.20
C LYS B 177 -12.93 12.81 38.35
N ALA B 178 -12.06 11.83 38.16
CA ALA B 178 -11.61 10.91 39.20
C ALA B 178 -12.69 10.04 39.83
N PHE B 179 -13.85 9.92 39.19
CA PHE B 179 -14.83 8.95 39.66
C PHE B 179 -14.17 7.59 39.82
N ASP B 180 -13.30 7.24 38.88
CA ASP B 180 -12.49 6.05 38.94
C ASP B 180 -11.26 6.38 39.77
N ASP B 181 -11.20 5.98 41.04
CA ASP B 181 -12.22 5.16 41.71
C ASP B 181 -12.58 5.76 43.08
N ARG B 182 -12.67 7.08 43.12
CA ARG B 182 -13.03 7.77 44.34
C ARG B 182 -14.48 7.57 44.66
N ILE B 183 -15.29 7.28 43.63
CA ILE B 183 -16.68 6.95 43.87
C ILE B 183 -16.76 5.62 44.62
N GLY B 184 -15.86 4.69 44.31
CA GLY B 184 -15.79 3.43 45.04
C GLY B 184 -15.39 3.66 46.49
N ALA B 185 -14.43 4.54 46.68
CA ALA B 185 -13.99 4.90 48.01
C ALA B 185 -15.14 5.57 48.73
N PHE B 186 -15.87 6.41 48.02
CA PHE B 186 -17.01 7.11 48.58
C PHE B 186 -18.05 6.12 49.11
N VAL B 187 -18.33 5.09 48.32
CA VAL B 187 -19.28 4.08 48.71
C VAL B 187 -18.86 3.37 49.98
N LEU B 188 -17.62 2.90 50.05
CA LEU B 188 -17.20 2.11 51.20
C LEU B 188 -17.17 2.95 52.47
N MSE B 189 -16.78 4.21 52.32
CA MSE B 189 -16.79 5.14 53.44
C MSE B 189 -18.19 5.41 53.92
O MSE B 189 -18.43 5.46 55.12
CB MSE B 189 -16.14 6.45 53.03
CG MSE B 189 -14.62 6.28 53.06
SE MSE B 189 -13.76 8.03 52.80
CE MSE B 189 -14.11 8.32 50.89
N GLU B 190 -19.12 5.61 53.00
CA GLU B 190 -20.51 5.86 53.36
C GLU B 190 -21.15 4.64 53.96
N ALA B 191 -20.76 3.46 53.49
CA ALA B 191 -21.29 2.21 54.05
C ALA B 191 -20.88 2.09 55.53
N ILE B 192 -19.60 2.26 55.80
CA ILE B 192 -19.10 2.20 57.16
C ILE B 192 -19.74 3.28 58.04
N ARG B 193 -19.86 4.49 57.51
CA ARG B 193 -20.48 5.58 58.27
C ARG B 193 -21.90 5.22 58.67
N ARG B 194 -22.68 4.78 57.70
CA ARG B 194 -24.08 4.46 57.94
C ARG B 194 -24.28 3.30 58.91
N MSE B 195 -23.39 2.33 58.88
CA MSE B 195 -23.48 1.19 59.76
C MSE B 195 -23.28 1.61 61.18
O MSE B 195 -23.98 1.11 62.07
CB MSE B 195 -22.47 0.14 59.32
CG MSE B 195 -23.02 -0.50 58.05
SE MSE B 195 -22.07 -2.16 57.57
CE MSE B 195 -20.33 -1.87 58.44
N LYS B 196 -22.35 2.52 61.42
CA LYS B 196 -22.18 3.05 62.75
C LYS B 196 -23.37 3.94 63.14
N ASP B 197 -23.73 4.89 62.29
CA ASP B 197 -24.83 5.83 62.60
C ASP B 197 -26.15 5.17 62.94
N GLN B 198 -26.48 4.08 62.25
CA GLN B 198 -27.74 3.38 62.48
C GLN B 198 -27.57 2.10 63.28
N GLY B 199 -26.42 1.95 63.91
CA GLY B 199 -26.11 0.78 64.74
C GLY B 199 -26.39 -0.56 64.09
N ILE B 200 -26.06 -0.69 62.81
CA ILE B 200 -26.28 -1.93 62.08
C ILE B 200 -25.19 -2.95 62.45
N GLU B 201 -25.61 -4.10 62.95
CA GLU B 201 -24.67 -5.10 63.42
C GLU B 201 -24.21 -5.95 62.26
N HIS B 202 -22.96 -6.41 62.34
CA HIS B 202 -22.40 -7.25 61.30
C HIS B 202 -21.46 -8.31 61.89
N PRO B 203 -21.68 -9.58 61.56
CA PRO B 203 -20.97 -10.71 62.18
C PRO B 203 -19.54 -10.89 61.66
N ASN B 204 -18.77 -9.81 61.71
CA ASN B 204 -17.49 -9.76 61.04
C ASN B 204 -16.77 -8.45 61.31
N THR B 205 -15.51 -8.39 60.90
CA THR B 205 -14.73 -7.16 60.94
C THR B 205 -14.55 -6.66 59.50
N VAL B 206 -14.83 -5.37 59.31
CA VAL B 206 -14.81 -4.76 57.99
C VAL B 206 -13.61 -3.85 57.83
N TYR B 207 -12.81 -4.09 56.80
CA TYR B 207 -11.66 -3.27 56.49
C TYR B 207 -11.99 -2.49 55.23
N GLY B 208 -12.27 -1.21 55.39
CA GLY B 208 -12.60 -0.34 54.26
C GLY B 208 -11.36 0.40 53.80
N SER B 209 -10.87 0.07 52.61
CA SER B 209 -9.55 0.50 52.22
C SER B 209 -9.51 1.42 51.01
N ALA B 210 -8.85 2.56 51.17
CA ALA B 210 -8.65 3.51 50.09
C ALA B 210 -7.27 3.29 49.51
N THR B 211 -7.19 2.37 48.54
CA THR B 211 -5.91 1.93 48.00
C THR B 211 -5.26 2.98 47.11
N VAL B 212 -3.94 2.84 46.94
CA VAL B 212 -3.16 3.71 46.06
C VAL B 212 -2.61 2.94 44.87
N GLN B 213 -2.22 3.69 43.84
CA GLN B 213 -1.50 3.15 42.69
C GLN B 213 -2.19 1.99 41.95
N GLU B 214 -3.51 2.00 41.86
CA GLU B 214 -4.22 1.00 41.02
C GLU B 214 -3.94 1.22 39.56
N GLU B 215 -3.98 2.48 39.14
CA GLU B 215 -3.96 2.79 37.72
C GLU B 215 -2.60 2.47 37.05
N VAL B 216 -1.57 2.21 37.86
CA VAL B 216 -0.24 1.90 37.33
C VAL B 216 0.21 0.45 37.60
N GLY B 217 -0.69 -0.43 38.05
CA GLY B 217 -0.33 -1.85 38.25
C GLY B 217 -0.85 -2.53 39.52
N LEU B 218 -1.97 -2.07 40.06
CA LEU B 218 -2.61 -2.69 41.23
C LEU B 218 -1.67 -2.80 42.43
N ARG B 219 -0.85 -1.77 42.63
CA ARG B 219 0.27 -1.84 43.54
C ARG B 219 -0.17 -1.74 45.00
N GLY B 220 -1.01 -0.77 45.31
CA GLY B 220 -1.49 -0.64 46.68
C GLY B 220 -2.37 -1.78 47.16
N ALA B 221 -3.10 -2.40 46.24
CA ALA B 221 -3.95 -3.56 46.56
C ALA B 221 -3.13 -4.73 47.07
N GLN B 222 -2.00 -5.00 46.43
CA GLN B 222 -1.13 -6.09 46.84
C GLN B 222 -0.65 -5.93 48.28
N THR B 223 -0.15 -4.74 48.59
CA THR B 223 0.42 -4.44 49.90
C THR B 223 -0.64 -4.30 50.99
N THR B 224 -1.81 -3.77 50.63
CA THR B 224 -2.92 -3.67 51.58
C THR B 224 -3.50 -5.05 51.90
N ALA B 225 -3.59 -5.90 50.88
CA ALA B 225 -4.01 -7.30 51.09
C ALA B 225 -3.08 -8.03 52.05
N HIS B 226 -1.78 -7.78 51.93
CA HIS B 226 -0.80 -8.34 52.85
C HIS B 226 -1.08 -7.90 54.29
N VAL B 227 -1.34 -6.62 54.48
CA VAL B 227 -1.58 -6.07 55.82
C VAL B 227 -2.84 -6.67 56.45
N VAL B 228 -3.89 -6.82 55.67
CA VAL B 228 -5.20 -7.16 56.20
C VAL B 228 -5.43 -8.66 56.41
N ASP B 229 -4.91 -9.50 55.52
CA ASP B 229 -5.19 -10.96 55.54
C ASP B 229 -6.70 -11.22 55.46
N PRO B 230 -7.34 -10.80 54.37
CA PRO B 230 -8.80 -10.88 54.28
C PRO B 230 -9.32 -12.28 53.97
N ASP B 231 -10.52 -12.58 54.45
CA ASP B 231 -11.19 -13.86 54.20
C ASP B 231 -12.16 -13.76 53.01
N VAL B 232 -12.63 -12.55 52.73
CA VAL B 232 -13.45 -12.28 51.56
C VAL B 232 -13.27 -10.81 51.16
N ALA B 233 -13.36 -10.52 49.87
CA ALA B 233 -13.12 -9.15 49.39
C ALA B 233 -14.21 -8.64 48.46
N LEU B 234 -14.64 -7.41 48.70
CA LEU B 234 -15.55 -6.72 47.81
C LEU B 234 -14.82 -5.54 47.25
N VAL B 235 -14.46 -5.61 45.99
CA VAL B 235 -13.79 -4.49 45.35
C VAL B 235 -14.83 -3.61 44.67
N LEU B 236 -14.74 -2.31 44.92
CA LEU B 236 -15.62 -1.34 44.31
C LEU B 236 -14.89 -0.57 43.24
N GLU B 237 -15.46 -0.54 42.05
CA GLU B 237 -14.83 0.07 40.89
C GLU B 237 -15.89 0.76 40.07
N VAL B 238 -15.45 1.38 38.99
CA VAL B 238 -16.36 1.89 38.00
C VAL B 238 -16.45 0.86 36.89
N ASP B 239 -17.54 0.94 36.11
CA ASP B 239 -17.70 0.12 34.93
C ASP B 239 -17.78 1.08 33.77
N ILE B 240 -17.21 0.70 32.64
CA ILE B 240 -17.38 1.48 31.43
C ILE B 240 -18.83 1.33 30.99
N ALA B 241 -19.55 2.44 30.91
CA ALA B 241 -20.97 2.39 30.61
C ALA B 241 -21.18 2.53 29.12
N GLY B 242 -21.83 1.53 28.54
CA GLY B 242 -22.15 1.50 27.11
C GLY B 242 -23.50 2.11 26.78
N ASP B 243 -23.61 3.43 26.97
CA ASP B 243 -24.85 4.16 26.68
C ASP B 243 -24.72 4.90 25.35
N VAL B 244 -23.54 4.82 24.77
CA VAL B 244 -23.13 5.60 23.62
C VAL B 244 -23.59 4.93 22.29
N PRO B 245 -24.18 5.69 21.33
CA PRO B 245 -24.81 5.08 20.12
C PRO B 245 -23.88 4.27 19.23
N GLY B 246 -24.36 3.11 18.78
CA GLY B 246 -23.56 2.10 18.10
C GLY B 246 -23.42 0.85 18.95
N LYS B 248 -22.06 -4.01 19.57
CA LYS B 248 -22.17 -2.90 20.51
C LYS B 248 -22.46 -3.33 21.96
N PRO B 249 -23.73 -3.71 22.27
CA PRO B 249 -24.23 -3.95 23.65
C PRO B 249 -23.33 -4.92 24.40
N HIS B 250 -22.90 -6.00 23.74
CA HIS B 250 -22.18 -7.07 24.42
C HIS B 250 -20.80 -6.71 24.96
N GLU B 251 -20.15 -5.73 24.35
CA GLU B 251 -18.83 -5.28 24.78
C GLU B 251 -18.88 -4.39 26.05
N ALA B 252 -20.01 -3.69 26.25
CA ALA B 252 -20.23 -2.86 27.44
C ALA B 252 -21.68 -3.02 27.87
N LEU B 253 -21.91 -4.02 28.71
CA LEU B 253 -23.25 -4.39 29.12
C LEU B 253 -23.97 -3.35 29.99
N THR B 254 -23.23 -2.57 30.78
CA THR B 254 -23.86 -1.72 31.81
C THR B 254 -24.36 -0.39 31.27
N LYS B 255 -25.45 0.08 31.86
CA LYS B 255 -26.05 1.36 31.53
C LYS B 255 -26.16 2.23 32.76
N MSE B 256 -25.87 3.52 32.59
CA MSE B 256 -25.93 4.45 33.70
C MSE B 256 -27.39 4.60 34.08
O MSE B 256 -28.24 4.84 33.24
CB MSE B 256 -25.34 5.78 33.29
CG MSE B 256 -25.29 6.76 34.45
SE MSE B 256 -24.72 8.54 33.80
CE MSE B 256 -26.35 9.18 32.88
N GLY B 257 -27.66 4.42 35.38
CA GLY B 257 -29.02 4.57 35.92
C GLY B 257 -29.80 3.28 36.10
N LYS B 258 -29.27 2.16 35.60
CA LYS B 258 -29.93 0.86 35.70
C LYS B 258 -29.35 0.00 36.82
N GLY B 259 -28.58 0.62 37.70
CA GLY B 259 -28.13 -0.03 38.94
C GLY B 259 -26.67 -0.39 38.95
N PRO B 260 -26.11 -0.72 40.12
CA PRO B 260 -24.72 -1.15 40.17
C PRO B 260 -24.49 -2.42 39.38
N GLY B 261 -23.25 -2.64 39.01
CA GLY B 261 -22.88 -3.80 38.23
C GLY B 261 -22.20 -4.84 39.08
N LEU B 262 -22.20 -6.07 38.59
CA LEU B 262 -21.45 -7.14 39.19
C LEU B 262 -20.61 -7.77 38.10
N VAL B 263 -19.31 -7.82 38.32
CA VAL B 263 -18.40 -8.29 37.29
C VAL B 263 -18.28 -9.80 37.36
N THR B 264 -18.66 -10.46 36.26
CA THR B 264 -18.67 -11.91 36.16
C THR B 264 -17.39 -12.46 35.56
N TYR B 265 -16.60 -11.59 34.95
CA TYR B 265 -15.29 -11.96 34.42
C TYR B 265 -14.50 -10.72 34.05
N ASP B 266 -13.22 -10.72 34.37
CA ASP B 266 -12.33 -9.69 33.85
C ASP B 266 -10.93 -10.28 33.68
N ARG B 267 -10.08 -9.54 32.97
CA ARG B 267 -8.74 -10.01 32.61
C ARG B 267 -7.91 -10.35 33.84
N SER B 268 -8.15 -9.66 34.96
CA SER B 268 -7.37 -9.86 36.19
C SER B 268 -7.94 -10.92 37.15
N MSE B 269 -9.20 -11.30 36.99
CA MSE B 269 -9.83 -12.29 37.87
C MSE B 269 -11.12 -12.87 37.36
O MSE B 269 -11.96 -12.16 36.80
CB MSE B 269 -10.13 -11.60 39.19
CG MSE B 269 -10.85 -12.56 40.15
SE MSE B 269 -11.33 -11.69 41.85
CE MSE B 269 -12.93 -10.71 41.25
N ILE B 270 -11.29 -14.17 37.57
CA ILE B 270 -12.58 -14.83 37.48
C ILE B 270 -13.13 -14.96 38.90
N PRO B 271 -14.26 -14.32 39.19
CA PRO B 271 -14.72 -14.31 40.57
C PRO B 271 -15.04 -15.70 41.14
N ASN B 272 -14.92 -15.84 42.45
CA ASN B 272 -15.42 -17.01 43.17
C ASN B 272 -16.90 -17.15 42.85
N GLN B 273 -17.31 -18.34 42.41
CA GLN B 273 -18.66 -18.53 41.91
C GLN B 273 -19.74 -18.52 43.00
N PRO B 274 -19.51 -19.25 44.12
CA PRO B 274 -20.44 -19.13 45.27
C PRO B 274 -20.68 -17.69 45.73
N LEU B 275 -19.61 -16.90 45.79
CA LEU B 275 -19.72 -15.52 46.21
C LEU B 275 -20.51 -14.70 45.19
N LYS B 276 -20.29 -14.97 43.90
CA LYS B 276 -21.04 -14.30 42.86
C LYS B 276 -22.54 -14.56 43.04
N GLU B 277 -22.90 -15.83 43.23
CA GLU B 277 -24.30 -16.19 43.38
C GLU B 277 -24.90 -15.54 44.63
N PHE B 278 -24.10 -15.47 45.68
CA PHE B 278 -24.49 -14.84 46.93
C PHE B 278 -24.90 -13.38 46.71
N VAL B 279 -24.06 -12.63 46.01
CA VAL B 279 -24.35 -11.22 45.74
C VAL B 279 -25.61 -11.07 44.89
N ILE B 280 -25.74 -11.89 43.85
CA ILE B 280 -26.90 -11.83 42.99
C ILE B 280 -28.18 -12.02 43.81
N ASN B 281 -28.15 -12.98 44.74
CA ASN B 281 -29.33 -13.29 45.56
C ASN B 281 -29.61 -12.22 46.59
N VAL B 282 -28.58 -11.75 47.26
CA VAL B 282 -28.75 -10.70 48.24
C VAL B 282 -29.41 -9.48 47.58
N ALA B 283 -28.96 -9.15 46.37
CA ALA B 283 -29.49 -8.01 45.64
C ALA B 283 -30.94 -8.22 45.24
N LYS B 284 -31.26 -9.43 44.76
CA LYS B 284 -32.62 -9.77 44.35
C LYS B 284 -33.58 -9.69 45.52
N GLN B 285 -33.15 -10.26 46.65
CA GLN B 285 -33.93 -10.27 47.87
C GLN B 285 -34.15 -8.87 48.42
N ALA B 286 -33.14 -8.02 48.35
CA ALA B 286 -33.24 -6.63 48.79
C ALA B 286 -33.84 -5.71 47.73
N GLN B 287 -34.22 -6.27 46.59
CA GLN B 287 -34.78 -5.52 45.46
C GLN B 287 -33.91 -4.40 44.93
N ILE B 288 -32.61 -4.64 44.92
CA ILE B 288 -31.67 -3.69 44.40
C ILE B 288 -31.32 -4.12 42.98
N PRO B 289 -31.60 -3.25 42.01
CA PRO B 289 -31.25 -3.60 40.65
C PRO B 289 -29.74 -3.83 40.48
N LEU B 290 -29.38 -4.83 39.69
CA LEU B 290 -28.01 -5.26 39.58
C LEU B 290 -27.71 -5.73 38.17
N GLN B 291 -26.71 -5.13 37.53
CA GLN B 291 -26.40 -5.44 36.12
C GLN B 291 -25.22 -6.38 36.01
N LEU B 292 -25.42 -7.54 35.40
CA LEU B 292 -24.31 -8.44 35.15
C LEU B 292 -23.39 -7.85 34.10
N SER B 293 -22.10 -7.81 34.43
CA SER B 293 -21.11 -7.11 33.61
C SER B 293 -19.89 -7.99 33.35
N GLN B 294 -19.13 -7.63 32.33
CA GLN B 294 -17.91 -8.35 31.99
C GLN B 294 -16.91 -7.39 31.38
N MSE B 295 -15.70 -7.31 31.91
CA MSE B 295 -14.67 -6.40 31.36
C MSE B 295 -13.58 -7.22 30.72
O MSE B 295 -12.55 -7.52 31.32
CB MSE B 295 -14.11 -5.47 32.44
CG MSE B 295 -15.18 -4.90 33.38
SE MSE B 295 -14.41 -3.95 34.96
CE MSE B 295 -14.32 -2.11 34.29
N SER B 296 -13.83 -7.62 29.47
CA SER B 296 -12.88 -8.36 28.63
C SER B 296 -11.39 -7.89 28.66
N GLY B 297 -11.17 -6.59 28.73
CA GLY B 297 -9.80 -6.04 28.67
C GLY B 297 -9.46 -4.99 29.71
N GLY B 298 -9.70 -5.30 30.98
CA GLY B 298 -9.34 -4.40 32.07
C GLY B 298 -9.22 -5.20 33.34
N GLY B 299 -8.58 -4.60 34.34
CA GLY B 299 -8.40 -5.25 35.63
C GLY B 299 -8.76 -4.36 36.80
N THR B 300 -8.66 -4.92 38.01
CA THR B 300 -9.08 -4.26 39.26
C THR B 300 -8.14 -4.61 40.40
N ASP B 301 -8.25 -3.87 41.51
CA ASP B 301 -7.53 -4.22 42.74
C ASP B 301 -7.72 -5.71 43.07
N ALA B 302 -8.87 -6.27 42.70
CA ALA B 302 -9.18 -7.68 43.00
C ALA B 302 -8.18 -8.64 42.39
N GLY B 303 -7.60 -8.25 41.25
CA GLY B 303 -6.59 -9.04 40.58
C GLY B 303 -5.46 -9.44 41.50
N ARG B 304 -5.13 -8.57 42.47
CA ARG B 304 -4.08 -8.84 43.45
C ARG B 304 -4.62 -9.39 44.76
N ILE B 305 -5.73 -8.83 45.22
CA ILE B 305 -6.32 -9.22 46.49
C ILE B 305 -6.67 -10.71 46.54
N HIS B 306 -7.27 -11.22 45.46
CA HIS B 306 -7.76 -12.61 45.46
C HIS B 306 -6.64 -13.62 45.40
N MSE B 307 -5.42 -13.14 45.18
CA MSE B 307 -4.23 -13.96 45.10
C MSE B 307 -3.39 -13.88 46.33
O MSE B 307 -2.29 -14.45 46.39
CB MSE B 307 -3.37 -13.39 43.95
CG MSE B 307 -2.74 -14.52 43.16
SE MSE B 307 -3.67 -14.51 41.44
CE MSE B 307 -2.42 -13.26 40.55
N ASN B 308 -3.89 -13.18 47.35
CA ASN B 308 -3.16 -13.01 48.60
C ASN B 308 -3.05 -14.32 49.38
N ARG B 309 -1.83 -14.65 49.78
CA ARG B 309 -1.55 -15.87 50.54
C ARG B 309 -2.10 -17.12 49.84
N ALA B 310 -3.11 -17.77 50.42
CA ALA B 310 -3.68 -19.01 49.90
C ALA B 310 -4.89 -18.73 48.99
N GLY B 311 -5.20 -17.45 48.81
CA GLY B 311 -6.31 -17.05 47.98
C GLY B 311 -7.35 -16.38 48.85
N CYS B 312 -8.21 -15.61 48.21
CA CYS B 312 -9.27 -14.91 48.91
C CYS B 312 -10.44 -14.77 47.96
N PRO B 313 -11.58 -15.36 48.29
CA PRO B 313 -12.74 -15.16 47.42
C PRO B 313 -13.11 -13.68 47.28
N SER B 314 -13.28 -13.22 46.04
CA SER B 314 -13.51 -11.81 45.80
C SER B 314 -14.47 -11.61 44.66
N VAL B 315 -15.08 -10.43 44.64
CA VAL B 315 -16.01 -10.07 43.61
C VAL B 315 -15.92 -8.57 43.37
N VAL B 316 -16.09 -8.12 42.14
CA VAL B 316 -16.05 -6.69 41.85
C VAL B 316 -17.46 -6.15 41.66
N ILE B 317 -17.78 -5.10 42.40
CA ILE B 317 -19.07 -4.42 42.28
C ILE B 317 -18.83 -3.03 41.75
N THR B 318 -19.62 -2.60 40.78
CA THR B 318 -19.28 -1.41 40.00
C THR B 318 -20.39 -0.39 39.93
N ILE B 319 -19.99 0.89 39.82
CA ILE B 319 -20.92 1.94 39.40
C ILE B 319 -20.67 2.31 37.93
N PRO B 320 -21.68 2.10 37.07
CA PRO B 320 -21.50 2.49 35.68
C PRO B 320 -21.21 3.96 35.55
N THR B 321 -20.15 4.27 34.84
CA THR B 321 -19.63 5.61 34.68
C THR B 321 -19.32 5.85 33.21
N ARG B 322 -19.69 7.01 32.69
CA ARG B 322 -19.40 7.36 31.32
C ARG B 322 -18.13 8.17 31.25
N HIS B 323 -17.27 7.87 30.28
CA HIS B 323 -16.05 8.64 30.02
C HIS B 323 -15.02 8.63 31.16
N ILE B 324 -14.70 7.43 31.64
CA ILE B 324 -13.61 7.30 32.62
C ILE B 324 -12.26 7.49 31.94
N HIS B 325 -11.20 7.60 32.74
CA HIS B 325 -9.86 7.87 32.22
C HIS B 325 -9.85 9.06 31.24
N SER B 326 -10.60 10.10 31.59
CA SER B 326 -10.66 11.34 30.82
C SER B 326 -10.93 12.51 31.77
N HIS B 327 -10.89 13.74 31.27
CA HIS B 327 -11.05 14.90 32.15
C HIS B 327 -12.37 14.98 32.85
N VAL B 328 -13.42 14.51 32.19
CA VAL B 328 -14.74 14.64 32.78
C VAL B 328 -15.59 13.41 32.44
N GLY B 329 -16.24 12.89 33.47
CA GLY B 329 -17.09 11.72 33.33
C GLY B 329 -18.42 11.97 33.99
N LEU B 330 -19.35 11.04 33.83
CA LEU B 330 -20.69 11.18 34.42
C LEU B 330 -21.08 9.89 35.09
N LEU B 331 -21.74 9.99 36.24
CA LEU B 331 -22.34 8.81 36.84
C LEU B 331 -23.65 9.16 37.53
N SER B 332 -24.44 8.13 37.83
CA SER B 332 -25.76 8.29 38.46
C SER B 332 -25.67 8.24 39.98
N LEU B 333 -26.24 9.24 40.64
CA LEU B 333 -26.28 9.26 42.11
C LEU B 333 -27.17 8.18 42.68
N LYS B 334 -28.18 7.80 41.89
CA LYS B 334 -29.06 6.71 42.25
C LYS B 334 -28.32 5.37 42.26
N ASP B 335 -27.53 5.11 41.21
CA ASP B 335 -26.71 3.89 41.15
C ASP B 335 -25.79 3.81 42.37
N THR B 336 -25.17 4.94 42.69
CA THR B 336 -24.25 5.06 43.82
C THR B 336 -24.94 4.71 45.12
N GLU B 337 -26.11 5.31 45.33
CA GLU B 337 -26.90 5.01 46.51
C GLU B 337 -27.19 3.51 46.64
N ASN B 338 -27.61 2.90 45.54
CA ASN B 338 -27.89 1.47 45.53
C ASN B 338 -26.67 0.62 45.76
N ALA B 339 -25.51 1.06 45.30
CA ALA B 339 -24.27 0.35 45.61
C ALA B 339 -23.99 0.38 47.10
N ILE B 340 -24.25 1.52 47.72
CA ILE B 340 -24.10 1.61 49.17
C ILE B 340 -25.07 0.65 49.86
N ARG B 341 -26.33 0.69 49.46
CA ARG B 341 -27.32 -0.20 50.05
C ARG B 341 -26.88 -1.64 49.92
N LEU B 342 -26.44 -2.01 48.72
CA LEU B 342 -26.08 -3.40 48.43
C LEU B 342 -24.96 -3.90 49.32
N VAL B 343 -23.94 -3.08 49.45
CA VAL B 343 -22.80 -3.48 50.21
C VAL B 343 -23.13 -3.70 51.68
N ILE B 344 -23.99 -2.85 52.21
CA ILE B 344 -24.45 -3.01 53.59
C ILE B 344 -25.17 -4.35 53.77
N GLU B 345 -26.10 -4.65 52.88
CA GLU B 345 -26.82 -5.93 52.93
C GLU B 345 -25.87 -7.11 52.87
N LEU B 346 -24.82 -7.02 52.06
CA LEU B 346 -23.85 -8.10 51.96
C LEU B 346 -23.12 -8.28 53.28
N ILE B 347 -22.61 -7.17 53.81
CA ILE B 347 -21.85 -7.21 55.05
C ILE B 347 -22.68 -7.75 56.22
N LYS B 348 -23.95 -7.36 56.28
CA LYS B 348 -24.86 -7.92 57.27
C LYS B 348 -24.86 -9.45 57.29
N ARG B 349 -24.80 -10.07 56.11
CA ARG B 349 -24.98 -11.51 55.95
C ARG B 349 -23.70 -12.33 55.79
N LEU B 350 -22.56 -11.66 55.77
CA LEU B 350 -21.29 -12.38 55.60
C LEU B 350 -20.71 -12.85 56.93
N ASP B 351 -21.34 -13.88 57.51
CA ASP B 351 -20.84 -14.50 58.77
C ASP B 351 -19.80 -15.56 58.42
N LEU B 352 -19.13 -16.10 59.44
CA LEU B 352 -18.05 -17.06 59.24
C LEU B 352 -18.50 -18.29 58.46
N GLU B 353 -19.70 -18.76 58.73
CA GLU B 353 -20.21 -19.98 58.09
C GLU B 353 -20.43 -19.78 56.58
N THR B 354 -21.10 -18.69 56.20
CA THR B 354 -21.34 -18.37 54.81
C THR B 354 -20.03 -18.24 54.03
N VAL B 355 -19.05 -17.58 54.64
CA VAL B 355 -17.76 -17.32 53.99
C VAL B 355 -16.94 -18.60 53.80
N GLU B 356 -16.94 -19.48 54.79
CA GLU B 356 -16.25 -20.77 54.63
C GLU B 356 -16.95 -21.61 53.55
N GLY B 357 -18.26 -21.44 53.41
CA GLY B 357 -19.04 -22.11 52.36
C GLY B 357 -18.72 -21.69 50.94
N PHE B 358 -17.98 -20.60 50.77
CA PHE B 358 -17.56 -20.15 49.43
C PHE B 358 -16.37 -20.93 48.89
N THR B 359 -15.63 -21.58 49.78
CA THR B 359 -14.41 -22.29 49.43
C THR B 359 -14.57 -23.77 49.70
N SER C 1 8.25 56.31 -34.57
CA SER C 1 7.44 55.20 -35.15
C SER C 1 6.49 54.58 -34.10
N ASN C 2 5.26 54.33 -34.52
CA ASN C 2 4.24 53.68 -33.69
C ASN C 2 4.45 52.17 -33.46
N ALA C 3 4.84 51.47 -34.51
CA ALA C 3 5.19 50.04 -34.43
C ALA C 3 6.36 49.81 -33.44
N ASP C 4 7.30 50.75 -33.42
CA ASP C 4 8.38 50.78 -32.43
C ASP C 4 7.83 51.02 -31.05
N LYS C 5 7.04 52.08 -30.91
CA LYS C 5 6.44 52.45 -29.64
C LYS C 5 5.53 51.36 -29.06
N SER C 6 4.83 50.64 -29.93
CA SER C 6 4.05 49.47 -29.52
C SER C 6 4.90 48.35 -28.96
N MSE C 7 5.95 47.98 -29.69
CA MSE C 7 6.83 46.91 -29.25
C MSE C 7 7.60 47.32 -28.04
O MSE C 7 7.91 46.46 -27.21
CB MSE C 7 7.76 46.45 -30.37
CG MSE C 7 7.00 45.61 -31.39
SE MSE C 7 6.20 43.95 -30.60
CE MSE C 7 4.35 44.32 -31.22
N GLU C 8 7.92 48.61 -27.93
CA GLU C 8 8.63 49.12 -26.73
C GLU C 8 7.70 49.06 -25.52
N LEU C 9 6.42 49.30 -25.74
CA LEU C 9 5.44 49.15 -24.69
C LEU C 9 5.32 47.70 -24.25
N MSE C 10 5.15 46.80 -25.21
CA MSE C 10 5.06 45.37 -24.91
C MSE C 10 6.23 44.96 -24.08
O MSE C 10 6.07 44.40 -23.02
CB MSE C 10 4.94 44.51 -26.17
CG MSE C 10 4.34 43.17 -25.79
SE MSE C 10 4.25 41.90 -27.30
CE MSE C 10 2.71 42.75 -28.18
N LYS C 11 7.45 45.24 -24.55
CA LYS C 11 8.66 44.86 -23.83
C LYS C 11 8.65 45.40 -22.40
N THR C 12 8.33 46.66 -22.26
CA THR C 12 8.37 47.33 -20.97
C THR C 12 7.37 46.73 -20.00
N LEU C 13 6.18 46.45 -20.48
CA LEU C 13 5.15 45.78 -19.68
C LEU C 13 5.58 44.41 -19.18
N MSE C 14 6.00 43.54 -20.10
CA MSE C 14 6.38 42.18 -19.73
C MSE C 14 7.60 42.16 -18.85
O MSE C 14 7.82 41.18 -18.15
CB MSE C 14 6.67 41.32 -20.95
CG MSE C 14 5.54 41.20 -21.98
SE MSE C 14 3.73 41.14 -21.19
CE MSE C 14 2.80 42.14 -22.61
N GLU C 15 8.42 43.21 -18.89
CA GLU C 15 9.62 43.26 -18.07
C GLU C 15 9.43 44.02 -16.76
N ALA C 16 8.32 44.72 -16.63
CA ALA C 16 8.01 45.49 -15.41
C ALA C 16 7.79 44.63 -14.20
N PHE C 17 8.03 45.22 -13.05
CA PHE C 17 7.77 44.58 -11.76
C PHE C 17 6.33 44.86 -11.33
N GLY C 18 5.51 43.82 -11.19
CA GLY C 18 4.14 44.02 -10.70
C GLY C 18 3.34 42.80 -10.32
N PRO C 19 3.70 42.14 -9.21
CA PRO C 19 2.94 40.98 -8.72
C PRO C 19 1.66 41.44 -8.04
N SER C 20 0.73 40.51 -7.79
CA SER C 20 -0.55 40.86 -7.20
C SER C 20 -0.35 41.67 -5.93
N GLY C 21 -1.01 42.83 -5.83
CA GLY C 21 -0.87 43.74 -4.69
C GLY C 21 0.18 44.83 -4.85
N PHE C 22 1.05 44.69 -5.84
CA PHE C 22 2.15 45.61 -6.02
C PHE C 22 2.30 46.02 -7.47
N GLU C 23 1.21 46.50 -8.06
CA GLU C 23 1.18 46.73 -9.51
C GLU C 23 1.46 48.17 -9.91
N ARG C 24 1.95 49.01 -9.00
CA ARG C 24 2.00 50.44 -9.26
C ARG C 24 2.97 50.82 -10.38
N GLU C 25 4.14 50.19 -10.42
CA GLU C 25 5.12 50.43 -11.49
C GLU C 25 4.53 50.14 -12.89
N VAL C 26 3.77 49.05 -12.99
CA VAL C 26 3.19 48.61 -14.29
C VAL C 26 2.02 49.52 -14.70
N ASN C 27 1.23 49.95 -13.74
CA ASN C 27 0.12 50.84 -14.05
C ASN C 27 0.58 52.26 -14.36
N ALA C 28 1.75 52.64 -13.82
CA ALA C 28 2.40 53.92 -14.17
C ALA C 28 2.79 53.91 -15.65
N ILE C 29 3.32 52.79 -16.10
CA ILE C 29 3.70 52.62 -17.50
C ILE C 29 2.50 52.75 -18.42
N CYS C 30 1.37 52.21 -17.98
CA CYS C 30 0.13 52.30 -18.71
C CYS C 30 -0.37 53.74 -18.78
N LYS C 31 -0.34 54.46 -17.66
CA LYS C 31 -0.78 55.85 -17.64
C LYS C 31 0.03 56.70 -18.58
N GLU C 32 1.34 56.49 -18.58
CA GLU C 32 2.23 57.29 -19.40
C GLU C 32 1.97 57.07 -20.90
N TYR C 33 1.86 55.81 -21.31
CA TYR C 33 1.59 55.50 -22.69
C TYR C 33 0.27 56.09 -23.16
N MSE C 34 -0.71 56.16 -22.26
CA MSE C 34 -2.06 56.59 -22.61
C MSE C 34 -2.35 58.05 -22.41
O MSE C 34 -3.44 58.49 -22.78
CB MSE C 34 -3.07 55.79 -21.79
CG MSE C 34 -3.04 54.32 -22.18
SE MSE C 34 -3.97 54.00 -23.90
CE MSE C 34 -5.80 54.25 -23.21
N GLU C 35 -1.41 58.83 -21.85
CA GLU C 35 -1.65 60.27 -21.65
C GLU C 35 -2.21 60.97 -22.89
N PRO C 36 -1.60 60.75 -24.06
CA PRO C 36 -2.11 61.42 -25.25
C PRO C 36 -3.35 60.83 -25.89
N TYR C 37 -3.87 59.72 -25.40
CA TYR C 37 -4.97 59.01 -26.08
C TYR C 37 -6.30 58.89 -25.31
N ALA C 38 -6.26 58.98 -23.99
CA ALA C 38 -7.47 58.84 -23.20
C ALA C 38 -8.08 60.19 -22.91
N ASP C 39 -9.39 60.28 -22.97
CA ASP C 39 -10.10 61.52 -22.68
C ASP C 39 -10.15 61.79 -21.18
N GLU C 40 -10.04 60.74 -20.37
CA GLU C 40 -10.09 60.88 -18.91
C GLU C 40 -9.55 59.59 -18.28
N VAL C 41 -9.08 59.69 -17.03
CA VAL C 41 -8.55 58.54 -16.30
C VAL C 41 -9.18 58.43 -14.91
N VAL C 42 -9.81 57.30 -14.63
CA VAL C 42 -10.37 57.06 -13.30
C VAL C 42 -9.67 55.86 -12.68
N VAL C 43 -9.66 55.81 -11.35
CA VAL C 43 -8.99 54.73 -10.64
C VAL C 43 -9.91 54.11 -9.58
N ASP C 44 -9.60 52.89 -9.16
CA ASP C 44 -10.18 52.37 -7.93
C ASP C 44 -9.12 52.48 -6.83
N LYS C 45 -9.53 52.24 -5.59
CA LYS C 45 -8.63 52.42 -4.47
C LYS C 45 -7.70 51.22 -4.25
N LEU C 46 -7.91 50.15 -4.98
CA LEU C 46 -6.99 49.03 -4.96
C LEU C 46 -5.79 49.24 -5.86
N GLY C 47 -5.89 50.16 -6.81
CA GLY C 47 -4.80 50.43 -7.73
C GLY C 47 -5.10 50.22 -9.20
N SER C 48 -6.33 49.82 -9.55
CA SER C 48 -6.72 49.69 -10.96
C SER C 48 -6.82 51.06 -11.57
N VAL C 49 -6.19 51.23 -12.73
CA VAL C 49 -6.40 52.46 -13.50
C VAL C 49 -7.25 52.11 -14.76
N THR C 50 -8.12 53.05 -15.11
CA THR C 50 -9.09 52.87 -16.15
C THR C 50 -9.09 54.10 -17.07
N PHE C 51 -9.02 53.86 -18.37
CA PHE C 51 -8.91 54.91 -19.37
C PHE C 51 -10.21 55.02 -20.13
N ILE C 52 -10.74 56.23 -20.21
CA ILE C 52 -12.04 56.46 -20.84
C ILE C 52 -11.87 57.12 -22.20
N ALA C 53 -12.48 56.53 -23.21
CA ALA C 53 -12.62 57.13 -24.53
C ALA C 53 -14.09 57.49 -24.71
N LYS C 54 -14.38 58.80 -24.73
CA LYS C 54 -15.74 59.31 -24.68
C LYS C 54 -16.49 59.14 -26.00
N GLY C 55 -17.80 59.02 -25.85
CA GLY C 55 -18.74 58.96 -26.96
C GLY C 55 -20.09 59.15 -26.29
N ASN C 56 -21.07 58.35 -26.65
CA ASN C 56 -22.39 58.49 -26.03
C ASN C 56 -22.34 58.04 -24.57
N ASP C 57 -22.91 58.82 -23.67
CA ASP C 57 -22.94 58.46 -22.23
C ASP C 57 -23.20 56.98 -22.00
N ARG C 58 -24.14 56.42 -22.76
CA ARG C 58 -24.54 55.03 -22.64
C ARG C 58 -24.64 54.47 -24.07
N PRO C 59 -24.27 53.20 -24.30
CA PRO C 59 -23.87 52.24 -23.28
C PRO C 59 -22.41 52.36 -22.87
N ARG C 60 -22.11 51.96 -21.65
CA ARG C 60 -20.74 51.92 -21.18
C ARG C 60 -20.15 50.53 -21.43
N ILE C 61 -19.08 50.50 -22.24
CA ILE C 61 -18.34 49.28 -22.53
C ILE C 61 -17.12 49.21 -21.61
N LEU C 62 -17.02 48.14 -20.84
CA LEU C 62 -15.85 47.92 -20.00
C LEU C 62 -14.96 46.86 -20.65
N MSE C 63 -13.73 47.24 -20.98
CA MSE C 63 -12.71 46.27 -21.36
C MSE C 63 -11.74 46.17 -20.24
O MSE C 63 -11.27 47.18 -19.74
CB MSE C 63 -11.93 46.73 -22.56
CG MSE C 63 -12.75 46.71 -23.83
SE MSE C 63 -11.48 46.78 -25.34
CE MSE C 63 -10.97 48.69 -25.25
N ALA C 64 -11.39 44.96 -19.85
CA ALA C 64 -10.51 44.76 -18.71
C ALA C 64 -9.43 43.75 -18.99
N GLY C 65 -8.20 44.08 -18.61
CA GLY C 65 -7.09 43.13 -18.61
C GLY C 65 -6.23 43.36 -17.38
N HIS C 66 -5.97 42.32 -16.60
CA HIS C 66 -5.28 42.52 -15.33
C HIS C 66 -3.79 42.65 -15.54
N THR C 67 -3.18 43.62 -14.83
CA THR C 67 -1.76 43.87 -14.95
C THR C 67 -0.95 43.21 -13.87
N ASP C 68 -1.60 42.63 -12.87
CA ASP C 68 -0.85 41.86 -11.88
C ASP C 68 -0.39 40.55 -12.50
N GLU C 69 0.77 40.09 -12.05
CA GLU C 69 1.34 38.82 -12.49
C GLU C 69 1.51 37.92 -11.27
N VAL C 70 1.55 36.63 -11.52
CA VAL C 70 1.86 35.74 -10.43
C VAL C 70 3.26 36.07 -9.94
N GLY C 71 3.44 35.91 -8.63
CA GLY C 71 4.70 36.26 -7.99
C GLY C 71 4.84 35.61 -6.63
N PHE C 72 5.66 36.21 -5.77
CA PHE C 72 5.87 35.70 -4.42
C PHE C 72 6.05 36.87 -3.46
N ILE C 73 6.12 36.56 -2.18
CA ILE C 73 6.30 37.56 -1.17
C ILE C 73 7.18 36.96 -0.08
N VAL C 74 8.06 37.78 0.49
CA VAL C 74 8.99 37.30 1.51
C VAL C 74 8.24 37.00 2.81
N SER C 75 8.39 35.78 3.31
CA SER C 75 7.70 35.36 4.55
C SER C 75 8.63 35.29 5.77
N SER C 76 9.95 35.24 5.54
CA SER C 76 10.93 35.28 6.63
C SER C 76 12.36 35.32 6.10
N ILE C 77 13.28 35.70 6.98
CA ILE C 77 14.70 35.55 6.73
C ILE C 77 15.23 34.52 7.72
N SER C 78 15.81 33.43 7.22
CA SER C 78 16.37 32.39 8.07
C SER C 78 17.70 32.87 8.64
N LYS C 79 18.12 32.22 9.71
CA LYS C 79 19.35 32.59 10.39
C LYS C 79 20.59 32.46 9.47
N GLU C 80 20.50 31.65 8.41
CA GLU C 80 21.62 31.47 7.48
C GLU C 80 21.60 32.42 6.28
N GLY C 81 20.58 33.26 6.15
CA GLY C 81 20.52 34.27 5.07
C GLY C 81 19.70 33.89 3.85
N TYR C 82 18.76 32.99 4.06
CA TYR C 82 17.88 32.53 3.00
C TYR C 82 16.52 33.12 3.28
N LEU C 83 15.72 33.28 2.24
CA LEU C 83 14.39 33.80 2.40
C LEU C 83 13.40 32.68 2.23
N THR C 84 12.37 32.64 3.06
CA THR C 84 11.20 31.81 2.76
C THR C 84 10.20 32.73 2.09
N PHE C 85 9.23 32.16 1.38
CA PHE C 85 8.27 32.97 0.65
C PHE C 85 6.90 32.32 0.60
N ASN C 86 5.86 33.13 0.44
CA ASN C 86 4.56 32.62 0.06
C ASN C 86 4.31 32.98 -1.39
N THR C 87 3.46 32.20 -2.04
CA THR C 87 3.11 32.46 -3.42
C THR C 87 2.02 33.51 -3.50
N LEU C 88 2.04 34.29 -4.57
CA LEU C 88 1.00 35.26 -4.89
C LEU C 88 0.39 34.82 -6.19
N GLY C 89 -0.74 34.13 -6.12
CA GLY C 89 -1.39 33.57 -7.30
C GLY C 89 -1.00 32.11 -7.41
N GLY C 90 -1.65 31.40 -8.34
CA GLY C 90 -1.48 29.97 -8.46
C GLY C 90 -0.24 29.60 -9.22
N TRP C 91 0.65 28.85 -8.57
CA TRP C 91 1.88 28.33 -9.18
C TRP C 91 1.89 26.81 -9.10
N TRP C 92 2.42 26.17 -10.13
CA TRP C 92 2.74 24.75 -10.05
C TRP C 92 4.14 24.61 -9.46
N SER C 93 4.30 23.82 -8.41
CA SER C 93 5.59 23.75 -7.71
C SER C 93 6.70 23.25 -8.66
N GLN C 94 6.35 22.40 -9.61
CA GLN C 94 7.36 21.78 -10.46
C GLN C 94 8.08 22.71 -11.45
N VAL C 95 7.56 23.92 -11.66
CA VAL C 95 8.25 24.94 -12.46
C VAL C 95 9.08 25.96 -11.66
N LEU C 96 9.22 25.77 -10.36
CA LEU C 96 9.86 26.75 -9.50
C LEU C 96 11.34 26.54 -9.26
N LEU C 97 11.75 25.33 -8.88
CA LEU C 97 13.14 25.07 -8.53
C LEU C 97 14.12 25.49 -9.60
N GLY C 98 15.17 26.18 -9.15
CA GLY C 98 16.27 26.59 -10.02
C GLY C 98 16.04 27.88 -10.76
N GLN C 99 14.93 28.56 -10.45
CA GLN C 99 14.51 29.74 -11.20
C GLN C 99 14.97 31.05 -10.58
N ARG C 100 15.28 32.03 -11.41
CA ARG C 100 15.75 33.32 -10.94
C ARG C 100 14.57 34.19 -10.59
N VAL C 101 14.69 34.89 -9.48
CA VAL C 101 13.67 35.83 -9.06
C VAL C 101 14.35 37.11 -8.68
N VAL C 102 13.54 38.14 -8.50
CA VAL C 102 14.04 39.41 -8.00
C VAL C 102 13.06 39.98 -6.97
N VAL C 103 13.62 40.45 -5.86
CA VAL C 103 12.89 40.94 -4.73
C VAL C 103 13.02 42.44 -4.72
N ARG C 104 11.93 43.15 -4.50
CA ARG C 104 12.01 44.61 -4.40
C ARG C 104 12.05 45.04 -2.94
N THR C 105 13.21 45.53 -2.51
CA THR C 105 13.40 46.03 -1.16
C THR C 105 13.37 47.54 -1.16
N CYS C 106 13.42 48.13 0.03
CA CYS C 106 13.59 49.58 0.17
C CYS C 106 14.92 50.07 -0.46
N LYS C 107 15.94 49.20 -0.51
CA LYS C 107 17.22 49.53 -1.12
C LYS C 107 17.32 49.23 -2.61
N GLY C 108 16.25 48.70 -3.20
CA GLY C 108 16.23 48.37 -4.63
C GLY C 108 16.07 46.88 -4.92
N MSE C 109 16.35 46.51 -6.17
CA MSE C 109 16.16 45.13 -6.63
C MSE C 109 17.26 44.25 -6.11
O MSE C 109 18.43 44.55 -6.21
CB MSE C 109 16.19 45.06 -8.16
CG MSE C 109 15.06 45.84 -8.82
SE MSE C 109 13.26 45.21 -8.27
CE MSE C 109 12.19 46.65 -9.08
N VAL C 110 16.86 43.11 -5.55
CA VAL C 110 17.80 42.11 -5.07
C VAL C 110 17.54 40.78 -5.76
N HIS C 111 18.55 40.24 -6.42
CA HIS C 111 18.39 39.01 -7.18
C HIS C 111 18.60 37.79 -6.34
N GLY C 112 17.91 36.72 -6.71
CA GLY C 112 18.02 35.45 -6.02
C GLY C 112 17.56 34.27 -6.86
N ILE C 113 17.67 33.09 -6.26
CA ILE C 113 17.39 31.85 -6.93
C ILE C 113 16.51 31.01 -6.04
N ILE C 114 15.45 30.41 -6.60
CA ILE C 114 14.62 29.51 -5.83
C ILE C 114 15.38 28.19 -5.65
N ALA C 115 15.47 27.74 -4.41
CA ALA C 115 16.29 26.59 -4.07
C ALA C 115 15.63 25.70 -3.05
N SER C 116 16.16 24.49 -2.93
CA SER C 116 15.73 23.57 -1.88
C SER C 116 16.96 22.85 -1.34
N LYS C 117 16.74 21.99 -0.37
CA LYS C 117 17.77 21.05 0.03
C LYS C 117 18.12 20.17 -1.17
N PRO C 118 19.43 19.99 -1.44
CA PRO C 118 19.88 19.13 -2.55
C PRO C 118 19.56 17.69 -2.26
N PRO C 119 19.16 16.91 -3.28
CA PRO C 119 18.69 15.54 -3.04
C PRO C 119 19.72 14.54 -2.45
N HIS C 120 21.01 14.74 -2.70
CA HIS C 120 22.03 13.82 -2.19
C HIS C 120 22.24 13.90 -0.66
N ILE C 121 21.73 14.93 0.02
CA ILE C 121 21.68 14.96 1.50
C ILE C 121 20.32 14.53 2.08
N LEU C 122 19.49 13.88 1.27
CA LEU C 122 18.20 13.35 1.74
C LEU C 122 18.26 11.83 1.70
N PRO C 123 17.37 11.18 2.47
CA PRO C 123 17.28 9.72 2.38
C PRO C 123 16.85 9.27 0.97
N PRO C 124 17.26 8.07 0.53
CA PRO C 124 16.92 7.61 -0.83
C PRO C 124 15.42 7.66 -1.19
N ASP C 125 14.55 7.38 -0.23
CA ASP C 125 13.09 7.38 -0.48
C ASP C 125 12.48 8.78 -0.63
N GLU C 126 13.20 9.79 -0.14
CA GLU C 126 12.72 11.18 -0.18
C GLU C 126 13.17 11.95 -1.43
N ARG C 127 14.09 11.38 -2.19
CA ARG C 127 14.57 12.01 -3.44
C ARG C 127 13.56 11.90 -4.58
N LYS C 128 12.83 10.79 -4.63
CA LYS C 128 11.75 10.61 -5.63
C LYS C 128 10.52 11.44 -5.30
N LYS C 129 10.46 12.03 -4.11
CA LYS C 129 9.33 12.87 -3.72
C LYS C 129 9.41 14.25 -4.33
N ILE C 130 8.27 14.79 -4.77
CA ILE C 130 8.20 16.16 -5.27
C ILE C 130 8.56 17.11 -4.16
N VAL C 131 9.31 18.15 -4.47
CA VAL C 131 9.59 19.18 -3.50
C VAL C 131 8.43 20.18 -3.48
N GLU C 132 7.78 20.32 -2.33
CA GLU C 132 6.67 21.24 -2.19
C GLU C 132 7.23 22.66 -2.02
N ALA C 133 6.44 23.65 -2.43
CA ALA C 133 6.85 25.04 -2.34
C ALA C 133 7.09 25.51 -0.89
N ARG C 134 6.32 24.96 0.04
CA ARG C 134 6.53 25.23 1.48
C ARG C 134 7.97 24.92 1.94
N ASP C 135 8.63 23.96 1.30
CA ASP C 135 10.01 23.56 1.64
C ASP C 135 11.08 24.20 0.77
N MSE C 136 10.70 25.21 -0.02
CA MSE C 136 11.68 25.90 -0.86
C MSE C 136 12.05 27.19 -0.21
O MSE C 136 11.42 27.62 0.76
CB MSE C 136 11.07 26.20 -2.23
CG MSE C 136 10.82 24.94 -3.02
SE MSE C 136 10.06 25.40 -4.79
CE MSE C 136 9.47 23.58 -5.26
N PHE C 137 13.10 27.83 -0.70
CA PHE C 137 13.46 29.18 -0.27
C PHE C 137 14.22 29.85 -1.37
N ILE C 138 14.56 31.12 -1.13
CA ILE C 138 15.24 31.92 -2.09
C ILE C 138 16.62 32.21 -1.56
N ASP C 139 17.60 31.94 -2.40
CA ASP C 139 18.99 32.16 -2.11
C ASP C 139 19.38 33.44 -2.78
N ILE C 140 19.84 34.41 -2.00
CA ILE C 140 20.27 35.70 -2.54
C ILE C 140 21.78 35.91 -2.41
N GLY C 141 22.51 34.82 -2.15
CA GLY C 141 23.97 34.87 -2.09
C GLY C 141 24.47 35.33 -0.75
N ALA C 142 23.60 35.32 0.25
CA ALA C 142 23.96 35.77 1.58
C ALA C 142 24.51 34.60 2.37
N THR C 143 25.33 34.91 3.37
CA THR C 143 25.97 33.88 4.20
C THR C 143 25.55 33.97 5.67
N SER C 144 24.62 34.86 6.00
CA SER C 144 24.12 35.04 7.37
C SER C 144 22.88 35.91 7.36
N GLU C 145 22.08 35.83 8.42
CA GLU C 145 20.91 36.69 8.59
C GLU C 145 21.24 38.19 8.47
N GLU C 146 22.43 38.60 8.90
CA GLU C 146 22.85 40.01 8.87
C GLU C 146 23.18 40.43 7.44
N GLU C 147 23.92 39.59 6.72
CA GLU C 147 24.31 39.88 5.34
C GLU C 147 23.07 40.00 4.45
N ALA C 148 22.04 39.25 4.79
CA ALA C 148 20.74 39.32 4.11
C ALA C 148 20.01 40.61 4.40
N GLU C 149 19.99 40.99 5.67
CA GLU C 149 19.37 42.25 6.08
C GLU C 149 20.03 43.47 5.43
N GLU C 150 21.36 43.44 5.27
CA GLU C 150 22.08 44.51 4.59
C GLU C 150 21.58 44.82 3.18
N SER C 151 21.05 43.82 2.51
CA SER C 151 20.47 43.99 1.19
C SER C 151 19.14 44.75 1.20
N GLY C 152 18.50 44.82 2.36
CA GLY C 152 17.28 45.60 2.54
C GLY C 152 15.99 44.80 2.69
N VAL C 153 16.13 43.49 2.69
CA VAL C 153 14.99 42.59 2.68
C VAL C 153 14.21 42.64 3.98
N LYS C 154 12.89 42.69 3.85
CA LYS C 154 12.00 42.68 5.00
C LYS C 154 10.84 41.73 4.71
N VAL C 155 10.30 41.14 5.76
CA VAL C 155 9.08 40.33 5.62
C VAL C 155 8.00 41.22 5.00
N GLY C 156 7.26 40.65 4.05
CA GLY C 156 6.26 41.40 3.30
C GLY C 156 6.76 42.02 1.99
N ASP C 157 8.05 41.90 1.68
CA ASP C 157 8.58 42.42 0.42
C ASP C 157 8.16 41.55 -0.79
N PRO C 158 7.75 42.20 -1.89
CA PRO C 158 7.28 41.49 -3.08
C PRO C 158 8.38 40.93 -3.96
N ILE C 159 8.05 39.85 -4.66
CA ILE C 159 9.00 39.11 -5.49
C ILE C 159 8.37 38.76 -6.83
N VAL C 160 9.13 38.94 -7.89
CA VAL C 160 8.68 38.50 -9.21
C VAL C 160 9.70 37.61 -9.88
N PRO C 161 9.25 36.83 -10.86
CA PRO C 161 10.17 36.10 -11.70
C PRO C 161 11.10 37.05 -12.45
N TRP C 162 12.32 36.59 -12.74
CA TRP C 162 13.22 37.31 -13.63
C TRP C 162 13.16 36.69 -15.00
N SER C 163 12.74 37.45 -15.99
CA SER C 163 12.45 36.89 -17.32
C SER C 163 12.43 37.95 -18.42
N PRO C 164 13.51 38.07 -19.17
CA PRO C 164 13.59 39.10 -20.21
C PRO C 164 12.63 38.85 -21.35
N PHE C 165 12.24 39.92 -22.00
CA PHE C 165 11.37 39.85 -23.13
C PHE C 165 12.17 39.82 -24.45
N SER C 166 11.79 38.92 -25.34
CA SER C 166 12.32 38.92 -26.68
C SER C 166 11.29 38.37 -27.65
N VAL C 167 11.62 38.45 -28.92
CA VAL C 167 10.79 37.88 -29.97
C VAL C 167 11.58 36.82 -30.71
N ILE C 168 10.94 35.69 -30.99
CA ILE C 168 11.59 34.58 -31.69
C ILE C 168 10.78 34.18 -32.93
N GLN C 169 11.22 33.11 -33.60
CA GLN C 169 10.54 32.60 -34.80
C GLN C 169 10.35 33.69 -35.85
N ASN C 170 11.46 34.31 -36.23
CA ASN C 170 11.44 35.33 -37.28
C ASN C 170 10.38 36.36 -37.01
N GLY C 171 10.37 36.91 -35.80
CA GLY C 171 9.49 38.02 -35.47
C GLY C 171 8.03 37.67 -35.21
N ARG C 172 7.69 36.38 -35.18
CA ARG C 172 6.30 35.94 -35.09
C ARG C 172 5.79 35.70 -33.65
N VAL C 173 6.70 35.34 -32.74
CA VAL C 173 6.32 34.82 -31.42
C VAL C 173 7.07 35.52 -30.29
N ALA C 174 6.31 36.03 -29.34
CA ALA C 174 6.86 36.79 -28.22
C ALA C 174 7.17 35.85 -27.06
N MSE C 175 8.29 36.12 -26.38
CA MSE C 175 8.75 35.26 -25.29
C MSE C 175 9.06 36.12 -24.09
O MSE C 175 9.79 37.09 -24.19
CB MSE C 175 10.01 34.56 -25.72
CG MSE C 175 10.53 33.57 -24.68
SE MSE C 175 12.07 32.60 -25.48
CE MSE C 175 12.68 31.44 -24.02
N GLY C 176 8.49 35.74 -22.95
CA GLY C 176 8.69 36.46 -21.71
C GLY C 176 7.66 36.13 -20.67
N LYS C 177 7.64 36.90 -19.60
CA LYS C 177 6.74 36.62 -18.48
C LYS C 177 5.57 37.58 -18.50
N ALA C 178 4.60 37.31 -17.63
CA ALA C 178 3.49 38.21 -17.37
C ALA C 178 2.55 38.46 -18.55
N PHE C 179 2.61 37.65 -19.60
CA PHE C 179 1.62 37.78 -20.65
C PHE C 179 0.22 37.74 -20.05
N ASP C 180 0.02 36.90 -19.04
CA ASP C 180 -1.20 36.86 -18.27
C ASP C 180 -1.08 37.91 -17.19
N ASP C 181 -1.72 39.07 -17.33
CA ASP C 181 -2.61 39.41 -18.44
C ASP C 181 -2.27 40.80 -19.00
N ARG C 182 -0.98 41.09 -19.09
CA ARG C 182 -0.52 42.36 -19.62
C ARG C 182 -0.71 42.41 -21.11
N ILE C 183 -0.75 41.24 -21.75
CA ILE C 183 -1.08 41.20 -23.16
C ILE C 183 -2.53 41.63 -23.37
N GLY C 184 -3.42 41.29 -22.44
CA GLY C 184 -4.80 41.78 -22.49
C GLY C 184 -4.88 43.28 -22.29
N ALA C 185 -4.09 43.80 -21.36
CA ALA C 185 -3.99 45.24 -21.14
C ALA C 185 -3.41 45.91 -22.38
N PHE C 186 -2.42 45.26 -22.98
CA PHE C 186 -1.81 45.76 -24.20
C PHE C 186 -2.84 45.91 -25.31
N VAL C 187 -3.70 44.91 -25.47
CA VAL C 187 -4.73 44.93 -26.50
C VAL C 187 -5.69 46.09 -26.29
N LEU C 188 -6.22 46.24 -25.09
CA LEU C 188 -7.22 47.28 -24.87
C LEU C 188 -6.62 48.67 -25.02
N MSE C 189 -5.39 48.84 -24.58
CA MSE C 189 -4.69 50.11 -24.77
C MSE C 189 -4.45 50.42 -26.22
O MSE C 189 -4.61 51.55 -26.65
CB MSE C 189 -3.35 50.08 -24.03
CG MSE C 189 -3.60 50.30 -22.56
SE MSE C 189 -1.87 50.53 -21.64
CE MSE C 189 -1.21 48.67 -21.68
N GLU C 190 -4.04 49.42 -27.00
CA GLU C 190 -3.80 49.62 -28.41
C GLU C 190 -5.08 49.87 -29.17
N ALA C 191 -6.17 49.25 -28.72
CA ALA C 191 -7.46 49.47 -29.33
C ALA C 191 -7.87 50.93 -29.17
N ILE C 192 -7.80 51.42 -27.94
CA ILE C 192 -8.17 52.80 -27.67
C ILE C 192 -7.26 53.75 -28.43
N ARG C 193 -5.96 53.46 -28.47
CA ARG C 193 -5.02 54.33 -29.17
C ARG C 193 -5.40 54.44 -30.63
N ARG C 194 -5.61 53.29 -31.25
CA ARG C 194 -5.91 53.25 -32.68
C ARG C 194 -7.21 53.92 -33.05
N MSE C 195 -8.19 53.83 -32.17
CA MSE C 195 -9.48 54.47 -32.41
C MSE C 195 -9.34 55.96 -32.44
O MSE C 195 -9.98 56.62 -33.26
CB MSE C 195 -10.48 53.98 -31.35
CG MSE C 195 -10.84 52.55 -31.70
SE MSE C 195 -12.39 51.91 -30.68
CE MSE C 195 -13.70 51.92 -32.15
N LYS C 196 -8.53 56.50 -31.54
CA LYS C 196 -8.27 57.93 -31.57
C LYS C 196 -7.42 58.31 -32.77
N ASP C 197 -6.31 57.62 -32.99
CA ASP C 197 -5.40 57.92 -34.12
C ASP C 197 -6.06 57.91 -35.49
N GLN C 198 -6.97 56.99 -35.73
CA GLN C 198 -7.65 56.90 -37.02
C GLN C 198 -9.07 57.47 -37.01
N GLY C 199 -9.38 58.23 -35.96
CA GLY C 199 -10.72 58.83 -35.79
C GLY C 199 -11.89 57.89 -35.98
N ILE C 200 -11.79 56.67 -35.45
CA ILE C 200 -12.86 55.69 -35.58
C ILE C 200 -13.97 56.02 -34.59
N GLU C 201 -15.18 56.20 -35.10
CA GLU C 201 -16.30 56.60 -34.26
C GLU C 201 -16.93 55.37 -33.63
N HIS C 202 -17.46 55.55 -32.41
CA HIS C 202 -18.10 54.46 -31.69
C HIS C 202 -19.27 54.98 -30.88
N PRO C 203 -20.45 54.36 -31.05
CA PRO C 203 -21.70 54.85 -30.46
C PRO C 203 -21.84 54.53 -28.97
N ASN C 204 -20.83 54.90 -28.19
CA ASN C 204 -20.71 54.45 -26.82
C ASN C 204 -19.50 55.06 -26.14
N THR C 205 -19.42 54.86 -24.83
CA THR C 205 -18.26 55.27 -24.06
C THR C 205 -17.50 54.02 -23.65
N VAL C 206 -16.19 54.04 -23.87
CA VAL C 206 -15.34 52.89 -23.64
C VAL C 206 -14.48 53.10 -22.41
N TYR C 207 -14.58 52.16 -21.47
CA TYR C 207 -13.74 52.19 -20.28
C TYR C 207 -12.71 51.06 -20.41
N GLY C 208 -11.47 51.42 -20.68
CA GLY C 208 -10.40 50.45 -20.82
C GLY C 208 -9.64 50.35 -19.52
N SER C 209 -9.75 49.21 -18.87
CA SER C 209 -9.30 49.10 -17.51
C SER C 209 -8.16 48.11 -17.29
N ALA C 210 -7.10 48.59 -16.65
CA ALA C 210 -5.98 47.75 -16.24
C ALA C 210 -6.14 47.35 -14.78
N THR C 211 -6.85 46.25 -14.56
CA THR C 211 -7.25 45.84 -13.23
C THR C 211 -6.10 45.27 -12.43
N VAL C 212 -6.25 45.28 -11.11
CA VAL C 212 -5.26 44.71 -10.20
C VAL C 212 -5.81 43.50 -9.47
N GLN C 213 -4.90 42.71 -8.92
CA GLN C 213 -5.25 41.60 -8.05
C GLN C 213 -6.23 40.56 -8.62
N GLU C 214 -6.15 40.26 -9.91
CA GLU C 214 -6.93 39.16 -10.49
C GLU C 214 -6.43 37.82 -9.98
N GLU C 215 -5.11 37.65 -9.93
CA GLU C 215 -4.52 36.34 -9.68
C GLU C 215 -4.76 35.83 -8.25
N VAL C 216 -5.22 36.71 -7.35
CA VAL C 216 -5.49 36.34 -5.96
C VAL C 216 -6.98 36.38 -5.59
N GLY C 217 -7.89 36.52 -6.56
CA GLY C 217 -9.33 36.48 -6.26
C GLY C 217 -10.21 37.51 -6.96
N LEU C 218 -9.81 37.96 -8.15
CA LEU C 218 -10.63 38.86 -8.98
C LEU C 218 -11.00 40.16 -8.23
N ARG C 219 -10.07 40.66 -7.44
CA ARG C 219 -10.38 41.70 -6.49
C ARG C 219 -10.55 43.07 -7.15
N GLY C 220 -9.62 43.45 -8.01
CA GLY C 220 -9.70 44.73 -8.70
C GLY C 220 -10.86 44.84 -9.68
N ALA C 221 -11.25 43.72 -10.27
CA ALA C 221 -12.42 43.66 -11.14
C ALA C 221 -13.71 44.07 -10.41
N GLN C 222 -13.90 43.58 -9.19
CA GLN C 222 -15.11 43.86 -8.40
C GLN C 222 -15.25 45.35 -8.14
N THR C 223 -14.16 45.96 -7.69
CA THR C 223 -14.13 47.37 -7.34
C THR C 223 -14.12 48.30 -8.55
N THR C 224 -13.49 47.89 -9.65
CA THR C 224 -13.54 48.65 -10.90
C THR C 224 -14.94 48.59 -11.55
N ALA C 225 -15.58 47.43 -11.49
CA ALA C 225 -16.95 47.31 -11.96
C ALA C 225 -17.89 48.25 -11.19
N HIS C 226 -17.68 48.36 -9.87
CA HIS C 226 -18.46 49.29 -9.05
C HIS C 226 -18.29 50.73 -9.55
N VAL C 227 -17.06 51.14 -9.81
CA VAL C 227 -16.76 52.50 -10.25
C VAL C 227 -17.41 52.82 -11.60
N VAL C 228 -17.37 51.87 -12.53
CA VAL C 228 -17.76 52.12 -13.92
C VAL C 228 -19.26 51.97 -14.21
N ASP C 229 -19.92 51.01 -13.56
CA ASP C 229 -21.35 50.71 -13.84
C ASP C 229 -21.53 50.37 -15.32
N PRO C 230 -20.88 49.30 -15.79
CA PRO C 230 -20.89 48.99 -17.21
C PRO C 230 -22.19 48.35 -17.68
N ASP C 231 -22.52 48.59 -18.95
CA ASP C 231 -23.69 47.98 -19.59
C ASP C 231 -23.33 46.69 -20.36
N VAL C 232 -22.07 46.57 -20.76
CA VAL C 232 -21.55 45.37 -21.39
C VAL C 232 -20.04 45.30 -21.13
N ALA C 233 -19.50 44.09 -21.03
CA ALA C 233 -18.08 43.94 -20.72
C ALA C 233 -17.36 42.97 -21.65
N LEU C 234 -16.17 43.39 -22.08
CA LEU C 234 -15.27 42.52 -22.85
C LEU C 234 -14.02 42.30 -22.03
N VAL C 235 -13.87 41.12 -21.46
CA VAL C 235 -12.69 40.84 -20.67
C VAL C 235 -11.66 40.17 -21.56
N LEU C 236 -10.44 40.68 -21.50
CA LEU C 236 -9.33 40.14 -22.29
C LEU C 236 -8.40 39.38 -21.39
N GLU C 237 -8.13 38.14 -21.75
CA GLU C 237 -7.34 37.25 -20.94
C GLU C 237 -6.46 36.41 -21.85
N VAL C 238 -5.66 35.55 -21.25
CA VAL C 238 -4.94 34.55 -21.98
C VAL C 238 -5.73 33.25 -21.91
N ASP C 239 -5.45 32.36 -22.85
CA ASP C 239 -6.04 31.03 -22.87
C ASP C 239 -4.87 30.07 -22.78
N ILE C 240 -5.05 28.97 -22.06
CA ILE C 240 -4.03 27.96 -22.00
C ILE C 240 -4.03 27.31 -23.37
N ALA C 241 -2.90 27.34 -24.06
CA ALA C 241 -2.82 26.82 -25.41
C ALA C 241 -2.39 25.37 -25.39
N GLY C 242 -3.24 24.51 -25.97
CA GLY C 242 -2.98 23.07 -26.04
C GLY C 242 -2.26 22.65 -27.31
N ASP C 243 -1.00 23.09 -27.44
CA ASP C 243 -0.18 22.77 -28.61
C ASP C 243 0.79 21.64 -28.30
N VAL C 244 0.79 21.24 -27.02
CA VAL C 244 1.79 20.37 -26.45
C VAL C 244 1.44 18.88 -26.73
N PRO C 245 2.44 18.06 -27.18
CA PRO C 245 2.13 16.70 -27.68
C PRO C 245 1.54 15.71 -26.70
N GLY C 246 0.61 14.89 -27.19
CA GLY C 246 0.02 13.87 -26.35
C GLY C 246 -1.13 14.46 -25.57
N ILE C 247 -1.55 15.67 -25.93
CA ILE C 247 -2.53 16.41 -25.13
C ILE C 247 -3.94 16.11 -25.56
N LYS C 248 -4.80 15.98 -24.55
CA LYS C 248 -6.23 15.81 -24.78
C LYS C 248 -6.73 17.10 -25.42
N PRO C 249 -7.00 17.10 -26.75
CA PRO C 249 -7.45 18.29 -27.52
C PRO C 249 -8.63 18.96 -26.80
N HIS C 250 -9.56 18.16 -26.29
CA HIS C 250 -10.79 18.69 -25.72
C HIS C 250 -10.64 19.52 -24.45
N GLU C 251 -9.59 19.27 -23.68
CA GLU C 251 -9.33 20.01 -22.44
C GLU C 251 -8.71 21.41 -22.70
N ALA C 252 -8.00 21.55 -23.83
CA ALA C 252 -7.40 22.83 -24.25
C ALA C 252 -7.58 22.99 -25.76
N LEU C 253 -8.70 23.59 -26.13
CA LEU C 253 -9.07 23.71 -27.52
C LEU C 253 -8.18 24.64 -28.34
N THR C 254 -7.61 25.68 -27.72
CA THR C 254 -6.94 26.74 -28.50
C THR C 254 -5.53 26.40 -28.89
N LYS C 255 -5.13 26.91 -30.05
CA LYS C 255 -3.79 26.74 -30.58
C LYS C 255 -3.16 28.08 -30.86
N MSE C 256 -1.89 28.22 -30.54
CA MSE C 256 -1.20 29.48 -30.75
C MSE C 256 -1.06 29.66 -32.24
O MSE C 256 -0.62 28.76 -32.95
CB MSE C 256 0.17 29.43 -30.08
CG MSE C 256 0.90 30.74 -30.20
SE MSE C 256 2.74 30.56 -29.53
CE MSE C 256 3.61 29.55 -30.98
N GLY C 257 -1.48 30.82 -32.72
CA GLY C 257 -1.38 31.17 -34.14
C GLY C 257 -2.63 30.98 -34.96
N LYS C 258 -3.66 30.37 -34.38
CA LYS C 258 -4.92 30.12 -35.07
C LYS C 258 -6.00 31.12 -34.67
N GLY C 259 -5.61 32.20 -34.02
CA GLY C 259 -6.51 33.35 -33.79
C GLY C 259 -6.92 33.50 -32.36
N PRO C 260 -7.49 34.66 -32.00
CA PRO C 260 -7.97 34.83 -30.64
C PRO C 260 -9.07 33.85 -30.31
N GLY C 261 -9.27 33.63 -29.01
CA GLY C 261 -10.27 32.71 -28.54
C GLY C 261 -11.49 33.43 -28.01
N LEU C 262 -12.60 32.71 -27.97
CA LEU C 262 -13.81 33.19 -27.33
C LEU C 262 -14.25 32.13 -26.35
N VAL C 263 -14.39 32.53 -25.10
CA VAL C 263 -14.68 31.57 -24.06
C VAL C 263 -16.18 31.37 -23.99
N THR C 264 -16.61 30.13 -24.20
CA THR C 264 -18.00 29.75 -24.19
C THR C 264 -18.49 29.26 -22.83
N TYR C 265 -17.54 28.96 -21.93
CA TYR C 265 -17.86 28.54 -20.56
C TYR C 265 -16.60 28.54 -19.72
N ASP C 266 -16.70 29.05 -18.50
CA ASP C 266 -15.64 28.88 -17.53
C ASP C 266 -16.24 28.80 -16.12
N ARG C 267 -15.42 28.39 -15.17
CA ARG C 267 -15.86 28.15 -13.81
C ARG C 267 -16.47 29.40 -13.16
N SER C 268 -16.01 30.59 -13.57
CA SER C 268 -16.49 31.86 -13.00
C SER C 268 -17.69 32.50 -13.72
N MSE C 269 -17.98 32.07 -14.94
CA MSE C 269 -19.09 32.64 -15.70
C MSE C 269 -19.50 31.83 -16.92
O MSE C 269 -18.66 31.31 -17.65
CB MSE C 269 -18.65 34.02 -16.20
CG MSE C 269 -19.75 34.65 -17.06
SE MSE C 269 -19.21 36.39 -17.79
CE MSE C 269 -18.05 35.77 -19.27
N ILE C 270 -20.82 31.75 -17.13
CA ILE C 270 -21.39 31.33 -18.41
C ILE C 270 -21.79 32.58 -19.18
N PRO C 271 -21.17 32.81 -20.35
CA PRO C 271 -21.39 34.12 -20.97
C PRO C 271 -22.84 34.36 -21.38
N ASN C 272 -23.22 35.62 -21.49
CA ASN C 272 -24.48 36.01 -22.12
C ASN C 272 -24.51 35.47 -23.54
N GLN C 273 -25.58 34.76 -23.88
CA GLN C 273 -25.60 34.03 -25.14
C GLN C 273 -25.77 34.92 -26.38
N PRO C 274 -26.71 35.89 -26.35
CA PRO C 274 -26.77 36.88 -27.42
C PRO C 274 -25.43 37.57 -27.72
N LEU C 275 -24.71 37.97 -26.66
CA LEU C 275 -23.43 38.63 -26.81
C LEU C 275 -22.39 37.68 -27.41
N LYS C 276 -22.42 36.42 -27.00
CA LYS C 276 -21.53 35.42 -27.58
C LYS C 276 -21.76 35.33 -29.08
N GLU C 277 -23.02 35.21 -29.49
CA GLU C 277 -23.37 35.06 -30.89
C GLU C 277 -22.92 36.32 -31.66
N PHE C 278 -23.09 37.46 -31.02
CA PHE C 278 -22.69 38.73 -31.61
C PHE C 278 -21.22 38.76 -31.95
N VAL C 279 -20.38 38.36 -31.01
CA VAL C 279 -18.94 38.33 -31.25
C VAL C 279 -18.57 37.34 -32.36
N ILE C 280 -19.16 36.16 -32.34
CA ILE C 280 -18.89 35.17 -33.36
C ILE C 280 -19.20 35.72 -34.75
N ASN C 281 -20.31 36.45 -34.88
CA ASN C 281 -20.72 37.00 -36.17
C ASN C 281 -19.88 38.17 -36.60
N VAL C 282 -19.57 39.07 -35.67
CA VAL C 282 -18.71 40.19 -35.99
C VAL C 282 -17.37 39.69 -36.52
N ALA C 283 -16.84 38.65 -35.88
CA ALA C 283 -15.56 38.08 -36.28
C ALA C 283 -15.63 37.45 -37.66
N LYS C 284 -16.70 36.69 -37.92
CA LYS C 284 -16.89 36.05 -39.21
C LYS C 284 -17.00 37.06 -40.33
N GLN C 285 -17.79 38.10 -40.07
CA GLN C 285 -18.02 39.17 -41.03
C GLN C 285 -16.74 39.96 -41.31
N ALA C 286 -15.94 40.19 -40.27
CA ALA C 286 -14.64 40.87 -40.42
C ALA C 286 -13.50 39.93 -40.84
N GLN C 287 -13.82 38.66 -41.07
CA GLN C 287 -12.86 37.64 -41.47
C GLN C 287 -11.68 37.50 -40.50
N ILE C 288 -11.96 37.62 -39.21
CA ILE C 288 -10.96 37.42 -38.17
C ILE C 288 -11.12 36.02 -37.62
N PRO C 289 -10.07 35.20 -37.72
CA PRO C 289 -10.17 33.84 -37.18
C PRO C 289 -10.43 33.85 -35.67
N LEU C 290 -11.30 32.95 -35.22
CA LEU C 290 -11.75 32.97 -33.84
C LEU C 290 -11.94 31.55 -33.33
N GLN C 291 -11.27 31.20 -32.24
CA GLN C 291 -11.32 29.82 -31.74
C GLN C 291 -12.27 29.70 -30.55
N LEU C 292 -13.28 28.83 -30.67
CA LEU C 292 -14.17 28.61 -29.54
C LEU C 292 -13.43 27.84 -28.47
N SER C 293 -13.50 28.35 -27.25
CA SER C 293 -12.70 27.85 -26.13
C SER C 293 -13.56 27.62 -24.89
N GLN C 294 -13.04 26.81 -23.98
CA GLN C 294 -13.74 26.52 -22.73
C GLN C 294 -12.70 26.27 -21.65
N MSE C 295 -12.78 26.97 -20.52
CA MSE C 295 -11.84 26.78 -19.43
C MSE C 295 -12.54 26.15 -18.25
O MSE C 295 -13.01 26.84 -17.33
CB MSE C 295 -11.16 28.09 -19.01
CG MSE C 295 -10.75 28.94 -20.22
SE MSE C 295 -10.14 30.76 -19.71
CE MSE C 295 -11.01 31.09 -17.97
N SER C 296 -12.67 24.83 -18.30
CA SER C 296 -13.28 24.01 -17.24
C SER C 296 -12.90 24.35 -15.78
N GLY C 297 -11.63 24.70 -15.55
CA GLY C 297 -11.15 24.96 -14.20
C GLY C 297 -10.32 26.24 -14.02
N GLY C 298 -10.87 27.36 -14.46
CA GLY C 298 -10.22 28.65 -14.26
C GLY C 298 -11.27 29.74 -14.33
N GLY C 299 -10.92 30.92 -13.84
CA GLY C 299 -11.83 32.07 -13.87
C GLY C 299 -11.16 33.33 -14.40
N THR C 300 -11.95 34.40 -14.49
CA THR C 300 -11.52 35.68 -15.07
C THR C 300 -12.12 36.86 -14.33
N ASP C 301 -11.60 38.05 -14.59
CA ASP C 301 -12.20 39.28 -14.10
C ASP C 301 -13.73 39.29 -14.36
N ALA C 302 -14.15 38.66 -15.45
CA ALA C 302 -15.58 38.62 -15.81
C ALA C 302 -16.45 37.97 -14.74
N GLY C 303 -15.87 37.05 -13.98
CA GLY C 303 -16.55 36.40 -12.88
C GLY C 303 -17.16 37.38 -11.90
N ARG C 304 -16.51 38.52 -11.71
CA ARG C 304 -17.02 39.60 -10.84
C ARG C 304 -17.78 40.68 -11.58
N ILE C 305 -17.28 41.07 -12.74
CA ILE C 305 -17.88 42.13 -13.53
C ILE C 305 -19.33 41.83 -13.90
N HIS C 306 -19.60 40.60 -14.35
CA HIS C 306 -20.93 40.26 -14.84
C HIS C 306 -21.97 40.18 -13.74
N MSE C 307 -21.50 40.24 -12.50
CA MSE C 307 -22.34 40.17 -11.31
C MSE C 307 -22.53 41.51 -10.67
O MSE C 307 -23.14 41.61 -9.60
CB MSE C 307 -21.61 39.29 -10.28
CG MSE C 307 -22.60 38.40 -9.55
SE MSE C 307 -22.21 36.61 -10.21
CE MSE C 307 -20.87 36.16 -8.82
N ASN C 308 -22.01 42.56 -11.30
CA ASN C 308 -22.13 43.90 -10.77
C ASN C 308 -23.56 44.42 -10.80
N ARG C 309 -24.02 44.94 -9.67
CA ARG C 309 -25.36 45.48 -9.53
C ARG C 309 -26.43 44.46 -9.97
N ALA C 310 -27.13 44.74 -11.08
CA ALA C 310 -28.22 43.89 -11.58
C ALA C 310 -27.72 42.90 -12.62
N GLY C 311 -26.42 42.91 -12.88
CA GLY C 311 -25.82 42.04 -13.86
C GLY C 311 -25.29 42.86 -15.01
N CYS C 312 -24.37 42.26 -15.74
CA CYS C 312 -23.79 42.92 -16.89
C CYS C 312 -23.40 41.86 -17.90
N PRO C 313 -23.99 41.89 -19.10
CA PRO C 313 -23.60 40.90 -20.11
C PRO C 313 -22.11 41.00 -20.42
N SER C 314 -21.42 39.87 -20.39
CA SER C 314 -19.98 39.86 -20.56
C SER C 314 -19.51 38.66 -21.34
N VAL C 315 -18.33 38.79 -21.90
CA VAL C 315 -17.74 37.72 -22.66
C VAL C 315 -16.24 37.81 -22.51
N VAL C 316 -15.55 36.66 -22.48
CA VAL C 316 -14.09 36.67 -22.40
C VAL C 316 -13.46 36.37 -23.76
N ILE C 317 -12.55 37.23 -24.17
CA ILE C 317 -11.81 37.07 -25.41
C ILE C 317 -10.37 36.86 -25.06
N THR C 318 -9.73 35.89 -25.70
CA THR C 318 -8.43 35.41 -25.22
C THR C 318 -7.36 35.35 -26.29
N ILE C 319 -6.11 35.54 -25.87
CA ILE C 319 -4.96 35.24 -26.71
C ILE C 319 -4.33 33.94 -26.24
N PRO C 320 -4.29 32.92 -27.12
CA PRO C 320 -3.68 31.67 -26.71
C PRO C 320 -2.21 31.86 -26.39
N THR C 321 -1.82 31.38 -25.22
CA THR C 321 -0.49 31.58 -24.65
C THR C 321 0.00 30.25 -24.11
N ARG C 322 1.25 29.92 -24.38
CA ARG C 322 1.85 28.69 -23.89
C ARG C 322 2.61 28.99 -22.61
N HIS C 323 2.46 28.12 -21.62
CA HIS C 323 3.20 28.20 -20.36
C HIS C 323 2.93 29.44 -19.51
N ILE C 324 1.66 29.71 -19.27
CA ILE C 324 1.30 30.80 -18.36
C ILE C 324 1.57 30.39 -16.91
N HIS C 325 1.49 31.35 -15.99
CA HIS C 325 1.77 31.12 -14.59
C HIS C 325 3.13 30.41 -14.40
N SER C 326 4.11 30.84 -15.19
CA SER C 326 5.46 30.32 -15.10
C SER C 326 6.44 31.44 -15.50
N HIS C 327 7.73 31.20 -15.37
CA HIS C 327 8.71 32.25 -15.65
C HIS C 327 8.68 32.75 -17.07
N VAL C 328 8.41 31.86 -18.02
CA VAL C 328 8.48 32.24 -19.40
C VAL C 328 7.42 31.55 -20.23
N GLY C 329 6.74 32.35 -21.04
CA GLY C 329 5.64 31.86 -21.86
C GLY C 329 5.83 32.33 -23.29
N LEU C 330 4.97 31.84 -24.19
CA LEU C 330 5.03 32.25 -25.59
C LEU C 330 3.65 32.60 -26.10
N LEU C 331 3.56 33.64 -26.92
CA LEU C 331 2.32 33.91 -27.64
C LEU C 331 2.58 34.45 -29.04
N SER C 332 1.55 34.42 -29.88
CA SER C 332 1.65 34.86 -31.28
C SER C 332 1.29 36.35 -31.43
N LEU C 333 2.18 37.11 -32.06
CA LEU C 333 1.92 38.52 -32.32
C LEU C 333 0.77 38.71 -33.31
N LYS C 334 0.61 37.73 -34.19
CA LYS C 334 -0.49 37.73 -35.14
C LYS C 334 -1.83 37.58 -34.41
N ASP C 335 -1.93 36.63 -33.49
CA ASP C 335 -3.14 36.46 -32.69
C ASP C 335 -3.48 37.76 -31.95
N THR C 336 -2.46 38.39 -31.37
CA THR C 336 -2.60 39.64 -30.64
C THR C 336 -3.18 40.73 -31.54
N GLU C 337 -2.58 40.88 -32.73
CA GLU C 337 -3.06 41.86 -33.69
C GLU C 337 -4.54 41.64 -33.99
N ASN C 338 -4.91 40.39 -34.23
CA ASN C 338 -6.28 40.06 -34.54
C ASN C 338 -7.22 40.32 -33.39
N ALA C 339 -6.75 40.14 -32.17
CA ALA C 339 -7.57 40.47 -31.01
C ALA C 339 -7.84 41.95 -30.97
N ILE C 340 -6.83 42.75 -31.31
CA ILE C 340 -7.01 44.20 -31.37
C ILE C 340 -8.03 44.56 -32.46
N ARG C 341 -7.86 43.99 -33.65
CA ARG C 341 -8.81 44.22 -34.73
C ARG C 341 -10.23 43.86 -34.29
N LEU C 342 -10.38 42.70 -33.67
CA LEU C 342 -11.69 42.22 -33.27
C LEU C 342 -12.38 43.15 -32.27
N VAL C 343 -11.66 43.59 -31.26
CA VAL C 343 -12.25 44.44 -30.21
C VAL C 343 -12.72 45.76 -30.82
N ILE C 344 -11.97 46.31 -31.76
CA ILE C 344 -12.37 47.52 -32.45
C ILE C 344 -13.69 47.32 -33.20
N GLU C 345 -13.78 46.25 -33.98
CA GLU C 345 -15.01 45.96 -34.73
C GLU C 345 -16.20 45.83 -33.79
N LEU C 346 -15.99 45.22 -32.64
CA LEU C 346 -17.07 45.04 -31.68
C LEU C 346 -17.53 46.38 -31.16
N ILE C 347 -16.58 47.19 -30.73
CA ILE C 347 -16.89 48.50 -30.18
C ILE C 347 -17.62 49.39 -31.19
N LYS C 348 -17.20 49.35 -32.45
CA LYS C 348 -17.89 50.07 -33.51
C LYS C 348 -19.37 49.79 -33.54
N ARG C 349 -19.75 48.52 -33.30
CA ARG C 349 -21.13 48.07 -33.47
C ARG C 349 -21.96 47.96 -32.19
N LEU C 350 -21.36 48.24 -31.04
CA LEU C 350 -22.08 48.11 -29.76
C LEU C 350 -22.84 49.39 -29.40
N ASP C 351 -23.92 49.65 -30.12
CA ASP C 351 -24.77 50.81 -29.83
C ASP C 351 -25.78 50.45 -28.75
N LEU C 352 -26.53 51.43 -28.26
CA LEU C 352 -27.49 51.20 -27.18
C LEU C 352 -28.52 50.12 -27.52
N GLU C 353 -29.01 50.13 -28.76
CA GLU C 353 -30.05 49.19 -29.16
C GLU C 353 -29.57 47.73 -29.15
N THR C 354 -28.40 47.49 -29.74
CA THR C 354 -27.79 46.16 -29.75
C THR C 354 -27.58 45.62 -28.35
N VAL C 355 -27.07 46.47 -27.47
CA VAL C 355 -26.77 46.10 -26.09
C VAL C 355 -28.01 45.79 -25.26
N GLU C 356 -29.07 46.58 -25.43
CA GLU C 356 -30.32 46.27 -24.74
C GLU C 356 -30.93 44.97 -25.27
N GLY C 357 -30.66 44.66 -26.55
CA GLY C 357 -31.10 43.40 -27.16
C GLY C 357 -30.44 42.14 -26.60
N PHE C 358 -29.36 42.29 -25.84
CA PHE C 358 -28.68 41.15 -25.22
C PHE C 358 -29.38 40.64 -23.97
N THR C 359 -30.21 41.50 -23.38
CA THR C 359 -30.89 41.20 -22.12
C THR C 359 -32.41 41.16 -22.36
N SER D 1 -13.33 51.93 39.77
CA SER D 1 -12.01 51.84 39.07
C SER D 1 -12.20 51.40 37.60
N ASN D 2 -11.47 52.06 36.71
CA ASN D 2 -11.46 51.72 35.27
C ASN D 2 -10.69 50.45 34.90
N ALA D 3 -9.53 50.25 35.52
CA ALA D 3 -8.75 49.00 35.39
C ALA D 3 -9.57 47.75 35.83
N ASP D 4 -10.39 47.92 36.87
CA ASP D 4 -11.35 46.90 37.30
C ASP D 4 -12.41 46.70 36.23
N LYS D 5 -13.03 47.80 35.81
CA LYS D 5 -14.09 47.76 34.81
C LYS D 5 -13.63 47.18 33.48
N SER D 6 -12.38 47.44 33.11
CA SER D 6 -11.77 46.83 31.94
C SER D 6 -11.63 45.32 32.07
N MSE D 7 -11.05 44.87 33.17
CA MSE D 7 -10.87 43.45 33.39
C MSE D 7 -12.18 42.75 33.57
O MSE D 7 -12.32 41.60 33.20
CB MSE D 7 -9.97 43.18 34.60
CG MSE D 7 -8.51 43.47 34.24
SE MSE D 7 -7.86 42.35 32.71
CE MSE D 7 -7.25 43.87 31.59
N GLU D 8 -13.16 43.44 34.14
CA GLU D 8 -14.49 42.87 34.28
C GLU D 8 -15.16 42.72 32.91
N LEU D 9 -14.89 43.66 32.02
CA LEU D 9 -15.40 43.56 30.66
C LEU D 9 -14.75 42.38 29.97
N MSE D 10 -13.43 42.31 30.05
CA MSE D 10 -12.69 41.21 29.41
C MSE D 10 -13.27 39.90 29.87
O MSE D 10 -13.64 39.09 29.05
CB MSE D 10 -11.18 41.26 29.68
CG MSE D 10 -10.45 40.45 28.61
SE MSE D 10 -8.51 40.33 28.92
CE MSE D 10 -8.10 42.16 28.31
N LYS D 11 -13.38 39.70 31.18
CA LYS D 11 -13.92 38.44 31.73
C LYS D 11 -15.30 38.14 31.17
N THR D 12 -16.17 39.13 31.17
CA THR D 12 -17.54 38.95 30.76
C THR D 12 -17.64 38.57 29.29
N LEU D 13 -16.84 39.23 28.46
CA LEU D 13 -16.78 38.92 27.05
C LEU D 13 -16.33 37.49 26.78
N MSE D 14 -15.19 37.11 27.33
CA MSE D 14 -14.64 35.78 27.08
C MSE D 14 -15.50 34.70 27.65
O MSE D 14 -15.43 33.55 27.21
CB MSE D 14 -13.26 35.61 27.68
CG MSE D 14 -12.20 36.60 27.21
SE MSE D 14 -12.35 37.13 25.31
CE MSE D 14 -11.78 39.01 25.51
N GLU D 15 -16.34 35.03 28.64
CA GLU D 15 -17.24 34.04 29.24
C GLU D 15 -18.65 34.05 28.66
N ALA D 16 -18.97 35.08 27.87
CA ALA D 16 -20.28 35.18 27.23
C ALA D 16 -20.55 34.09 26.21
N PHE D 17 -21.83 33.82 26.00
CA PHE D 17 -22.29 32.89 24.99
C PHE D 17 -22.49 33.63 23.67
N GLY D 18 -21.73 33.27 22.63
CA GLY D 18 -21.93 33.89 21.31
C GLY D 18 -21.24 33.26 20.12
N PRO D 19 -21.68 32.06 19.70
CA PRO D 19 -21.14 31.42 18.50
C PRO D 19 -21.68 32.07 17.24
N SER D 20 -21.06 31.78 16.11
CA SER D 20 -21.46 32.43 14.84
C SER D 20 -22.95 32.27 14.61
N GLY D 21 -23.63 33.37 14.35
CA GLY D 21 -25.08 33.39 14.16
C GLY D 21 -25.91 33.68 15.39
N PHE D 22 -25.28 33.60 16.56
CA PHE D 22 -25.99 33.77 17.81
C PHE D 22 -25.23 34.69 18.76
N GLU D 23 -24.88 35.88 18.29
CA GLU D 23 -23.97 36.77 19.01
C GLU D 23 -24.67 37.82 19.84
N ARG D 24 -25.97 37.71 20.04
CA ARG D 24 -26.74 38.82 20.63
C ARG D 24 -26.38 39.11 22.09
N GLU D 25 -26.19 38.08 22.90
CA GLU D 25 -25.77 38.26 24.28
C GLU D 25 -24.44 39.03 24.38
N VAL D 26 -23.50 38.73 23.51
CA VAL D 26 -22.17 39.38 23.55
C VAL D 26 -22.23 40.82 23.07
N ASN D 27 -23.03 41.06 22.05
CA ASN D 27 -23.13 42.40 21.51
C ASN D 27 -23.96 43.30 22.43
N ALA D 28 -24.84 42.71 23.24
CA ALA D 28 -25.53 43.43 24.29
C ALA D 28 -24.54 43.92 25.33
N ILE D 29 -23.58 43.07 25.70
CA ILE D 29 -22.54 43.43 26.64
C ILE D 29 -21.72 44.61 26.14
N CYS D 30 -21.44 44.59 24.84
CA CYS D 30 -20.70 45.67 24.20
C CYS D 30 -21.48 46.96 24.22
N LYS D 31 -22.77 46.91 23.89
CA LYS D 31 -23.59 48.11 23.90
C LYS D 31 -23.64 48.73 25.26
N GLU D 32 -23.78 47.90 26.29
CA GLU D 32 -23.90 48.40 27.65
C GLU D 32 -22.62 49.10 28.12
N TYR D 33 -21.47 48.49 27.87
CA TYR D 33 -20.21 49.08 28.24
C TYR D 33 -19.98 50.40 27.55
N MSE D 34 -20.47 50.51 26.32
CA MSE D 34 -20.21 51.70 25.49
C MSE D 34 -21.25 52.78 25.55
O MSE D 34 -21.04 53.83 24.95
CB MSE D 34 -20.06 51.27 24.04
CG MSE D 34 -18.82 50.40 23.84
SE MSE D 34 -17.18 51.49 23.83
CE MSE D 34 -17.45 52.29 22.04
N GLU D 35 -22.37 52.56 26.25
CA GLU D 35 -23.41 53.61 26.36
C GLU D 35 -22.83 55.00 26.70
N PRO D 36 -21.98 55.07 27.73
CA PRO D 36 -21.47 56.40 28.07
C PRO D 36 -20.33 56.94 27.20
N TYR D 37 -19.86 56.19 26.21
CA TYR D 37 -18.66 56.60 25.45
C TYR D 37 -18.85 56.84 23.95
N ALA D 38 -19.87 56.24 23.35
CA ALA D 38 -20.09 56.39 21.93
C ALA D 38 -21.08 57.52 21.66
N ASP D 39 -20.81 58.28 20.61
CA ASP D 39 -21.68 59.39 20.24
C ASP D 39 -22.93 58.88 19.54
N GLU D 40 -22.87 57.69 18.95
CA GLU D 40 -24.01 57.12 18.24
C GLU D 40 -23.75 55.63 18.03
N VAL D 41 -24.80 54.87 17.81
CA VAL D 41 -24.69 53.43 17.57
C VAL D 41 -25.48 53.02 16.34
N VAL D 42 -24.83 52.42 15.36
CA VAL D 42 -25.52 51.89 14.18
C VAL D 42 -25.33 50.37 14.12
N VAL D 43 -26.27 49.70 13.47
CA VAL D 43 -26.23 48.25 13.38
C VAL D 43 -26.41 47.77 11.93
N ASP D 44 -25.99 46.55 11.65
CA ASP D 44 -26.40 45.89 10.43
C ASP D 44 -27.49 44.87 10.80
N LYS D 45 -28.17 44.32 9.79
CA LYS D 45 -29.30 43.44 10.04
C LYS D 45 -28.87 42.01 10.36
N LEU D 46 -27.58 41.72 10.24
CA LEU D 46 -27.06 40.44 10.67
C LEU D 46 -26.81 40.40 12.18
N GLY D 47 -26.68 41.56 12.81
CA GLY D 47 -26.41 41.63 14.24
C GLY D 47 -25.12 42.32 14.65
N SER D 48 -24.35 42.84 13.70
CA SER D 48 -23.17 43.64 14.02
C SER D 48 -23.60 44.97 14.63
N VAL D 49 -23.01 45.32 15.75
CA VAL D 49 -23.16 46.66 16.31
C VAL D 49 -21.89 47.46 16.11
N THR D 50 -22.07 48.74 15.82
CA THR D 50 -20.98 49.64 15.48
C THR D 50 -21.11 50.95 16.27
N PHE D 51 -20.03 51.37 16.89
CA PHE D 51 -20.01 52.54 17.77
C PHE D 51 -19.25 53.65 17.12
N ILE D 52 -19.88 54.83 17.05
CA ILE D 52 -19.31 55.98 16.35
C ILE D 52 -18.79 57.01 17.34
N ALA D 53 -17.53 57.39 17.16
CA ALA D 53 -16.94 58.53 17.85
C ALA D 53 -16.75 59.62 16.82
N LYS D 54 -17.54 60.70 16.95
CA LYS D 54 -17.61 61.77 15.94
C LYS D 54 -16.40 62.69 15.92
N GLY D 55 -16.15 63.23 14.74
CA GLY D 55 -15.10 64.20 14.47
C GLY D 55 -15.43 64.71 13.09
N ASN D 56 -14.43 64.82 12.23
CA ASN D 56 -14.69 65.31 10.87
C ASN D 56 -15.47 64.26 10.09
N ASP D 57 -16.51 64.67 9.38
CA ASP D 57 -17.31 63.74 8.55
C ASP D 57 -16.45 62.72 7.81
N ARG D 58 -15.33 63.18 7.24
CA ARG D 58 -14.42 62.36 6.47
C ARG D 58 -12.99 62.71 6.91
N PRO D 59 -12.05 61.75 6.95
CA PRO D 59 -12.26 60.35 6.56
C PRO D 59 -12.95 59.48 7.61
N ARG D 60 -13.64 58.44 7.14
CA ARG D 60 -14.26 57.46 8.05
C ARG D 60 -13.29 56.30 8.29
N ILE D 61 -12.91 56.11 9.55
CA ILE D 61 -12.06 55.01 9.97
C ILE D 61 -12.94 53.89 10.48
N LEU D 62 -12.81 52.72 9.91
CA LEU D 62 -13.51 51.55 10.41
C LEU D 62 -12.55 50.65 11.16
N MSE D 63 -12.82 50.43 12.43
CA MSE D 63 -12.12 49.39 13.21
C MSE D 63 -13.08 48.28 13.44
O MSE D 63 -14.20 48.50 13.86
CB MSE D 63 -11.69 49.88 14.57
CG MSE D 63 -10.60 50.93 14.51
SE MSE D 63 -9.81 51.03 16.32
CE MSE D 63 -11.24 52.05 17.22
N ALA D 64 -12.64 47.05 13.20
CA ALA D 64 -13.53 45.92 13.32
C ALA D 64 -12.87 44.79 14.08
N GLY D 65 -13.63 44.20 15.00
CA GLY D 65 -13.25 42.94 15.65
C GLY D 65 -14.48 42.06 15.81
N HIS D 66 -14.41 40.82 15.35
CA HIS D 66 -15.62 39.98 15.36
C HIS D 66 -15.87 39.37 16.73
N THR D 67 -17.14 39.41 17.16
CA THR D 67 -17.52 38.90 18.46
C THR D 67 -18.07 37.50 18.42
N ASP D 68 -18.28 36.94 17.23
CA ASP D 68 -18.63 35.53 17.16
C ASP D 68 -17.41 34.68 17.49
N GLU D 69 -17.67 33.54 18.09
CA GLU D 69 -16.64 32.56 18.43
C GLU D 69 -16.97 31.25 17.72
N VAL D 70 -15.96 30.43 17.51
CA VAL D 70 -16.22 29.11 16.98
C VAL D 70 -17.08 28.36 17.98
N GLY D 71 -17.98 27.54 17.47
CA GLY D 71 -18.95 26.83 18.28
C GLY D 71 -19.56 25.65 17.53
N PHE D 72 -20.74 25.25 17.95
CA PHE D 72 -21.43 24.13 17.33
C PHE D 72 -22.92 24.39 17.35
N ILE D 73 -23.67 23.51 16.70
CA ILE D 73 -25.11 23.62 16.61
C ILE D 73 -25.69 22.21 16.62
N VAL D 74 -26.82 22.04 17.31
CA VAL D 74 -27.42 20.73 17.46
C VAL D 74 -28.01 20.30 16.12
N SER D 75 -27.60 19.12 15.64
CA SER D 75 -28.08 18.60 14.38
C SER D 75 -29.12 17.47 14.54
N SER D 76 -29.21 16.85 15.73
CA SER D 76 -30.21 15.83 16.01
C SER D 76 -30.17 15.37 17.45
N ILE D 77 -31.24 14.74 17.90
CA ILE D 77 -31.24 13.99 19.15
C ILE D 77 -31.38 12.51 18.80
N SER D 78 -30.42 11.69 19.21
CA SER D 78 -30.49 10.25 18.98
C SER D 78 -31.48 9.60 19.94
N LYS D 79 -31.92 8.40 19.58
CA LYS D 79 -32.91 7.69 20.39
C LYS D 79 -32.42 7.42 21.83
N GLU D 80 -31.10 7.40 22.03
CA GLU D 80 -30.52 7.14 23.35
C GLU D 80 -30.28 8.39 24.19
N GLY D 81 -30.53 9.58 23.65
CA GLY D 81 -30.39 10.83 24.41
C GLY D 81 -29.09 11.58 24.22
N TYR D 82 -28.45 11.36 23.08
CA TYR D 82 -27.20 12.01 22.74
C TYR D 82 -27.50 12.98 21.63
N LEU D 83 -26.68 14.02 21.54
CA LEU D 83 -26.89 15.02 20.50
C LEU D 83 -25.83 14.85 19.46
N THR D 84 -26.19 14.95 18.19
CA THR D 84 -25.20 15.12 17.13
C THR D 84 -25.09 16.61 16.88
N PHE D 85 -23.99 17.05 16.28
CA PHE D 85 -23.80 18.48 16.08
C PHE D 85 -23.05 18.77 14.80
N ASN D 86 -23.26 19.96 14.25
CA ASN D 86 -22.40 20.49 13.22
C ASN D 86 -21.54 21.58 13.81
N THR D 87 -20.37 21.79 13.20
CA THR D 87 -19.46 22.80 13.66
C THR D 87 -19.86 24.15 13.09
N LEU D 88 -19.59 25.21 13.87
CA LEU D 88 -19.77 26.59 13.43
C LEU D 88 -18.41 27.21 13.44
N GLY D 89 -17.78 27.29 12.27
CA GLY D 89 -16.41 27.79 12.15
C GLY D 89 -15.47 26.62 12.09
N GLY D 90 -14.20 26.91 11.82
CA GLY D 90 -13.20 25.87 11.63
C GLY D 90 -12.67 25.34 12.94
N TRP D 91 -12.83 24.03 13.15
CA TRP D 91 -12.30 23.34 14.31
C TRP D 91 -11.35 22.25 13.85
N TRP D 92 -10.28 22.01 14.60
CA TRP D 92 -9.47 20.81 14.44
C TRP D 92 -10.10 19.68 15.27
N SER D 93 -10.41 18.56 14.65
CA SER D 93 -11.13 17.50 15.37
C SER D 93 -10.36 17.02 16.61
N GLN D 94 -9.04 17.05 16.53
CA GLN D 94 -8.22 16.49 17.60
C GLN D 94 -8.26 17.23 18.95
N VAL D 95 -8.80 18.45 18.96
CA VAL D 95 -9.01 19.20 20.19
C VAL D 95 -10.43 19.08 20.79
N LEU D 96 -11.28 18.25 20.20
CA LEU D 96 -12.68 18.20 20.60
C LEU D 96 -13.04 17.15 21.65
N LEU D 97 -12.61 15.92 21.45
CA LEU D 97 -12.97 14.83 22.35
C LEU D 97 -12.68 15.15 23.82
N GLY D 98 -13.67 14.86 24.66
CA GLY D 98 -13.53 14.97 26.11
C GLY D 98 -13.79 16.35 26.65
N GLN D 99 -14.23 17.25 25.78
CA GLN D 99 -14.35 18.66 26.13
C GLN D 99 -15.76 19.02 26.58
N ARG D 100 -15.86 19.96 27.50
CA ARG D 100 -17.14 20.41 28.02
C ARG D 100 -17.74 21.48 27.12
N VAL D 101 -19.03 21.35 26.85
CA VAL D 101 -19.74 22.34 26.07
C VAL D 101 -21.03 22.68 26.79
N VAL D 102 -21.67 23.75 26.34
CA VAL D 102 -22.95 24.15 26.87
C VAL D 102 -23.85 24.57 25.73
N VAL D 103 -25.07 24.06 25.79
CA VAL D 103 -26.07 24.26 24.76
C VAL D 103 -27.08 25.23 25.29
N ARG D 104 -27.47 26.21 24.48
CA ARG D 104 -28.52 27.13 24.91
C ARG D 104 -29.87 26.69 24.34
N THR D 105 -30.75 26.21 25.23
CA THR D 105 -32.09 25.82 24.87
C THR D 105 -33.08 26.91 25.27
N CYS D 106 -34.35 26.72 24.90
CA CYS D 106 -35.43 27.57 25.38
C CYS D 106 -35.58 27.51 26.93
N LYS D 107 -35.20 26.40 27.54
CA LYS D 107 -35.24 26.26 29.00
C LYS D 107 -33.97 26.72 29.71
N GLY D 108 -32.96 27.19 28.96
CA GLY D 108 -31.71 27.66 29.56
C GLY D 108 -30.49 26.83 29.16
N MSE D 109 -29.39 27.04 29.89
CA MSE D 109 -28.12 26.39 29.57
C MSE D 109 -28.13 24.95 29.97
O MSE D 109 -28.51 24.60 31.08
CB MSE D 109 -26.97 27.07 30.31
CG MSE D 109 -26.75 28.53 29.92
SE MSE D 109 -26.37 28.76 27.98
CE MSE D 109 -26.49 30.73 27.91
N VAL D 110 -27.71 24.10 29.06
CA VAL D 110 -27.60 22.66 29.32
C VAL D 110 -26.17 22.21 29.07
N HIS D 111 -25.55 21.62 30.07
CA HIS D 111 -24.16 21.21 29.97
C HIS D 111 -24.02 19.83 29.37
N GLY D 112 -22.89 19.60 28.71
CA GLY D 112 -22.59 18.33 28.10
C GLY D 112 -21.11 18.14 27.83
N ILE D 113 -20.80 16.96 27.28
CA ILE D 113 -19.44 16.58 27.01
C ILE D 113 -19.35 16.02 25.60
N ILE D 114 -18.34 16.44 24.85
CA ILE D 114 -18.12 15.87 23.52
C ILE D 114 -17.56 14.46 23.69
N ALA D 115 -18.19 13.50 23.03
CA ALA D 115 -17.83 12.10 23.20
C ALA D 115 -17.85 11.33 21.89
N SER D 116 -17.25 10.15 21.92
CA SER D 116 -17.32 9.21 20.82
C SER D 116 -17.51 7.80 21.34
N LYS D 117 -17.61 6.84 20.43
CA LYS D 117 -17.51 5.44 20.81
C LYS D 117 -16.13 5.22 21.43
N PRO D 118 -16.06 4.51 22.58
CA PRO D 118 -14.79 4.21 23.23
C PRO D 118 -14.01 3.24 22.40
N PRO D 119 -12.67 3.38 22.35
CA PRO D 119 -11.86 2.55 21.44
C PRO D 119 -11.85 1.03 21.70
N HIS D 120 -12.07 0.61 22.95
CA HIS D 120 -12.05 -0.83 23.27
C HIS D 120 -13.25 -1.63 22.70
N ILE D 121 -14.31 -0.94 22.26
CA ILE D 121 -15.41 -1.61 21.51
C ILE D 121 -15.30 -1.44 20.00
N LEU D 122 -14.11 -1.09 19.53
CA LEU D 122 -13.84 -0.98 18.10
C LEU D 122 -12.84 -2.05 17.70
N PRO D 123 -12.79 -2.39 16.40
CA PRO D 123 -11.76 -3.32 15.94
C PRO D 123 -10.35 -2.75 16.14
N PRO D 124 -9.33 -3.60 16.35
CA PRO D 124 -7.96 -3.09 16.59
C PRO D 124 -7.43 -2.09 15.54
N ASP D 125 -7.76 -2.29 14.27
CA ASP D 125 -7.27 -1.39 13.18
C ASP D 125 -7.99 -0.03 13.13
N GLU D 126 -9.14 0.08 13.79
CA GLU D 126 -9.93 1.33 13.84
C GLU D 126 -9.59 2.23 15.06
N ARG D 127 -8.85 1.70 16.04
CA ARG D 127 -8.44 2.46 17.23
C ARG D 127 -7.33 3.46 16.93
N LYS D 128 -6.43 3.10 16.03
CA LYS D 128 -5.35 3.99 15.58
C LYS D 128 -5.88 5.10 14.64
N LYS D 129 -7.13 4.99 14.19
CA LYS D 129 -7.74 6.02 13.31
C LYS D 129 -8.20 7.23 14.10
N ILE D 130 -7.97 8.43 13.55
CA ILE D 130 -8.47 9.67 14.21
C ILE D 130 -9.98 9.61 14.18
N VAL D 131 -10.60 10.05 15.26
CA VAL D 131 -12.06 10.15 15.29
C VAL D 131 -12.47 11.46 14.62
N GLU D 132 -13.26 11.34 13.56
CA GLU D 132 -13.74 12.52 12.83
C GLU D 132 -14.89 13.13 13.60
N ALA D 133 -15.08 14.43 13.44
CA ALA D 133 -16.15 15.15 14.13
C ALA D 133 -17.55 14.65 13.75
N ARG D 134 -17.72 14.21 12.50
CA ARG D 134 -18.97 13.61 12.06
C ARG D 134 -19.40 12.42 12.91
N ASP D 135 -18.45 11.70 13.50
CA ASP D 135 -18.74 10.54 14.36
C ASP D 135 -18.74 10.84 15.85
N MSE D 136 -18.74 12.12 16.22
CA MSE D 136 -18.78 12.49 17.63
C MSE D 136 -20.19 12.89 17.98
O MSE D 136 -21.03 13.05 17.12
CB MSE D 136 -17.87 13.68 17.88
CG MSE D 136 -16.41 13.31 17.71
SE MSE D 136 -15.27 14.87 18.08
CE MSE D 136 -13.62 14.15 17.30
N PHE D 137 -20.45 13.01 19.27
CA PHE D 137 -21.72 13.57 19.74
C PHE D 137 -21.54 14.16 21.11
N ILE D 138 -22.60 14.76 21.62
CA ILE D 138 -22.57 15.42 22.88
C ILE D 138 -23.44 14.65 23.85
N ASP D 139 -22.85 14.36 24.99
CA ASP D 139 -23.49 13.63 26.05
C ASP D 139 -23.92 14.63 27.08
N ILE D 140 -25.21 14.70 27.35
CA ILE D 140 -25.75 15.65 28.32
C ILE D 140 -26.28 14.95 29.57
N GLY D 141 -25.89 13.69 29.75
CA GLY D 141 -26.29 12.90 30.92
C GLY D 141 -27.67 12.31 30.81
N ALA D 142 -28.21 12.29 29.59
CA ALA D 142 -29.55 11.78 29.37
C ALA D 142 -29.47 10.28 29.12
N THR D 143 -30.56 9.58 29.41
CA THR D 143 -30.64 8.13 29.24
C THR D 143 -31.69 7.71 28.20
N SER D 144 -32.31 8.67 27.53
CA SER D 144 -33.32 8.37 26.49
C SER D 144 -33.63 9.65 25.71
N GLU D 145 -34.18 9.48 24.51
CA GLU D 145 -34.62 10.62 23.70
C GLU D 145 -35.57 11.56 24.44
N GLU D 146 -36.40 11.01 25.34
CA GLU D 146 -37.39 11.79 26.10
C GLU D 146 -36.69 12.62 27.18
N GLU D 147 -35.79 11.99 27.90
CA GLU D 147 -35.07 12.66 28.98
C GLU D 147 -34.24 13.84 28.41
N ALA D 148 -33.79 13.69 27.18
CA ALA D 148 -33.05 14.73 26.47
C ALA D 148 -33.96 15.86 26.09
N GLU D 149 -35.14 15.53 25.56
CA GLU D 149 -36.14 16.53 25.19
C GLU D 149 -36.59 17.36 26.41
N GLU D 150 -36.73 16.72 27.58
CA GLU D 150 -37.08 17.43 28.81
C GLU D 150 -36.15 18.58 29.17
N SER D 151 -34.90 18.48 28.79
CA SER D 151 -33.92 19.55 29.00
C SER D 151 -34.15 20.77 28.10
N GLY D 152 -34.91 20.60 27.01
CA GLY D 152 -35.32 21.71 26.14
C GLY D 152 -34.65 21.73 24.78
N VAL D 153 -33.81 20.74 24.53
CA VAL D 153 -32.98 20.71 23.34
C VAL D 153 -33.79 20.53 22.07
N LYS D 154 -33.47 21.33 21.06
CA LYS D 154 -34.10 21.24 19.76
C LYS D 154 -33.04 21.32 18.69
N VAL D 155 -33.30 20.68 17.55
CA VAL D 155 -32.42 20.82 16.40
C VAL D 155 -32.32 22.31 16.07
N GLY D 156 -31.10 22.75 15.75
CA GLY D 156 -30.83 24.16 15.51
C GLY D 156 -30.37 24.97 16.71
N ASP D 157 -30.32 24.36 17.90
CA ASP D 157 -29.88 25.07 19.11
C ASP D 157 -28.36 25.25 19.10
N PRO D 158 -27.90 26.45 19.49
CA PRO D 158 -26.49 26.78 19.47
C PRO D 158 -25.70 26.21 20.64
N ILE D 159 -24.41 25.98 20.41
CA ILE D 159 -23.52 25.36 21.40
C ILE D 159 -22.18 26.10 21.45
N VAL D 160 -21.67 26.34 22.65
CA VAL D 160 -20.34 26.91 22.80
C VAL D 160 -19.49 26.06 23.71
N PRO D 161 -18.16 26.23 23.61
CA PRO D 161 -17.25 25.66 24.58
C PRO D 161 -17.49 26.20 25.96
N TRP D 162 -17.25 25.39 26.97
CA TRP D 162 -17.31 25.84 28.35
C TRP D 162 -15.88 26.08 28.82
N SER D 163 -15.57 27.33 29.18
CA SER D 163 -14.20 27.72 29.44
C SER D 163 -14.10 29.01 30.25
N PRO D 164 -13.85 28.89 31.55
CA PRO D 164 -13.79 30.07 32.41
C PRO D 164 -12.59 30.94 32.13
N PHE D 165 -12.75 32.22 32.42
CA PHE D 165 -11.70 33.17 32.21
C PHE D 165 -10.91 33.35 33.50
N SER D 166 -9.59 33.35 33.37
CA SER D 166 -8.73 33.72 34.46
C SER D 166 -7.46 34.34 33.93
N VAL D 167 -6.64 34.85 34.85
CA VAL D 167 -5.32 35.38 34.52
C VAL D 167 -4.27 34.57 35.25
N ILE D 168 -3.18 34.26 34.56
CA ILE D 168 -2.10 33.47 35.12
C ILE D 168 -0.78 34.17 34.93
N GLN D 169 0.31 33.52 35.34
CA GLN D 169 1.65 34.10 35.25
C GLN D 169 1.74 35.47 35.93
N ASN D 170 1.35 35.51 37.20
CA ASN D 170 1.44 36.73 38.00
C ASN D 170 0.79 37.91 37.30
N GLY D 171 -0.44 37.71 36.82
CA GLY D 171 -1.20 38.79 36.22
C GLY D 171 -0.84 39.17 34.80
N ARG D 172 0.05 38.43 34.15
CA ARG D 172 0.59 38.82 32.82
C ARG D 172 -0.18 38.23 31.64
N VAL D 173 -0.80 37.07 31.83
CA VAL D 173 -1.33 36.27 30.73
C VAL D 173 -2.77 35.87 30.98
N ALA D 174 -3.63 36.15 30.02
CA ALA D 174 -5.07 35.84 30.12
C ALA D 174 -5.36 34.45 29.54
N MSE D 175 -6.26 33.73 30.20
CA MSE D 175 -6.58 32.37 29.81
C MSE D 175 -8.07 32.23 29.71
O MSE D 175 -8.79 32.55 30.65
CB MSE D 175 -6.08 31.40 30.87
CG MSE D 175 -6.28 29.93 30.51
SE MSE D 175 -5.42 28.83 31.92
CE MSE D 175 -5.82 26.98 31.38
N GLY D 176 -8.53 31.71 28.58
CA GLY D 176 -9.95 31.49 28.36
C GLY D 176 -10.27 31.24 26.90
N LYS D 177 -11.55 31.29 26.57
CA LYS D 177 -11.98 31.08 25.21
C LYS D 177 -12.31 32.38 24.51
N ALA D 178 -12.58 32.28 23.22
CA ALA D 178 -13.14 33.35 22.43
C ALA D 178 -12.27 34.59 22.28
N PHE D 179 -10.98 34.49 22.61
CA PHE D 179 -10.08 35.60 22.35
C PHE D 179 -10.21 36.03 20.90
N ASP D 180 -10.34 35.04 20.00
CA ASP D 180 -10.63 35.29 18.60
C ASP D 180 -12.13 35.44 18.46
N ASP D 181 -12.66 36.66 18.31
CA ASP D 181 -11.89 37.90 18.23
C ASP D 181 -12.47 38.97 19.18
N ARG D 182 -12.88 38.53 20.37
CA ARG D 182 -13.40 39.44 21.35
C ARG D 182 -12.30 40.30 21.94
N ILE D 183 -11.06 39.83 21.90
CA ILE D 183 -9.94 40.64 22.31
C ILE D 183 -9.78 41.81 21.34
N GLY D 184 -10.04 41.57 20.06
CA GLY D 184 -10.03 42.65 19.08
C GLY D 184 -11.13 43.67 19.34
N ALA D 185 -12.31 43.16 19.67
CA ALA D 185 -13.44 44.01 20.04
C ALA D 185 -13.09 44.78 21.31
N PHE D 186 -12.42 44.11 22.24
CA PHE D 186 -12.00 44.72 23.48
C PHE D 186 -11.08 45.90 23.21
N VAL D 187 -10.13 45.73 22.30
CA VAL D 187 -9.19 46.77 21.96
C VAL D 187 -9.88 47.99 21.37
N LEU D 188 -10.75 47.80 20.40
CA LEU D 188 -11.38 48.94 19.75
C LEU D 188 -12.32 49.68 20.70
N MSE D 189 -13.01 48.95 21.55
CA MSE D 189 -13.84 49.56 22.58
C MSE D 189 -13.04 50.35 23.55
O MSE D 189 -13.43 51.44 23.95
CB MSE D 189 -14.63 48.49 23.32
CG MSE D 189 -15.80 48.05 22.47
SE MSE D 189 -16.96 46.86 23.51
CE MSE D 189 -15.87 45.24 23.56
N GLU D 190 -11.91 49.81 23.99
CA GLU D 190 -11.06 50.51 24.95
C GLU D 190 -10.40 51.73 24.32
N ALA D 191 -10.10 51.64 23.04
CA ALA D 191 -9.53 52.78 22.34
C ALA D 191 -10.51 53.92 22.31
N ILE D 192 -11.73 53.64 21.89
CA ILE D 192 -12.76 54.67 21.86
C ILE D 192 -13.04 55.23 23.25
N ARG D 193 -13.13 54.36 24.25
CA ARG D 193 -13.37 54.81 25.61
C ARG D 193 -12.29 55.80 26.04
N ARG D 194 -11.04 55.41 25.86
CA ARG D 194 -9.91 56.22 26.31
C ARG D 194 -9.83 57.56 25.59
N MSE D 195 -10.20 57.59 24.33
CA MSE D 195 -10.15 58.82 23.55
C MSE D 195 -11.14 59.81 24.08
O MSE D 195 -10.84 61.00 24.15
CB MSE D 195 -10.38 58.49 22.08
CG MSE D 195 -9.11 57.83 21.56
SE MSE D 195 -9.11 57.69 19.60
CE MSE D 195 -7.76 59.09 19.22
N LYS D 196 -12.31 59.34 24.46
CA LYS D 196 -13.28 60.22 25.08
C LYS D 196 -12.82 60.62 26.48
N ASP D 197 -12.47 59.66 27.33
CA ASP D 197 -12.06 59.95 28.70
C ASP D 197 -10.93 60.95 28.82
N GLN D 198 -9.96 60.89 27.93
CA GLN D 198 -8.80 61.79 27.97
C GLN D 198 -8.89 62.92 26.94
N GLY D 199 -10.07 63.12 26.37
CA GLY D 199 -10.32 64.15 25.38
C GLY D 199 -9.33 64.20 24.22
N ILE D 200 -8.92 63.04 23.73
CA ILE D 200 -7.95 62.97 22.64
C ILE D 200 -8.64 63.30 21.34
N GLU D 201 -8.13 64.30 20.64
CA GLU D 201 -8.76 64.75 19.41
C GLU D 201 -8.28 63.91 18.25
N HIS D 202 -9.16 63.71 17.27
CA HIS D 202 -8.84 62.94 16.09
C HIS D 202 -9.52 63.53 14.84
N PRO D 203 -8.74 63.80 13.78
CA PRO D 203 -9.22 64.51 12.59
C PRO D 203 -10.05 63.63 11.68
N ASN D 204 -11.07 62.99 12.23
CA ASN D 204 -11.81 61.95 11.53
C ASN D 204 -12.96 61.43 12.37
N THR D 205 -13.81 60.62 11.74
CA THR D 205 -14.88 59.94 12.43
C THR D 205 -14.52 58.46 12.51
N VAL D 206 -14.65 57.90 13.71
CA VAL D 206 -14.24 56.54 13.97
C VAL D 206 -15.45 55.64 14.15
N TYR D 207 -15.50 54.56 13.36
CA TYR D 207 -16.55 53.57 13.46
C TYR D 207 -15.94 52.30 14.06
N GLY D 208 -16.25 52.04 15.34
CA GLY D 208 -15.73 50.86 16.02
C GLY D 208 -16.76 49.77 15.99
N SER D 209 -16.47 48.72 15.25
CA SER D 209 -17.48 47.75 14.93
C SER D 209 -17.24 46.37 15.51
N ALA D 210 -18.25 45.83 16.19
CA ALA D 210 -18.23 44.47 16.68
C ALA D 210 -19.00 43.56 15.72
N THR D 211 -18.28 43.06 14.72
CA THR D 211 -18.91 42.32 13.62
C THR D 211 -19.34 40.93 14.02
N VAL D 212 -20.28 40.38 13.25
CA VAL D 212 -20.80 39.02 13.48
C VAL D 212 -20.42 38.11 12.32
N GLN D 213 -20.50 36.83 12.59
CA GLN D 213 -20.32 35.79 11.57
C GLN D 213 -19.02 35.86 10.75
N GLU D 214 -17.90 36.25 11.37
CA GLU D 214 -16.60 36.14 10.71
C GLU D 214 -16.19 34.70 10.50
N GLU D 215 -16.39 33.85 11.52
CA GLU D 215 -15.83 32.51 11.51
C GLU D 215 -16.50 31.59 10.49
N VAL D 216 -17.63 32.01 9.92
CA VAL D 216 -18.32 31.22 8.89
C VAL D 216 -18.31 31.84 7.48
N GLY D 217 -17.51 32.88 7.24
CA GLY D 217 -17.39 33.47 5.90
C GLY D 217 -17.38 34.99 5.79
N LEU D 218 -16.90 35.68 6.83
CA LEU D 218 -16.73 37.14 6.81
C LEU D 218 -18.04 37.89 6.48
N ARG D 219 -19.14 37.36 7.01
CA ARG D 219 -20.44 37.80 6.59
C ARG D 219 -20.83 39.16 7.15
N GLY D 220 -20.65 39.36 8.45
CA GLY D 220 -20.95 40.65 9.07
C GLY D 220 -20.08 41.80 8.61
N ALA D 221 -18.84 41.49 8.27
CA ALA D 221 -17.93 42.49 7.72
C ALA D 221 -18.45 43.10 6.41
N GLN D 222 -18.96 42.25 5.52
CA GLN D 222 -19.46 42.71 4.23
C GLN D 222 -20.61 43.71 4.39
N THR D 223 -21.57 43.35 5.23
CA THR D 223 -22.75 44.17 5.48
C THR D 223 -22.46 45.41 6.33
N THR D 224 -21.52 45.32 7.27
CA THR D 224 -21.11 46.48 8.05
C THR D 224 -20.33 47.48 7.20
N ALA D 225 -19.49 46.97 6.32
CA ALA D 225 -18.76 47.82 5.38
C ALA D 225 -19.73 48.61 4.50
N HIS D 226 -20.80 47.95 4.06
CA HIS D 226 -21.84 48.61 3.28
C HIS D 226 -22.46 49.77 4.05
N VAL D 227 -22.80 49.53 5.31
CA VAL D 227 -23.42 50.56 6.15
C VAL D 227 -22.52 51.76 6.34
N VAL D 228 -21.23 51.52 6.56
CA VAL D 228 -20.29 52.57 7.00
C VAL D 228 -19.68 53.40 5.86
N ASP D 229 -19.40 52.77 4.72
CA ASP D 229 -18.68 53.43 3.61
C ASP D 229 -17.34 54.00 4.11
N PRO D 230 -16.45 53.13 4.58
CA PRO D 230 -15.20 53.59 5.16
C PRO D 230 -14.15 54.03 4.15
N ASP D 231 -13.29 54.98 4.56
CA ASP D 231 -12.20 55.47 3.74
C ASP D 231 -10.87 54.76 4.06
N VAL D 232 -10.78 54.22 5.26
CA VAL D 232 -9.63 53.40 5.67
C VAL D 232 -10.09 52.45 6.78
N ALA D 233 -9.50 51.25 6.85
CA ALA D 233 -9.93 50.25 7.81
C ALA D 233 -8.78 49.63 8.60
N LEU D 234 -8.98 49.51 9.91
CA LEU D 234 -8.05 48.81 10.78
C LEU D 234 -8.77 47.62 11.35
N VAL D 235 -8.44 46.44 10.88
CA VAL D 235 -9.06 45.24 11.39
C VAL D 235 -8.20 44.67 12.50
N LEU D 236 -8.85 44.37 13.62
CA LEU D 236 -8.15 43.84 14.79
C LEU D 236 -8.50 42.35 14.88
N GLU D 237 -7.49 41.50 14.94
CA GLU D 237 -7.67 40.06 14.96
C GLU D 237 -6.64 39.46 15.90
N VAL D 238 -6.67 38.15 16.01
CA VAL D 238 -5.63 37.43 16.70
C VAL D 238 -4.66 36.90 15.65
N ASP D 239 -3.46 36.58 16.09
CA ASP D 239 -2.48 35.94 15.25
C ASP D 239 -2.15 34.61 15.90
N ILE D 240 -1.93 33.59 15.09
CA ILE D 240 -1.51 32.31 15.64
C ILE D 240 -0.08 32.49 16.11
N ALA D 241 0.16 32.26 17.40
CA ALA D 241 1.45 32.51 17.97
C ALA D 241 2.29 31.26 17.92
N GLY D 242 3.44 31.38 17.24
CA GLY D 242 4.39 30.27 17.09
C GLY D 242 5.44 30.22 18.20
N ASP D 243 4.98 29.92 19.42
CA ASP D 243 5.88 29.83 20.58
C ASP D 243 6.18 28.36 20.90
N VAL D 244 5.53 27.47 20.15
CA VAL D 244 5.50 26.05 20.40
C VAL D 244 6.74 25.37 19.75
N PRO D 245 7.42 24.45 20.49
CA PRO D 245 8.71 23.92 19.99
C PRO D 245 8.66 23.17 18.66
N GLY D 246 9.64 23.45 17.79
CA GLY D 246 9.66 23.02 16.40
C GLY D 246 9.57 24.20 15.44
N LYS D 248 7.91 25.64 10.69
CA LYS D 248 8.95 26.15 11.58
C LYS D 248 8.58 27.63 11.97
N PRO D 249 9.58 28.41 12.45
CA PRO D 249 9.46 29.84 12.79
C PRO D 249 8.77 30.61 11.66
N HIS D 250 9.11 30.30 10.41
CA HIS D 250 8.63 31.08 9.28
C HIS D 250 7.12 31.00 9.01
N GLU D 251 6.49 29.90 9.41
CA GLU D 251 5.04 29.72 9.22
C GLU D 251 4.20 30.49 10.26
N ALA D 252 4.78 30.74 11.44
CA ALA D 252 4.14 31.54 12.50
C ALA D 252 5.19 32.46 13.13
N LEU D 253 5.32 33.63 12.56
CA LEU D 253 6.34 34.57 12.97
C LEU D 253 6.14 35.15 14.38
N THR D 254 4.89 35.30 14.84
CA THR D 254 4.62 36.08 16.04
C THR D 254 4.84 35.29 17.32
N LYS D 255 5.27 36.01 18.36
CA LYS D 255 5.48 35.46 19.67
C LYS D 255 4.67 36.22 20.71
N MSE D 256 4.08 35.50 21.65
CA MSE D 256 3.27 36.11 22.69
C MSE D 256 4.20 36.89 23.56
O MSE D 256 5.22 36.37 24.03
CB MSE D 256 2.53 35.05 23.47
CG MSE D 256 1.59 35.65 24.50
SE MSE D 256 0.84 34.22 25.63
CE MSE D 256 2.37 33.76 26.77
N GLY D 257 3.87 38.16 23.78
CA GLY D 257 4.66 39.03 24.65
C GLY D 257 5.65 39.95 23.96
N LYS D 258 5.83 39.76 22.66
CA LYS D 258 6.76 40.57 21.87
C LYS D 258 6.06 41.66 21.06
N GLY D 259 4.79 41.91 21.39
CA GLY D 259 4.08 43.07 20.84
C GLY D 259 3.01 42.70 19.84
N PRO D 260 2.11 43.65 19.52
CA PRO D 260 1.11 43.36 18.50
C PRO D 260 1.75 43.06 17.16
N GLY D 261 0.98 42.40 16.31
CA GLY D 261 1.46 42.04 14.99
C GLY D 261 0.85 42.94 13.93
N LEU D 262 1.52 42.99 12.79
CA LEU D 262 0.99 43.65 11.61
C LEU D 262 1.06 42.66 10.47
N VAL D 263 -0.08 42.41 9.84
CA VAL D 263 -0.16 41.38 8.82
C VAL D 263 0.24 41.98 7.48
N THR D 264 1.30 41.43 6.90
CA THR D 264 1.85 41.89 5.65
C THR D 264 1.28 41.13 4.44
N TYR D 265 0.63 40.01 4.70
CA TYR D 265 -0.04 39.25 3.66
C TYR D 265 -0.93 38.18 4.28
N ASP D 266 -2.12 38.00 3.74
CA ASP D 266 -2.94 36.85 4.09
C ASP D 266 -3.76 36.43 2.88
N ARG D 267 -4.36 35.24 2.99
CA ARG D 267 -5.12 34.65 1.90
C ARG D 267 -6.29 35.53 1.42
N SER D 268 -6.87 36.32 2.33
CA SER D 268 -8.00 37.19 2.02
C SER D 268 -7.64 38.62 1.55
N MSE D 269 -6.40 39.07 1.78
CA MSE D 269 -5.99 40.41 1.40
C MSE D 269 -4.50 40.64 1.42
O MSE D 269 -3.79 40.19 2.32
CB MSE D 269 -6.61 41.39 2.38
CG MSE D 269 -6.17 42.83 2.09
SE MSE D 269 -6.89 44.12 3.37
CE MSE D 269 -5.65 43.79 4.87
N ILE D 270 -4.01 41.38 0.42
CA ILE D 270 -2.70 42.00 0.46
C ILE D 270 -2.89 43.46 0.87
N PRO D 271 -2.34 43.84 2.02
CA PRO D 271 -2.64 45.20 2.50
C PRO D 271 -2.17 46.32 1.57
N ASN D 272 -2.84 47.47 1.64
CA ASN D 272 -2.38 48.69 1.02
C ASN D 272 -0.98 49.00 1.53
N GLN D 273 -0.04 49.23 0.63
CA GLN D 273 1.35 49.34 1.02
C GLN D 273 1.71 50.65 1.73
N PRO D 274 1.27 51.80 1.20
CA PRO D 274 1.41 53.05 1.96
C PRO D 274 0.88 52.99 3.39
N LEU D 275 -0.29 52.38 3.58
CA LEU D 275 -0.88 52.25 4.90
C LEU D 275 -0.04 51.34 5.78
N LYS D 276 0.49 50.26 5.21
CA LYS D 276 1.36 49.37 5.95
C LYS D 276 2.58 50.13 6.47
N GLU D 277 3.21 50.90 5.59
CA GLU D 277 4.40 51.67 5.96
C GLU D 277 4.06 52.69 7.04
N PHE D 278 2.88 53.29 6.92
CA PHE D 278 2.38 54.26 7.89
C PHE D 278 2.31 53.66 9.30
N VAL D 279 1.72 52.47 9.41
CA VAL D 279 1.59 51.83 10.70
C VAL D 279 2.96 51.48 11.29
N ILE D 280 3.84 50.95 10.46
CA ILE D 280 5.17 50.59 10.91
C ILE D 280 5.86 51.82 11.51
N ASN D 281 5.70 52.97 10.86
CA ASN D 281 6.38 54.19 11.28
C ASN D 281 5.77 54.77 12.52
N VAL D 282 4.44 54.79 12.56
CA VAL D 282 3.76 55.30 13.73
C VAL D 282 4.18 54.50 14.97
N ALA D 283 4.29 53.20 14.80
CA ALA D 283 4.70 52.32 15.90
C ALA D 283 6.12 52.57 16.34
N LYS D 284 7.02 52.74 15.37
CA LYS D 284 8.43 53.00 15.65
C LYS D 284 8.60 54.31 16.39
N GLN D 285 7.92 55.33 15.92
CA GLN D 285 7.94 56.65 16.50
C GLN D 285 7.39 56.66 17.91
N ALA D 286 6.32 55.92 18.14
CA ALA D 286 5.70 55.80 19.46
C ALA D 286 6.39 54.75 20.34
N GLN D 287 7.44 54.12 19.83
CA GLN D 287 8.18 53.07 20.53
C GLN D 287 7.34 51.87 20.97
N ILE D 288 6.37 51.51 20.14
CA ILE D 288 5.52 50.36 20.42
C ILE D 288 6.06 49.19 19.64
N PRO D 289 6.44 48.11 20.33
CA PRO D 289 6.97 46.97 19.61
C PRO D 289 5.92 46.42 18.65
N LEU D 290 6.36 46.02 17.46
CA LEU D 290 5.45 45.58 16.41
C LEU D 290 6.06 44.42 15.63
N GLN D 291 5.36 43.29 15.56
CA GLN D 291 5.89 42.11 14.88
C GLN D 291 5.32 41.95 13.48
N LEU D 292 6.18 41.93 12.47
CA LEU D 292 5.70 41.67 11.12
C LEU D 292 5.24 40.23 11.02
N SER D 293 4.04 40.04 10.49
CA SER D 293 3.38 38.73 10.45
C SER D 293 2.83 38.42 9.06
N GLN D 294 2.58 37.14 8.81
CA GLN D 294 2.01 36.70 7.55
C GLN D 294 1.16 35.46 7.79
N MSE D 295 -0.10 35.46 7.38
CA MSE D 295 -0.98 34.29 7.56
C MSE D 295 -1.28 33.68 6.22
O MSE D 295 -2.30 33.94 5.60
CB MSE D 295 -2.28 34.67 8.30
CG MSE D 295 -2.05 35.64 9.47
SE MSE D 295 -3.72 36.35 10.24
CE MSE D 295 -5.03 36.20 8.76
N SER D 296 -0.35 32.84 5.78
CA SER D 296 -0.46 32.06 4.53
C SER D 296 -1.83 31.40 4.23
N GLY D 297 -2.50 30.88 5.27
CA GLY D 297 -3.75 30.15 5.07
C GLY D 297 -4.87 30.54 6.02
N GLY D 298 -5.18 31.82 6.10
CA GLY D 298 -6.30 32.29 6.90
C GLY D 298 -6.75 33.63 6.37
N GLY D 299 -7.95 34.04 6.74
CA GLY D 299 -8.49 35.34 6.34
C GLY D 299 -9.07 36.13 7.50
N THR D 300 -9.54 37.34 7.18
CA THR D 300 -10.02 38.29 8.19
C THR D 300 -11.21 39.08 7.66
N ASP D 301 -11.90 39.78 8.55
CA ASP D 301 -12.95 40.73 8.14
C ASP D 301 -12.44 41.65 7.01
N ALA D 302 -11.14 41.96 7.01
CA ALA D 302 -10.56 42.83 6.01
C ALA D 302 -10.74 42.32 4.59
N GLY D 303 -10.81 41.01 4.43
CA GLY D 303 -11.03 40.37 3.15
C GLY D 303 -12.25 40.91 2.45
N ARG D 304 -13.27 41.30 3.22
CA ARG D 304 -14.50 41.89 2.67
C ARG D 304 -14.51 43.41 2.69
N ILE D 305 -14.02 43.98 3.79
CA ILE D 305 -14.01 45.42 3.98
C ILE D 305 -13.25 46.15 2.89
N HIS D 306 -12.07 45.63 2.53
CA HIS D 306 -11.20 46.32 1.56
C HIS D 306 -11.74 46.26 0.14
N MSE D 307 -12.80 45.48 -0.06
CA MSE D 307 -13.43 45.32 -1.36
C MSE D 307 -14.73 46.04 -1.46
O MSE D 307 -15.44 45.92 -2.46
CB MSE D 307 -13.75 43.87 -1.54
CG MSE D 307 -12.56 42.99 -1.20
SE MSE D 307 -11.90 42.20 -2.82
CE MSE D 307 -12.76 40.42 -2.67
N ASN D 308 -15.06 46.81 -0.42
CA ASN D 308 -16.31 47.57 -0.40
C ASN D 308 -16.31 48.70 -1.43
N ARG D 309 -17.37 48.76 -2.22
CA ARG D 309 -17.54 49.77 -3.25
C ARG D 309 -16.34 49.83 -4.22
N ALA D 310 -15.57 50.92 -4.18
CA ALA D 310 -14.41 51.12 -5.06
C ALA D 310 -13.10 50.66 -4.42
N GLY D 311 -13.20 50.12 -3.21
CA GLY D 311 -12.04 49.65 -2.47
C GLY D 311 -11.84 50.51 -1.26
N CYS D 312 -11.11 49.96 -0.30
CA CYS D 312 -10.84 50.66 0.95
C CYS D 312 -9.49 50.19 1.47
N PRO D 313 -8.52 51.11 1.60
CA PRO D 313 -7.22 50.69 2.12
C PRO D 313 -7.36 50.15 3.55
N SER D 314 -6.80 48.99 3.80
CA SER D 314 -6.97 48.32 5.07
C SER D 314 -5.70 47.61 5.49
N VAL D 315 -5.58 47.38 6.81
CA VAL D 315 -4.48 46.58 7.38
C VAL D 315 -5.03 45.80 8.53
N VAL D 316 -4.44 44.64 8.77
CA VAL D 316 -4.79 43.87 9.93
C VAL D 316 -3.74 44.00 11.01
N ILE D 317 -4.20 44.33 12.21
CA ILE D 317 -3.35 44.43 13.39
C ILE D 317 -3.77 43.37 14.37
N THR D 318 -2.81 42.64 14.94
CA THR D 318 -3.12 41.41 15.65
C THR D 318 -2.54 41.33 17.04
N ILE D 319 -3.23 40.63 17.92
CA ILE D 319 -2.66 40.19 19.19
C ILE D 319 -2.28 38.70 19.11
N PRO D 320 -0.99 38.40 19.27
CA PRO D 320 -0.59 37.00 19.24
C PRO D 320 -1.26 36.24 20.36
N THR D 321 -1.87 35.12 19.99
CA THR D 321 -2.69 34.30 20.86
C THR D 321 -2.31 32.85 20.63
N ARG D 322 -2.17 32.10 21.70
CA ARG D 322 -1.86 30.68 21.61
C ARG D 322 -3.15 29.86 21.68
N HIS D 323 -3.26 28.85 20.84
CA HIS D 323 -4.37 27.90 20.86
C HIS D 323 -5.74 28.52 20.56
N ILE D 324 -5.82 29.27 19.46
CA ILE D 324 -7.12 29.78 19.02
C ILE D 324 -7.96 28.65 18.44
N HIS D 325 -9.24 28.93 18.18
CA HIS D 325 -10.18 27.93 17.66
C HIS D 325 -10.11 26.66 18.49
N SER D 326 -10.04 26.83 19.81
CA SER D 326 -10.05 25.71 20.73
C SER D 326 -10.70 26.16 22.05
N HIS D 327 -10.90 25.24 22.98
CA HIS D 327 -11.59 25.60 24.23
C HIS D 327 -10.87 26.65 25.05
N VAL D 328 -9.55 26.63 25.04
CA VAL D 328 -8.81 27.53 25.89
C VAL D 328 -7.53 28.01 25.21
N GLY D 329 -7.31 29.31 25.25
CA GLY D 329 -6.17 29.92 24.62
C GLY D 329 -5.49 30.86 25.60
N LEU D 330 -4.35 31.40 25.22
CA LEU D 330 -3.61 32.32 26.07
C LEU D 330 -3.18 33.54 25.27
N LEU D 331 -3.24 34.73 25.88
CA LEU D 331 -2.63 35.91 25.28
C LEU D 331 -2.06 36.82 26.33
N SER D 332 -1.20 37.73 25.87
CA SER D 332 -0.49 38.66 26.76
C SER D 332 -1.27 39.96 26.96
N LEU D 333 -1.49 40.33 28.22
CA LEU D 333 -2.16 41.60 28.53
C LEU D 333 -1.33 42.81 28.13
N LYS D 334 0.00 42.65 28.16
CA LYS D 334 0.90 43.68 27.70
C LYS D 334 0.77 43.92 26.20
N ASP D 335 0.74 42.86 25.40
CA ASP D 335 0.52 42.98 23.95
C ASP D 335 -0.79 43.72 23.68
N THR D 336 -1.83 43.36 24.42
CA THR D 336 -3.16 43.96 24.28
C THR D 336 -3.11 45.45 24.56
N GLU D 337 -2.46 45.81 25.66
CA GLU D 337 -2.30 47.21 26.01
C GLU D 337 -1.60 47.99 24.90
N ASN D 338 -0.52 47.41 24.36
CA ASN D 338 0.20 48.03 23.26
C ASN D 338 -0.60 48.14 21.97
N ALA D 339 -1.48 47.18 21.72
CA ALA D 339 -2.37 47.28 20.58
C ALA D 339 -3.33 48.47 20.75
N ILE D 340 -3.84 48.66 21.97
CA ILE D 340 -4.70 49.80 22.25
C ILE D 340 -3.92 51.09 22.03
N ARG D 341 -2.72 51.19 22.59
CA ARG D 341 -1.87 52.36 22.40
C ARG D 341 -1.67 52.65 20.93
N LEU D 342 -1.32 51.61 20.18
CA LEU D 342 -0.99 51.77 18.77
C LEU D 342 -2.16 52.32 17.97
N VAL D 343 -3.33 51.77 18.20
CA VAL D 343 -4.47 52.16 17.44
C VAL D 343 -4.85 53.64 17.68
N ILE D 344 -4.72 54.08 18.93
CA ILE D 344 -4.95 55.46 19.27
C ILE D 344 -3.99 56.37 18.50
N GLU D 345 -2.70 56.05 18.52
CA GLU D 345 -1.70 56.83 17.78
C GLU D 345 -2.03 56.90 16.28
N LEU D 346 -2.52 55.80 15.72
CA LEU D 346 -2.88 55.78 14.30
C LEU D 346 -4.06 56.72 14.05
N ILE D 347 -5.10 56.58 14.84
CA ILE D 347 -6.28 57.40 14.67
C ILE D 347 -5.97 58.89 14.81
N LYS D 348 -5.13 59.24 15.77
CA LYS D 348 -4.71 60.63 15.93
C LYS D 348 -4.19 61.22 14.63
N ARG D 349 -3.45 60.42 13.85
CA ARG D 349 -2.73 60.90 12.67
C ARG D 349 -3.40 60.65 11.32
N LEU D 350 -4.56 59.98 11.34
CA LEU D 350 -5.24 59.64 10.07
C LEU D 350 -6.18 60.75 9.65
N ASP D 351 -5.61 61.86 9.19
CA ASP D 351 -6.39 62.98 8.65
C ASP D 351 -6.73 62.73 7.18
N LEU D 352 -7.57 63.57 6.60
CA LEU D 352 -7.98 63.40 5.20
C LEU D 352 -6.81 63.35 4.22
N GLU D 353 -5.82 64.18 4.43
CA GLU D 353 -4.70 64.27 3.51
C GLU D 353 -3.86 62.98 3.51
N THR D 354 -3.52 62.49 4.69
CA THR D 354 -2.75 61.24 4.84
C THR D 354 -3.47 60.07 4.18
N VAL D 355 -4.78 60.00 4.39
CA VAL D 355 -5.60 58.91 3.86
C VAL D 355 -5.74 58.94 2.34
N GLU D 356 -5.89 60.12 1.76
CA GLU D 356 -5.92 60.24 0.30
C GLU D 356 -4.55 59.88 -0.30
N GLY D 357 -3.48 60.14 0.46
CA GLY D 357 -2.12 59.78 0.06
C GLY D 357 -1.84 58.28 0.00
N PHE D 358 -2.73 57.45 0.56
CA PHE D 358 -2.58 56.00 0.49
C PHE D 358 -3.00 55.41 -0.85
N THR D 359 -3.79 56.15 -1.60
CA THR D 359 -4.37 55.68 -2.85
C THR D 359 -3.85 56.55 -3.99
N SER E 1 -42.51 -48.70 15.91
CA SER E 1 -42.98 -47.28 15.74
C SER E 1 -42.36 -46.62 14.50
N ASN E 2 -43.21 -45.91 13.75
CA ASN E 2 -42.78 -45.21 12.52
C ASN E 2 -42.00 -43.92 12.79
N ALA E 3 -42.43 -43.17 13.80
CA ALA E 3 -41.71 -41.99 14.28
C ALA E 3 -40.29 -42.34 14.77
N ASP E 4 -40.14 -43.51 15.39
CA ASP E 4 -38.82 -44.07 15.73
C ASP E 4 -38.02 -44.42 14.48
N LYS E 5 -38.64 -45.20 13.58
CA LYS E 5 -38.00 -45.60 12.35
C LYS E 5 -37.58 -44.43 11.48
N SER E 6 -38.37 -43.37 11.49
CA SER E 6 -38.04 -42.14 10.77
C SER E 6 -36.82 -41.47 11.36
N MSE E 7 -36.79 -41.31 12.68
CA MSE E 7 -35.66 -40.68 13.33
C MSE E 7 -34.45 -41.54 13.24
O MSE E 7 -33.34 -41.04 13.18
CB MSE E 7 -35.97 -40.36 14.79
CG MSE E 7 -36.90 -39.16 14.87
SE MSE E 7 -36.13 -37.54 14.04
CE MSE E 7 -37.64 -37.16 12.80
N GLU E 8 -34.62 -42.85 13.23
CA GLU E 8 -33.50 -43.76 13.07
C GLU E 8 -32.91 -43.67 11.66
N LEU E 9 -33.78 -43.46 10.68
CA LEU E 9 -33.30 -43.23 9.34
C LEU E 9 -32.52 -41.93 9.29
N MSE E 10 -33.11 -40.86 9.82
CA MSE E 10 -32.45 -39.55 9.80
C MSE E 10 -31.09 -39.67 10.39
O MSE E 10 -30.12 -39.31 9.76
CB MSE E 10 -33.27 -38.47 10.52
CG MSE E 10 -32.80 -37.11 10.04
SE MSE E 10 -33.68 -35.62 11.00
CE MSE E 10 -35.41 -35.75 10.08
N LYS E 11 -30.99 -40.23 11.59
CA LYS E 11 -29.70 -40.40 12.24
C LYS E 11 -28.71 -41.17 11.35
N THR E 12 -29.16 -42.27 10.78
CA THR E 12 -28.29 -43.13 10.02
C THR E 12 -27.78 -42.45 8.76
N LEU E 13 -28.64 -41.70 8.09
CA LEU E 13 -28.26 -40.91 6.93
C LEU E 13 -27.22 -39.85 7.25
N MSE E 14 -27.48 -39.03 8.25
CA MSE E 14 -26.57 -37.95 8.60
C MSE E 14 -25.26 -38.46 9.14
O MSE E 14 -24.26 -37.74 9.11
CB MSE E 14 -27.15 -37.02 9.67
CG MSE E 14 -28.48 -36.36 9.30
SE MSE E 14 -28.68 -35.87 7.41
CE MSE E 14 -30.61 -36.25 7.23
N GLU E 15 -25.24 -39.69 9.66
CA GLU E 15 -24.01 -40.27 10.18
C GLU E 15 -23.28 -41.15 9.17
N ALA E 16 -23.93 -41.48 8.06
CA ALA E 16 -23.32 -42.31 7.02
C ALA E 16 -22.15 -41.63 6.32
N PHE E 17 -21.28 -42.47 5.78
CA PHE E 17 -20.14 -42.02 5.00
C PHE E 17 -20.55 -41.92 3.53
N GLY E 18 -20.50 -40.70 2.95
CA GLY E 18 -20.82 -40.55 1.53
C GLY E 18 -20.49 -39.23 0.87
N PRO E 19 -19.20 -38.91 0.71
CA PRO E 19 -18.79 -37.69 0.02
C PRO E 19 -18.96 -37.83 -1.49
N SER E 20 -18.90 -36.73 -2.22
CA SER E 20 -19.14 -36.75 -3.67
C SER E 20 -18.25 -37.78 -4.33
N GLY E 21 -18.85 -38.66 -5.13
CA GLY E 21 -18.14 -39.77 -5.79
C GLY E 21 -18.11 -41.10 -5.04
N PHE E 22 -18.48 -41.07 -3.77
CA PHE E 22 -18.39 -42.25 -2.93
C PHE E 22 -19.65 -42.43 -2.08
N GLU E 23 -20.81 -42.44 -2.75
CA GLU E 23 -22.09 -42.36 -2.03
C GLU E 23 -22.76 -43.70 -1.84
N ARG E 24 -22.04 -44.79 -2.08
CA ARG E 24 -22.70 -46.11 -2.13
C ARG E 24 -23.28 -46.56 -0.78
N GLU E 25 -22.55 -46.33 0.31
CA GLU E 25 -23.04 -46.68 1.63
C GLU E 25 -24.37 -45.98 1.95
N VAL E 26 -24.48 -44.72 1.56
CA VAL E 26 -25.68 -43.92 1.86
C VAL E 26 -26.85 -44.33 0.99
N ASN E 27 -26.58 -44.62 -0.26
CA ASN E 27 -27.64 -45.03 -1.14
C ASN E 27 -28.11 -46.45 -0.84
N ALA E 28 -27.24 -47.27 -0.24
CA ALA E 28 -27.64 -48.58 0.26
C ALA E 28 -28.65 -48.44 1.38
N ILE E 29 -28.42 -47.48 2.26
CA ILE E 29 -29.33 -47.19 3.38
C ILE E 29 -30.71 -46.77 2.87
N CYS E 30 -30.70 -45.98 1.80
CA CYS E 30 -31.93 -45.55 1.15
C CYS E 30 -32.68 -46.72 0.53
N LYS E 31 -31.97 -47.59 -0.19
CA LYS E 31 -32.61 -48.75 -0.80
C LYS E 31 -33.27 -49.65 0.23
N GLU E 32 -32.57 -49.87 1.35
CA GLU E 32 -33.08 -50.74 2.38
C GLU E 32 -34.36 -50.19 3.03
N TYR E 33 -34.35 -48.91 3.38
CA TYR E 33 -35.53 -48.29 3.96
C TYR E 33 -36.72 -48.34 3.02
N MSE E 34 -36.46 -48.25 1.72
CA MSE E 34 -37.53 -48.15 0.74
C MSE E 34 -37.97 -49.44 0.13
O MSE E 34 -38.92 -49.45 -0.65
CB MSE E 34 -37.09 -47.24 -0.40
CG MSE E 34 -36.92 -45.81 0.09
SE MSE E 34 -38.66 -44.91 0.30
CE MSE E 34 -39.04 -44.68 -1.60
N GLU E 35 -37.31 -50.56 0.45
CA GLU E 35 -37.73 -51.87 -0.11
C GLU E 35 -39.23 -52.12 0.00
N PRO E 36 -39.83 -51.93 1.19
CA PRO E 36 -41.26 -52.16 1.29
C PRO E 36 -42.19 -51.08 0.73
N TYR E 37 -41.68 -49.96 0.24
CA TYR E 37 -42.53 -48.83 -0.18
C TYR E 37 -42.48 -48.42 -1.67
N ALA E 38 -41.42 -48.77 -2.38
CA ALA E 38 -41.31 -48.41 -3.78
C ALA E 38 -41.79 -49.54 -4.68
N ASP E 39 -42.48 -49.19 -5.75
CA ASP E 39 -42.97 -50.18 -6.71
C ASP E 39 -41.84 -50.69 -7.61
N GLU E 40 -40.78 -49.90 -7.76
CA GLU E 40 -39.65 -50.27 -8.62
C GLU E 40 -38.47 -49.36 -8.29
N VAL E 41 -37.26 -49.81 -8.61
CA VAL E 41 -36.04 -49.03 -8.37
C VAL E 41 -35.16 -48.97 -9.62
N VAL E 42 -34.87 -47.78 -10.10
CA VAL E 42 -33.96 -47.62 -11.25
C VAL E 42 -32.74 -46.83 -10.79
N VAL E 43 -31.62 -47.03 -11.49
CA VAL E 43 -30.37 -46.37 -11.14
C VAL E 43 -29.73 -45.69 -12.36
N ASP E 44 -28.86 -44.73 -12.11
CA ASP E 44 -27.95 -44.27 -13.17
C ASP E 44 -26.57 -44.89 -12.90
N LYS E 45 -25.67 -44.75 -13.88
CA LYS E 45 -24.39 -45.42 -13.78
C LYS E 45 -23.39 -44.67 -12.94
N LEU E 46 -23.76 -43.46 -12.53
CA LEU E 46 -22.94 -42.71 -11.59
C LEU E 46 -23.17 -43.13 -10.15
N GLY E 47 -24.30 -43.78 -9.89
CA GLY E 47 -24.63 -44.22 -8.53
C GLY E 47 -25.91 -43.64 -7.93
N SER E 48 -26.64 -42.82 -8.68
CA SER E 48 -27.94 -42.33 -8.22
C SER E 48 -28.93 -43.48 -8.20
N VAL E 49 -29.63 -43.66 -7.09
CA VAL E 49 -30.77 -44.56 -7.06
C VAL E 49 -32.10 -43.78 -7.00
N THR E 50 -33.10 -44.30 -7.70
CA THR E 50 -34.37 -43.62 -7.91
C THR E 50 -35.52 -44.60 -7.63
N PHE E 51 -36.48 -44.16 -6.82
CA PHE E 51 -37.58 -44.99 -6.37
C PHE E 51 -38.85 -44.55 -7.03
N ILE E 52 -39.56 -45.50 -7.64
CA ILE E 52 -40.76 -45.20 -8.40
C ILE E 52 -42.00 -45.61 -7.63
N ALA E 53 -42.93 -44.67 -7.48
CA ALA E 53 -44.25 -44.97 -7.00
C ALA E 53 -45.20 -44.81 -8.19
N LYS E 54 -45.76 -45.94 -8.65
CA LYS E 54 -46.56 -45.97 -9.87
C LYS E 54 -47.96 -45.35 -9.75
N GLY E 55 -48.43 -44.85 -10.88
CA GLY E 55 -49.77 -44.30 -11.04
C GLY E 55 -49.93 -44.19 -12.54
N ASN E 56 -50.42 -43.06 -13.03
CA ASN E 56 -50.56 -42.86 -14.46
C ASN E 56 -49.19 -42.72 -15.14
N ASP E 57 -48.99 -43.46 -16.24
CA ASP E 57 -47.74 -43.45 -17.05
C ASP E 57 -47.16 -41.99 -17.13
N ARG E 58 -48.05 -41.02 -17.35
CA ARG E 58 -47.70 -39.58 -17.47
C ARG E 58 -48.74 -38.76 -16.70
N PRO E 59 -48.37 -37.64 -16.07
CA PRO E 59 -47.01 -37.06 -16.09
C PRO E 59 -46.02 -37.70 -15.13
N ARG E 60 -44.74 -37.65 -15.46
CA ARG E 60 -43.69 -38.13 -14.59
C ARG E 60 -43.17 -36.99 -13.72
N ILE E 61 -43.32 -37.17 -12.39
CA ILE E 61 -42.82 -36.20 -11.42
C ILE E 61 -41.48 -36.67 -10.91
N LEU E 62 -40.45 -35.85 -11.07
CA LEU E 62 -39.14 -36.17 -10.52
C LEU E 62 -38.90 -35.35 -9.27
N MSE E 63 -38.71 -36.03 -8.14
CA MSE E 63 -38.24 -35.39 -6.92
C MSE E 63 -36.83 -35.80 -6.69
O MSE E 63 -36.52 -36.98 -6.76
CB MSE E 63 -39.01 -35.84 -5.69
CG MSE E 63 -40.44 -35.35 -5.67
SE MSE E 63 -41.09 -35.53 -3.82
CE MSE E 63 -41.38 -37.49 -3.80
N ALA E 64 -35.95 -34.85 -6.40
CA ALA E 64 -34.54 -35.16 -6.27
C ALA E 64 -33.95 -34.50 -5.05
N GLY E 65 -33.16 -35.27 -4.31
CA GLY E 65 -32.34 -34.74 -3.23
C GLY E 65 -30.99 -35.45 -3.24
N HIS E 66 -29.89 -34.69 -3.28
CA HIS E 66 -28.58 -35.33 -3.45
C HIS E 66 -28.07 -35.90 -2.12
N THR E 67 -27.53 -37.12 -2.18
CA THR E 67 -27.03 -37.79 -0.98
C THR E 67 -25.53 -37.65 -0.79
N ASP E 68 -24.84 -37.07 -1.77
CA ASP E 68 -23.44 -36.76 -1.54
C ASP E 68 -23.34 -35.58 -0.57
N GLU E 69 -22.27 -35.58 0.20
CA GLU E 69 -21.94 -34.50 1.12
C GLU E 69 -20.58 -33.93 0.76
N VAL E 70 -20.35 -32.70 1.14
CA VAL E 70 -19.03 -32.15 0.97
C VAL E 70 -18.07 -32.99 1.79
N GLY E 71 -16.86 -33.14 1.27
CA GLY E 71 -15.85 -33.98 1.89
C GLY E 71 -14.45 -33.65 1.38
N PHE E 72 -13.55 -34.64 1.47
CA PHE E 72 -12.19 -34.46 0.99
C PHE E 72 -11.70 -35.79 0.43
N ILE E 73 -10.50 -35.75 -0.15
CA ILE E 73 -9.89 -36.91 -0.73
C ILE E 73 -8.39 -36.81 -0.51
N VAL E 74 -7.77 -37.96 -0.23
CA VAL E 74 -6.33 -37.99 0.08
C VAL E 74 -5.51 -37.72 -1.19
N SER E 75 -4.64 -36.72 -1.13
CA SER E 75 -3.84 -36.32 -2.28
C SER E 75 -2.39 -36.75 -2.17
N SER E 76 -1.94 -37.07 -0.95
CA SER E 76 -0.60 -37.61 -0.74
C SER E 76 -0.36 -38.02 0.71
N ILE E 77 0.68 -38.83 0.94
CA ILE E 77 1.20 -39.08 2.26
C ILE E 77 2.58 -38.45 2.34
N SER E 78 2.78 -37.53 3.28
CA SER E 78 4.09 -36.89 3.46
C SER E 78 5.03 -37.84 4.17
N LYS E 79 6.31 -37.54 4.05
CA LYS E 79 7.36 -38.34 4.63
C LYS E 79 7.22 -38.50 6.17
N GLU E 80 6.56 -37.54 6.81
CA GLU E 80 6.37 -37.55 8.26
C GLU E 80 5.08 -38.23 8.73
N GLY E 81 4.23 -38.66 7.81
CA GLY E 81 3.00 -39.41 8.17
C GLY E 81 1.73 -38.58 8.24
N TYR E 82 1.73 -37.47 7.50
CA TYR E 82 0.58 -36.59 7.42
C TYR E 82 -0.01 -36.74 6.06
N LEU E 83 -1.29 -36.45 5.94
CA LEU E 83 -1.95 -36.57 4.65
C LEU E 83 -2.22 -35.19 4.13
N THR E 84 -2.01 -34.98 2.84
CA THR E 84 -2.55 -33.79 2.18
C THR E 84 -3.86 -34.20 1.56
N PHE E 85 -4.71 -33.23 1.23
CA PHE E 85 -6.02 -33.55 0.71
C PHE E 85 -6.50 -32.51 -0.26
N ASN E 86 -7.37 -32.92 -1.17
CA ASN E 86 -8.15 -31.97 -1.96
C ASN E 86 -9.58 -31.96 -1.45
N THR E 87 -10.27 -30.84 -1.65
CA THR E 87 -11.65 -30.73 -1.24
C THR E 87 -12.55 -31.37 -2.27
N LEU E 88 -13.67 -31.92 -1.80
CA LEU E 88 -14.74 -32.43 -2.67
C LEU E 88 -15.98 -31.60 -2.39
N GLY E 89 -16.22 -30.60 -3.24
CA GLY E 89 -17.31 -29.65 -3.03
C GLY E 89 -16.76 -28.38 -2.41
N GLY E 90 -17.60 -27.37 -2.30
CA GLY E 90 -17.17 -26.05 -1.85
C GLY E 90 -17.10 -25.96 -0.34
N TRP E 91 -15.91 -25.67 0.17
CA TRP E 91 -15.67 -25.49 1.59
C TRP E 91 -15.12 -24.09 1.84
N TRP E 92 -15.52 -23.47 2.94
CA TRP E 92 -14.85 -22.26 3.40
C TRP E 92 -13.66 -22.70 4.26
N SER E 93 -12.47 -22.21 3.94
CA SER E 93 -11.28 -22.67 4.65
C SER E 93 -11.38 -22.39 6.16
N GLN E 94 -12.05 -21.30 6.53
CA GLN E 94 -12.07 -20.87 7.92
C GLN E 94 -12.82 -21.79 8.91
N VAL E 95 -13.61 -22.73 8.38
CA VAL E 95 -14.27 -23.75 9.21
C VAL E 95 -13.54 -25.09 9.30
N LEU E 96 -12.35 -25.18 8.73
CA LEU E 96 -11.66 -26.47 8.62
C LEU E 96 -10.68 -26.79 9.74
N LEU E 97 -9.80 -25.85 10.08
CA LEU E 97 -8.76 -26.11 11.07
C LEU E 97 -9.33 -26.64 12.39
N GLY E 98 -8.69 -27.71 12.88
CA GLY E 98 -8.99 -28.26 14.19
C GLY E 98 -10.11 -29.27 14.17
N GLN E 99 -10.60 -29.60 12.98
CA GLN E 99 -11.78 -30.43 12.84
C GLN E 99 -11.45 -31.91 12.65
N ARG E 100 -12.30 -32.77 13.19
CA ARG E 100 -12.12 -34.20 13.08
C ARG E 100 -12.67 -34.71 11.76
N VAL E 101 -11.90 -35.59 11.12
CA VAL E 101 -12.34 -36.22 9.89
C VAL E 101 -12.11 -37.70 10.03
N VAL E 102 -12.69 -38.44 9.10
CA VAL E 102 -12.45 -39.88 9.01
C VAL E 102 -12.25 -40.29 7.55
N VAL E 103 -11.21 -41.09 7.34
CA VAL E 103 -10.78 -41.51 6.03
C VAL E 103 -11.18 -42.95 5.87
N ARG E 104 -11.75 -43.31 4.73
CA ARG E 104 -12.09 -44.72 4.48
C ARG E 104 -11.01 -45.39 3.64
N THR E 105 -10.26 -46.28 4.27
CA THR E 105 -9.20 -47.04 3.59
C THR E 105 -9.72 -48.43 3.29
N CYS E 106 -8.90 -49.21 2.58
CA CYS E 106 -9.16 -50.64 2.41
C CYS E 106 -9.18 -51.40 3.76
N LYS E 107 -8.47 -50.92 4.77
CA LYS E 107 -8.47 -51.53 6.11
C LYS E 107 -9.56 -51.03 7.05
N GLY E 108 -10.40 -50.07 6.60
CA GLY E 108 -11.46 -49.51 7.42
C GLY E 108 -11.30 -48.03 7.72
N MSE E 109 -12.08 -47.54 8.68
CA MSE E 109 -12.12 -46.11 9.01
C MSE E 109 -10.90 -45.70 9.80
O MSE E 109 -10.52 -46.36 10.75
CB MSE E 109 -13.33 -45.78 9.87
CG MSE E 109 -14.67 -46.02 9.16
SE MSE E 109 -14.86 -44.97 7.50
CE MSE E 109 -16.50 -45.83 6.81
N VAL E 110 -10.29 -44.61 9.38
CA VAL E 110 -9.11 -44.08 10.06
C VAL E 110 -9.38 -42.64 10.44
N HIS E 111 -9.26 -42.34 11.72
CA HIS E 111 -9.58 -41.00 12.21
C HIS E 111 -8.39 -40.08 12.14
N GLY E 112 -8.68 -38.80 11.96
CA GLY E 112 -7.67 -37.77 11.90
C GLY E 112 -8.21 -36.38 12.19
N ILE E 113 -7.29 -35.42 12.16
CA ILE E 113 -7.58 -34.04 12.52
C ILE E 113 -7.01 -33.14 11.47
N ILE E 114 -7.78 -32.16 11.02
CA ILE E 114 -7.26 -31.20 10.07
C ILE E 114 -6.33 -30.26 10.82
N ALA E 115 -5.13 -30.07 10.29
CA ALA E 115 -4.10 -29.30 10.98
C ALA E 115 -3.30 -28.43 10.02
N SER E 116 -2.56 -27.49 10.61
CA SER E 116 -1.60 -26.69 9.85
C SER E 116 -0.35 -26.49 10.68
N LYS E 117 0.62 -25.78 10.11
CA LYS E 117 1.75 -25.29 10.89
C LYS E 117 1.22 -24.37 11.97
N PRO E 118 1.69 -24.54 13.23
CA PRO E 118 1.27 -23.67 14.34
C PRO E 118 1.82 -22.28 14.15
N PRO E 119 1.06 -21.24 14.51
CA PRO E 119 1.45 -19.85 14.19
C PRO E 119 2.75 -19.34 14.87
N HIS E 120 3.11 -19.88 16.04
CA HIS E 120 4.32 -19.42 16.74
C HIS E 120 5.64 -19.83 16.05
N ILE E 121 5.61 -20.77 15.10
CA ILE E 121 6.79 -21.06 14.23
C ILE E 121 6.73 -20.36 12.87
N LEU E 122 5.89 -19.34 12.73
CA LEU E 122 5.80 -18.55 11.49
C LEU E 122 6.27 -17.14 11.80
N PRO E 123 6.66 -16.40 10.74
CA PRO E 123 7.01 -14.98 10.94
C PRO E 123 5.81 -14.17 11.43
N PRO E 124 6.04 -13.09 12.20
CA PRO E 124 4.92 -12.31 12.76
C PRO E 124 3.87 -11.82 11.73
N ASP E 125 4.31 -11.47 10.54
CA ASP E 125 3.40 -10.97 9.48
C ASP E 125 2.56 -12.08 8.80
N GLU E 126 2.96 -13.34 8.97
CA GLU E 126 2.25 -14.49 8.40
C GLU E 126 1.21 -15.11 9.34
N ARG E 127 1.22 -14.73 10.62
CA ARG E 127 0.26 -15.24 11.61
C ARG E 127 -1.14 -14.64 11.44
N LYS E 128 -1.18 -13.37 11.04
CA LYS E 128 -2.42 -12.65 10.75
C LYS E 128 -3.05 -13.10 9.40
N LYS E 129 -2.31 -13.87 8.59
CA LYS E 129 -2.82 -14.39 7.32
C LYS E 129 -3.74 -15.60 7.52
N ILE E 130 -4.83 -15.66 6.76
CA ILE E 130 -5.72 -16.85 6.80
C ILE E 130 -4.92 -18.03 6.28
N VAL E 131 -5.10 -19.18 6.91
CA VAL E 131 -4.47 -20.40 6.43
C VAL E 131 -5.32 -20.97 5.31
N GLU E 132 -4.74 -21.10 4.13
CA GLU E 132 -5.44 -21.64 2.97
C GLU E 132 -5.48 -23.15 3.09
N ALA E 133 -6.50 -23.76 2.50
CA ALA E 133 -6.67 -25.20 2.54
C ALA E 133 -5.53 -25.97 1.86
N ARG E 134 -4.96 -25.39 0.82
CA ARG E 134 -3.77 -25.97 0.17
C ARG E 134 -2.60 -26.21 1.15
N ASP E 135 -2.51 -25.40 2.21
CA ASP E 135 -1.44 -25.54 3.22
C ASP E 135 -1.85 -26.31 4.47
N MSE E 136 -2.99 -26.99 4.43
CA MSE E 136 -3.42 -27.80 5.57
C MSE E 136 -3.11 -29.23 5.29
O MSE E 136 -2.77 -29.59 4.17
CB MSE E 136 -4.92 -27.65 5.76
CG MSE E 136 -5.29 -26.24 6.19
SE MSE E 136 -7.25 -26.10 6.46
CE MSE E 136 -7.36 -24.14 6.54
N PHE E 137 -3.20 -30.07 6.31
CA PHE E 137 -3.12 -31.50 6.14
C PHE E 137 -3.87 -32.19 7.24
N ILE E 138 -3.93 -33.51 7.16
CA ILE E 138 -4.65 -34.31 8.10
C ILE E 138 -3.65 -35.12 8.89
N ASP E 139 -3.80 -35.02 10.20
CA ASP E 139 -2.96 -35.72 11.16
C ASP E 139 -3.74 -36.92 11.63
N ILE E 140 -3.18 -38.11 11.42
CA ILE E 140 -3.84 -39.34 11.83
C ILE E 140 -3.08 -40.02 12.97
N GLY E 141 -2.19 -39.28 13.64
CA GLY E 141 -1.45 -39.79 14.78
C GLY E 141 -0.25 -40.63 14.38
N ALA E 142 0.15 -40.53 13.13
CA ALA E 142 1.28 -41.30 12.63
C ALA E 142 2.56 -40.53 12.86
N THR E 143 3.68 -41.25 12.94
CA THR E 143 4.99 -40.64 13.19
C THR E 143 5.98 -40.85 12.03
N SER E 144 5.52 -41.45 10.94
CA SER E 144 6.35 -41.69 9.76
C SER E 144 5.49 -42.11 8.58
N GLU E 145 6.00 -41.96 7.38
CA GLU E 145 5.32 -42.42 6.17
C GLU E 145 4.88 -43.90 6.25
N GLU E 146 5.68 -44.74 6.92
CA GLU E 146 5.40 -46.18 7.02
C GLU E 146 4.25 -46.43 7.97
N GLU E 147 4.29 -45.76 9.12
CA GLU E 147 3.24 -45.92 10.13
C GLU E 147 1.87 -45.48 9.57
N ALA E 148 1.92 -44.51 8.67
CA ALA E 148 0.72 -44.03 7.97
C ALA E 148 0.21 -45.06 7.00
N GLU E 149 1.13 -45.63 6.22
CA GLU E 149 0.77 -46.66 5.26
C GLU E 149 0.15 -47.89 5.95
N GLU E 150 0.65 -48.25 7.13
CA GLU E 150 0.10 -49.37 7.90
C GLU E 150 -1.39 -49.25 8.18
N SER E 151 -1.88 -48.03 8.30
CA SER E 151 -3.29 -47.78 8.52
C SER E 151 -4.15 -48.07 7.27
N GLY E 152 -3.53 -48.13 6.10
CA GLY E 152 -4.19 -48.53 4.86
C GLY E 152 -4.41 -47.40 3.86
N VAL E 153 -3.94 -46.21 4.21
CA VAL E 153 -4.22 -45.01 3.44
C VAL E 153 -3.53 -45.03 2.09
N LYS E 154 -4.28 -44.62 1.08
CA LYS E 154 -3.76 -44.49 -0.27
C LYS E 154 -4.22 -43.23 -0.89
N VAL E 155 -3.44 -42.70 -1.83
CA VAL E 155 -3.88 -41.57 -2.61
C VAL E 155 -5.18 -41.94 -3.31
N GLY E 156 -6.13 -41.00 -3.31
CA GLY E 156 -7.46 -41.26 -3.84
C GLY E 156 -8.51 -41.74 -2.84
N ASP E 157 -8.12 -41.97 -1.58
CA ASP E 157 -9.07 -42.42 -0.57
C ASP E 157 -9.97 -41.27 -0.10
N PRO E 158 -11.27 -41.55 0.08
CA PRO E 158 -12.25 -40.53 0.42
C PRO E 158 -12.26 -40.21 1.89
N ILE E 159 -12.67 -38.97 2.20
CA ILE E 159 -12.66 -38.43 3.55
C ILE E 159 -13.96 -37.68 3.82
N VAL E 160 -14.53 -37.88 5.01
CA VAL E 160 -15.68 -37.10 5.43
C VAL E 160 -15.45 -36.47 6.79
N PRO E 161 -16.22 -35.43 7.09
CA PRO E 161 -16.26 -34.90 8.44
C PRO E 161 -16.76 -35.92 9.44
N TRP E 162 -16.28 -35.84 10.67
CA TRP E 162 -16.78 -36.66 11.75
C TRP E 162 -17.73 -35.81 12.56
N SER E 163 -18.99 -36.23 12.62
CA SER E 163 -20.03 -35.39 13.20
C SER E 163 -21.26 -36.16 13.60
N PRO E 164 -21.40 -36.48 14.89
CA PRO E 164 -22.55 -37.27 15.33
C PRO E 164 -23.86 -36.52 15.22
N PHE E 165 -24.92 -37.29 15.05
CA PHE E 165 -26.25 -36.75 14.96
C PHE E 165 -26.92 -36.73 16.34
N SER E 166 -27.54 -35.62 16.66
CA SER E 166 -28.39 -35.55 17.84
C SER E 166 -29.49 -34.55 17.61
N VAL E 167 -30.41 -34.49 18.56
CA VAL E 167 -31.50 -33.52 18.55
C VAL E 167 -31.37 -32.65 19.79
N ILE E 168 -31.57 -31.35 19.62
CA ILE E 168 -31.47 -30.40 20.73
C ILE E 168 -32.74 -29.55 20.81
N GLN E 169 -32.74 -28.60 21.73
CA GLN E 169 -33.88 -27.73 21.93
C GLN E 169 -35.16 -28.52 22.16
N ASN E 170 -35.14 -29.39 23.15
CA ASN E 170 -36.32 -30.16 23.54
C ASN E 170 -36.95 -30.85 22.35
N GLY E 171 -36.13 -31.54 21.56
CA GLY E 171 -36.63 -32.33 20.45
C GLY E 171 -36.96 -31.57 19.18
N ARG E 172 -36.72 -30.28 19.12
CA ARG E 172 -37.19 -29.43 18.01
C ARG E 172 -36.21 -29.27 16.85
N VAL E 173 -34.92 -29.38 17.15
CA VAL E 173 -33.85 -29.00 16.22
C VAL E 173 -32.82 -30.10 16.08
N ALA E 174 -32.55 -30.51 14.84
CA ALA E 174 -31.59 -31.56 14.54
C ALA E 174 -30.20 -30.99 14.34
N MSE E 175 -29.20 -31.72 14.83
CA MSE E 175 -27.81 -31.28 14.77
C MSE E 175 -26.95 -32.37 14.22
O MSE E 175 -26.97 -33.49 14.73
CB MSE E 175 -27.33 -30.93 16.18
CG MSE E 175 -25.91 -30.34 16.22
SE MSE E 175 -25.53 -29.80 18.07
CE MSE E 175 -23.67 -29.18 18.01
N GLY E 176 -26.17 -32.04 13.20
CA GLY E 176 -25.26 -33.00 12.58
C GLY E 176 -24.76 -32.52 11.25
N LYS E 177 -24.15 -33.43 10.49
CA LYS E 177 -23.60 -33.09 9.20
C LYS E 177 -24.49 -33.58 8.08
N ALA E 178 -24.14 -33.20 6.87
CA ALA E 178 -24.73 -33.73 5.65
C ALA E 178 -26.22 -33.47 5.46
N PHE E 179 -26.79 -32.52 6.21
CA PHE E 179 -28.18 -32.15 5.95
C PHE E 179 -28.34 -31.78 4.50
N ASP E 180 -27.36 -31.09 3.95
CA ASP E 180 -27.27 -30.82 2.52
C ASP E 180 -26.66 -32.04 1.83
N ASP E 181 -27.44 -32.89 1.18
CA ASP E 181 -28.89 -32.74 1.00
C ASP E 181 -29.62 -34.05 1.33
N ARG E 182 -29.16 -34.71 2.38
CA ARG E 182 -29.80 -35.93 2.82
C ARG E 182 -31.14 -35.63 3.46
N ILE E 183 -31.31 -34.42 3.98
CA ILE E 183 -32.61 -34.04 4.51
C ILE E 183 -33.60 -33.96 3.36
N GLY E 184 -33.16 -33.53 2.18
CA GLY E 184 -34.01 -33.52 0.99
C GLY E 184 -34.37 -34.93 0.57
N ALA E 185 -33.40 -35.83 0.64
CA ALA E 185 -33.62 -37.23 0.33
C ALA E 185 -34.57 -37.82 1.36
N PHE E 186 -34.39 -37.42 2.61
CA PHE E 186 -35.26 -37.87 3.69
C PHE E 186 -36.71 -37.48 3.42
N VAL E 187 -36.92 -36.25 2.98
CA VAL E 187 -38.26 -35.76 2.68
C VAL E 187 -38.92 -36.56 1.57
N LEU E 188 -38.23 -36.75 0.46
CA LEU E 188 -38.87 -37.43 -0.66
C LEU E 188 -39.15 -38.89 -0.33
N MSE E 189 -38.26 -39.52 0.42
CA MSE E 189 -38.49 -40.90 0.87
C MSE E 189 -39.66 -41.00 1.80
O MSE E 189 -40.45 -41.92 1.69
CB MSE E 189 -37.24 -41.41 1.58
CG MSE E 189 -36.20 -41.82 0.55
SE MSE E 189 -34.70 -42.73 1.43
CE MSE E 189 -33.84 -41.21 2.31
N GLU E 190 -39.78 -40.05 2.72
CA GLU E 190 -40.90 -40.06 3.66
C GLU E 190 -42.20 -39.74 2.96
N ALA E 191 -42.16 -38.89 1.95
CA ALA E 191 -43.34 -38.58 1.16
C ALA E 191 -43.87 -39.83 0.47
N ILE E 192 -42.99 -40.53 -0.24
CA ILE E 192 -43.38 -41.76 -0.90
C ILE E 192 -43.87 -42.79 0.11
N ARG E 193 -43.18 -42.94 1.23
CA ARG E 193 -43.59 -43.91 2.24
C ARG E 193 -45.00 -43.63 2.72
N ARG E 194 -45.25 -42.38 3.08
CA ARG E 194 -46.55 -42.00 3.62
C ARG E 194 -47.69 -42.15 2.62
N MSE E 195 -47.41 -41.91 1.35
CA MSE E 195 -48.41 -42.03 0.31
C MSE E 195 -48.86 -43.46 0.18
O MSE E 195 -50.04 -43.73 -0.01
CB MSE E 195 -47.86 -41.47 -1.00
CG MSE E 195 -47.87 -39.95 -0.86
SE MSE E 195 -47.55 -39.05 -2.57
CE MSE E 195 -49.37 -38.36 -2.85
N LYS E 196 -47.91 -44.39 0.26
CA LYS E 196 -48.27 -45.79 0.25
C LYS E 196 -48.99 -46.19 1.53
N ASP E 197 -48.42 -45.87 2.69
CA ASP E 197 -48.99 -46.23 3.99
C ASP E 197 -50.42 -45.77 4.21
N GLN E 198 -50.75 -44.56 3.74
CA GLN E 198 -52.10 -44.03 3.89
C GLN E 198 -52.93 -44.10 2.60
N GLY E 199 -52.47 -44.89 1.63
CA GLY E 199 -53.17 -45.08 0.36
C GLY E 199 -53.59 -43.81 -0.33
N ILE E 200 -52.72 -42.80 -0.30
CA ILE E 200 -53.01 -41.52 -0.96
C ILE E 200 -52.82 -41.64 -2.47
N GLU E 201 -53.87 -41.33 -3.22
CA GLU E 201 -53.86 -41.53 -4.67
C GLU E 201 -53.24 -40.30 -5.31
N HIS E 202 -52.54 -40.52 -6.42
CA HIS E 202 -51.89 -39.44 -7.15
C HIS E 202 -51.94 -39.69 -8.67
N PRO E 203 -52.43 -38.71 -9.44
CA PRO E 203 -52.71 -38.88 -10.87
C PRO E 203 -51.46 -38.82 -11.74
N ASN E 204 -50.47 -39.62 -11.38
CA ASN E 204 -49.13 -39.49 -11.95
C ASN E 204 -48.19 -40.57 -11.42
N THR E 205 -47.02 -40.66 -12.04
CA THR E 205 -45.97 -41.54 -11.58
C THR E 205 -44.87 -40.67 -10.95
N VAL E 206 -44.44 -41.08 -9.76
CA VAL E 206 -43.49 -40.31 -8.99
C VAL E 206 -42.13 -40.99 -8.97
N TYR E 207 -41.10 -40.27 -9.39
CA TYR E 207 -39.72 -40.78 -9.37
C TYR E 207 -38.99 -40.03 -8.26
N GLY E 208 -38.75 -40.72 -7.15
CA GLY E 208 -38.04 -40.11 -6.02
C GLY E 208 -36.58 -40.49 -6.06
N SER E 209 -35.72 -39.50 -6.31
CA SER E 209 -34.37 -39.80 -6.68
C SER E 209 -33.35 -39.29 -5.68
N ALA E 210 -32.47 -40.19 -5.26
CA ALA E 210 -31.34 -39.84 -4.42
C ALA E 210 -30.10 -39.66 -5.29
N THR E 211 -29.91 -38.45 -5.80
CA THR E 211 -28.85 -38.19 -6.77
C THR E 211 -27.45 -38.16 -6.16
N VAL E 212 -26.44 -38.36 -6.99
CA VAL E 212 -25.05 -38.32 -6.58
C VAL E 212 -24.33 -37.13 -7.21
N GLN E 213 -23.19 -36.77 -6.62
CA GLN E 213 -22.28 -35.78 -7.17
C GLN E 213 -22.88 -34.41 -7.48
N GLU E 214 -23.81 -33.93 -6.66
CA GLU E 214 -24.30 -32.56 -6.80
C GLU E 214 -23.23 -31.56 -6.44
N GLU E 215 -22.51 -31.82 -5.36
CA GLU E 215 -21.61 -30.81 -4.78
C GLU E 215 -20.40 -30.53 -5.65
N VAL E 216 -20.15 -31.38 -6.67
CA VAL E 216 -19.02 -31.16 -7.58
C VAL E 216 -19.43 -30.79 -9.03
N GLY E 217 -20.69 -30.46 -9.27
CA GLY E 217 -21.13 -30.03 -10.61
C GLY E 217 -22.45 -30.57 -11.15
N LEU E 218 -23.37 -30.93 -10.26
CA LEU E 218 -24.73 -31.37 -10.63
C LEU E 218 -24.69 -32.58 -11.57
N ARG E 219 -23.76 -33.49 -11.31
CA ARG E 219 -23.45 -34.54 -12.26
C ARG E 219 -24.50 -35.64 -12.28
N GLY E 220 -24.89 -36.14 -11.12
CA GLY E 220 -25.92 -37.18 -11.04
C GLY E 220 -27.30 -36.73 -11.50
N ALA E 221 -27.61 -35.45 -11.32
CA ALA E 221 -28.87 -34.88 -11.77
C ALA E 221 -29.02 -34.98 -13.30
N GLN E 222 -27.94 -34.67 -14.02
CA GLN E 222 -27.96 -34.71 -15.49
C GLN E 222 -28.29 -36.11 -16.01
N THR E 223 -27.61 -37.10 -15.46
CA THR E 223 -27.75 -38.48 -15.88
C THR E 223 -29.06 -39.13 -15.39
N THR E 224 -29.52 -38.75 -14.20
CA THR E 224 -30.81 -39.22 -13.70
C THR E 224 -31.96 -38.62 -14.51
N ALA E 225 -31.84 -37.36 -14.88
CA ALA E 225 -32.85 -36.72 -15.72
C ALA E 225 -32.98 -37.42 -17.05
N HIS E 226 -31.84 -37.82 -17.61
CA HIS E 226 -31.82 -38.59 -18.84
C HIS E 226 -32.61 -39.91 -18.69
N VAL E 227 -32.37 -40.62 -17.60
CA VAL E 227 -33.03 -41.90 -17.36
C VAL E 227 -34.57 -41.74 -17.23
N VAL E 228 -35.00 -40.70 -16.53
CA VAL E 228 -36.40 -40.58 -16.12
C VAL E 228 -37.29 -39.92 -17.16
N ASP E 229 -36.76 -38.94 -17.91
CA ASP E 229 -37.57 -38.16 -18.87
C ASP E 229 -38.78 -37.51 -18.15
N PRO E 230 -38.51 -36.62 -17.19
CA PRO E 230 -39.58 -36.07 -16.37
C PRO E 230 -40.36 -34.98 -17.05
N ASP E 231 -41.63 -34.86 -16.67
CA ASP E 231 -42.52 -33.81 -17.19
C ASP E 231 -42.59 -32.60 -16.25
N VAL E 232 -42.29 -32.82 -14.97
CA VAL E 232 -42.17 -31.74 -13.99
C VAL E 232 -41.23 -32.21 -12.88
N ALA E 233 -40.47 -31.27 -12.29
CA ALA E 233 -39.49 -31.62 -11.28
C ALA E 233 -39.57 -30.79 -10.01
N LEU E 234 -39.50 -31.47 -8.86
CA LEU E 234 -39.45 -30.81 -7.55
C LEU E 234 -38.13 -31.16 -6.94
N VAL E 235 -37.22 -30.21 -6.90
CA VAL E 235 -35.93 -30.45 -6.32
C VAL E 235 -35.95 -30.01 -4.87
N LEU E 236 -35.50 -30.89 -3.99
CA LEU E 236 -35.46 -30.60 -2.56
C LEU E 236 -34.03 -30.33 -2.16
N GLU E 237 -33.82 -29.20 -1.52
CA GLU E 237 -32.48 -28.77 -1.15
C GLU E 237 -32.56 -28.10 0.22
N VAL E 238 -31.41 -27.66 0.70
CA VAL E 238 -31.34 -26.83 1.87
C VAL E 238 -31.24 -25.37 1.42
N ASP E 239 -31.59 -24.46 2.31
CA ASP E 239 -31.46 -23.05 2.07
C ASP E 239 -30.53 -22.55 3.16
N ILE E 240 -29.67 -21.61 2.81
CA ILE E 240 -28.82 -20.99 3.80
C ILE E 240 -29.72 -20.12 4.65
N ALA E 241 -29.76 -20.40 5.96
CA ALA E 241 -30.68 -19.70 6.84
C ALA E 241 -30.00 -18.50 7.43
N GLY E 242 -30.59 -17.33 7.18
CA GLY E 242 -30.07 -16.06 7.69
C GLY E 242 -30.64 -15.67 9.04
N ASP E 243 -30.29 -16.44 10.08
CA ASP E 243 -30.76 -16.19 11.44
C ASP E 243 -29.68 -15.50 12.26
N VAL E 244 -28.52 -15.35 11.64
CA VAL E 244 -27.30 -14.94 12.28
C VAL E 244 -27.20 -13.39 12.35
N PRO E 245 -26.79 -12.80 13.52
CA PRO E 245 -26.70 -11.32 13.66
C PRO E 245 -25.68 -10.66 12.72
N LYS E 248 -27.86 -8.17 6.75
CA LYS E 248 -28.16 -8.35 5.34
C LYS E 248 -29.30 -9.38 5.13
N PRO E 249 -30.52 -9.07 5.65
CA PRO E 249 -31.75 -9.87 5.53
C PRO E 249 -31.97 -10.29 4.08
N HIS E 250 -31.72 -9.37 3.15
CA HIS E 250 -32.03 -9.60 1.74
C HIS E 250 -31.21 -10.68 1.04
N GLU E 251 -29.99 -10.92 1.52
CA GLU E 251 -29.11 -11.94 0.95
C GLU E 251 -29.49 -13.37 1.40
N ALA E 252 -30.12 -13.49 2.57
CA ALA E 252 -30.60 -14.77 3.10
C ALA E 252 -31.96 -14.58 3.75
N LEU E 253 -33.00 -14.71 2.93
CA LEU E 253 -34.36 -14.44 3.35
C LEU E 253 -34.93 -15.45 4.36
N THR E 254 -34.49 -16.70 4.32
CA THR E 254 -35.15 -17.75 5.11
C THR E 254 -34.68 -17.83 6.54
N LYS E 255 -35.61 -18.22 7.41
CA LYS E 255 -35.35 -18.38 8.82
C LYS E 255 -35.71 -19.78 9.26
N MSE E 256 -34.90 -20.38 10.12
CA MSE E 256 -35.16 -21.72 10.60
C MSE E 256 -36.38 -21.66 11.48
O MSE E 256 -36.46 -20.84 12.39
CB MSE E 256 -33.95 -22.23 11.37
CG MSE E 256 -34.12 -23.68 11.81
SE MSE E 256 -32.63 -24.22 12.99
CE MSE E 256 -33.11 -23.28 14.67
N GLY E 257 -37.34 -22.53 11.20
CA GLY E 257 -38.57 -22.63 11.99
C GLY E 257 -39.78 -21.92 11.42
N LYS E 258 -39.58 -21.13 10.37
CA LYS E 258 -40.65 -20.37 9.75
C LYS E 258 -41.17 -21.03 8.49
N GLY E 259 -40.80 -22.28 8.28
CA GLY E 259 -41.40 -23.08 7.20
C GLY E 259 -40.46 -23.36 6.05
N PRO E 260 -40.81 -24.32 5.19
CA PRO E 260 -39.97 -24.58 4.02
C PRO E 260 -39.90 -23.37 3.11
N GLY E 261 -38.87 -23.34 2.27
CA GLY E 261 -38.67 -22.24 1.36
C GLY E 261 -39.05 -22.63 -0.05
N LEU E 262 -39.30 -21.62 -0.88
CA LEU E 262 -39.49 -21.80 -2.29
C LEU E 262 -38.54 -20.85 -3.01
N VAL E 263 -37.70 -21.40 -3.88
CA VAL E 263 -36.67 -20.61 -4.52
C VAL E 263 -37.25 -19.95 -5.75
N THR E 264 -37.23 -18.62 -5.76
CA THR E 264 -37.78 -17.82 -6.84
C THR E 264 -36.73 -17.45 -7.90
N TYR E 265 -35.46 -17.63 -7.56
CA TYR E 265 -34.36 -17.42 -8.50
C TYR E 265 -33.08 -17.97 -7.92
N ASP E 266 -32.29 -18.62 -8.75
CA ASP E 266 -30.93 -18.97 -8.38
C ASP E 266 -30.05 -18.96 -9.61
N ARG E 267 -28.74 -19.00 -9.37
CA ARG E 267 -27.74 -18.88 -10.45
C ARG E 267 -27.89 -19.98 -11.52
N SER E 268 -28.37 -21.16 -11.13
CA SER E 268 -28.54 -22.29 -12.05
C SER E 268 -29.91 -22.36 -12.77
N MSE E 269 -30.91 -21.64 -12.27
CA MSE E 269 -32.24 -21.69 -12.86
C MSE E 269 -33.18 -20.59 -12.41
O MSE E 269 -33.23 -20.24 -11.22
CB MSE E 269 -32.89 -23.02 -12.47
CG MSE E 269 -34.33 -23.12 -13.01
SE MSE E 269 -35.23 -24.78 -12.47
CE MSE E 269 -35.70 -24.29 -10.60
N ILE E 270 -33.96 -20.08 -13.37
CA ILE E 270 -35.14 -19.28 -13.07
C ILE E 270 -36.37 -20.19 -13.18
N PRO E 271 -37.09 -20.40 -12.07
CA PRO E 271 -38.15 -21.41 -12.13
C PRO E 271 -39.25 -21.09 -13.14
N ASN E 272 -39.92 -22.12 -13.63
CA ASN E 272 -41.15 -21.98 -14.40
C ASN E 272 -42.16 -21.21 -13.56
N GLN E 273 -42.72 -20.15 -14.12
CA GLN E 273 -43.53 -19.22 -13.33
C GLN E 273 -44.91 -19.77 -12.94
N PRO E 274 -45.64 -20.38 -13.90
CA PRO E 274 -46.88 -21.09 -13.53
C PRO E 274 -46.68 -22.10 -12.40
N LEU E 275 -45.60 -22.86 -12.44
CA LEU E 275 -45.33 -23.87 -11.43
C LEU E 275 -45.06 -23.22 -10.09
N LYS E 276 -44.32 -22.10 -10.12
CA LYS E 276 -44.04 -21.35 -8.90
C LYS E 276 -45.35 -20.91 -8.25
N GLU E 277 -46.24 -20.32 -9.05
CA GLU E 277 -47.52 -19.85 -8.54
C GLU E 277 -48.35 -21.00 -7.99
N PHE E 278 -48.29 -22.13 -8.67
CA PHE E 278 -48.98 -23.34 -8.24
C PHE E 278 -48.57 -23.75 -6.83
N VAL E 279 -47.27 -23.81 -6.58
CA VAL E 279 -46.76 -24.23 -5.27
C VAL E 279 -47.19 -23.22 -4.21
N ILE E 280 -47.06 -21.93 -4.50
CA ILE E 280 -47.45 -20.92 -3.54
C ILE E 280 -48.92 -21.09 -3.14
N ASN E 281 -49.79 -21.39 -4.10
CA ASN E 281 -51.20 -21.53 -3.84
C ASN E 281 -51.53 -22.81 -3.11
N VAL E 282 -50.92 -23.91 -3.53
CA VAL E 282 -51.15 -25.16 -2.85
C VAL E 282 -50.79 -25.02 -1.38
N ALA E 283 -49.69 -24.34 -1.11
CA ALA E 283 -49.23 -24.15 0.27
C ALA E 283 -50.18 -23.29 1.07
N LYS E 284 -50.67 -22.22 0.46
CA LYS E 284 -51.60 -21.32 1.12
C LYS E 284 -52.90 -22.02 1.45
N GLN E 285 -53.40 -22.81 0.49
CA GLN E 285 -54.63 -23.61 0.59
C GLN E 285 -54.49 -24.60 1.71
N ALA E 286 -53.35 -25.26 1.78
CA ALA E 286 -53.08 -26.28 2.79
C ALA E 286 -52.59 -25.71 4.11
N GLN E 287 -52.50 -24.37 4.19
CA GLN E 287 -52.04 -23.66 5.38
C GLN E 287 -50.65 -24.05 5.84
N ILE E 288 -49.77 -24.31 4.88
CA ILE E 288 -48.39 -24.65 5.17
C ILE E 288 -47.55 -23.42 4.99
N PRO E 289 -46.85 -22.98 6.05
CA PRO E 289 -46.05 -21.77 5.93
C PRO E 289 -44.95 -21.97 4.90
N LEU E 290 -44.70 -20.94 4.10
CA LEU E 290 -43.79 -21.06 2.97
C LEU E 290 -43.00 -19.76 2.80
N GLN E 291 -41.68 -19.84 2.80
CA GLN E 291 -40.85 -18.65 2.73
C GLN E 291 -40.31 -18.45 1.33
N LEU E 292 -40.62 -17.31 0.71
CA LEU E 292 -40.02 -17.01 -0.58
C LEU E 292 -38.52 -16.73 -0.41
N SER E 293 -37.72 -17.42 -1.22
CA SER E 293 -36.26 -17.40 -1.10
C SER E 293 -35.58 -17.14 -2.44
N GLN E 294 -34.33 -16.70 -2.37
CA GLN E 294 -33.54 -16.42 -3.57
C GLN E 294 -32.08 -16.69 -3.29
N MSE E 295 -31.42 -17.52 -4.10
CA MSE E 295 -30.00 -17.85 -3.87
C MSE E 295 -29.19 -17.25 -4.99
O MSE E 295 -28.87 -17.92 -5.97
CB MSE E 295 -29.77 -19.37 -3.75
CG MSE E 295 -30.84 -20.08 -2.90
SE MSE E 295 -30.72 -22.06 -2.98
CE MSE E 295 -29.80 -22.40 -4.70
N SER E 296 -28.89 -15.98 -4.84
CA SER E 296 -28.03 -15.21 -5.77
C SER E 296 -26.77 -15.93 -6.30
N GLY E 297 -26.09 -16.70 -5.45
CA GLY E 297 -24.83 -17.34 -5.83
C GLY E 297 -24.68 -18.81 -5.48
N GLY E 298 -25.66 -19.61 -5.88
CA GLY E 298 -25.60 -21.04 -5.67
C GLY E 298 -26.50 -21.73 -6.68
N GLY E 299 -26.30 -23.02 -6.87
CA GLY E 299 -27.13 -23.81 -7.79
C GLY E 299 -27.63 -25.10 -7.17
N THR E 300 -28.43 -25.82 -7.96
CA THR E 300 -29.12 -27.03 -7.50
C THR E 300 -29.17 -28.08 -8.60
N ASP E 301 -29.54 -29.31 -8.23
CA ASP E 301 -29.81 -30.36 -9.22
C ASP E 301 -30.75 -29.84 -10.34
N ALA E 302 -31.64 -28.92 -9.99
CA ALA E 302 -32.60 -28.36 -10.95
C ALA E 302 -31.92 -27.68 -12.13
N GLY E 303 -30.72 -27.14 -11.91
CA GLY E 303 -29.94 -26.51 -12.95
C GLY E 303 -29.74 -27.40 -14.16
N ARG E 304 -29.64 -28.70 -13.93
CA ARG E 304 -29.51 -29.69 -15.01
C ARG E 304 -30.83 -30.33 -15.42
N ILE E 305 -31.68 -30.63 -14.44
CA ILE E 305 -32.94 -31.30 -14.68
C ILE E 305 -33.83 -30.51 -15.62
N HIS E 306 -33.93 -29.21 -15.39
CA HIS E 306 -34.86 -28.36 -16.16
C HIS E 306 -34.42 -28.17 -17.60
N MSE E 307 -33.20 -28.61 -17.91
CA MSE E 307 -32.64 -28.49 -19.25
C MSE E 307 -32.61 -29.78 -19.98
O MSE E 307 -32.05 -29.87 -21.07
CB MSE E 307 -31.20 -28.09 -19.09
CG MSE E 307 -31.04 -26.92 -18.14
SE MSE E 307 -30.50 -25.34 -19.13
CE MSE E 307 -28.55 -25.40 -18.76
N ASN E 308 -33.21 -30.80 -19.39
CA ASN E 308 -33.26 -32.11 -20.00
C ASN E 308 -34.13 -32.12 -21.25
N ARG E 309 -33.58 -32.66 -22.33
CA ARG E 309 -34.27 -32.79 -23.60
C ARG E 309 -34.83 -31.42 -24.07
N ALA E 310 -36.15 -31.26 -24.10
CA ALA E 310 -36.80 -30.04 -24.58
C ALA E 310 -37.10 -29.07 -23.42
N GLY E 311 -36.70 -29.47 -22.22
CA GLY E 311 -36.93 -28.65 -21.03
C GLY E 311 -37.87 -29.37 -20.11
N CYS E 312 -37.86 -28.97 -18.85
CA CYS E 312 -38.73 -29.56 -17.85
C CYS E 312 -39.03 -28.50 -16.81
N PRO E 313 -40.32 -28.14 -16.62
CA PRO E 313 -40.64 -27.17 -15.60
C PRO E 313 -40.22 -27.68 -14.23
N SER E 314 -39.52 -26.85 -13.48
CA SER E 314 -38.99 -27.27 -12.20
C SER E 314 -39.02 -26.15 -11.20
N VAL E 315 -38.95 -26.53 -9.94
CA VAL E 315 -38.96 -25.59 -8.86
C VAL E 315 -38.14 -26.18 -7.70
N VAL E 316 -37.43 -25.34 -6.95
CA VAL E 316 -36.68 -25.82 -5.81
C VAL E 316 -37.39 -25.50 -4.49
N ILE E 317 -37.58 -26.53 -3.68
CA ILE E 317 -38.21 -26.39 -2.37
C ILE E 317 -37.18 -26.71 -1.33
N THR E 318 -37.09 -25.90 -0.28
CA THR E 318 -35.93 -25.95 0.60
C THR E 318 -36.28 -26.05 2.07
N ILE E 319 -35.40 -26.70 2.83
CA ILE E 319 -35.45 -26.63 4.28
C ILE E 319 -34.34 -25.68 4.77
N PRO E 320 -34.73 -24.58 5.42
CA PRO E 320 -33.70 -23.71 5.96
C PRO E 320 -32.82 -24.42 6.96
N THR E 321 -31.52 -24.32 6.75
CA THR E 321 -30.51 -25.01 7.50
C THR E 321 -29.40 -24.02 7.85
N ARG E 322 -28.93 -24.06 9.08
CA ARG E 322 -27.83 -23.21 9.52
C ARG E 322 -26.51 -23.95 9.39
N HIS E 323 -25.49 -23.26 8.90
CA HIS E 323 -24.13 -23.79 8.82
C HIS E 323 -23.98 -25.03 7.91
N ILE E 324 -24.48 -24.93 6.67
CA ILE E 324 -24.24 -25.98 5.70
C ILE E 324 -22.79 -25.94 5.21
N HIS E 325 -22.38 -26.97 4.47
CA HIS E 325 -21.02 -27.09 3.97
C HIS E 325 -20.02 -26.89 5.11
N SER E 326 -20.33 -27.47 6.27
CA SER E 326 -19.47 -27.43 7.44
C SER E 326 -19.68 -28.70 8.25
N HIS E 327 -18.88 -28.90 9.30
CA HIS E 327 -18.96 -30.15 10.06
C HIS E 327 -20.30 -30.36 10.74
N VAL E 328 -20.93 -29.28 11.18
CA VAL E 328 -22.15 -29.42 11.93
C VAL E 328 -23.11 -28.28 11.63
N GLY E 329 -24.35 -28.66 11.36
CA GLY E 329 -25.39 -27.70 10.99
C GLY E 329 -26.62 -27.94 11.83
N LEU E 330 -27.61 -27.07 11.71
CA LEU E 330 -28.85 -27.22 12.44
C LEU E 330 -30.03 -27.02 11.51
N LEU E 331 -31.07 -27.82 11.68
CA LEU E 331 -32.34 -27.53 11.01
C LEU E 331 -33.53 -27.87 11.89
N SER E 332 -34.70 -27.35 11.50
CA SER E 332 -35.95 -27.55 12.27
C SER E 332 -36.73 -28.79 11.81
N LEU E 333 -37.08 -29.66 12.75
CA LEU E 333 -37.87 -30.85 12.43
C LEU E 333 -39.27 -30.50 12.00
N LYS E 334 -39.76 -29.36 12.50
CA LYS E 334 -41.05 -28.84 12.11
C LYS E 334 -41.06 -28.40 10.65
N ASP E 335 -40.03 -27.66 10.23
CA ASP E 335 -39.89 -27.26 8.82
C ASP E 335 -39.87 -28.49 7.91
N THR E 336 -39.11 -29.50 8.33
CA THR E 336 -38.97 -30.75 7.61
C THR E 336 -40.33 -31.42 7.44
N GLU E 337 -41.06 -31.52 8.53
CA GLU E 337 -42.39 -32.11 8.49
C GLU E 337 -43.30 -31.37 7.49
N ASN E 338 -43.27 -30.05 7.54
CA ASN E 338 -44.07 -29.25 6.62
C ASN E 338 -43.64 -29.40 5.17
N ALA E 339 -42.35 -29.61 4.93
CA ALA E 339 -41.88 -29.87 3.58
C ALA E 339 -42.47 -31.18 3.07
N ILE E 340 -42.53 -32.18 3.95
CA ILE E 340 -43.12 -33.45 3.57
C ILE E 340 -44.58 -33.24 3.25
N ARG E 341 -45.29 -32.55 4.13
CA ARG E 341 -46.72 -32.28 3.89
C ARG E 341 -46.91 -31.59 2.56
N LEU E 342 -46.11 -30.56 2.31
CA LEU E 342 -46.27 -29.77 1.12
C LEU E 342 -46.10 -30.59 -0.16
N VAL E 343 -45.07 -31.41 -0.18
CA VAL E 343 -44.78 -32.16 -1.36
C VAL E 343 -45.89 -33.15 -1.69
N ILE E 344 -46.47 -33.75 -0.65
CA ILE E 344 -47.58 -34.64 -0.83
C ILE E 344 -48.76 -33.91 -1.47
N GLU E 345 -49.12 -32.74 -0.93
CA GLU E 345 -50.20 -31.94 -1.49
C GLU E 345 -49.96 -31.59 -2.95
N LEU E 346 -48.72 -31.30 -3.30
CA LEU E 346 -48.38 -30.98 -4.67
C LEU E 346 -48.62 -32.20 -5.57
N ILE E 347 -48.07 -33.33 -5.16
CA ILE E 347 -48.17 -34.55 -5.95
C ILE E 347 -49.64 -34.98 -6.16
N LYS E 348 -50.45 -34.83 -5.12
CA LYS E 348 -51.89 -35.10 -5.24
C LYS E 348 -52.52 -34.35 -6.40
N ARG E 349 -52.10 -33.10 -6.60
CA ARG E 349 -52.75 -32.20 -7.58
C ARG E 349 -52.04 -32.08 -8.94
N LEU E 350 -50.91 -32.74 -9.11
CA LEU E 350 -50.17 -32.62 -10.36
C LEU E 350 -50.64 -33.65 -11.40
N ASP E 351 -51.84 -33.44 -11.94
CA ASP E 351 -52.37 -34.29 -13.02
C ASP E 351 -51.84 -33.81 -14.37
N LEU E 352 -52.10 -34.58 -15.43
CA LEU E 352 -51.59 -34.25 -16.76
C LEU E 352 -52.02 -32.87 -17.23
N GLU E 353 -53.26 -32.49 -16.95
CA GLU E 353 -53.79 -31.21 -17.44
C GLU E 353 -53.08 -30.01 -16.78
N THR E 354 -52.93 -30.05 -15.47
CA THR E 354 -52.24 -28.99 -14.72
C THR E 354 -50.81 -28.81 -15.22
N VAL E 355 -50.13 -29.92 -15.45
CA VAL E 355 -48.73 -29.93 -15.87
C VAL E 355 -48.53 -29.38 -17.29
N GLU E 356 -49.42 -29.75 -18.21
CA GLU E 356 -49.36 -29.20 -19.56
C GLU E 356 -49.64 -27.71 -19.53
N GLY E 357 -50.46 -27.28 -18.57
CA GLY E 357 -50.77 -25.85 -18.38
C GLY E 357 -49.61 -24.99 -17.92
N PHE E 358 -48.52 -25.61 -17.48
CA PHE E 358 -47.34 -24.87 -17.06
C PHE E 358 -46.48 -24.40 -18.22
N THR E 359 -46.65 -25.03 -19.37
CA THR E 359 -45.84 -24.75 -20.55
C THR E 359 -46.73 -24.18 -21.65
N SER F 1 -7.93 -54.45 35.37
CA SER F 1 -8.54 -53.57 36.41
C SER F 1 -7.73 -52.31 36.62
N ASN F 2 -6.53 -52.34 37.19
CA ASN F 2 -5.85 -51.06 37.40
C ASN F 2 -5.57 -50.34 36.08
N ALA F 3 -5.14 -51.11 35.07
CA ALA F 3 -4.99 -50.62 33.70
C ALA F 3 -6.33 -50.09 33.11
N ASP F 4 -7.44 -50.77 33.45
CA ASP F 4 -8.80 -50.30 33.17
C ASP F 4 -9.10 -49.02 33.93
N LYS F 5 -8.90 -49.04 35.24
CA LYS F 5 -9.16 -47.90 36.11
C LYS F 5 -8.34 -46.68 35.73
N SER F 6 -7.10 -46.89 35.27
CA SER F 6 -6.27 -45.80 34.74
C SER F 6 -6.84 -45.18 33.47
N MSE F 7 -7.21 -46.02 32.51
CA MSE F 7 -7.78 -45.52 31.25
C MSE F 7 -9.12 -44.92 31.48
O MSE F 7 -9.47 -44.00 30.78
CB MSE F 7 -7.85 -46.64 30.21
CG MSE F 7 -6.45 -46.93 29.64
SE MSE F 7 -5.62 -45.34 28.77
CE MSE F 7 -3.94 -45.37 29.86
N GLU F 8 -9.88 -45.43 32.44
CA GLU F 8 -11.19 -44.87 32.78
C GLU F 8 -10.98 -43.50 33.39
N LEU F 9 -9.92 -43.33 34.16
CA LEU F 9 -9.61 -42.04 34.74
C LEU F 9 -9.24 -41.06 33.63
N MSE F 10 -8.32 -41.48 32.77
CA MSE F 10 -7.89 -40.64 31.66
C MSE F 10 -9.09 -40.18 30.87
O MSE F 10 -9.29 -38.98 30.72
CB MSE F 10 -6.90 -41.33 30.73
CG MSE F 10 -6.14 -40.27 29.95
SE MSE F 10 -4.91 -41.03 28.61
CE MSE F 10 -3.53 -41.60 29.89
N LYS F 11 -9.93 -41.11 30.44
CA LYS F 11 -11.16 -40.75 29.71
C LYS F 11 -12.03 -39.73 30.45
N THR F 12 -12.26 -39.99 31.73
CA THR F 12 -13.13 -39.15 32.52
C THR F 12 -12.60 -37.73 32.69
N LEU F 13 -11.29 -37.63 32.90
CA LEU F 13 -10.61 -36.33 32.98
C LEU F 13 -10.72 -35.53 31.71
N MSE F 14 -10.33 -36.13 30.59
CA MSE F 14 -10.34 -35.41 29.32
C MSE F 14 -11.74 -35.08 28.87
O MSE F 14 -11.93 -34.16 28.06
CB MSE F 14 -9.71 -36.23 28.21
CG MSE F 14 -8.27 -36.67 28.44
SE MSE F 14 -7.16 -35.35 29.40
CE MSE F 14 -6.06 -36.62 30.44
N GLU F 15 -12.74 -35.80 29.36
CA GLU F 15 -14.12 -35.53 29.00
C GLU F 15 -14.86 -34.62 30.01
N ALA F 16 -14.27 -34.40 31.18
CA ALA F 16 -14.87 -33.56 32.21
C ALA F 16 -14.97 -32.09 31.80
N PHE F 17 -15.93 -31.41 32.42
CA PHE F 17 -16.12 -29.98 32.24
C PHE F 17 -15.27 -29.22 33.26
N GLY F 18 -14.31 -28.41 32.78
CA GLY F 18 -13.51 -27.61 33.72
C GLY F 18 -12.61 -26.52 33.14
N PRO F 19 -13.21 -25.44 32.64
CA PRO F 19 -12.43 -24.34 32.08
C PRO F 19 -11.89 -23.48 33.20
N SER F 20 -10.93 -22.60 32.90
CA SER F 20 -10.31 -21.78 33.92
C SER F 20 -11.36 -21.07 34.76
N GLY F 21 -11.25 -21.22 36.08
CA GLY F 21 -12.22 -20.64 37.03
C GLY F 21 -13.37 -21.56 37.45
N PHE F 22 -13.55 -22.65 36.72
CA PHE F 22 -14.68 -23.53 36.94
C PHE F 22 -14.24 -24.98 36.93
N GLU F 23 -13.25 -25.29 37.76
CA GLU F 23 -12.60 -26.61 37.70
C GLU F 23 -13.12 -27.62 38.71
N ARG F 24 -14.24 -27.32 39.36
CA ARG F 24 -14.65 -28.13 40.50
C ARG F 24 -15.03 -29.56 40.15
N GLU F 25 -15.73 -29.75 39.04
CA GLU F 25 -16.09 -31.10 38.57
C GLU F 25 -14.86 -31.97 38.34
N VAL F 26 -13.82 -31.39 37.77
CA VAL F 26 -12.60 -32.14 37.45
C VAL F 26 -11.79 -32.45 38.70
N ASN F 27 -11.75 -31.51 39.63
CA ASN F 27 -11.00 -31.72 40.84
C ASN F 27 -11.71 -32.67 41.79
N ALA F 28 -13.04 -32.76 41.66
CA ALA F 28 -13.81 -33.79 42.34
C ALA F 28 -13.42 -35.19 41.85
N ILE F 29 -13.26 -35.33 40.55
CA ILE F 29 -12.84 -36.60 39.94
C ILE F 29 -11.47 -37.03 40.47
N CYS F 30 -10.59 -36.06 40.62
CA CYS F 30 -9.26 -36.31 41.15
C CYS F 30 -9.32 -36.75 42.61
N LYS F 31 -10.12 -36.07 43.43
CA LYS F 31 -10.23 -36.43 44.84
C LYS F 31 -10.73 -37.84 44.98
N GLU F 32 -11.71 -38.21 44.17
CA GLU F 32 -12.32 -39.52 44.29
C GLU F 32 -11.34 -40.63 43.93
N TYR F 33 -10.61 -40.46 42.84
CA TYR F 33 -9.63 -41.44 42.43
C TYR F 33 -8.55 -41.61 43.47
N MSE F 34 -8.20 -40.53 44.17
CA MSE F 34 -7.09 -40.54 45.10
C MSE F 34 -7.45 -40.82 46.54
O MSE F 34 -6.54 -40.94 47.36
CB MSE F 34 -6.39 -39.18 45.06
CG MSE F 34 -5.72 -38.96 43.72
SE MSE F 34 -4.04 -39.99 43.55
CE MSE F 34 -2.98 -38.87 44.78
N GLU F 35 -8.73 -40.95 46.87
CA GLU F 35 -9.13 -41.26 48.26
C GLU F 35 -8.31 -42.39 48.86
N PRO F 36 -8.17 -43.52 48.14
CA PRO F 36 -7.44 -44.63 48.75
C PRO F 36 -5.93 -44.55 48.70
N TYR F 37 -5.36 -43.51 48.09
CA TYR F 37 -3.90 -43.45 47.89
C TYR F 37 -3.15 -42.29 48.58
N ALA F 38 -3.84 -41.21 48.89
CA ALA F 38 -3.19 -40.06 49.50
C ALA F 38 -3.31 -40.13 51.01
N ASP F 39 -2.25 -39.76 51.71
CA ASP F 39 -2.25 -39.76 53.16
C ASP F 39 -3.02 -38.55 53.71
N GLU F 40 -3.14 -37.49 52.92
CA GLU F 40 -3.84 -36.28 53.35
C GLU F 40 -4.15 -35.42 52.11
N VAL F 41 -5.14 -34.55 52.22
CA VAL F 41 -5.54 -33.67 51.12
C VAL F 41 -5.65 -32.22 51.60
N VAL F 42 -4.88 -31.32 50.99
CA VAL F 42 -4.98 -29.90 51.31
C VAL F 42 -5.44 -29.14 50.06
N VAL F 43 -6.06 -27.99 50.27
CA VAL F 43 -6.59 -27.18 49.17
C VAL F 43 -6.14 -25.72 49.28
N ASP F 44 -6.18 -25.00 48.17
CA ASP F 44 -6.12 -23.54 48.23
C ASP F 44 -7.55 -23.00 48.01
N LYS F 45 -7.72 -21.71 48.24
CA LYS F 45 -9.05 -21.13 48.21
C LYS F 45 -9.50 -20.80 46.79
N LEU F 46 -8.60 -20.93 45.83
CA LEU F 46 -8.97 -20.80 44.42
C LEU F 46 -9.57 -22.07 43.85
N GLY F 47 -9.34 -23.20 44.50
CA GLY F 47 -9.89 -24.47 44.04
C GLY F 47 -8.86 -25.55 43.71
N SER F 48 -7.57 -25.27 43.89
CA SER F 48 -6.54 -26.29 43.70
C SER F 48 -6.62 -27.32 44.81
N VAL F 49 -6.62 -28.60 44.44
CA VAL F 49 -6.50 -29.67 45.40
C VAL F 49 -5.13 -30.31 45.29
N THR F 50 -4.57 -30.66 46.45
CA THR F 50 -3.22 -31.16 46.55
C THR F 50 -3.21 -32.42 47.42
N PHE F 51 -2.55 -33.46 46.93
CA PHE F 51 -2.52 -34.77 47.58
C PHE F 51 -1.15 -35.02 48.14
N ILE F 52 -1.10 -35.36 49.42
CA ILE F 52 0.16 -35.56 50.13
C ILE F 52 0.45 -37.05 50.34
N ALA F 53 1.63 -37.47 49.91
CA ALA F 53 2.17 -38.79 50.25
C ALA F 53 3.32 -38.57 51.23
N LYS F 54 3.11 -38.98 52.49
CA LYS F 54 4.02 -38.67 53.58
C LYS F 54 5.31 -39.47 53.54
N GLY F 55 6.34 -38.86 54.10
CA GLY F 55 7.65 -39.47 54.30
C GLY F 55 8.35 -38.52 55.25
N ASN F 56 9.60 -38.18 54.95
CA ASN F 56 10.32 -37.24 55.81
C ASN F 56 9.72 -35.84 55.69
N ASP F 57 9.49 -35.16 56.82
CA ASP F 57 8.94 -33.79 56.81
C ASP F 57 9.55 -32.92 55.72
N ARG F 58 10.87 -33.03 55.56
CA ARG F 58 11.60 -32.28 54.55
C ARG F 58 12.54 -33.26 53.83
N PRO F 59 12.82 -33.07 52.54
CA PRO F 59 12.35 -31.94 51.71
C PRO F 59 10.93 -32.15 51.20
N ARG F 60 10.23 -31.05 50.95
CA ARG F 60 8.91 -31.10 50.34
C ARG F 60 9.04 -30.99 48.83
N ILE F 61 8.57 -32.04 48.14
CA ILE F 61 8.53 -32.07 46.67
C ILE F 61 7.14 -31.67 46.20
N LEU F 62 7.05 -30.63 45.38
CA LEU F 62 5.78 -30.23 44.80
C LEU F 62 5.73 -30.67 43.34
N MSE F 63 4.77 -31.51 43.02
CA MSE F 63 4.46 -31.83 41.62
C MSE F 63 3.18 -31.16 41.29
O MSE F 63 2.20 -31.28 42.03
CB MSE F 63 4.25 -33.30 41.40
CG MSE F 63 5.53 -34.10 41.53
SE MSE F 63 5.20 -35.85 40.68
CE MSE F 63 4.08 -36.69 42.09
N ALA F 64 3.12 -30.47 40.16
CA ALA F 64 1.92 -29.73 39.80
C ALA F 64 1.54 -29.96 38.35
N GLY F 65 0.25 -30.19 38.12
CA GLY F 65 -0.32 -30.20 36.78
C GLY F 65 -1.68 -29.52 36.82
N HIS F 66 -1.91 -28.52 35.96
CA HIS F 66 -3.15 -27.75 36.03
C HIS F 66 -4.32 -28.48 35.38
N THR F 67 -5.45 -28.47 36.07
CA THR F 67 -6.64 -29.16 35.58
C THR F 67 -7.61 -28.25 34.86
N ASP F 68 -7.37 -26.94 34.86
CA ASP F 68 -8.16 -26.07 34.03
C ASP F 68 -7.79 -26.27 32.55
N GLU F 69 -8.78 -26.11 31.69
CA GLU F 69 -8.60 -26.19 30.24
C GLU F 69 -9.01 -24.86 29.62
N VAL F 70 -8.48 -24.57 28.45
CA VAL F 70 -8.93 -23.41 27.76
C VAL F 70 -10.41 -23.59 27.47
N GLY F 71 -11.14 -22.48 27.50
CA GLY F 71 -12.60 -22.50 27.32
C GLY F 71 -13.14 -21.14 26.96
N PHE F 72 -14.42 -20.91 27.25
CA PHE F 72 -15.05 -19.63 26.98
C PHE F 72 -16.06 -19.33 28.08
N ILE F 73 -16.61 -18.13 28.04
CA ILE F 73 -17.59 -17.69 28.99
C ILE F 73 -18.62 -16.81 28.29
N VAL F 74 -19.89 -16.95 28.67
CA VAL F 74 -20.97 -16.23 27.99
C VAL F 74 -20.88 -14.75 28.35
N SER F 75 -20.81 -13.89 27.33
CA SER F 75 -20.71 -12.45 27.53
C SER F 75 -22.02 -11.72 27.26
N SER F 76 -22.95 -12.34 26.53
CA SER F 76 -24.29 -11.76 26.30
C SER F 76 -25.20 -12.72 25.57
N ILE F 77 -26.50 -12.45 25.61
CA ILE F 77 -27.49 -13.08 24.75
C ILE F 77 -28.03 -12.01 23.81
N SER F 78 -27.87 -12.22 22.51
CA SER F 78 -28.38 -11.29 21.51
C SER F 78 -29.90 -11.44 21.38
N LYS F 79 -30.52 -10.42 20.81
CA LYS F 79 -31.97 -10.36 20.61
C LYS F 79 -32.48 -11.55 19.76
N GLU F 80 -31.63 -12.12 18.92
CA GLU F 80 -32.00 -13.26 18.06
C GLU F 80 -31.74 -14.65 18.66
N GLY F 81 -31.13 -14.72 19.84
CA GLY F 81 -30.93 -16.00 20.53
C GLY F 81 -29.56 -16.62 20.36
N TYR F 82 -28.58 -15.78 20.09
CA TYR F 82 -27.20 -16.21 19.92
C TYR F 82 -26.44 -15.71 21.13
N LEU F 83 -25.35 -16.41 21.47
CA LEU F 83 -24.55 -16.01 22.59
C LEU F 83 -23.27 -15.39 22.08
N THR F 84 -22.83 -14.30 22.69
CA THR F 84 -21.46 -13.82 22.47
C THR F 84 -20.64 -14.41 23.61
N PHE F 85 -19.33 -14.46 23.43
CA PHE F 85 -18.47 -15.07 24.46
C PHE F 85 -17.14 -14.39 24.55
N ASN F 86 -16.50 -14.50 25.71
CA ASN F 86 -15.09 -14.17 25.83
C ASN F 86 -14.31 -15.45 25.98
N THR F 87 -13.04 -15.42 25.59
CA THR F 87 -12.19 -16.58 25.71
C THR F 87 -11.65 -16.67 27.12
N LEU F 88 -11.41 -17.90 27.58
CA LEU F 88 -10.73 -18.18 28.83
C LEU F 88 -9.47 -18.92 28.50
N GLY F 89 -8.35 -18.20 28.48
CA GLY F 89 -7.08 -18.78 28.08
C GLY F 89 -6.82 -18.46 26.61
N GLY F 90 -5.63 -18.75 26.14
CA GLY F 90 -5.20 -18.34 24.81
C GLY F 90 -5.72 -19.29 23.75
N TRP F 91 -6.51 -18.76 22.82
CA TRP F 91 -7.02 -19.50 21.67
C TRP F 91 -6.54 -18.88 20.38
N TRP F 92 -6.23 -19.68 19.39
CA TRP F 92 -6.03 -19.17 18.03
C TRP F 92 -7.40 -19.09 17.35
N SER F 93 -7.77 -17.92 16.83
CA SER F 93 -9.12 -17.77 16.27
C SER F 93 -9.40 -18.76 15.15
N GLN F 94 -8.36 -19.12 14.39
CA GLN F 94 -8.56 -19.95 13.20
C GLN F 94 -8.99 -21.39 13.44
N VAL F 95 -8.89 -21.85 14.69
CA VAL F 95 -9.40 -23.19 15.07
C VAL F 95 -10.81 -23.18 15.69
N LEU F 96 -11.48 -22.04 15.71
CA LEU F 96 -12.76 -21.90 16.44
C LEU F 96 -14.02 -22.10 15.60
N LEU F 97 -14.10 -21.46 14.44
CA LEU F 97 -15.30 -21.55 13.61
C LEU F 97 -15.72 -22.98 13.31
N GLY F 98 -17.01 -23.22 13.48
CA GLY F 98 -17.62 -24.49 13.11
C GLY F 98 -17.51 -25.53 14.19
N GLN F 99 -16.99 -25.16 15.35
CA GLN F 99 -16.72 -26.11 16.41
C GLN F 99 -17.85 -26.24 17.44
N ARG F 100 -18.03 -27.44 17.96
CA ARG F 100 -19.07 -27.71 18.95
C ARG F 100 -18.59 -27.33 20.33
N VAL F 101 -19.46 -26.69 21.08
CA VAL F 101 -19.17 -26.34 22.46
C VAL F 101 -20.35 -26.74 23.30
N VAL F 102 -20.14 -26.72 24.60
CA VAL F 102 -21.22 -26.96 25.56
C VAL F 102 -21.12 -25.97 26.73
N VAL F 103 -22.27 -25.39 27.06
CA VAL F 103 -22.38 -24.33 28.04
C VAL F 103 -23.02 -24.95 29.27
N ARG F 104 -22.47 -24.66 30.44
CA ARG F 104 -23.09 -25.16 31.66
C ARG F 104 -23.96 -24.08 32.29
N THR F 105 -25.28 -24.30 32.23
CA THR F 105 -26.24 -23.40 32.83
C THR F 105 -26.73 -23.98 34.16
N CYS F 106 -27.55 -23.21 34.86
CA CYS F 106 -28.26 -23.71 36.05
C CYS F 106 -29.21 -24.88 35.70
N LYS F 107 -29.71 -24.94 34.47
CA LYS F 107 -30.57 -26.04 34.02
C LYS F 107 -29.83 -27.23 33.44
N GLY F 108 -28.50 -27.16 33.38
CA GLY F 108 -27.69 -28.27 32.81
C GLY F 108 -26.91 -27.89 31.57
N MSE F 109 -26.39 -28.90 30.87
CA MSE F 109 -25.54 -28.70 29.69
C MSE F 109 -26.35 -28.29 28.51
O MSE F 109 -27.38 -28.90 28.19
CB MSE F 109 -24.81 -29.98 29.33
CG MSE F 109 -23.83 -30.47 30.41
SE MSE F 109 -22.44 -29.13 30.83
CE MSE F 109 -21.67 -30.01 32.42
N VAL F 110 -25.91 -27.26 27.83
CA VAL F 110 -26.57 -26.77 26.62
C VAL F 110 -25.57 -26.76 25.48
N HIS F 111 -25.89 -27.46 24.40
CA HIS F 111 -24.97 -27.58 23.28
C HIS F 111 -25.12 -26.47 22.31
N GLY F 112 -24.02 -26.14 21.65
CA GLY F 112 -24.00 -25.09 20.64
C GLY F 112 -22.83 -25.20 19.69
N ILE F 113 -22.80 -24.27 18.74
CA ILE F 113 -21.82 -24.27 17.67
C ILE F 113 -21.24 -22.87 17.54
N ILE F 114 -19.92 -22.76 17.43
CA ILE F 114 -19.30 -21.48 17.20
C ILE F 114 -19.56 -21.08 15.76
N ALA F 115 -20.08 -19.86 15.57
CA ALA F 115 -20.48 -19.40 14.24
C ALA F 115 -20.14 -17.95 14.01
N SER F 116 -20.19 -17.56 12.74
CA SER F 116 -20.03 -16.15 12.36
C SER F 116 -21.00 -15.83 11.23
N LYS F 117 -20.99 -14.59 10.79
CA LYS F 117 -21.70 -14.23 9.58
C LYS F 117 -21.09 -15.02 8.43
N PRO F 118 -21.94 -15.64 7.58
CA PRO F 118 -21.46 -16.42 6.43
C PRO F 118 -20.84 -15.49 5.42
N PRO F 119 -19.77 -15.93 4.74
CA PRO F 119 -19.01 -15.03 3.85
C PRO F 119 -19.77 -14.50 2.62
N HIS F 120 -20.76 -15.22 2.11
CA HIS F 120 -21.50 -14.79 0.93
C HIS F 120 -22.41 -13.57 1.18
N ILE F 121 -22.70 -13.22 2.44
CA ILE F 121 -23.39 -11.95 2.78
C ILE F 121 -22.43 -10.82 3.20
N LEU F 122 -21.14 -10.97 2.87
CA LEU F 122 -20.14 -9.95 3.15
C LEU F 122 -19.63 -9.40 1.83
N PRO F 123 -19.04 -8.20 1.86
CA PRO F 123 -18.42 -7.66 0.64
C PRO F 123 -17.23 -8.53 0.20
N PRO F 124 -16.93 -8.57 -1.12
CA PRO F 124 -15.86 -9.46 -1.61
C PRO F 124 -14.49 -9.28 -0.91
N ASP F 125 -14.14 -8.05 -0.54
CA ASP F 125 -12.85 -7.77 0.12
C ASP F 125 -12.79 -8.23 1.58
N GLU F 126 -13.96 -8.45 2.19
CA GLU F 126 -14.04 -8.85 3.60
C GLU F 126 -14.07 -10.38 3.80
N ARG F 127 -14.25 -11.13 2.71
CA ARG F 127 -14.27 -12.59 2.76
C ARG F 127 -12.88 -13.20 2.96
N LYS F 128 -11.87 -12.56 2.38
CA LYS F 128 -10.47 -12.98 2.55
C LYS F 128 -9.91 -12.60 3.93
N LYS F 129 -10.65 -11.78 4.68
CA LYS F 129 -10.22 -11.37 6.02
C LYS F 129 -10.49 -12.47 7.05
N ILE F 130 -9.56 -12.65 7.97
CA ILE F 130 -9.76 -13.57 9.06
C ILE F 130 -10.94 -13.12 9.86
N VAL F 131 -11.75 -14.06 10.33
CA VAL F 131 -12.81 -13.72 11.27
C VAL F 131 -12.21 -13.70 12.67
N GLU F 132 -12.28 -12.56 13.33
CA GLU F 132 -11.79 -12.43 14.70
C GLU F 132 -12.80 -13.01 15.67
N ALA F 133 -12.32 -13.46 16.81
CA ALA F 133 -13.18 -14.07 17.82
C ALA F 133 -14.22 -13.10 18.40
N ARG F 134 -13.86 -11.83 18.47
CA ARG F 134 -14.81 -10.79 18.88
C ARG F 134 -16.08 -10.74 18.01
N ASP F 135 -15.97 -11.15 16.73
CA ASP F 135 -17.11 -11.18 15.80
C ASP F 135 -17.76 -12.55 15.65
N MSE F 136 -17.43 -13.49 16.52
CA MSE F 136 -18.05 -14.80 16.49
C MSE F 136 -19.14 -14.86 17.56
O MSE F 136 -19.23 -14.00 18.40
CB MSE F 136 -17.03 -15.88 16.78
CG MSE F 136 -16.02 -15.98 15.67
SE MSE F 136 -14.71 -17.42 16.09
CE MSE F 136 -13.37 -16.90 14.73
N PHE F 137 -19.97 -15.89 17.49
CA PHE F 137 -20.93 -16.18 18.56
C PHE F 137 -21.25 -17.65 18.57
N ILE F 138 -22.06 -18.04 19.54
CA ILE F 138 -22.43 -19.40 19.71
C ILE F 138 -23.90 -19.54 19.41
N ASP F 139 -24.19 -20.50 18.55
CA ASP F 139 -25.53 -20.81 18.11
C ASP F 139 -25.97 -22.02 18.88
N ILE F 140 -27.06 -21.88 19.65
CA ILE F 140 -27.57 -22.99 20.43
C ILE F 140 -28.92 -23.47 19.91
N GLY F 141 -29.25 -23.09 18.67
CA GLY F 141 -30.47 -23.55 18.02
C GLY F 141 -31.69 -22.75 18.42
N ALA F 142 -31.45 -21.59 19.02
CA ALA F 142 -32.55 -20.77 19.50
C ALA F 142 -32.97 -19.83 18.40
N THR F 143 -34.23 -19.37 18.46
CA THR F 143 -34.79 -18.48 17.44
C THR F 143 -35.18 -17.12 18.00
N SER F 144 -34.88 -16.87 19.26
CA SER F 144 -35.22 -15.59 19.91
C SER F 144 -34.51 -15.50 21.26
N GLU F 145 -34.36 -14.27 21.77
CA GLU F 145 -33.78 -14.05 23.10
C GLU F 145 -34.50 -14.85 24.21
N GLU F 146 -35.81 -15.05 24.07
CA GLU F 146 -36.60 -15.77 25.06
C GLU F 146 -36.33 -17.26 25.00
N GLU F 147 -36.29 -17.81 23.80
CA GLU F 147 -36.05 -19.23 23.59
C GLU F 147 -34.66 -19.62 24.13
N ALA F 148 -33.73 -18.67 24.04
CA ALA F 148 -32.38 -18.84 24.59
C ALA F 148 -32.38 -18.84 26.08
N GLU F 149 -33.10 -17.89 26.67
CA GLU F 149 -33.24 -17.80 28.12
C GLU F 149 -33.86 -19.08 28.71
N GLU F 150 -34.85 -19.66 28.02
CA GLU F 150 -35.49 -20.90 28.48
C GLU F 150 -34.51 -22.04 28.71
N SER F 151 -33.42 -22.05 27.98
CA SER F 151 -32.37 -23.06 28.15
C SER F 151 -31.58 -22.88 29.45
N GLY F 152 -31.64 -21.69 30.04
CA GLY F 152 -31.01 -21.41 31.33
C GLY F 152 -29.79 -20.52 31.28
N VAL F 153 -29.43 -20.07 30.09
CA VAL F 153 -28.19 -19.34 29.87
C VAL F 153 -28.21 -17.97 30.56
N LYS F 154 -27.11 -17.66 31.23
CA LYS F 154 -26.91 -16.34 31.83
C LYS F 154 -25.51 -15.85 31.52
N VAL F 155 -25.36 -14.52 31.47
CA VAL F 155 -24.06 -13.92 31.33
C VAL F 155 -23.19 -14.43 32.49
N GLY F 156 -21.94 -14.76 32.18
CA GLY F 156 -21.03 -15.36 33.14
C GLY F 156 -21.01 -16.88 33.18
N ASP F 157 -21.86 -17.56 32.40
CA ASP F 157 -21.86 -19.01 32.36
C ASP F 157 -20.67 -19.57 31.58
N PRO F 158 -20.03 -20.63 32.11
CA PRO F 158 -18.83 -21.19 31.51
C PRO F 158 -19.10 -22.09 30.34
N ILE F 159 -18.12 -22.18 29.44
CA ILE F 159 -18.24 -22.93 28.21
C ILE F 159 -16.97 -23.73 27.96
N VAL F 160 -17.13 -24.98 27.52
CA VAL F 160 -15.99 -25.79 27.11
C VAL F 160 -16.18 -26.38 25.73
N PRO F 161 -15.07 -26.79 25.11
CA PRO F 161 -15.16 -27.51 23.85
C PRO F 161 -15.85 -28.86 24.06
N TRP F 162 -16.54 -29.33 23.03
CA TRP F 162 -17.13 -30.67 23.06
C TRP F 162 -16.20 -31.58 22.28
N SER F 163 -15.64 -32.58 22.94
CA SER F 163 -14.59 -33.40 22.36
C SER F 163 -14.42 -34.74 23.07
N PRO F 164 -14.98 -35.82 22.49
CA PRO F 164 -14.91 -37.13 23.13
C PRO F 164 -13.51 -37.68 23.14
N PHE F 165 -13.25 -38.52 24.12
CA PHE F 165 -11.97 -39.15 24.27
C PHE F 165 -11.99 -40.51 23.59
N SER F 166 -10.95 -40.81 22.83
CA SER F 166 -10.74 -42.15 22.32
C SER F 166 -9.26 -42.41 22.16
N VAL F 167 -8.93 -43.66 21.81
CA VAL F 167 -7.55 -44.05 21.52
C VAL F 167 -7.48 -44.56 20.11
N ILE F 168 -6.44 -44.16 19.39
CA ILE F 168 -6.26 -44.53 17.99
C ILE F 168 -4.88 -45.15 17.79
N GLN F 169 -4.56 -45.48 16.55
CA GLN F 169 -3.27 -46.06 16.20
C GLN F 169 -3.00 -47.31 17.02
N ASN F 170 -3.93 -48.26 16.96
CA ASN F 170 -3.76 -49.55 17.63
C ASN F 170 -3.38 -49.37 19.09
N GLY F 171 -4.13 -48.53 19.79
CA GLY F 171 -3.95 -48.35 21.23
C GLY F 171 -2.78 -47.48 21.66
N ARG F 172 -2.07 -46.86 20.72
CA ARG F 172 -0.83 -46.14 21.02
C ARG F 172 -1.02 -44.64 21.34
N VAL F 173 -2.06 -44.02 20.78
CA VAL F 173 -2.21 -42.58 20.77
C VAL F 173 -3.59 -42.15 21.25
N ALA F 174 -3.61 -41.25 22.23
CA ALA F 174 -4.85 -40.77 22.81
C ALA F 174 -5.31 -39.53 22.09
N MSE F 175 -6.63 -39.42 21.91
CA MSE F 175 -7.24 -38.32 21.19
C MSE F 175 -8.35 -37.73 22.00
O MSE F 175 -9.25 -38.44 22.46
CB MSE F 175 -7.82 -38.84 19.89
CG MSE F 175 -8.40 -37.74 18.99
SE MSE F 175 -8.95 -38.59 17.29
CE MSE F 175 -9.73 -37.10 16.28
N GLY F 176 -8.31 -36.42 22.17
CA GLY F 176 -9.33 -35.70 22.91
C GLY F 176 -8.89 -34.29 23.29
N LYS F 177 -9.65 -33.68 24.18
CA LYS F 177 -9.34 -32.33 24.61
C LYS F 177 -8.68 -32.32 25.98
N ALA F 178 -8.23 -31.14 26.38
CA ALA F 178 -7.76 -30.87 27.75
C ALA F 178 -6.55 -31.65 28.20
N PHE F 179 -5.81 -32.25 27.27
CA PHE F 179 -4.54 -32.88 27.65
C PHE F 179 -3.70 -31.87 28.41
N ASP F 180 -3.72 -30.61 27.96
CA ASP F 180 -3.10 -29.51 28.65
C ASP F 180 -4.09 -29.03 29.72
N ASP F 181 -3.91 -29.38 31.00
CA ASP F 181 -2.76 -30.15 31.50
C ASP F 181 -3.25 -31.27 32.43
N ARG F 182 -4.35 -31.89 32.03
CA ARG F 182 -4.89 -33.00 32.80
C ARG F 182 -4.02 -34.23 32.64
N ILE F 183 -3.27 -34.32 31.54
CA ILE F 183 -2.33 -35.40 31.38
C ILE F 183 -1.21 -35.27 32.39
N GLY F 184 -0.82 -34.04 32.70
CA GLY F 184 0.15 -33.79 33.77
C GLY F 184 -0.40 -34.18 35.14
N ALA F 185 -1.66 -33.86 35.37
CA ALA F 185 -2.33 -34.24 36.61
C ALA F 185 -2.43 -35.75 36.66
N PHE F 186 -2.72 -36.36 35.51
CA PHE F 186 -2.81 -37.80 35.42
C PHE F 186 -1.50 -38.46 35.85
N VAL F 187 -0.38 -37.90 35.37
CA VAL F 187 0.92 -38.45 35.67
C VAL F 187 1.23 -38.39 37.16
N LEU F 188 1.02 -37.24 37.77
CA LEU F 188 1.36 -37.11 39.17
C LEU F 188 0.47 -37.98 40.05
N MSE F 189 -0.80 -38.11 39.68
CA MSE F 189 -1.71 -38.99 40.39
C MSE F 189 -1.33 -40.43 40.27
O MSE F 189 -1.36 -41.18 41.24
CB MSE F 189 -3.12 -38.80 39.87
CG MSE F 189 -3.72 -37.54 40.47
SE MSE F 189 -5.63 -37.44 40.00
CE MSE F 189 -5.50 -36.99 38.10
N GLU F 190 -0.95 -40.85 39.06
CA GLU F 190 -0.51 -42.23 38.84
C GLU F 190 0.81 -42.53 39.53
N ALA F 191 1.69 -41.54 39.60
CA ALA F 191 2.95 -41.71 40.29
C ALA F 191 2.70 -41.99 41.76
N ILE F 192 1.89 -41.14 42.41
CA ILE F 192 1.58 -41.32 43.81
C ILE F 192 0.88 -42.65 44.05
N ARG F 193 -0.06 -43.01 43.18
CA ARG F 193 -0.77 -44.26 43.32
C ARG F 193 0.20 -45.42 43.31
N ARG F 194 1.07 -45.45 42.30
CA ARG F 194 2.01 -46.56 42.14
C ARG F 194 2.99 -46.69 43.26
N MSE F 195 3.40 -45.56 43.83
CA MSE F 195 4.35 -45.57 44.94
C MSE F 195 3.74 -46.20 46.16
O MSE F 195 4.41 -46.96 46.86
CB MSE F 195 4.80 -44.14 45.21
CG MSE F 195 5.75 -43.77 44.08
SE MSE F 195 6.74 -42.12 44.47
CE MSE F 195 8.51 -42.92 44.83
N LYS F 196 2.47 -45.93 46.41
CA LYS F 196 1.78 -46.59 47.49
C LYS F 196 1.56 -48.06 47.17
N ASP F 197 0.99 -48.37 46.00
CA ASP F 197 0.68 -49.77 45.61
C ASP F 197 1.87 -50.71 45.66
N GLN F 198 3.04 -50.23 45.26
CA GLN F 198 4.25 -51.07 45.25
C GLN F 198 5.18 -50.77 46.41
N GLY F 199 4.68 -50.06 47.43
CA GLY F 199 5.45 -49.71 48.62
C GLY F 199 6.82 -49.10 48.36
N ILE F 200 6.90 -48.22 47.36
CA ILE F 200 8.18 -47.59 47.00
C ILE F 200 8.49 -46.48 47.99
N GLU F 201 9.65 -46.58 48.64
CA GLU F 201 10.00 -45.63 49.67
C GLU F 201 10.65 -44.41 49.06
N HIS F 202 10.43 -43.26 49.69
CA HIS F 202 10.96 -41.99 49.20
C HIS F 202 11.34 -41.08 50.36
N PRO F 203 12.58 -40.58 50.36
CA PRO F 203 13.15 -39.86 51.49
C PRO F 203 12.65 -38.41 51.57
N ASN F 204 11.33 -38.24 51.55
CA ASN F 204 10.73 -36.91 51.38
C ASN F 204 9.22 -37.00 51.45
N THR F 205 8.60 -35.82 51.51
CA THR F 205 7.14 -35.72 51.47
C THR F 205 6.76 -35.15 50.11
N VAL F 206 5.81 -35.80 49.45
CA VAL F 206 5.41 -35.45 48.09
C VAL F 206 4.05 -34.77 48.09
N TYR F 207 3.99 -33.58 47.51
CA TYR F 207 2.74 -32.85 47.37
C TYR F 207 2.36 -32.87 45.91
N GLY F 208 1.37 -33.68 45.57
CA GLY F 208 0.89 -33.79 44.19
C GLY F 208 -0.30 -32.90 43.98
N SER F 209 -0.14 -31.86 43.19
CA SER F 209 -1.12 -30.81 43.16
C SER F 209 -1.81 -30.65 41.81
N ALA F 210 -3.12 -30.63 41.84
CA ALA F 210 -3.93 -30.34 40.68
C ALA F 210 -4.35 -28.86 40.72
N THR F 211 -3.50 -28.01 40.17
CA THR F 211 -3.70 -26.56 40.24
C THR F 211 -4.81 -26.04 39.32
N VAL F 212 -5.33 -24.87 39.67
CA VAL F 212 -6.39 -24.21 38.90
C VAL F 212 -5.87 -22.92 38.27
N GLN F 213 -6.61 -22.46 37.26
CA GLN F 213 -6.36 -21.17 36.63
C GLN F 213 -4.94 -20.92 36.10
N GLU F 214 -4.29 -21.96 35.57
CA GLU F 214 -3.00 -21.76 34.88
C GLU F 214 -3.19 -20.98 33.59
N GLU F 215 -4.22 -21.31 32.82
CA GLU F 215 -4.36 -20.80 31.46
C GLU F 215 -4.65 -19.30 31.42
N VAL F 216 -5.02 -18.71 32.57
CA VAL F 216 -5.33 -17.28 32.65
C VAL F 216 -4.31 -16.46 33.47
N GLY F 217 -3.18 -17.04 33.83
CA GLY F 217 -2.15 -16.28 34.55
C GLY F 217 -1.46 -16.97 35.74
N LEU F 218 -1.37 -18.30 35.70
CA LEU F 218 -0.63 -19.08 36.70
C LEU F 218 -1.12 -18.80 38.12
N ARG F 219 -2.43 -18.63 38.27
CA ARG F 219 -3.00 -18.12 39.50
C ARG F 219 -3.03 -19.14 40.61
N GLY F 220 -3.49 -20.35 40.32
CA GLY F 220 -3.52 -21.41 41.33
C GLY F 220 -2.14 -21.86 41.80
N ALA F 221 -1.16 -21.79 40.91
CA ALA F 221 0.22 -22.14 41.26
C ALA F 221 0.78 -21.24 42.35
N GLN F 222 0.52 -19.94 42.25
CA GLN F 222 1.01 -18.99 43.24
C GLN F 222 0.49 -19.29 44.64
N THR F 223 -0.81 -19.51 44.72
CA THR F 223 -1.49 -19.76 45.99
C THR F 223 -1.22 -21.16 46.54
N THR F 224 -1.07 -22.15 45.68
CA THR F 224 -0.70 -23.50 46.11
C THR F 224 0.75 -23.53 46.61
N ALA F 225 1.64 -22.82 45.94
CA ALA F 225 3.02 -22.71 46.39
C ALA F 225 3.10 -22.09 47.79
N HIS F 226 2.25 -21.10 48.05
CA HIS F 226 2.17 -20.50 49.37
C HIS F 226 1.77 -21.52 50.43
N VAL F 227 0.76 -22.34 50.12
CA VAL F 227 0.27 -23.34 51.08
C VAL F 227 1.34 -24.40 51.39
N VAL F 228 2.07 -24.84 50.37
CA VAL F 228 2.96 -25.99 50.50
C VAL F 228 4.36 -25.66 51.05
N ASP F 229 4.91 -24.50 50.68
CA ASP F 229 6.30 -24.14 51.04
C ASP F 229 7.28 -25.23 50.54
N PRO F 230 7.36 -25.44 49.22
CA PRO F 230 8.15 -26.52 48.67
C PRO F 230 9.65 -26.23 48.65
N ASP F 231 10.44 -27.29 48.76
CA ASP F 231 11.90 -27.21 48.69
C ASP F 231 12.43 -27.52 47.28
N VAL F 232 11.64 -28.26 46.50
CA VAL F 232 11.93 -28.49 45.08
C VAL F 232 10.61 -28.76 44.35
N ALA F 233 10.52 -28.38 43.08
CA ALA F 233 9.29 -28.53 42.33
C ALA F 233 9.47 -29.21 40.97
N LEU F 234 8.57 -30.15 40.68
CA LEU F 234 8.52 -30.77 39.36
C LEU F 234 7.19 -30.41 38.75
N VAL F 235 7.21 -29.52 37.76
CA VAL F 235 5.98 -29.15 37.10
C VAL F 235 5.79 -30.02 35.87
N LEU F 236 4.59 -30.58 35.73
CA LEU F 236 4.26 -31.41 34.61
C LEU F 236 3.36 -30.66 33.67
N GLU F 237 3.74 -30.59 32.41
CA GLU F 237 3.01 -29.83 31.41
C GLU F 237 3.03 -30.59 30.10
N VAL F 238 2.41 -30.02 29.10
CA VAL F 238 2.50 -30.51 27.76
C VAL F 238 3.55 -29.69 27.04
N ASP F 239 4.07 -30.24 25.96
CA ASP F 239 5.00 -29.53 25.09
C ASP F 239 4.34 -29.49 23.73
N ILE F 240 4.51 -28.39 23.03
CA ILE F 240 4.02 -28.30 21.68
C ILE F 240 4.90 -29.22 20.85
N ALA F 241 4.29 -30.20 20.21
CA ALA F 241 5.05 -31.18 19.46
C ALA F 241 5.19 -30.74 18.01
N GLY F 242 6.44 -30.60 17.57
CA GLY F 242 6.76 -30.21 16.19
C GLY F 242 6.93 -31.40 15.26
N ASP F 243 5.83 -32.11 15.00
CA ASP F 243 5.82 -33.27 14.09
C ASP F 243 5.26 -32.88 12.74
N VAL F 244 4.81 -31.64 12.61
CA VAL F 244 4.09 -31.15 11.42
C VAL F 244 5.08 -30.64 10.35
N PRO F 245 4.81 -30.94 9.05
CA PRO F 245 5.77 -30.64 7.96
C PRO F 245 6.04 -29.14 7.73
N PRO F 249 11.09 -27.03 13.24
CA PRO F 249 12.22 -27.77 13.88
C PRO F 249 12.87 -27.17 15.16
N HIS F 250 13.77 -26.17 15.05
CA HIS F 250 14.38 -25.54 16.22
C HIS F 250 13.39 -24.82 17.13
N GLU F 251 12.25 -24.42 16.56
CA GLU F 251 11.20 -23.75 17.34
C GLU F 251 10.35 -24.73 18.17
N ALA F 252 10.27 -25.99 17.74
CA ALA F 252 9.56 -27.06 18.46
C ALA F 252 10.38 -28.34 18.38
N LEU F 253 11.26 -28.51 19.34
CA LEU F 253 12.19 -29.63 19.35
C LEU F 253 11.54 -30.99 19.57
N THR F 254 10.44 -31.07 20.32
CA THR F 254 9.91 -32.37 20.75
C THR F 254 9.07 -33.06 19.70
N LYS F 255 9.13 -34.38 19.72
CA LYS F 255 8.36 -35.24 18.84
C LYS F 255 7.52 -36.23 19.64
N MSE F 256 6.28 -36.44 19.21
CA MSE F 256 5.40 -37.35 19.92
C MSE F 256 5.94 -38.74 19.72
O MSE F 256 6.23 -39.15 18.59
CB MSE F 256 3.99 -37.22 19.35
CG MSE F 256 3.00 -38.08 20.11
SE MSE F 256 1.25 -38.07 19.19
CE MSE F 256 1.59 -39.23 17.63
N GLY F 257 6.11 -39.45 20.83
CA GLY F 257 6.59 -40.84 20.80
C GLY F 257 8.06 -41.05 21.08
N LYS F 258 8.82 -39.96 21.17
CA LYS F 258 10.25 -40.01 21.40
C LYS F 258 10.60 -39.70 22.86
N GLY F 259 9.60 -39.71 23.72
CA GLY F 259 9.82 -39.64 25.16
C GLY F 259 9.41 -38.32 25.78
N PRO F 260 9.30 -38.26 27.12
CA PRO F 260 8.99 -36.99 27.76
C PRO F 260 10.05 -35.94 27.50
N GLY F 261 9.67 -34.69 27.67
CA GLY F 261 10.57 -33.59 27.45
C GLY F 261 11.05 -32.99 28.75
N LEU F 262 12.16 -32.28 28.67
CA LEU F 262 12.66 -31.51 29.79
C LEU F 262 12.91 -30.11 29.28
N VAL F 263 12.28 -29.14 29.94
CA VAL F 263 12.36 -27.77 29.47
C VAL F 263 13.61 -27.10 30.03
N THR F 264 14.49 -26.67 29.12
CA THR F 264 15.75 -26.05 29.46
C THR F 264 15.65 -24.53 29.54
N TYR F 265 14.58 -23.97 29.01
CA TYR F 265 14.32 -22.54 29.10
C TYR F 265 12.90 -22.24 28.66
N ASP F 266 12.23 -21.36 29.38
CA ASP F 266 10.96 -20.82 28.91
C ASP F 266 10.82 -19.39 29.38
N ARG F 267 9.84 -18.69 28.83
CA ARG F 267 9.62 -17.28 29.12
C ARG F 267 9.37 -17.01 30.61
N SER F 268 8.77 -17.97 31.33
CA SER F 268 8.43 -17.81 32.75
C SER F 268 9.54 -18.26 33.73
N MSE F 269 10.50 -19.03 33.26
CA MSE F 269 11.57 -19.54 34.12
C MSE F 269 12.77 -20.13 33.40
O MSE F 269 12.63 -20.83 32.41
CB MSE F 269 10.99 -20.64 35.01
CG MSE F 269 12.07 -21.26 35.90
SE MSE F 269 11.39 -22.74 36.99
CE MSE F 269 11.37 -24.16 35.62
N ILE F 270 13.96 -19.83 33.93
CA ILE F 270 15.19 -20.57 33.60
C ILE F 270 15.44 -21.58 34.71
N PRO F 271 15.40 -22.87 34.38
CA PRO F 271 15.45 -23.85 35.47
C PRO F 271 16.75 -23.79 36.28
N ASN F 272 16.67 -24.23 37.53
CA ASN F 272 17.85 -24.49 38.33
C ASN F 272 18.74 -25.48 37.61
N GLN F 273 20.01 -25.15 37.46
CA GLN F 273 20.89 -25.93 36.59
C GLN F 273 21.31 -27.27 37.18
N PRO F 274 21.72 -27.29 38.46
CA PRO F 274 21.95 -28.58 39.13
C PRO F 274 20.77 -29.55 39.03
N LEU F 275 19.55 -29.04 39.20
CA LEU F 275 18.35 -29.87 39.13
C LEU F 275 18.12 -30.38 37.72
N LYS F 276 18.38 -29.52 36.72
CA LYS F 276 18.28 -29.94 35.34
C LYS F 276 19.22 -31.10 35.05
N GLU F 277 20.47 -30.97 35.49
CA GLU F 277 21.47 -32.00 35.26
C GLU F 277 21.06 -33.30 35.97
N PHE F 278 20.50 -33.15 37.17
CA PHE F 278 20.02 -34.29 37.96
C PHE F 278 18.98 -35.09 37.18
N VAL F 279 18.00 -34.41 36.60
CA VAL F 279 16.95 -35.09 35.86
C VAL F 279 17.51 -35.80 34.62
N ILE F 280 18.39 -35.12 33.89
CA ILE F 280 19.00 -35.70 32.70
C ILE F 280 19.72 -37.00 33.06
N ASN F 281 20.43 -36.99 34.19
CA ASN F 281 21.19 -38.18 34.61
C ASN F 281 20.31 -39.29 35.13
N VAL F 282 19.30 -38.95 35.93
CA VAL F 282 18.39 -39.95 36.43
C VAL F 282 17.73 -40.66 35.26
N ALA F 283 17.34 -39.90 34.24
CA ALA F 283 16.69 -40.47 33.06
C ALA F 283 17.63 -41.37 32.28
N LYS F 284 18.88 -40.94 32.11
CA LYS F 284 19.87 -41.71 31.38
C LYS F 284 20.15 -43.03 32.08
N GLN F 285 20.31 -42.96 33.39
CA GLN F 285 20.59 -44.11 34.23
C GLN F 285 19.43 -45.10 34.24
N ALA F 286 18.20 -44.57 34.26
CA ALA F 286 17.01 -45.41 34.20
C ALA F 286 16.61 -45.81 32.77
N GLN F 287 17.40 -45.38 31.79
CA GLN F 287 17.14 -45.65 30.37
C GLN F 287 15.79 -45.17 29.86
N ILE F 288 15.36 -44.02 30.35
CA ILE F 288 14.13 -43.41 29.93
C ILE F 288 14.47 -42.33 28.91
N PRO F 289 13.96 -42.48 27.68
CA PRO F 289 14.24 -41.46 26.67
C PRO F 289 13.73 -40.08 27.12
N LEU F 290 14.52 -39.04 26.85
CA LEU F 290 14.22 -37.70 27.35
C LEU F 290 14.61 -36.65 26.32
N GLN F 291 13.67 -35.81 25.92
CA GLN F 291 13.93 -34.82 24.85
C GLN F 291 14.18 -33.44 25.42
N LEU F 292 15.34 -32.87 25.15
CA LEU F 292 15.60 -31.51 25.60
C LEU F 292 14.73 -30.56 24.80
N SER F 293 14.04 -29.67 25.51
CA SER F 293 13.05 -28.78 24.92
C SER F 293 13.23 -27.34 25.37
N GLN F 294 12.66 -26.42 24.61
CA GLN F 294 12.72 -25.01 24.95
C GLN F 294 11.46 -24.33 24.45
N MSE F 295 10.75 -23.61 25.32
CA MSE F 295 9.52 -22.91 24.92
C MSE F 295 9.76 -21.42 24.96
O MSE F 295 9.44 -20.75 25.93
CB MSE F 295 8.33 -23.31 25.79
CG MSE F 295 8.27 -24.81 26.08
SE MSE F 295 6.91 -25.30 27.45
CE MSE F 295 6.66 -23.63 28.48
N SER F 296 10.34 -20.91 23.88
CA SER F 296 10.61 -19.47 23.69
C SER F 296 9.47 -18.50 24.11
N GLY F 297 8.22 -18.87 23.85
CA GLY F 297 7.10 -17.97 24.08
C GLY F 297 5.91 -18.58 24.80
N GLY F 298 6.16 -19.22 25.93
CA GLY F 298 5.10 -19.78 26.75
C GLY F 298 5.59 -19.92 28.17
N GLY F 299 4.66 -20.08 29.11
CA GLY F 299 5.02 -20.23 30.52
C GLY F 299 4.30 -21.39 31.17
N THR F 300 4.62 -21.62 32.44
CA THR F 300 4.12 -22.77 33.21
C THR F 300 3.84 -22.38 34.66
N ASP F 301 3.13 -23.25 35.38
CA ASP F 301 2.96 -23.08 36.83
C ASP F 301 4.31 -22.78 37.52
N ALA F 302 5.40 -23.32 36.98
CA ALA F 302 6.74 -23.14 37.55
C ALA F 302 7.15 -21.68 37.63
N GLY F 303 6.62 -20.87 36.71
CA GLY F 303 6.88 -19.44 36.68
C GLY F 303 6.57 -18.77 37.99
N ARG F 304 5.57 -19.28 38.70
CA ARG F 304 5.19 -18.77 40.02
C ARG F 304 5.79 -19.56 41.18
N ILE F 305 5.80 -20.87 41.04
CA ILE F 305 6.29 -21.75 42.08
C ILE F 305 7.74 -21.45 42.44
N HIS F 306 8.60 -21.24 41.44
CA HIS F 306 10.05 -21.09 41.68
C HIS F 306 10.38 -19.76 42.31
N MSE F 307 9.39 -18.88 42.37
CA MSE F 307 9.51 -17.55 42.96
C MSE F 307 8.90 -17.46 44.34
O MSE F 307 8.85 -16.39 44.94
CB MSE F 307 8.73 -16.59 42.07
CG MSE F 307 9.47 -15.28 41.93
SE MSE F 307 10.08 -15.29 40.08
CE MSE F 307 9.15 -13.63 39.48
N ASN F 308 8.42 -18.59 44.87
CA ASN F 308 7.81 -18.62 46.18
C ASN F 308 8.80 -18.34 47.30
N ARG F 309 8.45 -17.42 48.19
CA ARG F 309 9.28 -17.05 49.33
C ARG F 309 10.71 -16.66 48.90
N ALA F 310 11.70 -17.47 49.27
CA ALA F 310 13.10 -17.20 48.96
C ALA F 310 13.54 -17.86 47.65
N GLY F 311 12.61 -18.55 46.99
CA GLY F 311 12.90 -19.26 45.76
C GLY F 311 12.76 -20.75 45.97
N CYS F 312 12.58 -21.47 44.88
CA CYS F 312 12.42 -22.90 44.93
C CYS F 312 12.97 -23.49 43.63
N PRO F 313 14.00 -24.34 43.71
CA PRO F 313 14.51 -24.96 42.49
C PRO F 313 13.44 -25.79 41.79
N SER F 314 13.25 -25.56 40.50
CA SER F 314 12.16 -26.21 39.78
C SER F 314 12.58 -26.56 38.39
N VAL F 315 11.85 -27.50 37.81
CA VAL F 315 12.09 -27.91 36.47
C VAL F 315 10.76 -28.33 35.85
N VAL F 316 10.58 -28.11 34.55
CA VAL F 316 9.36 -28.53 33.87
C VAL F 316 9.61 -29.80 33.05
N ILE F 317 8.78 -30.80 33.28
CA ILE F 317 8.83 -32.05 32.54
C ILE F 317 7.56 -32.17 31.73
N THR F 318 7.68 -32.55 30.47
CA THR F 318 6.57 -32.43 29.54
C THR F 318 6.24 -33.70 28.79
N ILE F 319 4.96 -33.84 28.43
CA ILE F 319 4.53 -34.82 27.45
C ILE F 319 4.26 -34.13 26.11
N PRO F 320 5.00 -34.49 25.06
CA PRO F 320 4.72 -33.87 23.77
C PRO F 320 3.32 -34.18 23.30
N THR F 321 2.60 -33.13 22.93
CA THR F 321 1.21 -33.19 22.57
C THR F 321 1.01 -32.39 21.30
N ARG F 322 0.23 -32.92 20.36
CA ARG F 322 -0.08 -32.22 19.12
C ARG F 322 -1.41 -31.50 19.26
N HIS F 323 -1.47 -30.26 18.78
CA HIS F 323 -2.69 -29.47 18.72
C HIS F 323 -3.30 -29.14 20.10
N ILE F 324 -2.48 -28.62 21.00
CA ILE F 324 -2.99 -28.12 22.27
C ILE F 324 -3.78 -26.81 22.06
N HIS F 325 -4.48 -26.38 23.10
CA HIS F 325 -5.30 -25.18 23.04
C HIS F 325 -6.23 -25.22 21.83
N SER F 326 -6.80 -26.39 21.58
CA SER F 326 -7.75 -26.58 20.49
C SER F 326 -8.73 -27.69 20.90
N HIS F 327 -9.75 -27.92 20.10
CA HIS F 327 -10.79 -28.90 20.47
C HIS F 327 -10.26 -30.30 20.63
N VAL F 328 -9.28 -30.68 19.83
CA VAL F 328 -8.81 -32.05 19.85
C VAL F 328 -7.31 -32.11 19.63
N GLY F 329 -6.63 -32.87 20.48
CA GLY F 329 -5.18 -33.01 20.42
C GLY F 329 -4.82 -34.47 20.48
N LEU F 330 -3.54 -34.78 20.30
CA LEU F 330 -3.06 -36.15 20.32
C LEU F 330 -1.82 -36.25 21.18
N LEU F 331 -1.70 -37.32 21.95
CA LEU F 331 -0.45 -37.60 22.64
C LEU F 331 -0.19 -39.09 22.73
N SER F 332 1.06 -39.44 23.04
CA SER F 332 1.50 -40.85 23.07
C SER F 332 1.37 -41.45 24.47
N LEU F 333 0.70 -42.60 24.57
CA LEU F 333 0.54 -43.27 25.87
C LEU F 333 1.85 -43.80 26.38
N LYS F 334 2.74 -44.12 25.45
CA LYS F 334 4.09 -44.54 25.79
C LYS F 334 4.89 -43.41 26.45
N ASP F 335 4.85 -42.22 25.86
CA ASP F 335 5.50 -41.04 26.45
C ASP F 335 4.99 -40.80 27.87
N THR F 336 3.67 -40.90 28.03
CA THR F 336 3.01 -40.71 29.31
C THR F 336 3.53 -41.70 30.34
N GLU F 337 3.57 -42.96 29.96
CA GLU F 337 4.06 -44.01 30.83
C GLU F 337 5.49 -43.70 31.29
N ASN F 338 6.34 -43.30 30.34
CA ASN F 338 7.72 -42.94 30.66
C ASN F 338 7.85 -41.72 31.54
N ALA F 339 6.94 -40.77 31.40
CA ALA F 339 6.91 -39.63 32.30
C ALA F 339 6.61 -40.08 33.72
N ILE F 340 5.68 -41.02 33.86
CA ILE F 340 5.37 -41.56 35.16
C ILE F 340 6.59 -42.26 35.74
N ARG F 341 7.22 -43.11 34.94
CA ARG F 341 8.42 -43.81 35.38
C ARG F 341 9.47 -42.82 35.85
N LEU F 342 9.69 -41.79 35.03
CA LEU F 342 10.72 -40.82 35.33
C LEU F 342 10.49 -40.09 36.65
N VAL F 343 9.26 -39.64 36.89
CA VAL F 343 8.95 -38.86 38.10
C VAL F 343 9.18 -39.73 39.34
N ILE F 344 8.83 -41.01 39.26
CA ILE F 344 9.07 -41.94 40.36
C ILE F 344 10.57 -42.05 40.68
N GLU F 345 11.39 -42.30 39.66
CA GLU F 345 12.84 -42.38 39.85
C GLU F 345 13.40 -41.11 40.48
N LEU F 346 12.88 -39.95 40.08
CA LEU F 346 13.35 -38.71 40.64
C LEU F 346 13.02 -38.64 42.11
N ILE F 347 11.76 -38.88 42.44
CA ILE F 347 11.29 -38.82 43.82
C ILE F 347 12.04 -39.78 44.75
N LYS F 348 12.32 -40.98 44.25
CA LYS F 348 13.14 -41.92 44.99
C LYS F 348 14.47 -41.32 45.45
N ARG F 349 15.09 -40.51 44.60
CA ARG F 349 16.45 -40.01 44.84
C ARG F 349 16.54 -38.58 45.40
N LEU F 350 15.41 -37.91 45.57
CA LEU F 350 15.44 -36.53 46.04
C LEU F 350 15.41 -36.47 47.57
N ASP F 351 16.54 -36.82 48.18
CA ASP F 351 16.70 -36.71 49.64
C ASP F 351 17.13 -35.29 50.02
N LEU F 352 17.16 -34.99 51.31
CA LEU F 352 17.50 -33.65 51.79
C LEU F 352 18.87 -33.18 51.30
N GLU F 353 19.85 -34.08 51.29
CA GLU F 353 21.21 -33.71 50.90
C GLU F 353 21.31 -33.31 49.43
N THR F 354 20.73 -34.11 48.54
CA THR F 354 20.70 -33.82 47.10
C THR F 354 20.02 -32.48 46.81
N VAL F 355 18.91 -32.23 47.48
CA VAL F 355 18.14 -31.01 47.29
C VAL F 355 18.87 -29.75 47.78
N GLU F 356 19.53 -29.83 48.93
CA GLU F 356 20.32 -28.69 49.40
C GLU F 356 21.50 -28.44 48.46
N GLY F 357 22.00 -29.50 47.81
CA GLY F 357 23.07 -29.40 46.83
C GLY F 357 22.70 -28.67 45.54
N PHE F 358 21.42 -28.43 45.31
CA PHE F 358 20.96 -27.69 44.14
C PHE F 358 21.11 -26.18 44.29
N THR F 359 21.21 -25.73 45.53
CA THR F 359 21.26 -24.30 45.84
C THR F 359 22.61 -23.96 46.48
N SER G 1 61.45 -21.43 14.32
CA SER G 1 60.51 -22.31 13.57
C SER G 1 59.76 -21.54 12.46
N ASN G 2 59.64 -22.17 11.28
CA ASN G 2 58.91 -21.64 10.09
C ASN G 2 57.37 -21.67 10.26
N ALA G 3 56.85 -22.77 10.80
CA ALA G 3 55.43 -22.90 11.14
C ALA G 3 54.95 -21.84 12.16
N ASP G 4 55.81 -21.50 13.12
CA ASP G 4 55.62 -20.37 14.03
C ASP G 4 55.63 -19.05 13.27
N LYS G 5 56.69 -18.82 12.51
CA LYS G 5 56.84 -17.60 11.73
C LYS G 5 55.73 -17.37 10.74
N SER G 6 55.21 -18.46 10.16
CA SER G 6 54.03 -18.39 9.28
C SER G 6 52.79 -17.94 10.02
N MSE G 7 52.51 -18.57 11.16
CA MSE G 7 51.34 -18.21 11.96
C MSE G 7 51.50 -16.83 12.56
O MSE G 7 50.49 -16.15 12.70
CB MSE G 7 51.07 -19.24 13.04
CG MSE G 7 50.46 -20.51 12.43
SE MSE G 7 48.74 -20.17 11.48
CE MSE G 7 49.29 -20.97 9.75
N GLU G 8 52.73 -16.44 12.91
CA GLU G 8 53.05 -15.08 13.44
C GLU G 8 52.79 -14.04 12.31
N LEU G 9 53.08 -14.42 11.06
CA LEU G 9 52.78 -13.56 9.94
C LEU G 9 51.27 -13.42 9.75
N MSE G 10 50.58 -14.55 9.71
CA MSE G 10 49.13 -14.54 9.53
C MSE G 10 48.51 -13.65 10.56
O MSE G 10 47.77 -12.74 10.21
CB MSE G 10 48.52 -15.93 9.58
CG MSE G 10 47.15 -15.91 8.91
SE MSE G 10 46.20 -17.63 9.02
CE MSE G 10 47.25 -18.56 7.65
N LYS G 11 48.82 -13.88 11.83
CA LYS G 11 48.27 -13.06 12.92
C LYS G 11 48.53 -11.57 12.71
N THR G 12 49.77 -11.23 12.38
CA THR G 12 50.16 -9.85 12.23
C THR G 12 49.45 -9.16 11.08
N LEU G 13 49.29 -9.86 9.97
CA LEU G 13 48.53 -9.36 8.82
C LEU G 13 47.08 -9.07 9.16
N MSE G 14 46.39 -10.07 9.71
CA MSE G 14 44.98 -9.92 9.99
C MSE G 14 44.72 -8.90 11.06
O MSE G 14 43.61 -8.37 11.17
CB MSE G 14 44.35 -11.23 10.45
CG MSE G 14 44.45 -12.40 9.49
SE MSE G 14 44.32 -11.93 7.58
CE MSE G 14 45.62 -13.24 6.89
N GLU G 15 45.71 -8.64 11.90
CA GLU G 15 45.56 -7.64 12.97
C GLU G 15 46.07 -6.25 12.58
N ALA G 16 46.80 -6.14 11.47
CA ALA G 16 47.32 -4.87 11.00
C ALA G 16 46.25 -3.89 10.58
N PHE G 17 46.60 -2.62 10.64
CA PHE G 17 45.74 -1.52 10.21
C PHE G 17 46.01 -1.26 8.72
N GLY G 18 44.99 -1.44 7.87
CA GLY G 18 45.16 -1.14 6.45
C GLY G 18 43.91 -1.11 5.58
N PRO G 19 43.03 -0.11 5.77
CA PRO G 19 41.85 0.04 4.92
C PRO G 19 42.21 0.62 3.57
N SER G 20 41.30 0.54 2.60
CA SER G 20 41.59 0.99 1.22
C SER G 20 42.12 2.41 1.23
N GLY G 21 43.26 2.62 0.59
CA GLY G 21 43.94 3.92 0.58
C GLY G 21 45.01 4.13 1.64
N PHE G 22 45.02 3.27 2.66
CA PHE G 22 45.91 3.45 3.80
C PHE G 22 46.58 2.13 4.16
N GLU G 23 47.22 1.49 3.19
CA GLU G 23 47.72 0.13 3.37
C GLU G 23 49.19 0.05 3.73
N ARG G 24 49.81 1.16 4.09
CA ARG G 24 51.26 1.19 4.21
C ARG G 24 51.80 0.32 5.33
N GLU G 25 51.15 0.34 6.50
CA GLU G 25 51.54 -0.51 7.61
C GLU G 25 51.56 -1.99 7.23
N VAL G 26 50.57 -2.43 6.45
CA VAL G 26 50.44 -3.83 6.09
C VAL G 26 51.46 -4.22 5.05
N ASN G 27 51.71 -3.33 4.11
CA ASN G 27 52.66 -3.64 3.06
C ASN G 27 54.08 -3.57 3.57
N ALA G 28 54.31 -2.80 4.65
CA ALA G 28 55.57 -2.83 5.37
C ALA G 28 55.83 -4.22 5.99
N ILE G 29 54.79 -4.79 6.58
CA ILE G 29 54.88 -6.14 7.17
C ILE G 29 55.25 -7.16 6.11
N CYS G 30 54.67 -7.02 4.92
CA CYS G 30 54.96 -7.90 3.80
C CYS G 30 56.39 -7.76 3.34
N LYS G 31 56.88 -6.53 3.19
CA LYS G 31 58.26 -6.30 2.79
C LYS G 31 59.25 -6.93 3.76
N GLU G 32 58.98 -6.78 5.04
CA GLU G 32 59.88 -7.28 6.06
C GLU G 32 59.97 -8.80 6.02
N TYR G 33 58.82 -9.47 5.95
CA TYR G 33 58.79 -10.91 5.91
C TYR G 33 59.51 -11.45 4.68
N MSE G 34 59.44 -10.71 3.58
CA MSE G 34 59.99 -11.16 2.29
C MSE G 34 61.40 -10.71 2.00
O MSE G 34 61.94 -11.15 0.99
CB MSE G 34 59.09 -10.67 1.17
CG MSE G 34 57.72 -11.34 1.22
SE MSE G 34 57.78 -13.19 0.57
CE MSE G 34 57.99 -12.75 -1.33
N GLU G 35 62.01 -9.87 2.85
CA GLU G 35 63.39 -9.44 2.62
C GLU G 35 64.33 -10.60 2.25
N PRO G 36 64.31 -11.69 3.03
CA PRO G 36 65.23 -12.77 2.72
C PRO G 36 64.82 -13.70 1.57
N TYR G 37 63.65 -13.52 0.97
CA TYR G 37 63.15 -14.49 -0.02
C TYR G 37 62.93 -13.96 -1.43
N ALA G 38 62.78 -12.65 -1.61
CA ALA G 38 62.55 -12.09 -2.93
C ALA G 38 63.86 -11.64 -3.54
N ASP G 39 64.01 -11.86 -4.83
CA ASP G 39 65.20 -11.43 -5.56
C ASP G 39 65.18 -9.93 -5.82
N GLU G 40 64.01 -9.33 -5.85
CA GLU G 40 63.85 -7.89 -6.12
C GLU G 40 62.45 -7.44 -5.69
N VAL G 41 62.28 -6.15 -5.46
CA VAL G 41 60.99 -5.60 -5.04
C VAL G 41 60.64 -4.35 -5.87
N VAL G 42 59.50 -4.39 -6.56
CA VAL G 42 59.04 -3.23 -7.33
C VAL G 42 57.71 -2.77 -6.76
N VAL G 43 57.40 -1.49 -6.95
CA VAL G 43 56.19 -0.90 -6.39
C VAL G 43 55.42 -0.13 -7.47
N ASP G 44 54.13 0.09 -7.25
CA ASP G 44 53.41 1.10 -8.00
C ASP G 44 53.25 2.34 -7.11
N LYS G 45 52.81 3.44 -7.70
CA LYS G 45 52.74 4.70 -6.99
C LYS G 45 51.50 4.82 -6.13
N LEU G 46 50.59 3.86 -6.24
CA LEU G 46 49.44 3.81 -5.35
C LEU G 46 49.78 3.15 -4.02
N GLY G 47 50.85 2.38 -3.96
CA GLY G 47 51.26 1.70 -2.74
C GLY G 47 51.34 0.19 -2.83
N SER G 48 51.07 -0.40 -3.99
CA SER G 48 51.22 -1.84 -4.17
C SER G 48 52.68 -2.21 -4.16
N VAL G 49 53.06 -3.19 -3.36
CA VAL G 49 54.40 -3.76 -3.43
C VAL G 49 54.35 -5.14 -4.07
N THR G 50 55.37 -5.42 -4.89
CA THR G 50 55.44 -6.62 -5.70
C THR G 50 56.82 -7.28 -5.54
N PHE G 51 56.82 -8.58 -5.28
CA PHE G 51 58.03 -9.33 -4.99
C PHE G 51 58.34 -10.24 -6.15
N ILE G 52 59.57 -10.15 -6.65
CA ILE G 52 59.99 -10.90 -7.82
C ILE G 52 60.90 -12.08 -7.44
N ALA G 53 60.52 -13.27 -7.91
CA ALA G 53 61.37 -14.44 -7.83
C ALA G 53 61.82 -14.75 -9.24
N LYS G 54 63.12 -14.55 -9.51
CA LYS G 54 63.66 -14.61 -10.86
C LYS G 54 63.76 -16.04 -11.40
N GLY G 55 63.69 -16.11 -12.72
CA GLY G 55 63.90 -17.33 -13.49
C GLY G 55 64.04 -16.85 -14.92
N ASN G 56 63.37 -17.49 -15.85
CA ASN G 56 63.43 -17.04 -17.24
C ASN G 56 62.72 -15.71 -17.40
N ASP G 57 63.35 -14.76 -18.09
CA ASP G 57 62.72 -13.45 -18.35
C ASP G 57 61.24 -13.55 -18.67
N ARG G 58 60.87 -14.51 -19.50
CA ARG G 58 59.51 -14.75 -19.91
C ARG G 58 59.23 -16.26 -19.83
N PRO G 59 58.00 -16.68 -19.52
CA PRO G 59 56.84 -15.80 -19.25
C PRO G 59 56.84 -15.17 -17.85
N ARG G 60 56.19 -14.02 -17.73
CA ARG G 60 55.98 -13.37 -16.45
C ARG G 60 54.64 -13.81 -15.84
N ILE G 61 54.72 -14.44 -14.67
CA ILE G 61 53.54 -14.85 -13.90
C ILE G 61 53.23 -13.80 -12.85
N LEU G 62 52.04 -13.25 -12.88
CA LEU G 62 51.61 -12.31 -11.85
C LEU G 62 50.66 -12.99 -10.91
N MSE G 63 51.03 -13.05 -9.64
CA MSE G 63 50.12 -13.47 -8.58
C MSE G 63 49.77 -12.26 -7.79
O MSE G 63 50.63 -11.52 -7.38
CB MSE G 63 50.76 -14.44 -7.61
CG MSE G 63 51.03 -15.80 -8.24
SE MSE G 63 51.33 -17.07 -6.75
CE MSE G 63 53.14 -16.53 -6.22
N ALA G 64 48.48 -12.08 -7.52
CA ALA G 64 48.05 -10.89 -6.83
C ALA G 64 47.05 -11.21 -5.74
N GLY G 65 47.25 -10.59 -4.57
CA GLY G 65 46.26 -10.60 -3.50
C GLY G 65 46.22 -9.23 -2.85
N HIS G 66 45.04 -8.65 -2.73
CA HIS G 66 44.95 -7.28 -2.22
C HIS G 66 45.07 -7.23 -0.69
N THR G 67 45.85 -6.29 -0.19
CA THR G 67 46.07 -6.14 1.25
C THR G 67 45.20 -5.07 1.88
N ASP G 68 44.47 -4.31 1.07
CA ASP G 68 43.47 -3.41 1.65
C ASP G 68 42.29 -4.22 2.19
N GLU G 69 41.71 -3.72 3.26
CA GLU G 69 40.52 -4.29 3.88
C GLU G 69 39.40 -3.25 3.85
N VAL G 70 38.18 -3.72 3.91
CA VAL G 70 37.07 -2.80 4.03
C VAL G 70 37.25 -2.05 5.34
N GLY G 71 36.83 -0.79 5.33
CA GLY G 71 37.01 0.08 6.48
C GLY G 71 36.11 1.31 6.40
N PHE G 72 36.50 2.37 7.08
CA PHE G 72 35.75 3.62 7.08
C PHE G 72 36.71 4.80 7.15
N ILE G 73 36.15 5.99 7.03
CA ILE G 73 36.92 7.21 7.06
C ILE G 73 36.09 8.29 7.73
N VAL G 74 36.74 9.12 8.53
CA VAL G 74 36.05 10.14 9.31
C VAL G 74 35.53 11.24 8.39
N SER G 75 34.24 11.51 8.43
CA SER G 75 33.64 12.51 7.56
C SER G 75 33.28 13.80 8.31
N SER G 76 33.21 13.76 9.64
CA SER G 76 33.00 14.97 10.45
C SER G 76 33.09 14.68 11.94
N ILE G 77 33.26 15.73 12.73
CA ILE G 77 33.09 15.67 14.17
C ILE G 77 31.86 16.50 14.53
N SER G 78 30.87 15.88 15.15
CA SER G 78 29.66 16.59 15.57
C SER G 78 29.95 17.42 16.80
N LYS G 79 29.09 18.40 17.05
CA LYS G 79 29.27 19.30 18.18
C LYS G 79 29.27 18.56 19.54
N GLU G 80 28.68 17.36 19.59
CA GLU G 80 28.63 16.59 20.83
C GLU G 80 29.79 15.60 21.01
N GLY G 81 30.68 15.49 20.02
CA GLY G 81 31.88 14.64 20.14
C GLY G 81 31.79 13.27 19.49
N TYR G 82 30.92 13.16 18.51
CA TYR G 82 30.70 11.92 17.79
C TYR G 82 31.25 12.10 16.41
N LEU G 83 31.65 11.01 15.78
CA LEU G 83 32.22 11.08 14.46
C LEU G 83 31.21 10.55 13.49
N THR G 84 31.06 11.21 12.34
CA THR G 84 30.34 10.60 11.22
C THR G 84 31.40 9.96 10.35
N PHE G 85 31.01 9.03 9.50
CA PHE G 85 31.98 8.34 8.66
C PHE G 85 31.41 7.96 7.32
N ASN G 86 32.29 7.83 6.33
CA ASN G 86 31.93 7.17 5.09
C ASN G 86 32.58 5.81 5.04
N THR G 87 31.97 4.90 4.29
CA THR G 87 32.50 3.55 4.16
C THR G 87 33.58 3.53 3.12
N LEU G 88 34.55 2.64 3.31
CA LEU G 88 35.59 2.37 2.33
C LEU G 88 35.43 0.92 1.93
N GLY G 89 34.80 0.69 0.78
CA GLY G 89 34.51 -0.66 0.31
C GLY G 89 33.08 -0.99 0.69
N GLY G 90 32.58 -2.11 0.18
CA GLY G 90 31.18 -2.49 0.34
C GLY G 90 30.92 -3.13 1.68
N TRP G 91 30.03 -2.52 2.46
CA TRP G 91 29.61 -3.03 3.74
C TRP G 91 28.12 -3.26 3.70
N TRP G 92 27.65 -4.31 4.36
CA TRP G 92 26.24 -4.44 4.65
C TRP G 92 25.93 -3.68 5.95
N SER G 93 24.96 -2.77 5.93
CA SER G 93 24.68 -1.95 7.12
C SER G 93 24.33 -2.79 8.34
N GLN G 94 23.67 -3.92 8.12
CA GLN G 94 23.17 -4.74 9.23
C GLN G 94 24.23 -5.41 10.12
N VAL G 95 25.48 -5.44 9.65
CA VAL G 95 26.61 -5.93 10.47
C VAL G 95 27.40 -4.85 11.20
N LEU G 96 26.96 -3.60 11.14
CA LEU G 96 27.74 -2.48 11.65
C LEU G 96 27.43 -2.05 13.09
N LEU G 97 26.16 -1.85 13.40
CA LEU G 97 25.78 -1.39 14.73
C LEU G 97 26.37 -2.21 15.86
N GLY G 98 26.92 -1.49 16.83
CA GLY G 98 27.42 -2.09 18.06
C GLY G 98 28.83 -2.58 17.97
N GLN G 99 29.49 -2.31 16.84
CA GLN G 99 30.81 -2.89 16.57
C GLN G 99 31.94 -1.96 16.97
N ARG G 100 33.04 -2.55 17.40
CA ARG G 100 34.20 -1.78 17.79
C ARG G 100 35.05 -1.43 16.59
N VAL G 101 35.52 -0.19 16.55
CA VAL G 101 36.41 0.25 15.50
C VAL G 101 37.57 0.97 16.15
N VAL G 102 38.59 1.23 15.34
CA VAL G 102 39.72 2.02 15.77
C VAL G 102 40.14 2.98 14.66
N VAL G 103 40.36 4.23 15.07
CA VAL G 103 40.64 5.32 14.18
C VAL G 103 42.09 5.64 14.33
N ARG G 104 42.80 5.82 13.22
CA ARG G 104 44.20 6.23 13.31
C ARG G 104 44.32 7.75 13.14
N THR G 105 44.66 8.42 14.22
CA THR G 105 44.90 9.88 14.21
C THR G 105 46.40 10.16 14.20
N CYS G 106 46.75 11.43 14.08
CA CYS G 106 48.14 11.88 14.26
C CYS G 106 48.68 11.58 15.68
N LYS G 107 47.79 11.50 16.67
CA LYS G 107 48.19 11.15 18.03
C LYS G 107 48.18 9.65 18.34
N GLY G 108 47.81 8.82 17.37
CA GLY G 108 47.75 7.36 17.58
C GLY G 108 46.34 6.77 17.45
N MSE G 109 46.20 5.53 17.89
CA MSE G 109 44.96 4.79 17.75
C MSE G 109 43.94 5.27 18.73
O MSE G 109 44.21 5.39 19.91
CB MSE G 109 45.17 3.30 18.00
CG MSE G 109 46.10 2.63 16.99
SE MSE G 109 45.46 2.78 15.11
CE MSE G 109 47.07 2.11 14.19
N VAL G 110 42.74 5.53 18.25
CA VAL G 110 41.62 5.94 19.10
C VAL G 110 40.46 4.96 18.92
N HIS G 111 40.01 4.36 20.01
CA HIS G 111 38.96 3.36 19.94
C HIS G 111 37.59 3.98 20.00
N GLY G 112 36.63 3.30 19.38
CA GLY G 112 35.26 3.75 19.34
C GLY G 112 34.29 2.65 18.97
N ILE G 113 33.02 3.01 18.97
CA ILE G 113 31.93 2.07 18.79
C ILE G 113 30.97 2.63 17.78
N ILE G 114 30.55 1.82 16.82
CA ILE G 114 29.56 2.27 15.87
C ILE G 114 28.21 2.33 16.57
N ALA G 115 27.53 3.46 16.46
CA ALA G 115 26.28 3.68 17.19
C ALA G 115 25.23 4.42 16.36
N SER G 116 24.00 4.36 16.84
CA SER G 116 22.92 5.14 16.25
C SER G 116 22.04 5.69 17.37
N LYS G 117 21.01 6.44 17.00
CA LYS G 117 19.98 6.82 17.93
C LYS G 117 19.32 5.54 18.43
N PRO G 118 19.12 5.43 19.78
CA PRO G 118 18.48 4.25 20.37
C PRO G 118 17.02 4.22 19.97
N PRO G 119 16.46 3.02 19.72
CA PRO G 119 15.11 2.92 19.16
C PRO G 119 13.97 3.46 20.06
N HIS G 120 14.15 3.45 21.39
CA HIS G 120 13.10 3.90 22.30
C HIS G 120 12.86 5.44 22.27
N ILE G 121 13.78 6.21 21.69
CA ILE G 121 13.54 7.65 21.42
C ILE G 121 13.11 7.93 19.96
N LEU G 122 12.65 6.90 19.25
CA LEU G 122 12.12 7.05 17.90
C LEU G 122 10.63 6.73 17.92
N PRO G 123 9.89 7.21 16.91
CA PRO G 123 8.47 6.85 16.81
C PRO G 123 8.31 5.33 16.58
N PRO G 124 7.18 4.74 17.04
CA PRO G 124 7.01 3.29 16.89
C PRO G 124 7.20 2.72 15.47
N ASP G 125 6.78 3.46 14.45
CA ASP G 125 6.89 3.01 13.04
C ASP G 125 8.33 3.11 12.46
N GLU G 126 9.20 3.87 13.13
CA GLU G 126 10.62 4.01 12.70
C GLU G 126 11.58 2.98 13.36
N ARG G 127 11.11 2.27 14.38
CA ARG G 127 11.93 1.26 15.07
C ARG G 127 12.10 -0.02 14.24
N LYS G 128 11.05 -0.40 13.50
CA LYS G 128 11.12 -1.56 12.59
C LYS G 128 11.92 -1.27 11.32
N LYS G 129 12.28 0.00 11.09
CA LYS G 129 13.09 0.39 9.93
C LYS G 129 14.56 0.06 10.14
N ILE G 130 15.22 -0.42 9.10
CA ILE G 130 16.66 -0.63 9.14
C ILE G 130 17.33 0.67 9.40
N VAL G 131 18.38 0.67 10.22
CA VAL G 131 19.20 1.85 10.35
C VAL G 131 20.23 1.87 9.21
N GLU G 132 20.17 2.91 8.39
CA GLU G 132 21.12 3.09 7.30
C GLU G 132 22.45 3.61 7.84
N ALA G 133 23.53 3.30 7.15
CA ALA G 133 24.86 3.71 7.57
C ALA G 133 25.03 5.23 7.59
N ARG G 134 24.35 5.93 6.69
CA ARG G 134 24.33 7.40 6.69
C ARG G 134 23.88 8.00 8.03
N ASP G 135 23.02 7.29 8.76
CA ASP G 135 22.51 7.74 10.07
C ASP G 135 23.25 7.17 11.27
N MSE G 136 24.41 6.54 11.05
CA MSE G 136 25.20 6.00 12.14
C MSE G 136 26.33 6.95 12.44
O MSE G 136 26.59 7.87 11.68
CB MSE G 136 25.79 4.65 11.76
CG MSE G 136 24.70 3.60 11.59
SE MSE G 136 25.52 1.87 11.12
CE MSE G 136 23.86 0.97 10.57
N PHE G 137 26.99 6.74 13.58
CA PHE G 137 28.22 7.45 13.87
C PHE G 137 29.07 6.63 14.80
N ILE G 138 30.24 7.16 15.11
CA ILE G 138 31.18 6.48 15.95
C ILE G 138 31.31 7.25 17.24
N ASP G 139 31.17 6.52 18.34
CA ASP G 139 31.26 7.05 19.66
C ASP G 139 32.62 6.70 20.18
N ILE G 140 33.40 7.71 20.53
CA ILE G 140 34.76 7.50 21.06
C ILE G 140 34.87 7.88 22.53
N GLY G 141 33.73 8.02 23.20
CA GLY G 141 33.69 8.30 24.63
C GLY G 141 33.87 9.77 24.95
N ALA G 142 33.70 10.60 23.93
CA ALA G 142 33.89 12.03 24.10
C ALA G 142 32.56 12.65 24.51
N THR G 143 32.63 13.81 25.18
CA THR G 143 31.43 14.51 25.66
C THR G 143 31.25 15.88 25.02
N SER G 144 32.11 16.24 24.07
CA SER G 144 32.05 17.53 23.39
C SER G 144 32.97 17.54 22.18
N GLU G 145 32.71 18.43 21.23
CA GLU G 145 33.57 18.59 20.05
C GLU G 145 35.05 18.79 20.41
N GLU G 146 35.31 19.47 21.53
CA GLU G 146 36.68 19.76 21.97
C GLU G 146 37.35 18.52 22.51
N GLU G 147 36.63 17.77 23.33
CA GLU G 147 37.17 16.54 23.93
C GLU G 147 37.53 15.53 22.83
N ALA G 148 36.76 15.57 21.75
CA ALA G 148 37.01 14.72 20.58
C ALA G 148 38.25 15.16 19.83
N GLU G 149 38.38 16.47 19.62
CA GLU G 149 39.57 17.03 18.97
C GLU G 149 40.85 16.73 19.75
N GLU G 150 40.80 16.76 21.09
CA GLU G 150 41.95 16.41 21.92
C GLU G 150 42.53 15.03 21.65
N SER G 151 41.70 14.10 21.21
CA SER G 151 42.15 12.76 20.84
C SER G 151 42.95 12.73 19.51
N GLY G 152 42.81 13.78 18.70
CA GLY G 152 43.61 13.93 17.49
C GLY G 152 42.86 13.75 16.20
N VAL G 153 41.58 13.49 16.31
CA VAL G 153 40.78 13.12 15.16
C VAL G 153 40.57 14.30 14.20
N LYS G 154 40.73 14.00 12.92
CA LYS G 154 40.53 14.98 11.85
C LYS G 154 39.70 14.35 10.74
N VAL G 155 38.95 15.18 10.03
CA VAL G 155 38.23 14.72 8.85
C VAL G 155 39.27 14.12 7.89
N GLY G 156 38.92 12.99 7.28
CA GLY G 156 39.84 12.25 6.42
C GLY G 156 40.66 11.17 7.11
N ASP G 157 40.53 11.01 8.42
CA ASP G 157 41.28 9.98 9.15
C ASP G 157 40.67 8.60 8.91
N PRO G 158 41.54 7.59 8.69
CA PRO G 158 41.10 6.24 8.38
C PRO G 158 40.65 5.44 9.59
N ILE G 159 39.75 4.50 9.35
CA ILE G 159 39.15 3.69 10.40
C ILE G 159 39.09 2.23 9.98
N VAL G 160 39.43 1.33 10.89
CA VAL G 160 39.27 -0.10 10.63
C VAL G 160 38.48 -0.76 11.74
N PRO G 161 37.92 -1.93 11.42
CA PRO G 161 37.32 -2.78 12.45
C PRO G 161 38.35 -3.20 13.48
N TRP G 162 37.90 -3.38 14.72
CA TRP G 162 38.74 -3.96 15.77
C TRP G 162 38.38 -5.41 15.92
N SER G 163 39.35 -6.29 15.66
CA SER G 163 39.07 -7.72 15.56
C SER G 163 40.32 -8.57 15.73
N PRO G 164 40.55 -9.10 16.93
CA PRO G 164 41.73 -9.91 17.16
C PRO G 164 41.73 -11.23 16.39
N PHE G 165 42.92 -11.70 16.11
CA PHE G 165 43.10 -12.95 15.41
C PHE G 165 43.29 -14.09 16.40
N SER G 166 42.59 -15.19 16.15
CA SER G 166 42.82 -16.42 16.88
C SER G 166 42.51 -17.62 15.99
N VAL G 167 42.80 -18.80 16.51
CA VAL G 167 42.49 -20.04 15.84
C VAL G 167 41.56 -20.86 16.74
N ILE G 168 40.53 -21.45 16.13
CA ILE G 168 39.54 -22.23 16.86
C ILE G 168 39.41 -23.62 16.25
N GLN G 169 38.48 -24.41 16.77
CA GLN G 169 38.24 -25.76 16.29
C GLN G 169 39.52 -26.57 16.27
N ASN G 170 40.16 -26.66 17.44
CA ASN G 170 41.35 -27.48 17.60
C ASN G 170 42.37 -27.19 16.51
N GLY G 171 42.65 -25.91 16.30
CA GLY G 171 43.73 -25.51 15.40
C GLY G 171 43.39 -25.52 13.93
N ARG G 172 42.14 -25.80 13.59
CA ARG G 172 41.75 -26.02 12.17
C ARG G 172 41.27 -24.76 11.44
N VAL G 173 40.70 -23.81 12.19
CA VAL G 173 39.96 -22.69 11.61
C VAL G 173 40.41 -21.36 12.18
N ALA G 174 40.77 -20.44 11.29
CA ALA G 174 41.26 -19.13 11.67
C ALA G 174 40.11 -18.14 11.80
N MSE G 175 40.19 -17.26 12.79
CA MSE G 175 39.14 -16.29 13.08
C MSE G 175 39.73 -14.93 13.22
O MSE G 175 40.66 -14.73 13.98
CB MSE G 175 38.46 -16.66 14.38
CG MSE G 175 37.26 -15.78 14.72
SE MSE G 175 36.41 -16.50 16.34
CE MSE G 175 34.96 -15.22 16.71
N GLY G 176 39.17 -13.98 12.48
CA GLY G 176 39.63 -12.60 12.52
C GLY G 176 39.10 -11.79 11.35
N LYS G 177 39.67 -10.60 11.16
CA LYS G 177 39.25 -9.73 10.09
C LYS G 177 40.23 -9.76 8.93
N ALA G 178 39.85 -9.10 7.86
CA ALA G 178 40.73 -8.82 6.73
C ALA G 178 41.25 -10.05 5.95
N PHE G 179 40.66 -11.23 6.16
CA PHE G 179 41.03 -12.37 5.36
C PHE G 179 40.95 -11.98 3.88
N ASP G 180 39.93 -11.21 3.53
CA ASP G 180 39.80 -10.65 2.20
C ASP G 180 40.64 -9.38 2.19
N ASP G 181 41.82 -9.39 1.59
CA ASP G 181 42.40 -10.52 0.87
C ASP G 181 43.85 -10.73 1.30
N ARG G 182 44.09 -10.58 2.60
CA ARG G 182 45.42 -10.78 3.14
C ARG G 182 45.76 -12.26 3.17
N ILE G 183 44.74 -13.12 3.21
CA ILE G 183 44.98 -14.53 3.11
C ILE G 183 45.52 -14.86 1.73
N GLY G 184 45.04 -14.16 0.70
CA GLY G 184 45.58 -14.32 -0.64
C GLY G 184 47.03 -13.87 -0.71
N ALA G 185 47.32 -12.74 -0.05
CA ALA G 185 48.68 -12.22 0.01
C ALA G 185 49.55 -13.20 0.77
N PHE G 186 48.97 -13.78 1.82
CA PHE G 186 49.68 -14.77 2.62
C PHE G 186 50.08 -15.96 1.78
N VAL G 187 49.17 -16.43 0.94
CA VAL G 187 49.44 -17.57 0.08
C VAL G 187 50.57 -17.29 -0.89
N LEU G 188 50.53 -16.16 -1.58
CA LEU G 188 51.53 -15.91 -2.60
C LEU G 188 52.89 -15.71 -1.97
N MSE G 189 52.92 -15.08 -0.81
CA MSE G 189 54.16 -14.90 -0.07
C MSE G 189 54.73 -16.21 0.39
O MSE G 189 55.94 -16.43 0.30
CB MSE G 189 53.94 -14.00 1.14
CG MSE G 189 53.89 -12.55 0.69
SE MSE G 189 53.85 -11.38 2.26
CE MSE G 189 52.01 -11.68 2.89
N GLU G 190 53.89 -17.09 0.89
CA GLU G 190 54.34 -18.40 1.35
C GLU G 190 54.78 -19.27 0.19
N ALA G 191 54.15 -19.12 -0.95
CA ALA G 191 54.53 -19.86 -2.15
C ALA G 191 55.94 -19.47 -2.57
N ILE G 192 56.20 -18.18 -2.69
CA ILE G 192 57.51 -17.70 -3.04
C ILE G 192 58.55 -18.12 -2.01
N ARG G 193 58.22 -18.01 -0.73
CA ARG G 193 59.15 -18.40 0.31
C ARG G 193 59.56 -19.84 0.17
N ARG G 194 58.56 -20.71 0.04
CA ARG G 194 58.81 -22.14 -0.03
C ARG G 194 59.60 -22.56 -1.26
N MSE G 195 59.38 -21.87 -2.36
CA MSE G 195 60.10 -22.17 -3.60
C MSE G 195 61.56 -21.88 -3.45
O MSE G 195 62.40 -22.64 -3.93
CB MSE G 195 59.48 -21.38 -4.74
CG MSE G 195 58.15 -22.04 -5.07
SE MSE G 195 57.41 -21.41 -6.76
CE MSE G 195 57.74 -23.02 -7.84
N LYS G 196 61.90 -20.79 -2.77
CA LYS G 196 63.28 -20.50 -2.48
C LYS G 196 63.84 -21.49 -1.45
N ASP G 197 63.16 -21.67 -0.32
CA ASP G 197 63.63 -22.56 0.75
C ASP G 197 63.92 -23.99 0.31
N GLN G 198 63.10 -24.53 -0.58
CA GLN G 198 63.28 -25.90 -1.06
C GLN G 198 63.90 -25.97 -2.46
N GLY G 199 64.46 -24.85 -2.92
CA GLY G 199 65.09 -24.76 -4.24
C GLY G 199 64.26 -25.31 -5.39
N ILE G 200 62.95 -25.03 -5.38
CA ILE G 200 62.06 -25.50 -6.44
C ILE G 200 62.23 -24.63 -7.69
N GLU G 201 62.56 -25.26 -8.81
CA GLU G 201 62.84 -24.53 -10.03
C GLU G 201 61.56 -24.26 -10.78
N HIS G 202 61.53 -23.13 -11.47
CA HIS G 202 60.36 -22.71 -12.23
C HIS G 202 60.77 -22.00 -13.50
N PRO G 203 60.25 -22.46 -14.66
CA PRO G 203 60.66 -21.96 -15.96
C PRO G 203 60.06 -20.60 -16.32
N ASN G 204 60.24 -19.63 -15.43
CA ASN G 204 59.54 -18.36 -15.53
C ASN G 204 59.95 -17.40 -14.43
N THR G 205 59.51 -16.16 -14.56
CA THR G 205 59.71 -15.16 -13.52
C THR G 205 58.36 -14.91 -12.85
N VAL G 206 58.37 -14.94 -11.52
CA VAL G 206 57.15 -14.81 -10.73
C VAL G 206 57.08 -13.44 -10.06
N TYR G 207 55.98 -12.71 -10.29
CA TYR G 207 55.75 -11.42 -9.66
C TYR G 207 54.63 -11.61 -8.64
N GLY G 208 54.99 -11.63 -7.36
CA GLY G 208 54.00 -11.82 -6.29
C GLY G 208 53.62 -10.48 -5.74
N SER G 209 52.38 -10.07 -5.97
CA SER G 209 52.01 -8.69 -5.74
C SER G 209 50.95 -8.52 -4.66
N ALA G 210 51.25 -7.63 -3.71
CA ALA G 210 50.30 -7.25 -2.68
C ALA G 210 49.64 -5.93 -3.07
N THR G 211 48.57 -6.04 -3.82
CA THR G 211 47.91 -4.88 -4.41
C THR G 211 47.12 -4.05 -3.41
N VAL G 212 46.88 -2.78 -3.76
CA VAL G 212 46.13 -1.87 -2.91
C VAL G 212 44.83 -1.46 -3.59
N GLN G 213 43.92 -0.96 -2.79
CA GLN G 213 42.67 -0.38 -3.27
C GLN G 213 41.79 -1.27 -4.16
N GLU G 214 41.74 -2.57 -3.88
CA GLU G 214 40.80 -3.47 -4.58
C GLU G 214 39.37 -3.16 -4.19
N GLU G 215 39.14 -2.95 -2.91
CA GLU G 215 37.78 -2.88 -2.38
C GLU G 215 37.03 -1.62 -2.83
N VAL G 216 37.75 -0.66 -3.40
CA VAL G 216 37.13 0.57 -3.90
C VAL G 216 37.17 0.73 -5.44
N GLY G 217 37.52 -0.31 -6.19
CA GLY G 217 37.50 -0.25 -7.66
C GLY G 217 38.67 -0.86 -8.42
N LEU G 218 39.31 -1.86 -7.84
CA LEU G 218 40.39 -2.59 -8.51
C LEU G 218 41.52 -1.67 -8.98
N ARG G 219 41.84 -0.68 -8.16
CA ARG G 219 42.70 0.41 -8.58
C ARG G 219 44.18 0.02 -8.62
N GLY G 220 44.67 -0.61 -7.56
CA GLY G 220 46.06 -1.05 -7.53
C GLY G 220 46.39 -2.13 -8.55
N ALA G 221 45.42 -2.97 -8.88
CA ALA G 221 45.59 -4.01 -9.89
C ALA G 221 45.90 -3.44 -11.27
N GLN G 222 45.19 -2.38 -11.65
CA GLN G 222 45.40 -1.74 -12.94
C GLN G 222 46.82 -1.21 -13.10
N THR G 223 47.28 -0.50 -12.07
CA THR G 223 48.59 0.13 -12.08
C THR G 223 49.74 -0.87 -11.89
N THR G 224 49.51 -1.92 -11.10
CA THR G 224 50.50 -2.99 -10.96
C THR G 224 50.64 -3.81 -12.24
N ALA G 225 49.52 -4.06 -12.90
CA ALA G 225 49.53 -4.75 -14.18
C ALA G 225 50.34 -3.97 -15.22
N HIS G 226 50.20 -2.66 -15.19
CA HIS G 226 51.00 -1.78 -16.07
C HIS G 226 52.50 -1.96 -15.81
N VAL G 227 52.89 -1.96 -14.55
CA VAL G 227 54.30 -2.08 -14.17
C VAL G 227 54.89 -3.42 -14.62
N VAL G 228 54.14 -4.49 -14.44
CA VAL G 228 54.66 -5.84 -14.61
C VAL G 228 54.64 -6.36 -16.05
N ASP G 229 53.62 -6.00 -16.83
CA ASP G 229 53.43 -6.56 -18.20
C ASP G 229 53.39 -8.10 -18.15
N PRO G 230 52.40 -8.67 -17.45
CA PRO G 230 52.35 -10.11 -17.25
C PRO G 230 51.87 -10.89 -18.45
N ASP G 231 52.34 -12.12 -18.59
CA ASP G 231 51.93 -13.03 -19.66
C ASP G 231 50.82 -13.98 -19.21
N VAL G 232 50.73 -14.21 -17.90
CA VAL G 232 49.64 -14.99 -17.32
C VAL G 232 49.46 -14.53 -15.87
N ALA G 233 48.23 -14.57 -15.36
CA ALA G 233 47.95 -14.08 -14.02
C ALA G 233 47.14 -15.06 -13.17
N LEU G 234 47.57 -15.22 -11.92
CA LEU G 234 46.83 -16.01 -10.94
C LEU G 234 46.41 -15.08 -9.84
N VAL G 235 45.13 -14.76 -9.79
CA VAL G 235 44.65 -13.89 -8.76
C VAL G 235 44.12 -14.72 -7.60
N LEU G 236 44.56 -14.37 -6.40
CA LEU G 236 44.14 -15.08 -5.21
C LEU G 236 43.16 -14.22 -4.47
N GLU G 237 42.00 -14.77 -4.16
CA GLU G 237 40.95 -14.05 -3.48
C GLU G 237 40.29 -14.96 -2.49
N VAL G 238 39.29 -14.43 -1.80
CA VAL G 238 38.41 -15.23 -0.98
C VAL G 238 37.16 -15.54 -1.80
N ASP G 239 36.46 -16.58 -1.40
CA ASP G 239 35.18 -16.93 -1.98
C ASP G 239 34.17 -16.85 -0.85
N ILE G 240 32.97 -16.39 -1.16
CA ILE G 240 31.91 -16.39 -0.17
C ILE G 240 31.52 -17.85 0.03
N ALA G 241 31.64 -18.34 1.25
CA ALA G 241 31.39 -19.74 1.52
C ALA G 241 29.94 -19.93 1.92
N GLY G 242 29.24 -20.76 1.15
CA GLY G 242 27.83 -21.09 1.40
C GLY G 242 27.64 -22.30 2.31
N ASP G 243 28.03 -22.16 3.57
CA ASP G 243 27.88 -23.23 4.57
C ASP G 243 26.68 -22.98 5.46
N VAL G 244 26.02 -21.83 5.25
CA VAL G 244 24.95 -21.37 6.13
C VAL G 244 23.58 -21.92 5.69
N PRO G 245 22.71 -22.31 6.68
CA PRO G 245 21.41 -22.93 6.35
C PRO G 245 20.45 -22.01 5.60
N PRO G 249 22.87 -22.54 -1.76
CA PRO G 249 23.53 -23.60 -2.58
C PRO G 249 24.12 -23.23 -3.98
N HIS G 250 23.31 -23.16 -5.04
CA HIS G 250 23.81 -22.78 -6.38
C HIS G 250 24.38 -21.37 -6.43
N GLU G 251 23.94 -20.52 -5.51
CA GLU G 251 24.42 -19.13 -5.45
C GLU G 251 25.81 -19.02 -4.78
N ALA G 252 26.15 -19.98 -3.92
CA ALA G 252 27.45 -20.04 -3.25
C ALA G 252 27.90 -21.49 -3.19
N LEU G 253 28.60 -21.91 -4.24
CA LEU G 253 29.00 -23.30 -4.39
C LEU G 253 30.04 -23.79 -3.38
N THR G 254 30.92 -22.91 -2.91
CA THR G 254 32.07 -23.35 -2.11
C THR G 254 31.74 -23.60 -0.64
N LYS G 255 32.45 -24.57 -0.07
CA LYS G 255 32.33 -24.92 1.32
C LYS G 255 33.68 -24.84 2.02
N MSE G 256 33.68 -24.32 3.23
CA MSE G 256 34.93 -24.19 3.98
C MSE G 256 35.38 -25.58 4.34
O MSE G 256 34.61 -26.36 4.87
CB MSE G 256 34.69 -23.34 5.23
CG MSE G 256 35.97 -23.09 5.99
SE MSE G 256 35.58 -22.20 7.71
CE MSE G 256 34.83 -23.68 8.77
N GLY G 257 36.63 -25.88 4.03
CA GLY G 257 37.24 -27.17 4.35
C GLY G 257 37.26 -28.18 3.23
N LYS G 258 36.60 -27.88 2.12
CA LYS G 258 36.53 -28.78 0.97
C LYS G 258 37.50 -28.37 -0.14
N GLY G 259 38.42 -27.47 0.17
CA GLY G 259 39.52 -27.16 -0.75
C GLY G 259 39.42 -25.79 -1.36
N PRO G 260 40.52 -25.30 -1.95
CA PRO G 260 40.45 -24.03 -2.65
C PRO G 260 39.44 -24.06 -3.79
N GLY G 261 39.00 -22.87 -4.18
CA GLY G 261 38.07 -22.73 -5.28
C GLY G 261 38.74 -22.25 -6.55
N LEU G 262 38.07 -22.50 -7.68
CA LEU G 262 38.48 -21.97 -8.95
C LEU G 262 37.27 -21.27 -9.56
N VAL G 263 37.42 -20.00 -9.89
CA VAL G 263 36.31 -19.22 -10.35
C VAL G 263 36.16 -19.39 -11.84
N THR G 264 35.00 -19.90 -12.24
CA THR G 264 34.69 -20.20 -13.64
C THR G 264 33.97 -19.04 -14.34
N TYR G 265 33.47 -18.09 -13.56
CA TYR G 265 32.83 -16.89 -14.09
C TYR G 265 32.62 -15.89 -12.97
N ASP G 266 32.89 -14.62 -13.25
CA ASP G 266 32.48 -13.56 -12.36
C ASP G 266 32.16 -12.32 -13.16
N ARG G 267 31.53 -11.35 -12.50
CA ARG G 267 31.06 -10.12 -13.15
C ARG G 267 32.20 -9.33 -13.82
N SER G 268 33.42 -9.41 -13.29
CA SER G 268 34.58 -8.69 -13.82
C SER G 268 35.38 -9.44 -14.90
N MSE G 269 35.21 -10.76 -15.02
CA MSE G 269 35.97 -11.56 -15.98
C MSE G 269 35.43 -12.96 -16.22
O MSE G 269 35.02 -13.65 -15.28
CB MSE G 269 37.39 -11.72 -15.44
CG MSE G 269 38.23 -12.59 -16.38
SE MSE G 269 40.05 -12.88 -15.71
CE MSE G 269 39.67 -14.28 -14.34
N ILE G 270 35.46 -13.37 -17.49
CA ILE G 270 35.32 -14.78 -17.87
C ILE G 270 36.72 -15.35 -18.11
N PRO G 271 37.15 -16.33 -17.31
CA PRO G 271 38.54 -16.73 -17.41
C PRO G 271 38.90 -17.31 -18.76
N ASN G 272 40.18 -17.22 -19.11
CA ASN G 272 40.73 -17.92 -20.26
C ASN G 272 40.46 -19.40 -20.08
N GLN G 273 39.87 -20.02 -21.09
CA GLN G 273 39.41 -21.39 -20.94
C GLN G 273 40.53 -22.45 -20.89
N PRO G 274 41.52 -22.34 -21.80
CA PRO G 274 42.69 -23.22 -21.68
C PRO G 274 43.37 -23.18 -20.32
N LEU G 275 43.52 -21.98 -19.77
CA LEU G 275 44.14 -21.82 -18.47
C LEU G 275 43.27 -22.44 -17.37
N LYS G 276 41.95 -22.28 -17.47
CA LYS G 276 41.05 -22.91 -16.51
C LYS G 276 41.24 -24.41 -16.51
N GLU G 277 41.26 -25.01 -17.70
CA GLU G 277 41.40 -26.46 -17.83
C GLU G 277 42.75 -26.92 -17.29
N PHE G 278 43.77 -26.10 -17.51
CA PHE G 278 45.11 -26.35 -17.00
C PHE G 278 45.13 -26.47 -15.48
N VAL G 279 44.52 -25.52 -14.80
CA VAL G 279 44.48 -25.53 -13.35
C VAL G 279 43.70 -26.74 -12.83
N ILE G 280 42.56 -27.03 -13.43
CA ILE G 280 41.77 -28.18 -13.02
C ILE G 280 42.60 -29.46 -13.10
N ASN G 281 43.39 -29.60 -14.16
CA ASN G 281 44.19 -30.81 -14.38
C ASN G 281 45.37 -30.88 -13.45
N VAL G 282 46.06 -29.76 -13.29
CA VAL G 282 47.20 -29.73 -12.38
C VAL G 282 46.75 -30.14 -10.97
N ALA G 283 45.59 -29.65 -10.56
CA ALA G 283 45.05 -29.97 -9.25
C ALA G 283 44.68 -31.44 -9.12
N LYS G 284 44.05 -31.98 -10.15
CA LYS G 284 43.66 -33.39 -10.16
C LYS G 284 44.87 -34.30 -10.08
N GLN G 285 45.88 -33.97 -10.88
CA GLN G 285 47.12 -34.71 -10.94
C GLN G 285 47.89 -34.65 -9.62
N ALA G 286 47.89 -33.49 -8.99
CA ALA G 286 48.53 -33.32 -7.67
C ALA G 286 47.65 -33.74 -6.49
N GLN G 287 46.45 -34.24 -6.79
CA GLN G 287 45.48 -34.68 -5.79
C GLN G 287 45.10 -33.61 -4.78
N ILE G 288 44.97 -32.39 -5.27
CA ILE G 288 44.56 -31.27 -4.44
C ILE G 288 43.07 -31.03 -4.70
N PRO G 289 42.23 -31.13 -3.65
CA PRO G 289 40.80 -30.88 -3.85
C PRO G 289 40.54 -29.45 -4.34
N LEU G 290 39.61 -29.30 -5.27
CA LEU G 290 39.40 -28.04 -5.94
C LEU G 290 37.90 -27.84 -6.22
N GLN G 291 37.31 -26.75 -5.75
CA GLN G 291 35.88 -26.54 -5.90
C GLN G 291 35.59 -25.56 -7.02
N LEU G 292 34.85 -25.98 -8.01
CA LEU G 292 34.43 -25.06 -9.05
C LEU G 292 33.45 -24.05 -8.47
N SER G 293 33.71 -22.77 -8.74
CA SER G 293 32.96 -21.67 -8.14
C SER G 293 32.55 -20.64 -9.17
N GLN G 294 31.56 -19.83 -8.81
CA GLN G 294 31.06 -18.80 -9.71
C GLN G 294 30.55 -17.64 -8.88
N MSE G 295 31.03 -16.42 -9.12
CA MSE G 295 30.59 -15.25 -8.36
C MSE G 295 29.80 -14.35 -9.28
O MSE G 295 30.31 -13.38 -9.82
CB MSE G 295 31.77 -14.50 -7.72
CG MSE G 295 32.81 -15.44 -7.10
SE MSE G 295 34.49 -14.50 -6.55
CE MSE G 295 34.50 -12.88 -7.67
N SER G 296 28.52 -14.68 -9.42
CA SER G 296 27.55 -13.89 -10.18
C SER G 296 27.61 -12.34 -10.01
N GLY G 297 27.84 -11.87 -8.79
CA GLY G 297 27.80 -10.43 -8.52
C GLY G 297 28.97 -9.88 -7.71
N GLY G 298 30.18 -10.18 -8.16
CA GLY G 298 31.38 -9.63 -7.52
C GLY G 298 32.52 -9.64 -8.51
N GLY G 299 33.57 -8.89 -8.22
CA GLY G 299 34.74 -8.82 -9.07
C GLY G 299 36.03 -9.01 -8.31
N THR G 300 37.13 -9.02 -9.06
CA THR G 300 38.48 -9.27 -8.53
C THR G 300 39.52 -8.39 -9.19
N ASP G 301 40.73 -8.32 -8.61
CA ASP G 301 41.87 -7.69 -9.28
C ASP G 301 42.00 -8.17 -10.76
N ALA G 302 41.61 -9.43 -11.03
CA ALA G 302 41.69 -9.99 -12.37
C ALA G 302 40.90 -9.20 -13.40
N GLY G 303 39.82 -8.57 -12.96
CA GLY G 303 39.00 -7.73 -13.82
C GLY G 303 39.80 -6.67 -14.56
N ARG G 304 40.87 -6.18 -13.92
CA ARG G 304 41.77 -5.20 -14.54
C ARG G 304 43.01 -5.82 -15.16
N ILE G 305 43.59 -6.79 -14.47
CA ILE G 305 44.80 -7.44 -14.92
C ILE G 305 44.64 -8.07 -16.30
N HIS G 306 43.53 -8.76 -16.53
CA HIS G 306 43.35 -9.52 -17.79
C HIS G 306 43.11 -8.61 -18.98
N MSE G 307 42.92 -7.32 -18.71
CA MSE G 307 42.68 -6.32 -19.75
C MSE G 307 43.86 -5.46 -20.00
O MSE G 307 43.78 -4.50 -20.76
CB MSE G 307 41.61 -5.40 -19.24
CG MSE G 307 40.42 -6.16 -18.69
SE MSE G 307 38.90 -5.90 -19.89
CE MSE G 307 37.96 -4.50 -18.85
N ASN G 308 44.98 -5.78 -19.36
CA ASN G 308 46.20 -5.04 -19.53
C ASN G 308 46.76 -5.18 -20.94
N ARG G 309 47.07 -4.04 -21.56
CA ARG G 309 47.64 -4.00 -22.91
C ARG G 309 46.79 -4.79 -23.92
N ALA G 310 47.31 -5.91 -24.44
CA ALA G 310 46.63 -6.72 -25.45
C ALA G 310 45.80 -7.85 -24.80
N GLY G 311 45.82 -7.89 -23.48
CA GLY G 311 45.11 -8.92 -22.74
C GLY G 311 46.11 -9.81 -22.03
N CYS G 312 45.63 -10.51 -21.02
CA CYS G 312 46.47 -11.40 -20.25
C CYS G 312 45.60 -12.54 -19.73
N PRO G 313 45.92 -13.79 -20.10
CA PRO G 313 45.11 -14.91 -19.59
C PRO G 313 45.21 -14.99 -18.09
N SER G 314 44.06 -15.08 -17.43
CA SER G 314 44.02 -15.02 -15.97
C SER G 314 42.97 -15.94 -15.44
N VAL G 315 43.15 -16.30 -14.18
CA VAL G 315 42.20 -17.15 -13.50
C VAL G 315 42.18 -16.75 -12.03
N VAL G 316 41.04 -16.86 -11.38
CA VAL G 316 40.97 -16.56 -9.94
C VAL G 316 40.91 -17.85 -9.13
N ILE G 317 41.80 -17.95 -8.14
CA ILE G 317 41.83 -19.07 -7.24
C ILE G 317 41.48 -18.56 -5.86
N THR G 318 40.63 -19.27 -5.15
CA THR G 318 40.02 -18.72 -3.93
C THR G 318 40.12 -19.61 -2.71
N ILE G 319 40.19 -18.99 -1.54
CA ILE G 319 39.99 -19.69 -0.28
C ILE G 319 38.58 -19.40 0.26
N PRO G 320 37.74 -20.43 0.39
CA PRO G 320 36.41 -20.19 0.92
C PRO G 320 36.49 -19.63 2.33
N THR G 321 35.77 -18.53 2.53
CA THR G 321 35.80 -17.76 3.77
C THR G 321 34.38 -17.43 4.16
N ARG G 322 34.05 -17.57 5.43
CA ARG G 322 32.74 -17.22 5.92
C ARG G 322 32.75 -15.79 6.47
N HIS G 323 31.73 -15.02 6.18
CA HIS G 323 31.51 -13.70 6.73
C HIS G 323 32.58 -12.69 6.35
N ILE G 324 32.88 -12.59 5.07
CA ILE G 324 33.80 -11.54 4.59
C ILE G 324 33.11 -10.18 4.65
N HIS G 325 33.89 -9.11 4.46
CA HIS G 325 33.36 -7.74 4.51
C HIS G 325 32.57 -7.51 5.81
N SER G 326 33.09 -8.05 6.90
CA SER G 326 32.50 -7.88 8.22
C SER G 326 33.62 -7.89 9.26
N HIS G 327 33.31 -7.62 10.52
CA HIS G 327 34.35 -7.55 11.54
C HIS G 327 35.12 -8.84 11.74
N VAL G 328 34.44 -9.96 11.60
CA VAL G 328 35.08 -11.23 11.89
C VAL G 328 34.60 -12.31 10.93
N GLY G 329 35.56 -13.04 10.38
CA GLY G 329 35.28 -14.10 9.42
C GLY G 329 36.03 -15.35 9.80
N LEU G 330 35.78 -16.45 9.09
CA LEU G 330 36.42 -17.72 9.39
C LEU G 330 36.91 -18.34 8.11
N LEU G 331 38.07 -18.96 8.15
CA LEU G 331 38.52 -19.78 7.04
C LEU G 331 39.31 -20.98 7.52
N SER G 332 39.50 -21.96 6.63
CA SER G 332 40.19 -23.21 6.95
C SER G 332 41.67 -23.12 6.65
N LEU G 333 42.50 -23.47 7.63
CA LEU G 333 43.95 -23.50 7.44
C LEU G 333 44.37 -24.59 6.47
N LYS G 334 43.60 -25.66 6.43
CA LYS G 334 43.82 -26.74 5.48
C LYS G 334 43.60 -26.26 4.03
N ASP G 335 42.50 -25.56 3.78
CA ASP G 335 42.23 -24.99 2.46
C ASP G 335 43.39 -24.08 2.02
N THR G 336 43.85 -23.26 2.96
CA THR G 336 44.94 -22.32 2.72
C THR G 336 46.19 -23.08 2.29
N GLU G 337 46.54 -24.10 3.06
CA GLU G 337 47.70 -24.92 2.77
C GLU G 337 47.62 -25.50 1.35
N ASN G 338 46.47 -26.05 1.01
CA ASN G 338 46.25 -26.58 -0.32
C ASN G 338 46.31 -25.54 -1.43
N ALA G 339 45.89 -24.32 -1.15
CA ALA G 339 46.02 -23.24 -2.12
C ALA G 339 47.49 -22.97 -2.37
N ILE G 340 48.30 -23.01 -1.31
CA ILE G 340 49.73 -22.81 -1.46
C ILE G 340 50.33 -23.92 -2.30
N ARG G 341 49.99 -25.16 -1.96
CA ARG G 341 50.45 -26.29 -2.73
C ARG G 341 50.09 -26.15 -4.20
N LEU G 342 48.84 -25.79 -4.46
CA LEU G 342 48.35 -25.69 -5.82
C LEU G 342 49.10 -24.65 -6.65
N VAL G 343 49.31 -23.46 -6.07
CA VAL G 343 49.98 -22.37 -6.81
C VAL G 343 51.40 -22.79 -7.18
N ILE G 344 52.07 -23.49 -6.27
CA ILE G 344 53.42 -23.97 -6.55
C ILE G 344 53.44 -24.92 -7.74
N GLU G 345 52.56 -25.92 -7.72
CA GLU G 345 52.45 -26.85 -8.84
C GLU G 345 52.19 -26.15 -10.15
N LEU G 346 51.36 -25.12 -10.14
CA LEU G 346 51.06 -24.37 -11.34
C LEU G 346 52.30 -23.69 -11.85
N ILE G 347 52.97 -22.97 -10.97
CA ILE G 347 54.17 -22.22 -11.34
C ILE G 347 55.27 -23.12 -11.89
N LYS G 348 55.44 -24.29 -11.28
CA LYS G 348 56.38 -25.28 -11.79
C LYS G 348 56.16 -25.57 -13.28
N ARG G 349 54.91 -25.64 -13.70
CA ARG G 349 54.56 -26.11 -15.05
C ARG G 349 54.25 -25.01 -16.06
N LEU G 350 54.27 -23.75 -15.64
CA LEU G 350 53.93 -22.66 -16.54
C LEU G 350 55.16 -22.17 -17.30
N ASP G 351 55.62 -22.98 -18.26
CA ASP G 351 56.73 -22.58 -19.15
C ASP G 351 56.20 -21.75 -20.32
N LEU G 352 57.11 -21.19 -21.12
CA LEU G 352 56.72 -20.33 -22.23
C LEU G 352 55.78 -21.02 -23.22
N GLU G 353 56.04 -22.29 -23.51
CA GLU G 353 55.24 -23.03 -24.49
C GLU G 353 53.78 -23.23 -24.04
N THR G 354 53.60 -23.68 -22.80
CA THR G 354 52.28 -23.86 -22.21
C THR G 354 51.48 -22.55 -22.22
N VAL G 355 52.14 -21.46 -21.85
CA VAL G 355 51.50 -20.16 -21.75
C VAL G 355 51.08 -19.58 -23.12
N GLU G 356 51.93 -19.75 -24.14
CA GLU G 356 51.55 -19.34 -25.48
C GLU G 356 50.39 -20.18 -26.00
N GLY G 357 50.31 -21.44 -25.55
CA GLY G 357 49.21 -22.34 -25.91
C GLY G 357 47.86 -21.96 -25.35
N PHE G 358 47.82 -21.02 -24.42
CA PHE G 358 46.55 -20.55 -23.85
C PHE G 358 45.85 -19.52 -24.74
N THR G 359 46.59 -18.89 -25.62
CA THR G 359 46.04 -17.83 -26.47
C THR G 359 46.20 -18.23 -27.94
N SER H 1 -60.09 24.17 -15.88
CA SER H 1 -59.79 23.77 -14.47
C SER H 1 -58.40 24.26 -14.02
N ASN H 2 -58.34 24.77 -12.80
CA ASN H 2 -57.09 25.23 -12.18
C ASN H 2 -56.13 24.14 -11.69
N ALA H 3 -56.69 23.09 -11.10
CA ALA H 3 -55.95 21.86 -10.75
C ALA H 3 -55.28 21.20 -11.99
N ASP H 4 -55.96 21.24 -13.13
CA ASP H 4 -55.39 20.84 -14.43
C ASP H 4 -54.28 21.77 -14.85
N LYS H 5 -54.57 23.08 -14.85
CA LYS H 5 -53.60 24.08 -15.23
C LYS H 5 -52.35 24.07 -14.35
N SER H 6 -52.52 23.77 -13.07
CA SER H 6 -51.40 23.61 -12.15
C SER H 6 -50.52 22.42 -12.52
N MSE H 7 -51.14 21.27 -12.73
CA MSE H 7 -50.40 20.08 -13.09
C MSE H 7 -49.78 20.20 -14.45
O MSE H 7 -48.73 19.66 -14.69
CB MSE H 7 -51.28 18.83 -13.01
CG MSE H 7 -51.51 18.44 -11.55
SE MSE H 7 -49.81 18.04 -10.58
CE MSE H 7 -50.13 19.32 -9.10
N GLU H 8 -50.45 20.92 -15.33
CA GLU H 8 -49.89 21.17 -16.66
C GLU H 8 -48.68 22.09 -16.58
N LEU H 9 -48.71 23.03 -15.66
CA LEU H 9 -47.55 23.88 -15.42
C LEU H 9 -46.40 23.04 -14.87
N MSE H 10 -46.69 22.26 -13.84
CA MSE H 10 -45.66 21.41 -13.24
C MSE H 10 -45.01 20.58 -14.31
O MSE H 10 -43.80 20.61 -14.44
CB MSE H 10 -46.20 20.53 -12.12
CG MSE H 10 -45.05 20.08 -11.23
SE MSE H 10 -45.60 18.81 -9.82
CE MSE H 10 -46.44 20.16 -8.66
N LYS H 11 -45.79 19.86 -15.10
CA LYS H 11 -45.25 19.01 -16.16
C LYS H 11 -44.36 19.80 -17.11
N THR H 12 -44.85 20.94 -17.54
CA THR H 12 -44.14 21.74 -18.51
C THR H 12 -42.81 22.25 -17.98
N LEU H 13 -42.80 22.70 -16.74
CA LEU H 13 -41.58 23.13 -16.06
C LEU H 13 -40.54 22.03 -15.98
N MSE H 14 -40.93 20.87 -15.44
CA MSE H 14 -39.99 19.79 -15.24
C MSE H 14 -39.51 19.23 -16.54
O MSE H 14 -38.46 18.59 -16.57
CB MSE H 14 -40.60 18.65 -14.44
CG MSE H 14 -41.13 19.00 -13.06
SE MSE H 14 -40.07 20.36 -12.09
CE MSE H 14 -41.58 21.27 -11.17
N GLU H 15 -40.27 19.41 -17.61
CA GLU H 15 -39.88 18.90 -18.91
C GLU H 15 -39.14 19.93 -19.77
N ALA H 16 -39.19 21.19 -19.37
CA ALA H 16 -38.53 22.28 -20.10
C ALA H 16 -37.02 22.15 -20.12
N PHE H 17 -36.43 22.74 -21.15
CA PHE H 17 -34.97 22.82 -21.30
C PHE H 17 -34.44 24.08 -20.63
N GLY H 18 -33.61 23.92 -19.60
CA GLY H 18 -33.06 25.10 -18.91
C GLY H 18 -31.92 24.86 -17.93
N PRO H 19 -30.75 24.44 -18.42
CA PRO H 19 -29.57 24.30 -17.56
C PRO H 19 -28.98 25.66 -17.19
N SER H 20 -28.10 25.69 -16.19
CA SER H 20 -27.52 26.95 -15.71
C SER H 20 -26.93 27.74 -16.88
N GLY H 21 -27.32 29.00 -16.99
CA GLY H 21 -26.90 29.87 -18.09
C GLY H 21 -27.82 29.91 -19.30
N PHE H 22 -28.75 28.97 -19.38
CA PHE H 22 -29.61 28.85 -20.55
C PHE H 22 -31.06 28.63 -20.13
N GLU H 23 -31.57 29.51 -19.29
CA GLU H 23 -32.88 29.30 -18.64
C GLU H 23 -34.02 30.01 -19.32
N ARG H 24 -33.82 30.55 -20.51
CA ARG H 24 -34.82 31.43 -21.11
C ARG H 24 -36.15 30.74 -21.45
N GLU H 25 -36.09 29.52 -21.99
CA GLU H 25 -37.30 28.76 -22.28
C GLU H 25 -38.15 28.54 -21.03
N VAL H 26 -37.51 28.23 -19.90
CA VAL H 26 -38.22 27.92 -18.65
C VAL H 26 -38.80 29.21 -18.03
N ASN H 27 -38.07 30.31 -18.13
CA ASN H 27 -38.55 31.57 -17.59
C ASN H 27 -39.63 32.20 -18.46
N ALA H 28 -39.64 31.87 -19.74
CA ALA H 28 -40.74 32.22 -20.64
C ALA H 28 -42.03 31.53 -20.20
N ILE H 29 -41.93 30.25 -19.84
CA ILE H 29 -43.08 29.49 -19.34
C ILE H 29 -43.65 30.11 -18.06
N CYS H 30 -42.77 30.59 -17.19
CA CYS H 30 -43.17 31.25 -15.98
C CYS H 30 -43.88 32.57 -16.28
N LYS H 31 -43.32 33.37 -17.17
CA LYS H 31 -43.95 34.65 -17.52
C LYS H 31 -45.35 34.45 -18.06
N GLU H 32 -45.51 33.46 -18.92
CA GLU H 32 -46.79 33.22 -19.56
C GLU H 32 -47.86 32.80 -18.52
N TYR H 33 -47.51 31.88 -17.64
CA TYR H 33 -48.43 31.43 -16.62
C TYR H 33 -48.85 32.57 -15.70
N MSE H 34 -47.94 33.50 -15.45
CA MSE H 34 -48.17 34.58 -14.50
C MSE H 34 -48.71 35.86 -15.10
O MSE H 34 -49.01 36.78 -14.33
CB MSE H 34 -46.86 34.91 -13.80
CG MSE H 34 -46.41 33.74 -12.92
SE MSE H 34 -47.46 33.65 -11.24
CE MSE H 34 -46.64 35.20 -10.37
N GLU H 35 -48.85 35.97 -16.43
CA GLU H 35 -49.39 37.20 -17.04
C GLU H 35 -50.67 37.70 -16.37
N PRO H 36 -51.65 36.82 -16.17
CA PRO H 36 -52.87 37.28 -15.51
C PRO H 36 -52.83 37.49 -13.99
N TYR H 37 -51.72 37.19 -13.32
CA TYR H 37 -51.69 37.22 -11.85
C TYR H 37 -50.74 38.21 -11.20
N ALA H 38 -49.70 38.63 -11.91
CA ALA H 38 -48.71 39.53 -11.32
C ALA H 38 -49.07 40.96 -11.68
N ASP H 39 -48.87 41.86 -10.73
CA ASP H 39 -49.14 43.27 -10.95
C ASP H 39 -48.04 43.91 -11.78
N GLU H 40 -46.84 43.34 -11.76
CA GLU H 40 -45.72 43.88 -12.50
C GLU H 40 -44.64 42.80 -12.61
N VAL H 41 -43.75 42.93 -13.60
CA VAL H 41 -42.65 41.97 -13.80
C VAL H 41 -41.32 42.71 -13.97
N VAL H 42 -40.35 42.41 -13.12
CA VAL H 42 -39.01 42.99 -13.24
C VAL H 42 -38.01 41.86 -13.49
N VAL H 43 -36.89 42.20 -14.12
CA VAL H 43 -35.88 41.21 -14.45
C VAL H 43 -34.49 41.68 -14.01
N ASP H 44 -33.57 40.73 -13.86
CA ASP H 44 -32.16 41.09 -13.79
C ASP H 44 -31.53 40.79 -15.15
N LYS H 45 -30.30 41.23 -15.36
CA LYS H 45 -29.66 41.10 -16.66
C LYS H 45 -29.04 39.73 -16.88
N LEU H 46 -29.04 38.90 -15.85
CA LEU H 46 -28.62 37.51 -15.99
C LEU H 46 -29.73 36.62 -16.54
N GLY H 47 -30.98 37.06 -16.43
CA GLY H 47 -32.10 36.27 -16.90
C GLY H 47 -33.14 35.89 -15.85
N SER H 48 -32.95 36.30 -14.60
CA SER H 48 -33.96 36.08 -13.55
C SER H 48 -35.17 36.94 -13.83
N VAL H 49 -36.35 36.32 -13.80
CA VAL H 49 -37.60 37.09 -13.83
C VAL H 49 -38.26 37.05 -12.46
N THR H 50 -38.85 38.18 -12.09
CA THR H 50 -39.41 38.39 -10.77
C THR H 50 -40.82 38.99 -10.91
N PHE H 51 -41.78 38.41 -10.22
CA PHE H 51 -43.18 38.79 -10.30
C PHE H 51 -43.59 39.49 -9.03
N ILE H 52 -44.18 40.67 -9.18
CA ILE H 52 -44.57 41.50 -8.05
C ILE H 52 -46.07 41.44 -7.81
N ALA H 53 -46.45 41.13 -6.59
CA ALA H 53 -47.83 41.27 -6.13
C ALA H 53 -47.85 42.44 -5.13
N LYS H 54 -48.49 43.55 -5.54
CA LYS H 54 -48.44 44.82 -4.80
C LYS H 54 -49.28 44.82 -3.53
N GLY H 55 -48.83 45.64 -2.60
CA GLY H 55 -49.52 45.90 -1.34
C GLY H 55 -48.80 47.10 -0.77
N ASN H 56 -48.45 47.07 0.50
CA ASN H 56 -47.73 48.19 1.09
C ASN H 56 -46.31 48.24 0.54
N ASP H 57 -45.86 49.42 0.14
CA ASP H 57 -44.48 49.59 -0.35
C ASP H 57 -43.45 48.78 0.42
N ARG H 58 -43.58 48.80 1.75
CA ARG H 58 -42.67 48.11 2.65
C ARG H 58 -43.51 47.39 3.72
N PRO H 59 -43.11 46.21 4.19
CA PRO H 59 -41.86 45.54 3.82
C PRO H 59 -41.91 44.80 2.49
N ARG H 60 -40.75 44.66 1.86
CA ARG H 60 -40.61 43.87 0.65
C ARG H 60 -40.22 42.44 1.01
N ILE H 61 -41.09 41.50 0.66
CA ILE H 61 -40.84 40.06 0.82
C ILE H 61 -40.29 39.49 -0.48
N LEU H 62 -39.10 38.89 -0.43
CA LEU H 62 -38.55 38.21 -1.59
C LEU H 62 -38.70 36.72 -1.44
N MSE H 63 -39.42 36.08 -2.35
CA MSE H 63 -39.45 34.63 -2.44
C MSE H 63 -38.67 34.25 -3.66
O MSE H 63 -38.91 34.78 -4.72
CB MSE H 63 -40.85 34.09 -2.62
CG MSE H 63 -41.73 34.25 -1.40
SE MSE H 63 -43.27 33.04 -1.64
CE MSE H 63 -44.31 34.07 -2.95
N ALA H 64 -37.79 33.27 -3.52
CA ALA H 64 -36.94 32.89 -4.63
C ALA H 64 -36.88 31.40 -4.79
N GLY H 65 -36.99 30.94 -6.03
CA GLY H 65 -36.71 29.55 -6.39
C GLY H 65 -36.00 29.52 -7.73
N HIS H 66 -34.86 28.84 -7.80
CA HIS H 66 -34.08 28.88 -9.04
C HIS H 66 -34.63 27.94 -10.09
N THR H 67 -34.70 28.43 -11.32
CA THR H 67 -35.22 27.64 -12.43
C THR H 67 -34.15 26.96 -13.26
N ASP H 68 -32.88 27.25 -12.99
CA ASP H 68 -31.83 26.50 -13.66
C ASP H 68 -31.76 25.10 -13.07
N GLU H 69 -31.39 24.15 -13.91
CA GLU H 69 -31.20 22.76 -13.52
C GLU H 69 -29.76 22.37 -13.80
N VAL H 70 -29.26 21.37 -13.09
CA VAL H 70 -27.96 20.84 -13.43
C VAL H 70 -28.03 20.31 -14.85
N GLY H 71 -26.92 20.44 -15.57
CA GLY H 71 -26.86 20.05 -16.97
C GLY H 71 -25.42 19.89 -17.44
N PHE H 72 -25.20 20.03 -18.74
CA PHE H 72 -23.86 19.91 -19.32
C PHE H 72 -23.74 20.87 -20.49
N ILE H 73 -22.53 20.96 -21.03
CA ILE H 73 -22.26 21.84 -22.14
C ILE H 73 -21.22 21.18 -23.01
N VAL H 74 -21.37 21.33 -24.32
CA VAL H 74 -20.50 20.66 -25.28
C VAL H 74 -19.12 21.31 -25.23
N SER H 75 -18.10 20.48 -25.00
CA SER H 75 -16.72 20.99 -24.91
C SER H 75 -15.89 20.68 -26.16
N SER H 76 -16.32 19.71 -26.97
CA SER H 76 -15.64 19.41 -28.24
C SER H 76 -16.40 18.36 -29.05
N ILE H 77 -16.08 18.26 -30.34
CA ILE H 77 -16.51 17.15 -31.18
C ILE H 77 -15.26 16.36 -31.55
N SER H 78 -15.22 15.08 -31.20
CA SER H 78 -14.09 14.23 -31.55
C SER H 78 -14.16 13.85 -33.03
N LYS H 79 -13.02 13.41 -33.55
CA LYS H 79 -12.92 13.05 -34.97
C LYS H 79 -13.88 11.90 -35.34
N GLU H 80 -14.30 11.09 -34.36
CA GLU H 80 -15.22 9.97 -34.61
C GLU H 80 -16.71 10.31 -34.46
N GLY H 81 -17.03 11.54 -34.05
CA GLY H 81 -18.43 11.99 -33.97
C GLY H 81 -19.07 11.92 -32.58
N TYR H 82 -18.22 11.96 -31.56
CA TYR H 82 -18.65 11.91 -30.18
C TYR H 82 -18.42 13.28 -29.60
N LEU H 83 -19.20 13.63 -28.59
CA LEU H 83 -19.06 14.92 -27.97
C LEU H 83 -18.41 14.73 -26.63
N THR H 84 -17.48 15.61 -26.28
CA THR H 84 -17.04 15.72 -24.88
C THR H 84 -17.87 16.84 -24.25
N PHE H 85 -17.93 16.86 -22.93
CA PHE H 85 -18.77 17.84 -22.26
C PHE H 85 -18.19 18.25 -20.92
N ASN H 86 -18.54 19.46 -20.48
CA ASN H 86 -18.30 19.87 -19.10
C ASN H 86 -19.62 19.88 -18.37
N THR H 87 -19.56 19.71 -17.06
CA THR H 87 -20.76 19.72 -16.25
C THR H 87 -21.14 21.14 -15.91
N LEU H 88 -22.44 21.37 -15.77
CA LEU H 88 -22.99 22.64 -15.31
C LEU H 88 -23.70 22.37 -14.02
N GLY H 89 -23.04 22.65 -12.90
CA GLY H 89 -23.57 22.34 -11.58
C GLY H 89 -22.96 21.03 -11.11
N GLY H 90 -23.21 20.68 -9.84
CA GLY H 90 -22.59 19.53 -9.22
C GLY H 90 -23.31 18.25 -9.59
N TRP H 91 -22.57 17.33 -10.22
CA TRP H 91 -23.06 16.00 -10.55
C TRP H 91 -22.20 14.95 -9.85
N TRP H 92 -22.82 13.86 -9.40
CA TRP H 92 -22.06 12.68 -9.01
C TRP H 92 -21.80 11.84 -10.26
N SER H 93 -20.55 11.51 -10.52
CA SER H 93 -20.23 10.79 -11.76
C SER H 93 -20.99 9.45 -11.87
N GLN H 94 -21.24 8.80 -10.73
CA GLN H 94 -21.82 7.46 -10.74
C GLN H 94 -23.27 7.35 -11.21
N VAL H 95 -23.95 8.50 -11.32
CA VAL H 95 -25.30 8.54 -11.91
C VAL H 95 -25.36 8.92 -13.39
N LEU H 96 -24.20 9.07 -14.05
CA LEU H 96 -24.16 9.58 -15.41
C LEU H 96 -24.18 8.52 -16.51
N LEU H 97 -23.31 7.51 -16.41
CA LEU H 97 -23.17 6.52 -17.48
C LEU H 97 -24.48 5.87 -17.87
N GLY H 98 -24.72 5.81 -19.18
CA GLY H 98 -25.87 5.13 -19.75
C GLY H 98 -27.10 5.98 -19.85
N GLN H 99 -26.98 7.27 -19.53
CA GLN H 99 -28.13 8.14 -19.39
C GLN H 99 -28.40 8.92 -20.67
N ARG H 100 -29.67 9.17 -20.94
CA ARG H 100 -30.06 9.92 -22.11
C ARG H 100 -29.98 11.41 -21.84
N VAL H 101 -29.44 12.13 -22.81
CA VAL H 101 -29.39 13.58 -22.74
C VAL H 101 -29.90 14.15 -24.04
N VAL H 102 -30.14 15.45 -24.03
CA VAL H 102 -30.51 16.16 -25.24
C VAL H 102 -29.77 17.50 -25.32
N VAL H 103 -29.23 17.77 -26.51
CA VAL H 103 -28.38 18.90 -26.77
C VAL H 103 -29.19 19.88 -27.60
N ARG H 104 -29.16 21.16 -27.23
CA ARG H 104 -29.87 22.15 -28.04
C ARG H 104 -28.91 22.84 -29.00
N THR H 105 -29.05 22.54 -30.28
CA THR H 105 -28.24 23.14 -31.33
C THR H 105 -29.04 24.22 -32.04
N CYS H 106 -28.39 24.93 -32.95
CA CYS H 106 -29.09 25.88 -33.83
C CYS H 106 -30.12 25.18 -34.73
N LYS H 107 -29.91 23.90 -35.03
CA LYS H 107 -30.87 23.12 -35.81
C LYS H 107 -31.98 22.43 -34.99
N GLY H 108 -31.95 22.58 -33.67
CA GLY H 108 -32.94 21.96 -32.79
C GLY H 108 -32.37 20.93 -31.83
N MSE H 109 -33.26 20.15 -31.22
CA MSE H 109 -32.86 19.17 -30.21
C MSE H 109 -32.18 17.98 -30.84
O MSE H 109 -32.69 17.39 -31.78
CB MSE H 109 -34.07 18.68 -29.43
CG MSE H 109 -34.79 19.78 -28.65
SE MSE H 109 -33.62 20.66 -27.31
CE MSE H 109 -34.83 22.15 -26.81
N VAL H 110 -31.04 17.58 -30.29
CA VAL H 110 -30.32 16.40 -30.72
C VAL H 110 -30.13 15.44 -29.56
N HIS H 111 -30.60 14.20 -29.71
CA HIS H 111 -30.55 13.25 -28.62
C HIS H 111 -29.26 12.48 -28.60
N GLY H 112 -28.86 12.06 -27.41
CA GLY H 112 -27.63 11.31 -27.23
C GLY H 112 -27.60 10.54 -25.92
N ILE H 113 -26.51 9.81 -25.72
CA ILE H 113 -26.34 8.94 -24.59
C ILE H 113 -24.97 9.17 -23.98
N ILE H 114 -24.90 9.28 -22.65
CA ILE H 114 -23.63 9.41 -22.00
C ILE H 114 -22.94 8.06 -22.02
N ALA H 115 -21.70 8.04 -22.49
CA ALA H 115 -20.98 6.79 -22.69
C ALA H 115 -19.53 6.89 -22.29
N SER H 116 -18.89 5.72 -22.15
CA SER H 116 -17.45 5.65 -21.92
C SER H 116 -16.88 4.51 -22.73
N LYS H 117 -15.57 4.33 -22.64
CA LYS H 117 -14.94 3.13 -23.15
C LYS H 117 -15.52 1.94 -22.38
N PRO H 118 -15.91 0.87 -23.10
CA PRO H 118 -16.44 -0.34 -22.48
C PRO H 118 -15.37 -1.05 -21.70
N PRO H 119 -15.71 -1.64 -20.53
CA PRO H 119 -14.68 -2.21 -19.64
C PRO H 119 -13.87 -3.40 -20.20
N HIS H 120 -14.43 -4.18 -21.12
CA HIS H 120 -13.72 -5.33 -21.68
C HIS H 120 -12.54 -4.97 -22.61
N ILE H 121 -12.44 -3.73 -23.07
CA ILE H 121 -11.23 -3.24 -23.78
C ILE H 121 -10.27 -2.46 -22.86
N LEU H 122 -10.41 -2.61 -21.54
CA LEU H 122 -9.51 -1.99 -20.58
C LEU H 122 -8.73 -3.08 -19.86
N PRO H 123 -7.58 -2.72 -19.26
CA PRO H 123 -6.84 -3.70 -18.46
C PRO H 123 -7.67 -4.15 -17.23
N PRO H 124 -7.47 -5.39 -16.74
CA PRO H 124 -8.28 -5.88 -15.61
C PRO H 124 -8.31 -4.97 -14.37
N ASP H 125 -7.20 -4.31 -14.06
CA ASP H 125 -7.12 -3.42 -12.87
C ASP H 125 -7.86 -2.10 -13.04
N GLU H 126 -8.14 -1.72 -14.28
CA GLU H 126 -8.82 -0.46 -14.59
C GLU H 126 -10.35 -0.58 -14.68
N ARG H 127 -10.86 -1.81 -14.71
CA ARG H 127 -12.31 -2.07 -14.77
C ARG H 127 -13.00 -1.81 -13.44
N LYS H 128 -12.31 -2.11 -12.34
CA LYS H 128 -12.84 -1.82 -10.98
C LYS H 128 -12.75 -0.33 -10.63
N LYS H 129 -12.07 0.46 -11.44
CA LYS H 129 -11.96 1.90 -11.21
C LYS H 129 -13.21 2.64 -11.64
N ILE H 130 -13.61 3.64 -10.87
CA ILE H 130 -14.71 4.50 -11.24
C ILE H 130 -14.38 5.19 -12.52
N VAL H 131 -15.35 5.33 -13.40
CA VAL H 131 -15.16 6.16 -14.59
C VAL H 131 -15.44 7.62 -14.23
N GLU H 132 -14.44 8.47 -14.40
CA GLU H 132 -14.58 9.89 -14.10
C GLU H 132 -15.30 10.57 -15.25
N ALA H 133 -16.01 11.65 -14.94
CA ALA H 133 -16.75 12.39 -15.95
C ALA H 133 -15.86 12.99 -17.06
N ARG H 134 -14.64 13.36 -16.70
CA ARG H 134 -13.66 13.82 -17.70
C ARG H 134 -13.40 12.79 -18.82
N ASP H 135 -13.57 11.50 -18.53
CA ASP H 135 -13.36 10.43 -19.51
C ASP H 135 -14.64 9.91 -20.14
N MSE H 136 -15.75 10.61 -19.95
CA MSE H 136 -17.01 10.24 -20.60
C MSE H 136 -17.20 11.07 -21.83
O MSE H 136 -16.52 12.07 -22.04
CB MSE H 136 -18.15 10.46 -19.65
CG MSE H 136 -18.07 9.52 -18.46
SE MSE H 136 -19.61 9.83 -17.25
CE MSE H 136 -18.90 8.81 -15.71
N PHE H 137 -18.16 10.68 -22.65
CA PHE H 137 -18.62 11.53 -23.76
C PHE H 137 -20.04 11.20 -24.11
N ILE H 138 -20.58 11.93 -25.07
CA ILE H 138 -21.95 11.78 -25.47
C ILE H 138 -21.97 11.25 -26.88
N ASP H 139 -22.72 10.17 -27.04
CA ASP H 139 -22.89 9.48 -28.29
C ASP H 139 -24.22 9.92 -28.87
N ILE H 140 -24.18 10.52 -30.05
CA ILE H 140 -25.38 11.00 -30.70
C ILE H 140 -25.71 10.20 -31.96
N GLY H 141 -25.09 9.03 -32.08
CA GLY H 141 -25.36 8.13 -33.19
C GLY H 141 -24.60 8.48 -34.44
N ALA H 142 -23.58 9.33 -34.29
CA ALA H 142 -22.83 9.80 -35.44
C ALA H 142 -21.67 8.84 -35.68
N THR H 143 -21.21 8.80 -36.92
CA THR H 143 -20.11 7.90 -37.31
C THR H 143 -18.86 8.65 -37.77
N SER H 144 -18.87 9.98 -37.68
CA SER H 144 -17.73 10.81 -38.11
C SER H 144 -17.93 12.25 -37.63
N GLU H 145 -16.84 12.99 -37.53
CA GLU H 145 -16.91 14.41 -37.17
C GLU H 145 -17.89 15.21 -38.04
N GLU H 146 -18.01 14.84 -39.32
CA GLU H 146 -18.86 15.55 -40.28
C GLU H 146 -20.32 15.25 -40.01
N GLU H 147 -20.62 13.97 -39.79
CA GLU H 147 -21.99 13.53 -39.54
C GLU H 147 -22.53 14.18 -38.24
N ALA H 148 -21.62 14.42 -37.30
CA ALA H 148 -21.95 15.11 -36.06
C ALA H 148 -22.23 16.57 -36.30
N GLU H 149 -21.38 17.21 -37.09
CA GLU H 149 -21.57 18.61 -37.45
C GLU H 149 -22.89 18.84 -38.17
N GLU H 150 -23.29 17.92 -39.04
CA GLU H 150 -24.57 18.02 -39.74
C GLU H 150 -25.78 18.16 -38.83
N SER H 151 -25.69 17.60 -37.63
CA SER H 151 -26.76 17.73 -36.64
C SER H 151 -26.85 19.14 -36.04
N GLY H 152 -25.80 19.94 -36.16
CA GLY H 152 -25.81 21.35 -35.76
C GLY H 152 -24.98 21.67 -34.54
N VAL H 153 -24.32 20.66 -34.01
CA VAL H 153 -23.61 20.77 -32.73
C VAL H 153 -22.39 21.68 -32.83
N LYS H 154 -22.24 22.54 -31.83
CA LYS H 154 -21.11 23.41 -31.70
C LYS H 154 -20.60 23.44 -30.30
N VAL H 155 -19.31 23.70 -30.15
CA VAL H 155 -18.74 23.89 -28.83
C VAL H 155 -19.51 25.03 -28.15
N GLY H 156 -19.82 24.85 -26.87
CA GLY H 156 -20.62 25.82 -26.13
C GLY H 156 -22.12 25.56 -26.13
N ASP H 157 -22.59 24.54 -26.87
CA ASP H 157 -24.03 24.20 -26.88
C ASP H 157 -24.46 23.51 -25.58
N PRO H 158 -25.63 23.93 -25.04
CA PRO H 158 -26.12 23.42 -23.76
C PRO H 158 -26.75 22.05 -23.87
N ILE H 159 -26.70 21.33 -22.76
CA ILE H 159 -27.21 19.96 -22.69
C ILE H 159 -27.99 19.76 -21.40
N VAL H 160 -29.12 19.07 -21.51
CA VAL H 160 -29.88 18.67 -20.31
C VAL H 160 -30.17 17.20 -20.30
N PRO H 161 -30.48 16.68 -19.12
CA PRO H 161 -30.99 15.30 -19.02
C PRO H 161 -32.31 15.15 -19.74
N TRP H 162 -32.55 13.95 -20.28
CA TRP H 162 -33.85 13.63 -20.87
C TRP H 162 -34.63 12.83 -19.86
N SER H 163 -35.77 13.36 -19.44
CA SER H 163 -36.50 12.79 -18.32
C SER H 163 -37.95 13.24 -18.27
N PRO H 164 -38.86 12.39 -18.74
CA PRO H 164 -40.27 12.77 -18.79
C PRO H 164 -40.89 12.89 -17.42
N PHE H 165 -41.91 13.72 -17.32
CA PHE H 165 -42.61 13.93 -16.10
C PHE H 165 -43.82 13.01 -16.03
N SER H 166 -44.00 12.37 -14.88
CA SER H 166 -45.21 11.64 -14.62
C SER H 166 -45.50 11.64 -13.13
N VAL H 167 -46.65 11.10 -12.77
CA VAL H 167 -47.04 10.94 -11.38
C VAL H 167 -47.24 9.47 -11.11
N ILE H 168 -46.75 9.01 -9.96
CA ILE H 168 -46.89 7.62 -9.57
C ILE H 168 -47.50 7.52 -8.17
N GLN H 169 -47.58 6.28 -7.67
CA GLN H 169 -48.16 6.02 -6.36
C GLN H 169 -49.56 6.62 -6.24
N ASN H 170 -50.44 6.23 -7.17
CA ASN H 170 -51.83 6.65 -7.13
C ASN H 170 -51.96 8.14 -6.97
N GLY H 171 -51.25 8.89 -7.80
CA GLY H 171 -51.37 10.33 -7.84
C GLY H 171 -50.66 11.10 -6.75
N ARG H 172 -49.90 10.42 -5.90
CA ARG H 172 -49.30 11.04 -4.71
C ARG H 172 -47.90 11.63 -4.91
N VAL H 173 -47.14 11.04 -5.84
CA VAL H 173 -45.70 11.31 -5.95
C VAL H 173 -45.30 11.65 -7.38
N ALA H 174 -44.61 12.77 -7.55
CA ALA H 174 -44.21 13.26 -8.85
C ALA H 174 -42.85 12.74 -9.21
N MSE H 175 -42.65 12.39 -10.48
CA MSE H 175 -41.40 11.80 -10.96
C MSE H 175 -40.92 12.52 -12.16
O MSE H 175 -41.67 12.70 -13.11
CB MSE H 175 -41.63 10.35 -11.33
CG MSE H 175 -40.37 9.62 -11.73
SE MSE H 175 -40.83 7.71 -12.04
CE MSE H 175 -39.15 6.89 -12.62
N GLY H 176 -39.68 12.96 -12.13
CA GLY H 176 -39.08 13.69 -13.24
C GLY H 176 -37.81 14.40 -12.84
N LYS H 177 -37.33 15.27 -13.72
CA LYS H 177 -36.10 16.00 -13.47
C LYS H 177 -36.38 17.42 -13.04
N ALA H 178 -35.32 18.11 -12.64
CA ALA H 178 -35.35 19.54 -12.39
C ALA H 178 -36.24 20.01 -11.26
N PHE H 179 -36.66 19.10 -10.38
CA PHE H 179 -37.41 19.53 -9.20
C PHE H 179 -36.61 20.59 -8.45
N ASP H 180 -35.29 20.41 -8.41
CA ASP H 180 -34.37 21.40 -7.89
C ASP H 180 -34.07 22.36 -9.02
N ASP H 181 -34.66 23.56 -9.03
CA ASP H 181 -35.57 24.06 -8.00
C ASP H 181 -36.82 24.67 -8.64
N ARG H 182 -37.31 24.00 -9.67
CA ARG H 182 -38.52 24.44 -10.33
C ARG H 182 -39.74 24.17 -9.47
N ILE H 183 -39.65 23.20 -8.57
CA ILE H 183 -40.73 22.97 -7.62
C ILE H 183 -40.81 24.15 -6.66
N GLY H 184 -39.69 24.75 -6.31
CA GLY H 184 -39.68 25.98 -5.52
C GLY H 184 -40.30 27.15 -6.27
N ALA H 185 -39.97 27.26 -7.55
CA ALA H 185 -40.57 28.27 -8.40
C ALA H 185 -42.07 28.01 -8.53
N PHE H 186 -42.43 26.74 -8.63
CA PHE H 186 -43.83 26.36 -8.73
C PHE H 186 -44.60 26.82 -7.52
N VAL H 187 -44.03 26.63 -6.35
CA VAL H 187 -44.66 27.02 -5.10
C VAL H 187 -44.90 28.51 -5.04
N LEU H 188 -43.89 29.31 -5.33
CA LEU H 188 -44.05 30.75 -5.20
C LEU H 188 -45.03 31.30 -6.23
N MSE H 189 -45.02 30.73 -7.42
CA MSE H 189 -45.97 31.12 -8.45
C MSE H 189 -47.39 30.77 -8.06
O MSE H 189 -48.31 31.56 -8.26
CB MSE H 189 -45.63 30.45 -9.76
CG MSE H 189 -44.49 31.18 -10.43
SE MSE H 189 -44.23 30.46 -12.24
CE MSE H 189 -43.42 28.73 -11.82
N GLU H 190 -47.58 29.59 -7.50
CA GLU H 190 -48.91 29.17 -7.07
C GLU H 190 -49.39 29.98 -5.88
N ALA H 191 -48.48 30.36 -5.01
CA ALA H 191 -48.82 31.18 -3.86
C ALA H 191 -49.36 32.52 -4.34
N ILE H 192 -48.62 33.18 -5.23
CA ILE H 192 -49.06 34.45 -5.76
C ILE H 192 -50.37 34.33 -6.52
N ARG H 193 -50.52 33.28 -7.32
CA ARG H 193 -51.74 33.08 -8.06
C ARG H 193 -52.92 32.99 -7.11
N ARG H 194 -52.79 32.13 -6.10
CA ARG H 194 -53.88 31.88 -5.17
C ARG H 194 -54.27 33.11 -4.36
N MSE H 195 -53.30 33.93 -4.03
CA MSE H 195 -53.55 35.14 -3.27
C MSE H 195 -54.38 36.11 -4.07
O MSE H 195 -55.29 36.74 -3.53
CB MSE H 195 -52.23 35.74 -2.83
CG MSE H 195 -51.69 34.87 -1.72
SE MSE H 195 -50.20 35.72 -0.76
CE MSE H 195 -49.52 36.97 -2.11
N LYS H 196 -54.11 36.23 -5.37
CA LYS H 196 -54.94 37.04 -6.23
C LYS H 196 -56.31 36.41 -6.45
N ASP H 197 -56.36 35.15 -6.85
CA ASP H 197 -57.64 34.46 -7.08
C ASP H 197 -58.63 34.51 -5.92
N GLN H 198 -58.14 34.38 -4.70
CA GLN H 198 -59.01 34.37 -3.53
C GLN H 198 -58.99 35.69 -2.78
N GLY H 199 -58.45 36.74 -3.41
CA GLY H 199 -58.36 38.06 -2.82
C GLY H 199 -57.77 38.13 -1.42
N ILE H 200 -56.72 37.35 -1.16
CA ILE H 200 -56.11 37.31 0.15
C ILE H 200 -55.23 38.54 0.31
N GLU H 201 -55.50 39.32 1.35
CA GLU H 201 -54.78 40.56 1.57
C GLU H 201 -53.49 40.28 2.30
N HIS H 202 -52.48 41.08 2.01
CA HIS H 202 -51.17 40.95 2.66
C HIS H 202 -50.52 42.31 2.88
N PRO H 203 -50.09 42.58 4.12
CA PRO H 203 -49.60 43.90 4.51
C PRO H 203 -48.18 44.17 4.03
N ASN H 204 -47.95 44.00 2.73
CA ASN H 204 -46.61 44.01 2.18
C ASN H 204 -46.62 43.85 0.67
N THR H 205 -45.46 44.04 0.06
CA THR H 205 -45.28 43.80 -1.35
C THR H 205 -44.44 42.53 -1.51
N VAL H 206 -44.90 41.64 -2.35
CA VAL H 206 -44.28 40.33 -2.54
C VAL H 206 -43.56 40.24 -3.87
N TYR H 207 -42.28 39.92 -3.83
CA TYR H 207 -41.48 39.75 -5.03
C TYR H 207 -41.20 38.26 -5.19
N GLY H 208 -41.87 37.62 -6.13
CA GLY H 208 -41.71 36.20 -6.38
C GLY H 208 -40.74 36.01 -7.52
N SER H 209 -39.58 35.46 -7.22
CA SER H 209 -38.49 35.48 -8.17
C SER H 209 -38.05 34.12 -8.63
N ALA H 210 -37.99 33.96 -9.95
CA ALA H 210 -37.45 32.75 -10.57
C ALA H 210 -35.99 33.00 -10.97
N THR H 211 -35.09 32.76 -10.04
CA THR H 211 -33.68 33.09 -10.22
C THR H 211 -32.97 32.15 -11.18
N VAL H 212 -31.86 32.64 -11.72
CA VAL H 212 -31.02 31.86 -12.64
C VAL H 212 -29.66 31.56 -12.02
N GLN H 213 -28.98 30.57 -12.57
CA GLN H 213 -27.60 30.25 -12.22
C GLN H 213 -27.31 30.00 -10.74
N GLU H 214 -28.25 29.37 -10.02
CA GLU H 214 -27.98 28.95 -8.64
C GLU H 214 -26.95 27.83 -8.62
N GLU H 215 -27.09 26.86 -9.52
CA GLU H 215 -26.33 25.63 -9.43
C GLU H 215 -24.85 25.84 -9.71
N VAL H 216 -24.48 27.01 -10.25
CA VAL H 216 -23.08 27.32 -10.56
C VAL H 216 -22.48 28.43 -9.67
N GLY H 217 -23.15 28.84 -8.61
CA GLY H 217 -22.60 29.84 -7.68
C GLY H 217 -23.52 30.94 -7.17
N LEU H 218 -24.81 30.66 -7.09
CA LEU H 218 -25.80 31.59 -6.53
C LEU H 218 -25.81 32.95 -7.24
N ARG H 219 -25.61 32.93 -8.55
CA ARG H 219 -25.30 34.13 -9.30
C ARG H 219 -26.52 35.01 -9.50
N GLY H 220 -27.64 34.41 -9.91
CA GLY H 220 -28.87 35.18 -10.13
C GLY H 220 -29.49 35.73 -8.85
N ALA H 221 -29.29 35.03 -7.74
CA ALA H 221 -29.74 35.52 -6.42
C ALA H 221 -29.08 36.84 -6.02
N GLN H 222 -27.78 36.96 -6.25
CA GLN H 222 -27.04 38.18 -5.91
C GLN H 222 -27.60 39.39 -6.64
N THR H 223 -27.77 39.24 -7.95
CA THR H 223 -28.22 40.32 -8.82
C THR H 223 -29.71 40.64 -8.65
N THR H 224 -30.52 39.62 -8.37
CA THR H 224 -31.95 39.83 -8.10
C THR H 224 -32.15 40.51 -6.75
N ALA H 225 -31.35 40.14 -5.76
CA ALA H 225 -31.38 40.80 -4.47
C ALA H 225 -31.07 42.29 -4.60
N HIS H 226 -30.09 42.60 -5.46
CA HIS H 226 -29.74 44.00 -5.74
C HIS H 226 -30.94 44.77 -6.29
N VAL H 227 -31.62 44.18 -7.25
CA VAL H 227 -32.76 44.83 -7.91
C VAL H 227 -33.90 45.08 -6.91
N VAL H 228 -34.17 44.12 -6.03
CA VAL H 228 -35.37 44.15 -5.19
C VAL H 228 -35.21 44.95 -3.89
N ASP H 229 -34.03 44.90 -3.27
CA ASP H 229 -33.81 45.53 -1.94
C ASP H 229 -34.81 44.98 -0.91
N PRO H 230 -34.76 43.67 -0.65
CA PRO H 230 -35.76 43.04 0.21
C PRO H 230 -35.54 43.29 1.68
N ASP H 231 -36.64 43.29 2.44
CA ASP H 231 -36.60 43.46 3.90
C ASP H 231 -36.64 42.10 4.63
N VAL H 232 -37.18 41.09 3.96
CA VAL H 232 -37.18 39.72 4.46
C VAL H 232 -37.23 38.77 3.26
N ALA H 233 -36.61 37.61 3.38
CA ALA H 233 -36.56 36.66 2.27
C ALA H 233 -36.96 35.24 2.63
N LEU H 234 -37.79 34.63 1.78
CA LEU H 234 -38.16 33.23 1.93
C LEU H 234 -37.63 32.51 0.72
N VAL H 235 -36.58 31.73 0.91
CA VAL H 235 -36.03 30.98 -0.20
C VAL H 235 -36.65 29.59 -0.20
N LEU H 236 -37.12 29.18 -1.36
CA LEU H 236 -37.71 27.86 -1.54
C LEU H 236 -36.75 26.97 -2.27
N GLU H 237 -36.46 25.82 -1.71
CA GLU H 237 -35.49 24.91 -2.27
C GLU H 237 -35.99 23.49 -2.06
N VAL H 238 -35.20 22.54 -2.53
CA VAL H 238 -35.43 21.16 -2.23
C VAL H 238 -34.52 20.77 -1.06
N ASP H 239 -34.88 19.70 -0.37
CA ASP H 239 -34.07 19.13 0.68
C ASP H 239 -33.73 17.73 0.23
N ILE H 240 -32.51 17.29 0.52
CA ILE H 240 -32.15 15.93 0.24
C ILE H 240 -32.93 15.08 1.24
N ALA H 241 -33.75 14.18 0.72
CA ALA H 241 -34.60 13.37 1.58
C ALA H 241 -33.89 12.08 1.94
N GLY H 242 -33.72 11.86 3.26
CA GLY H 242 -33.09 10.66 3.79
C GLY H 242 -34.07 9.53 4.09
N ASP H 243 -34.66 8.98 3.03
CA ASP H 243 -35.63 7.88 3.16
C ASP H 243 -34.94 6.55 2.82
N VAL H 244 -33.69 6.65 2.40
CA VAL H 244 -32.92 5.55 1.84
C VAL H 244 -32.23 4.71 2.95
N PRO H 245 -32.25 3.34 2.86
CA PRO H 245 -31.65 2.47 3.90
C PRO H 245 -30.12 2.60 4.01
N PRO H 249 -29.50 9.19 8.41
CA PRO H 249 -30.39 9.73 9.49
C PRO H 249 -30.13 11.17 10.00
N HIS H 250 -29.19 11.40 10.92
CA HIS H 250 -28.85 12.76 11.38
C HIS H 250 -28.30 13.64 10.26
N GLU H 251 -27.74 13.03 9.23
CA GLU H 251 -27.20 13.76 8.08
C GLU H 251 -28.28 14.23 7.10
N ALA H 252 -29.42 13.53 7.06
CA ALA H 252 -30.57 13.90 6.23
C ALA H 252 -31.84 13.68 7.04
N LEU H 253 -32.24 14.71 7.76
CA LEU H 253 -33.37 14.62 8.66
C LEU H 253 -34.73 14.46 7.98
N THR H 254 -34.89 14.99 6.76
CA THR H 254 -36.23 15.09 6.16
C THR H 254 -36.67 13.82 5.49
N LYS H 255 -37.98 13.60 5.53
CA LYS H 255 -38.61 12.46 4.89
C LYS H 255 -39.68 12.92 3.92
N MSE H 256 -39.76 12.28 2.77
CA MSE H 256 -40.75 12.64 1.77
C MSE H 256 -42.09 12.26 2.33
O MSE H 256 -42.29 11.13 2.77
CB MSE H 256 -40.46 11.92 0.48
CG MSE H 256 -41.40 12.33 -0.64
SE MSE H 256 -41.14 11.18 -2.22
CE MSE H 256 -41.97 9.49 -1.66
N GLY H 257 -43.01 13.22 2.31
CA GLY H 257 -44.39 12.98 2.75
C GLY H 257 -44.70 13.42 4.16
N LYS H 258 -43.69 13.83 4.92
CA LYS H 258 -43.84 14.28 6.30
C LYS H 258 -43.81 15.79 6.41
N GLY H 259 -43.93 16.49 5.29
CA GLY H 259 -44.17 17.94 5.29
C GLY H 259 -42.98 18.73 4.81
N PRO H 260 -43.18 20.02 4.51
CA PRO H 260 -42.06 20.84 4.10
C PRO H 260 -41.03 20.97 5.21
N GLY H 261 -39.81 21.32 4.82
CA GLY H 261 -38.73 21.45 5.76
C GLY H 261 -38.42 22.89 6.04
N LEU H 262 -37.78 23.13 7.17
CA LEU H 262 -37.25 24.43 7.50
C LEU H 262 -35.77 24.26 7.85
N VAL H 263 -34.92 24.99 7.15
CA VAL H 263 -33.48 24.81 7.30
C VAL H 263 -32.99 25.66 8.44
N THR H 264 -32.43 24.99 9.45
CA THR H 264 -31.96 25.63 10.67
C THR H 264 -30.48 25.98 10.60
N TYR H 265 -29.77 25.42 9.63
CA TYR H 265 -28.38 25.74 9.38
C TYR H 265 -27.93 25.15 8.05
N ASP H 266 -27.17 25.94 7.29
CA ASP H 266 -26.51 25.41 6.12
C ASP H 266 -25.19 26.14 5.91
N ARG H 267 -24.36 25.60 5.03
CA ARG H 267 -23.02 26.12 4.80
C ARG H 267 -23.02 27.58 4.30
N SER H 268 -24.06 27.99 3.60
CA SER H 268 -24.16 29.35 3.06
C SER H 268 -24.84 30.38 3.99
N MSE H 269 -25.57 29.91 5.01
CA MSE H 269 -26.27 30.81 5.93
C MSE H 269 -26.75 30.16 7.22
O MSE H 269 -27.27 29.05 7.21
CB MSE H 269 -27.50 31.35 5.20
CG MSE H 269 -28.32 32.27 6.12
SE MSE H 269 -29.96 32.92 5.25
CE MSE H 269 -31.09 31.31 5.44
N ILE H 270 -26.61 30.91 8.31
CA ILE H 270 -27.33 30.63 9.55
C ILE H 270 -28.56 31.55 9.63
N PRO H 271 -29.77 30.98 9.65
CA PRO H 271 -30.93 31.84 9.49
C PRO H 271 -31.10 32.83 10.65
N ASN H 272 -31.77 33.95 10.37
CA ASN H 272 -32.23 34.86 11.40
C ASN H 272 -33.10 34.08 12.37
N GLN H 273 -32.79 34.18 13.67
CA GLN H 273 -33.43 33.32 14.64
C GLN H 273 -34.89 33.71 14.93
N PRO H 274 -35.17 35.02 15.14
CA PRO H 274 -36.58 35.44 15.26
C PRO H 274 -37.46 34.98 14.10
N LEU H 275 -36.95 35.07 12.88
CA LEU H 275 -37.68 34.66 11.70
C LEU H 275 -37.91 33.16 11.70
N LYS H 276 -36.89 32.40 12.12
CA LYS H 276 -37.02 30.95 12.22
C LYS H 276 -38.16 30.60 13.17
N GLU H 277 -38.17 31.24 14.33
CA GLU H 277 -39.18 30.94 15.35
C GLU H 277 -40.58 31.34 14.85
N PHE H 278 -40.63 32.43 14.10
CA PHE H 278 -41.86 32.88 13.47
C PHE H 278 -42.46 31.82 12.56
N VAL H 279 -41.64 31.27 11.68
CA VAL H 279 -42.12 30.25 10.74
C VAL H 279 -42.60 29.00 11.49
N ILE H 280 -41.82 28.57 12.46
CA ILE H 280 -42.21 27.40 13.25
C ILE H 280 -43.58 27.59 13.89
N ASN H 281 -43.84 28.79 14.41
CA ASN H 281 -45.11 29.09 15.09
C ASN H 281 -46.27 29.24 14.13
N VAL H 282 -46.03 29.94 13.02
CA VAL H 282 -47.07 30.07 12.01
C VAL H 282 -47.51 28.68 11.52
N ALA H 283 -46.55 27.79 11.30
CA ALA H 283 -46.85 26.44 10.85
C ALA H 283 -47.63 25.66 11.89
N LYS H 284 -47.22 25.75 13.14
CA LYS H 284 -47.90 25.04 14.24
C LYS H 284 -49.33 25.48 14.39
N GLN H 285 -49.53 26.80 14.34
CA GLN H 285 -50.83 27.42 14.46
C GLN H 285 -51.73 27.04 13.30
N ALA H 286 -51.17 26.99 12.10
CA ALA H 286 -51.91 26.59 10.89
C ALA H 286 -52.00 25.07 10.71
N GLN H 287 -51.42 24.31 11.65
CA GLN H 287 -51.39 22.84 11.63
C GLN H 287 -50.76 22.26 10.38
N ILE H 288 -49.72 22.91 9.90
CA ILE H 288 -49.00 22.44 8.74
C ILE H 288 -47.76 21.72 9.25
N PRO H 289 -47.64 20.42 8.95
CA PRO H 289 -46.46 19.70 9.40
C PRO H 289 -45.19 20.34 8.84
N LEU H 290 -44.16 20.39 9.67
CA LEU H 290 -42.93 21.08 9.31
C LEU H 290 -41.71 20.35 9.88
N GLN H 291 -40.76 19.98 9.03
CA GLN H 291 -39.61 19.18 9.48
C GLN H 291 -38.37 20.05 9.65
N LEU H 292 -37.81 20.07 10.85
CA LEU H 292 -36.57 20.80 11.05
C LEU H 292 -35.43 20.10 10.37
N SER H 293 -34.67 20.85 9.59
CA SER H 293 -33.66 20.30 8.70
C SER H 293 -32.34 21.04 8.84
N GLN H 294 -31.27 20.40 8.41
CA GLN H 294 -29.96 21.01 8.42
C GLN H 294 -29.13 20.48 7.25
N MSE H 295 -28.57 21.34 6.42
CA MSE H 295 -27.75 20.90 5.27
C MSE H 295 -26.30 21.29 5.53
O MSE H 295 -25.81 22.32 5.07
CB MSE H 295 -28.25 21.51 3.95
CG MSE H 295 -29.78 21.49 3.82
SE MSE H 295 -30.45 22.52 2.26
CE MSE H 295 -29.01 23.81 1.88
N SER H 296 -25.63 20.44 6.30
CA SER H 296 -24.18 20.56 6.59
C SER H 296 -23.27 20.97 5.42
N GLY H 297 -23.53 20.45 4.22
CA GLY H 297 -22.64 20.70 3.07
C GLY H 297 -23.32 21.11 1.77
N GLY H 298 -24.16 22.13 1.84
CA GLY H 298 -24.82 22.67 0.66
C GLY H 298 -25.24 24.09 0.92
N GLY H 299 -25.53 24.84 -0.14
CA GLY H 299 -25.97 26.21 -0.01
C GLY H 299 -27.22 26.51 -0.85
N THR H 300 -27.70 27.75 -0.72
CA THR H 300 -28.94 28.19 -1.35
C THR H 300 -28.82 29.62 -1.86
N ASP H 301 -29.78 30.05 -2.69
CA ASP H 301 -29.89 31.46 -3.06
C ASP H 301 -29.79 32.38 -1.83
N ALA H 302 -30.27 31.90 -0.68
CA ALA H 302 -30.26 32.69 0.57
C ALA H 302 -28.86 33.11 0.99
N GLY H 303 -27.87 32.30 0.63
CA GLY H 303 -26.48 32.61 0.90
C GLY H 303 -26.06 33.98 0.41
N ARG H 304 -26.66 34.43 -0.71
CA ARG H 304 -26.39 35.75 -1.29
C ARG H 304 -27.41 36.79 -0.89
N ILE H 305 -28.67 36.40 -0.88
CA ILE H 305 -29.77 37.30 -0.56
C ILE H 305 -29.62 37.94 0.83
N HIS H 306 -29.27 37.12 1.83
CA HIS H 306 -29.20 37.60 3.22
C HIS H 306 -28.03 38.53 3.48
N MSE H 307 -27.14 38.62 2.49
CA MSE H 307 -25.96 39.47 2.55
C MSE H 307 -26.10 40.72 1.74
O MSE H 307 -25.15 41.50 1.61
CB MSE H 307 -24.80 38.68 1.93
CG MSE H 307 -23.54 38.90 2.73
SE MSE H 307 -23.21 37.20 3.63
CE MSE H 307 -22.11 36.39 2.18
N ASN H 308 -27.29 40.95 1.17
CA ASN H 308 -27.54 42.11 0.36
C ASN H 308 -27.54 43.40 1.18
N ARG H 309 -26.78 44.39 0.70
CA ARG H 309 -26.67 45.68 1.36
C ARG H 309 -26.28 45.54 2.85
N ALA H 310 -27.19 45.89 3.76
CA ALA H 310 -26.93 45.86 5.21
C ALA H 310 -27.39 44.53 5.84
N GLY H 311 -27.88 43.63 5.01
CA GLY H 311 -28.35 42.34 5.46
C GLY H 311 -29.82 42.23 5.25
N CYS H 312 -30.30 41.01 5.22
CA CYS H 312 -31.71 40.75 5.04
C CYS H 312 -32.06 39.46 5.75
N PRO H 313 -32.95 39.53 6.76
CA PRO H 313 -33.32 38.29 7.45
C PRO H 313 -33.96 37.30 6.46
N SER H 314 -33.47 36.05 6.48
CA SER H 314 -33.92 35.07 5.53
C SER H 314 -34.01 33.71 6.15
N VAL H 315 -34.80 32.86 5.50
CA VAL H 315 -34.97 31.50 5.95
C VAL H 315 -35.21 30.63 4.73
N VAL H 316 -34.73 29.40 4.76
CA VAL H 316 -34.97 28.47 3.66
C VAL H 316 -36.04 27.46 4.00
N ILE H 317 -37.03 27.38 3.13
CA ILE H 317 -38.12 26.42 3.27
C ILE H 317 -38.04 25.42 2.14
N THR H 318 -38.17 24.14 2.45
CA THR H 318 -37.82 23.10 1.50
C THR H 318 -38.90 22.07 1.26
N ILE H 319 -38.92 21.51 0.05
CA ILE H 319 -39.68 20.31 -0.22
C ILE H 319 -38.72 19.11 -0.28
N PRO H 320 -38.90 18.14 0.62
CA PRO H 320 -38.05 16.95 0.55
C PRO H 320 -38.20 16.22 -0.76
N THR H 321 -37.07 15.95 -1.40
CA THR H 321 -37.00 15.39 -2.75
C THR H 321 -35.96 14.31 -2.75
N ARG H 322 -36.26 13.19 -3.39
CA ARG H 322 -35.33 12.10 -3.47
C ARG H 322 -34.59 12.18 -4.79
N HIS H 323 -33.29 11.92 -4.75
CA HIS H 323 -32.46 11.84 -5.94
C HIS H 323 -32.38 13.15 -6.75
N ILE H 324 -32.07 14.24 -6.07
CA ILE H 324 -31.80 15.50 -6.78
C ILE H 324 -30.45 15.44 -7.51
N HIS H 325 -30.18 16.42 -8.37
CA HIS H 325 -28.96 16.48 -9.16
C HIS H 325 -28.72 15.17 -9.89
N SER H 326 -29.80 14.62 -10.43
CA SER H 326 -29.74 13.38 -11.19
C SER H 326 -30.85 13.40 -12.23
N HIS H 327 -30.89 12.42 -13.11
CA HIS H 327 -31.87 12.44 -14.19
C HIS H 327 -33.31 12.39 -13.72
N VAL H 328 -33.57 11.68 -12.64
CA VAL H 328 -34.93 11.51 -12.19
C VAL H 328 -35.02 11.49 -10.67
N GLY H 329 -35.95 12.25 -10.16
CA GLY H 329 -36.13 12.41 -8.71
C GLY H 329 -37.60 12.24 -8.38
N LEU H 330 -37.91 12.19 -7.08
CA LEU H 330 -39.29 12.02 -6.64
C LEU H 330 -39.59 13.01 -5.55
N LEU H 331 -40.80 13.57 -5.56
CA LEU H 331 -41.27 14.36 -4.44
C LEU H 331 -42.75 14.19 -4.22
N SER H 332 -43.21 14.59 -3.03
CA SER H 332 -44.62 14.42 -2.62
C SER H 332 -45.45 15.65 -3.01
N LEU H 333 -46.57 15.42 -3.69
CA LEU H 333 -47.47 16.52 -4.05
C LEU H 333 -48.15 17.09 -2.83
N LYS H 334 -48.33 16.27 -1.81
CA LYS H 334 -48.87 16.71 -0.54
C LYS H 334 -47.92 17.69 0.16
N ASP H 335 -46.63 17.35 0.22
CA ASP H 335 -45.62 18.26 0.80
C ASP H 335 -45.65 19.60 0.09
N THR H 336 -45.74 19.54 -1.24
CA THR H 336 -45.75 20.73 -2.09
C THR H 336 -46.93 21.61 -1.75
N GLU H 337 -48.11 20.99 -1.66
CA GLU H 337 -49.32 21.71 -1.32
C GLU H 337 -49.17 22.42 0.02
N ASN H 338 -48.64 21.70 0.99
CA ASN H 338 -48.41 22.29 2.31
C ASN H 338 -47.38 23.41 2.32
N ALA H 339 -46.37 23.32 1.46
CA ALA H 339 -45.43 24.42 1.31
C ALA H 339 -46.13 25.66 0.78
N ILE H 340 -47.04 25.48 -0.18
CA ILE H 340 -47.81 26.59 -0.70
C ILE H 340 -48.68 27.19 0.42
N ARG H 341 -49.40 26.34 1.15
CA ARG H 341 -50.20 26.81 2.26
C ARG H 341 -49.36 27.61 3.24
N LEU H 342 -48.21 27.07 3.61
CA LEU H 342 -47.35 27.70 4.61
C LEU H 342 -46.88 29.09 4.18
N VAL H 343 -46.43 29.22 2.93
CA VAL H 343 -45.89 30.50 2.45
C VAL H 343 -46.98 31.56 2.49
N ILE H 344 -48.20 31.17 2.13
CA ILE H 344 -49.33 32.10 2.17
C ILE H 344 -49.56 32.61 3.59
N GLU H 345 -49.65 31.69 4.55
CA GLU H 345 -49.84 32.08 5.95
C GLU H 345 -48.75 33.02 6.43
N LEU H 346 -47.51 32.79 5.99
CA LEU H 346 -46.40 33.64 6.40
C LEU H 346 -46.58 35.03 5.84
N ILE H 347 -46.85 35.11 4.54
CA ILE H 347 -47.03 36.39 3.87
C ILE H 347 -48.19 37.20 4.46
N LYS H 348 -49.29 36.53 4.79
CA LYS H 348 -50.40 37.20 5.47
C LYS H 348 -49.95 37.97 6.72
N ARG H 349 -49.01 37.39 7.47
CA ARG H 349 -48.63 37.91 8.79
C ARG H 349 -47.34 38.74 8.83
N LEU H 350 -46.66 38.86 7.69
CA LEU H 350 -45.40 39.60 7.65
C LEU H 350 -45.65 41.10 7.40
N ASP H 351 -46.16 41.79 8.42
CA ASP H 351 -46.33 43.25 8.35
C ASP H 351 -45.03 43.94 8.74
N LEU H 352 -44.99 45.26 8.58
CA LEU H 352 -43.78 46.04 8.86
C LEU H 352 -43.29 45.85 10.29
N GLU H 353 -44.21 45.80 11.25
CA GLU H 353 -43.83 45.72 12.67
C GLU H 353 -43.15 44.38 13.00
N THR H 354 -43.75 43.28 12.55
CA THR H 354 -43.19 41.95 12.74
C THR H 354 -41.79 41.85 12.15
N VAL H 355 -41.62 42.39 10.96
CA VAL H 355 -40.35 42.31 10.23
C VAL H 355 -39.25 43.13 10.88
N GLU H 356 -39.58 44.32 11.36
CA GLU H 356 -38.59 45.12 12.10
C GLU H 356 -38.21 44.44 13.42
N GLY H 357 -39.15 43.70 14.01
CA GLY H 357 -38.89 42.91 15.21
C GLY H 357 -37.91 41.76 15.05
N PHE H 358 -37.58 41.39 13.80
CA PHE H 358 -36.62 40.31 13.55
C PHE H 358 -35.17 40.78 13.69
N THR H 359 -34.96 42.08 13.60
CA THR H 359 -33.63 42.67 13.62
C THR H 359 -33.48 43.55 14.86
N ASP I 4 -42.80 0.15 -41.94
CA ASP I 4 -44.19 0.42 -41.46
C ASP I 4 -44.68 -0.66 -40.46
N LYS I 5 -45.34 -1.75 -40.91
CA LYS I 5 -45.58 -2.93 -40.05
C LYS I 5 -44.28 -3.48 -39.48
N SER I 6 -43.20 -3.38 -40.26
CA SER I 6 -41.85 -3.74 -39.80
C SER I 6 -41.35 -2.86 -38.68
N MSE I 7 -41.45 -1.54 -38.88
CA MSE I 7 -41.04 -0.61 -37.86
C MSE I 7 -41.92 -0.69 -36.65
O MSE I 7 -41.44 -0.45 -35.55
CB MSE I 7 -41.00 0.81 -38.41
CG MSE I 7 -39.80 1.00 -39.32
SE MSE I 7 -38.07 0.65 -38.42
CE MSE I 7 -37.41 -0.71 -39.69
N GLU I 8 -43.20 -0.98 -36.82
CA GLU I 8 -44.11 -1.15 -35.69
C GLU I 8 -43.72 -2.38 -34.90
N LEU I 9 -43.28 -3.42 -35.59
CA LEU I 9 -42.81 -4.61 -34.93
C LEU I 9 -41.56 -4.28 -34.13
N MSE I 10 -40.60 -3.64 -34.79
CA MSE I 10 -39.33 -3.28 -34.13
C MSE I 10 -39.62 -2.52 -32.86
O MSE I 10 -39.18 -2.93 -31.80
CB MSE I 10 -38.39 -2.50 -35.04
CG MSE I 10 -36.98 -2.61 -34.49
SE MSE I 10 -35.69 -1.51 -35.48
CE MSE I 10 -35.58 -2.71 -37.05
N LYS I 11 -40.40 -1.46 -32.94
CA LYS I 11 -40.77 -0.67 -31.78
C LYS I 11 -41.38 -1.52 -30.68
N THR I 12 -42.34 -2.36 -31.04
CA THR I 12 -43.05 -3.16 -30.07
C THR I 12 -42.16 -4.17 -29.35
N LEU I 13 -41.27 -4.80 -30.12
CA LEU I 13 -40.26 -5.70 -29.55
C LEU I 13 -39.33 -5.02 -28.56
N MSE I 14 -38.71 -3.91 -28.97
CA MSE I 14 -37.76 -3.22 -28.11
C MSE I 14 -38.41 -2.64 -26.90
O MSE I 14 -37.74 -2.35 -25.91
CB MSE I 14 -37.03 -2.10 -28.84
CG MSE I 14 -36.26 -2.51 -30.08
SE MSE I 14 -35.40 -4.28 -29.99
CE MSE I 14 -35.66 -4.83 -31.87
N GLU I 15 -39.72 -2.37 -26.97
CA GLU I 15 -40.44 -1.78 -25.85
C GLU I 15 -41.13 -2.81 -24.97
N ALA I 16 -41.23 -4.05 -25.44
CA ALA I 16 -41.85 -5.13 -24.70
C ALA I 16 -41.10 -5.50 -23.42
N PHE I 17 -41.85 -6.06 -22.47
CA PHE I 17 -41.29 -6.55 -21.22
C PHE I 17 -40.88 -8.02 -21.41
N GLY I 18 -39.59 -8.32 -21.27
CA GLY I 18 -39.15 -9.71 -21.34
C GLY I 18 -37.73 -10.05 -20.90
N PRO I 19 -37.45 -9.96 -19.59
CA PRO I 19 -36.12 -10.31 -19.07
C PRO I 19 -35.97 -11.82 -19.02
N SER I 20 -34.73 -12.29 -18.83
CA SER I 20 -34.46 -13.73 -18.84
C SER I 20 -35.38 -14.45 -17.87
N GLY I 21 -36.06 -15.48 -18.36
CA GLY I 21 -37.04 -16.23 -17.55
C GLY I 21 -38.48 -15.77 -17.65
N PHE I 22 -38.69 -14.58 -18.22
CA PHE I 22 -40.02 -14.00 -18.27
C PHE I 22 -40.30 -13.42 -19.65
N GLU I 23 -40.11 -14.22 -20.68
CA GLU I 23 -40.14 -13.73 -22.05
C GLU I 23 -41.48 -13.93 -22.76
N ARG I 24 -42.53 -14.28 -22.03
CA ARG I 24 -43.78 -14.67 -22.66
C ARG I 24 -44.47 -13.55 -23.44
N GLU I 25 -44.50 -12.34 -22.90
CA GLU I 25 -45.07 -11.18 -23.60
C GLU I 25 -44.40 -10.94 -24.95
N VAL I 26 -43.07 -11.06 -25.00
CA VAL I 26 -42.28 -10.76 -26.20
C VAL I 26 -42.45 -11.89 -27.24
N ASN I 27 -42.53 -13.13 -26.77
CA ASN I 27 -42.71 -14.25 -27.68
C ASN I 27 -44.14 -14.33 -28.20
N ALA I 28 -45.08 -13.79 -27.45
CA ALA I 28 -46.46 -13.63 -27.95
C ALA I 28 -46.50 -12.67 -29.12
N ILE I 29 -45.76 -11.58 -29.00
CA ILE I 29 -45.67 -10.59 -30.08
C ILE I 29 -45.10 -11.21 -31.35
N CYS I 30 -44.10 -12.08 -31.18
CA CYS I 30 -43.50 -12.80 -32.28
C CYS I 30 -44.50 -13.76 -32.92
N LYS I 31 -45.24 -14.52 -32.12
CA LYS I 31 -46.22 -15.46 -32.66
C LYS I 31 -47.29 -14.75 -33.47
N GLU I 32 -47.75 -13.61 -32.98
CA GLU I 32 -48.80 -12.87 -33.64
C GLU I 32 -48.33 -12.33 -35.00
N TYR I 33 -47.15 -11.73 -35.04
CA TYR I 33 -46.61 -11.20 -36.29
C TYR I 33 -46.41 -12.31 -37.31
N MSE I 34 -46.07 -13.51 -36.86
CA MSE I 34 -45.75 -14.61 -37.74
C MSE I 34 -46.89 -15.55 -38.08
O MSE I 34 -46.70 -16.43 -38.91
CB MSE I 34 -44.65 -15.44 -37.12
CG MSE I 34 -43.35 -14.65 -37.03
SE MSE I 34 -42.45 -14.51 -38.77
CE MSE I 34 -41.84 -16.38 -38.85
N GLU I 35 -48.08 -15.37 -37.50
CA GLU I 35 -49.21 -16.25 -37.82
C GLU I 35 -49.41 -16.44 -39.32
N PRO I 36 -49.41 -15.35 -40.09
CA PRO I 36 -49.66 -15.53 -41.52
C PRO I 36 -48.48 -16.02 -42.35
N TYR I 37 -47.30 -16.18 -41.76
CA TYR I 37 -46.09 -16.45 -42.55
C TYR I 37 -45.39 -17.78 -42.28
N ALA I 38 -45.60 -18.37 -41.11
CA ALA I 38 -44.95 -19.63 -40.79
C ALA I 38 -45.87 -20.78 -41.13
N ASP I 39 -45.29 -21.86 -41.64
CA ASP I 39 -46.05 -23.05 -41.98
C ASP I 39 -46.40 -23.86 -40.74
N GLU I 40 -45.63 -23.69 -39.66
CA GLU I 40 -45.87 -24.41 -38.41
C GLU I 40 -45.09 -23.73 -37.29
N VAL I 41 -45.52 -23.94 -36.05
CA VAL I 41 -44.87 -23.35 -34.87
C VAL I 41 -44.60 -24.41 -33.79
N VAL I 42 -43.34 -24.58 -33.43
CA VAL I 42 -42.99 -25.52 -32.36
C VAL I 42 -42.36 -24.73 -31.23
N VAL I 43 -42.46 -25.29 -30.02
CA VAL I 43 -41.93 -24.63 -28.83
C VAL I 43 -41.04 -25.57 -28.00
N ASP I 44 -40.18 -25.02 -27.17
CA ASP I 44 -39.56 -25.80 -26.12
C ASP I 44 -40.29 -25.46 -24.81
N LYS I 45 -40.02 -26.24 -23.77
CA LYS I 45 -40.74 -26.07 -22.53
C LYS I 45 -40.19 -24.95 -21.66
N LEU I 46 -39.07 -24.36 -22.08
CA LEU I 46 -38.55 -23.18 -21.41
C LEU I 46 -39.23 -21.92 -21.87
N GLY I 47 -39.87 -21.96 -23.03
CA GLY I 47 -40.55 -20.78 -23.56
C GLY I 47 -40.06 -20.29 -24.91
N SER I 48 -39.08 -20.96 -25.52
CA SER I 48 -38.64 -20.61 -26.88
C SER I 48 -39.72 -20.99 -27.87
N VAL I 49 -40.07 -20.05 -28.74
CA VAL I 49 -40.92 -20.38 -29.88
C VAL I 49 -40.11 -20.37 -31.17
N THR I 50 -40.43 -21.33 -32.03
CA THR I 50 -39.68 -21.58 -33.27
C THR I 50 -40.65 -21.68 -34.46
N PHE I 51 -40.35 -20.95 -35.53
CA PHE I 51 -41.23 -20.84 -36.67
C PHE I 51 -40.62 -21.59 -37.82
N ILE I 52 -41.40 -22.49 -38.42
CA ILE I 52 -40.92 -23.34 -39.50
C ILE I 52 -41.43 -22.89 -40.86
N ALA I 53 -40.51 -22.69 -41.79
CA ALA I 53 -40.83 -22.46 -43.20
C ALA I 53 -40.41 -23.71 -43.96
N LYS I 54 -41.39 -24.46 -44.44
CA LYS I 54 -41.16 -25.79 -45.01
C LYS I 54 -40.51 -25.75 -46.39
N GLY I 55 -39.78 -26.82 -46.67
CA GLY I 55 -39.17 -27.07 -47.96
C GLY I 55 -38.74 -28.52 -47.86
N ASN I 56 -37.53 -28.82 -48.28
CA ASN I 56 -37.05 -30.20 -48.22
C ASN I 56 -36.83 -30.61 -46.77
N ASP I 57 -37.30 -31.79 -46.39
CA ASP I 57 -37.11 -32.30 -45.04
C ASP I 57 -35.74 -32.00 -44.47
N ARG I 58 -34.72 -32.20 -45.31
CA ARG I 58 -33.33 -32.01 -44.93
C ARG I 58 -32.63 -31.26 -46.08
N PRO I 59 -31.68 -30.36 -45.80
CA PRO I 59 -31.19 -30.04 -44.46
C PRO I 59 -32.06 -29.10 -43.65
N ARG I 60 -31.98 -29.22 -42.33
CA ARG I 60 -32.65 -28.31 -41.42
C ARG I 60 -31.73 -27.16 -41.05
N ILE I 61 -32.15 -25.93 -41.40
CA ILE I 61 -31.43 -24.72 -41.05
C ILE I 61 -32.05 -24.12 -39.79
N LEU I 62 -31.25 -23.94 -38.75
CA LEU I 62 -31.73 -23.28 -37.55
C LEU I 62 -31.19 -21.87 -37.50
N MSE I 63 -32.08 -20.89 -37.49
CA MSE I 63 -31.70 -19.51 -37.20
C MSE I 63 -32.22 -19.18 -35.83
O MSE I 63 -33.37 -19.42 -35.52
CB MSE I 63 -32.35 -18.53 -38.15
CG MSE I 63 -31.83 -18.62 -39.57
SE MSE I 63 -32.37 -16.96 -40.49
CE MSE I 63 -34.28 -17.37 -40.80
N ALA I 64 -31.38 -18.59 -35.00
CA ALA I 64 -31.76 -18.29 -33.64
C ALA I 64 -31.39 -16.87 -33.24
N GLY I 65 -32.33 -16.19 -32.58
CA GLY I 65 -32.03 -14.90 -31.92
C GLY I 65 -32.77 -14.87 -30.60
N HIS I 66 -32.08 -14.59 -29.51
CA HIS I 66 -32.72 -14.66 -28.20
C HIS I 66 -33.56 -13.41 -27.91
N THR I 67 -34.76 -13.62 -27.38
CA THR I 67 -35.66 -12.53 -27.08
C THR I 67 -35.61 -12.08 -25.63
N ASP I 68 -34.87 -12.80 -24.79
CA ASP I 68 -34.68 -12.32 -23.43
C ASP I 68 -33.73 -11.14 -23.45
N GLU I 69 -33.95 -10.22 -22.52
CA GLU I 69 -33.09 -9.07 -22.33
C GLU I 69 -32.52 -9.11 -20.93
N VAL I 70 -31.39 -8.45 -20.74
CA VAL I 70 -30.88 -8.30 -19.40
C VAL I 70 -31.90 -7.52 -18.59
N GLY I 71 -32.01 -7.87 -17.32
CA GLY I 71 -32.99 -7.30 -16.43
C GLY I 71 -32.65 -7.53 -14.97
N PHE I 72 -33.66 -7.51 -14.12
CA PHE I 72 -33.46 -7.71 -12.69
C PHE I 72 -34.67 -8.45 -12.11
N ILE I 73 -34.56 -8.81 -10.85
CA ILE I 73 -35.61 -9.52 -10.17
C ILE I 73 -35.63 -9.07 -8.71
N VAL I 74 -36.82 -8.95 -8.14
CA VAL I 74 -36.97 -8.43 -6.78
C VAL I 74 -36.50 -9.47 -5.79
N SER I 75 -35.56 -9.08 -4.92
CA SER I 75 -34.99 -10.00 -3.95
C SER I 75 -35.50 -9.75 -2.54
N SER I 76 -36.05 -8.57 -2.27
CA SER I 76 -36.68 -8.28 -0.98
C SER I 76 -37.36 -6.92 -0.97
N ILE I 77 -38.24 -6.71 0.01
CA ILE I 77 -38.79 -5.39 0.32
C ILE I 77 -38.26 -4.98 1.69
N SER I 78 -37.54 -3.86 1.74
CA SER I 78 -37.00 -3.37 3.00
C SER I 78 -38.11 -2.74 3.81
N LYS I 79 -37.86 -2.60 5.10
CA LYS I 79 -38.86 -2.04 6.02
C LYS I 79 -39.26 -0.61 5.65
N GLU I 80 -38.41 0.11 4.91
CA GLU I 80 -38.69 1.49 4.50
C GLU I 80 -39.38 1.62 3.15
N GLY I 81 -39.60 0.50 2.44
CA GLY I 81 -40.35 0.53 1.17
C GLY I 81 -39.50 0.53 -0.09
N TYR I 82 -38.28 0.04 0.03
CA TYR I 82 -37.34 -0.02 -1.08
C TYR I 82 -37.21 -1.46 -1.44
N LEU I 83 -36.85 -1.71 -2.69
CA LEU I 83 -36.68 -3.07 -3.14
C LEU I 83 -35.22 -3.34 -3.30
N THR I 84 -34.77 -4.52 -2.91
CA THR I 84 -33.44 -5.00 -3.31
C THR I 84 -33.67 -5.88 -4.52
N PHE I 85 -32.64 -6.11 -5.32
CA PHE I 85 -32.79 -6.88 -6.54
C PHE I 85 -31.54 -7.67 -6.87
N ASN I 86 -31.72 -8.76 -7.59
CA ASN I 86 -30.60 -9.44 -8.22
C ASN I 86 -30.65 -9.15 -9.69
N THR I 87 -29.48 -9.22 -10.32
CA THR I 87 -29.39 -9.01 -11.76
C THR I 87 -29.76 -10.29 -12.50
N LEU I 88 -30.34 -10.11 -13.68
CA LEU I 88 -30.62 -11.22 -14.60
C LEU I 88 -29.80 -10.95 -15.85
N GLY I 89 -28.65 -11.62 -15.95
CA GLY I 89 -27.73 -11.38 -17.05
C GLY I 89 -26.64 -10.44 -16.60
N GLY I 90 -25.62 -10.26 -17.44
CA GLY I 90 -24.44 -9.50 -17.07
C GLY I 90 -24.68 -8.02 -17.23
N TRP I 91 -24.56 -7.29 -16.13
CA TRP I 91 -24.66 -5.84 -16.10
C TRP I 91 -23.36 -5.24 -15.58
N TRP I 92 -22.95 -4.11 -16.13
CA TRP I 92 -21.88 -3.34 -15.52
C TRP I 92 -22.50 -2.41 -14.48
N SER I 93 -22.01 -2.44 -13.25
CA SER I 93 -22.65 -1.67 -12.19
C SER I 93 -22.67 -0.18 -12.51
N GLN I 94 -21.66 0.30 -13.23
CA GLN I 94 -21.51 1.73 -13.45
C GLN I 94 -22.57 2.38 -14.35
N VAL I 95 -23.35 1.55 -15.04
CA VAL I 95 -24.49 2.05 -15.86
C VAL I 95 -25.85 1.97 -15.16
N LEU I 96 -25.88 1.58 -13.90
CA LEU I 96 -27.14 1.33 -13.22
C LEU I 96 -27.72 2.51 -12.42
N LEU I 97 -26.92 3.15 -11.60
CA LEU I 97 -27.41 4.22 -10.75
C LEU I 97 -28.15 5.29 -11.51
N GLY I 98 -29.31 5.67 -10.98
CA GLY I 98 -30.10 6.77 -11.49
C GLY I 98 -31.04 6.39 -12.60
N GLN I 99 -31.11 5.11 -12.90
CA GLN I 99 -31.84 4.63 -14.06
C GLN I 99 -33.25 4.18 -13.73
N ARG I 100 -34.16 4.39 -14.68
CA ARG I 100 -35.55 4.04 -14.48
C ARG I 100 -35.80 2.60 -14.83
N VAL I 101 -36.57 1.93 -14.00
CA VAL I 101 -36.92 0.56 -14.23
C VAL I 101 -38.41 0.40 -14.02
N VAL I 102 -38.93 -0.75 -14.43
CA VAL I 102 -40.32 -1.08 -14.22
C VAL I 102 -40.45 -2.53 -13.82
N VAL I 103 -41.24 -2.74 -12.77
CA VAL I 103 -41.41 -4.03 -12.14
C VAL I 103 -42.77 -4.53 -12.51
N ARG I 104 -42.87 -5.80 -12.92
CA ARG I 104 -44.18 -6.36 -13.23
C ARG I 104 -44.71 -7.14 -12.02
N THR I 105 -45.74 -6.58 -11.38
CA THR I 105 -46.41 -7.23 -10.25
C THR I 105 -47.71 -7.88 -10.73
N CYS I 106 -48.38 -8.60 -9.83
CA CYS I 106 -49.73 -9.10 -10.07
C CYS I 106 -50.74 -7.94 -10.31
N LYS I 107 -50.47 -6.76 -9.75
CA LYS I 107 -51.33 -5.59 -9.97
C LYS I 107 -50.96 -4.74 -11.19
N GLY I 108 -49.91 -5.11 -11.91
CA GLY I 108 -49.49 -4.37 -13.10
C GLY I 108 -48.10 -3.76 -12.97
N MSE I 109 -47.77 -2.86 -13.89
CA MSE I 109 -46.44 -2.25 -13.96
C MSE I 109 -46.26 -1.24 -12.87
O MSE I 109 -47.09 -0.39 -12.66
CB MSE I 109 -46.23 -1.55 -15.30
CG MSE I 109 -46.28 -2.49 -16.51
SE MSE I 109 -44.91 -3.92 -16.45
CE MSE I 109 -45.54 -5.01 -17.96
N VAL I 110 -45.15 -1.34 -12.17
CA VAL I 110 -44.80 -0.39 -11.13
C VAL I 110 -43.44 0.22 -11.46
N HIS I 111 -43.40 1.54 -11.54
CA HIS I 111 -42.17 2.24 -11.92
C HIS I 111 -41.31 2.52 -10.73
N GLY I 112 -40.00 2.57 -10.98
CA GLY I 112 -39.03 2.86 -9.94
C GLY I 112 -37.70 3.35 -10.50
N ILE I 113 -36.80 3.67 -9.57
CA ILE I 113 -35.51 4.23 -9.91
C ILE I 113 -34.43 3.47 -9.17
N ILE I 114 -33.36 3.12 -9.85
CA ILE I 114 -32.24 2.46 -9.17
C ILE I 114 -31.51 3.52 -8.34
N ALA I 115 -31.30 3.23 -7.07
CA ALA I 115 -30.72 4.20 -6.15
C ALA I 115 -29.74 3.58 -5.19
N SER I 116 -28.95 4.43 -4.54
CA SER I 116 -28.05 4.01 -3.47
C SER I 116 -28.09 5.04 -2.37
N LYS I 117 -27.33 4.78 -1.30
CA LYS I 117 -27.08 5.80 -0.31
C LYS I 117 -26.35 6.95 -1.00
N PRO I 118 -26.82 8.21 -0.74
CA PRO I 118 -26.19 9.39 -1.33
C PRO I 118 -24.82 9.58 -0.75
N PRO I 119 -23.84 10.02 -1.57
CA PRO I 119 -22.44 10.09 -1.11
C PRO I 119 -22.13 11.05 0.07
N HIS I 120 -22.92 12.12 0.23
CA HIS I 120 -22.68 13.10 1.32
C HIS I 120 -22.99 12.55 2.73
N ILE I 121 -23.72 11.43 2.85
CA ILE I 121 -23.88 10.73 4.16
C ILE I 121 -22.90 9.54 4.33
N LEU I 122 -21.84 9.50 3.53
CA LEU I 122 -20.81 8.46 3.64
C LEU I 122 -19.53 9.13 4.08
N PRO I 123 -18.59 8.34 4.65
CA PRO I 123 -17.27 8.89 4.97
C PRO I 123 -16.53 9.35 3.70
N PRO I 124 -15.65 10.37 3.81
CA PRO I 124 -14.93 10.87 2.61
C PRO I 124 -14.21 9.80 1.76
N ASP I 125 -13.63 8.79 2.40
CA ASP I 125 -12.88 7.74 1.69
C ASP I 125 -13.79 6.71 0.97
N GLU I 126 -15.08 6.68 1.33
CA GLU I 126 -16.04 5.76 0.71
C GLU I 126 -16.80 6.36 -0.49
N ARG I 127 -16.68 7.67 -0.68
CA ARG I 127 -17.34 8.36 -1.81
C ARG I 127 -16.63 8.10 -3.15
N LYS I 128 -15.30 7.97 -3.11
CA LYS I 128 -14.51 7.64 -4.29
C LYS I 128 -14.62 6.15 -4.66
N LYS I 129 -15.22 5.34 -3.79
CA LYS I 129 -15.42 3.93 -4.04
C LYS I 129 -16.61 3.73 -5.00
N ILE I 130 -16.45 2.82 -5.93
CA ILE I 130 -17.53 2.43 -6.78
C ILE I 130 -18.69 1.84 -5.99
N VAL I 131 -19.93 2.15 -6.34
CA VAL I 131 -21.07 1.53 -5.69
C VAL I 131 -21.38 0.20 -6.37
N GLU I 132 -21.30 -0.88 -5.60
CA GLU I 132 -21.57 -2.22 -6.12
C GLU I 132 -23.09 -2.43 -6.19
N ALA I 133 -23.51 -3.28 -7.13
CA ALA I 133 -24.94 -3.54 -7.34
C ALA I 133 -25.60 -4.17 -6.10
N ARG I 134 -24.84 -4.97 -5.35
CA ARG I 134 -25.34 -5.53 -4.09
C ARG I 134 -25.81 -4.46 -3.08
N ASP I 135 -25.23 -3.27 -3.15
CA ASP I 135 -25.62 -2.16 -2.26
C ASP I 135 -26.60 -1.16 -2.88
N MSE I 136 -27.19 -1.51 -4.01
CA MSE I 136 -28.18 -0.65 -4.64
C MSE I 136 -29.56 -1.14 -4.30
O MSE I 136 -29.72 -2.25 -3.79
CB MSE I 136 -28.00 -0.66 -6.14
CG MSE I 136 -26.71 -0.01 -6.55
SE MSE I 136 -26.56 -0.02 -8.53
CE MSE I 136 -24.64 0.44 -8.61
N PHE I 137 -30.57 -0.33 -4.58
CA PHE I 137 -31.96 -0.78 -4.48
C PHE I 137 -32.81 0.05 -5.40
N ILE I 138 -34.08 -0.30 -5.43
CA ILE I 138 -35.02 0.34 -6.31
C ILE I 138 -36.00 1.10 -5.45
N ASP I 139 -36.16 2.37 -5.81
CA ASP I 139 -37.06 3.28 -5.13
C ASP I 139 -38.30 3.39 -6.00
N ILE I 140 -39.44 3.03 -5.43
CA ILE I 140 -40.71 3.08 -6.15
C ILE I 140 -41.64 4.16 -5.58
N GLY I 141 -41.08 5.07 -4.78
CA GLY I 141 -41.83 6.18 -4.24
C GLY I 141 -42.60 5.82 -3.00
N ALA I 142 -42.27 4.69 -2.41
CA ALA I 142 -42.99 4.21 -1.24
C ALA I 142 -42.33 4.79 0.01
N THR I 143 -43.09 4.88 1.09
CA THR I 143 -42.59 5.43 2.36
C THR I 143 -42.60 4.42 3.49
N SER I 144 -42.95 3.17 3.20
CA SER I 144 -42.99 2.11 4.20
C SER I 144 -43.15 0.75 3.52
N GLU I 145 -42.78 -0.32 4.22
CA GLU I 145 -42.99 -1.68 3.73
C GLU I 145 -44.42 -1.95 3.27
N GLU I 146 -45.41 -1.35 3.94
CA GLU I 146 -46.83 -1.58 3.65
C GLU I 146 -47.21 -0.87 2.36
N GLU I 147 -46.77 0.37 2.23
CA GLU I 147 -47.10 1.17 1.04
C GLU I 147 -46.50 0.51 -0.22
N ALA I 148 -45.37 -0.16 -0.04
CA ALA I 148 -44.73 -0.92 -1.10
C ALA I 148 -45.52 -2.16 -1.46
N GLU I 149 -45.97 -2.89 -0.45
CA GLU I 149 -46.80 -4.08 -0.66
C GLU I 149 -48.10 -3.74 -1.39
N GLU I 150 -48.71 -2.59 -1.08
CA GLU I 150 -49.93 -2.15 -1.75
C GLU I 150 -49.80 -2.06 -3.26
N SER I 151 -48.60 -1.79 -3.75
CA SER I 151 -48.36 -1.74 -5.19
C SER I 151 -48.36 -3.13 -5.84
N GLY I 152 -48.22 -4.18 -5.04
CA GLY I 152 -48.33 -5.56 -5.53
C GLY I 152 -47.02 -6.33 -5.58
N VAL I 153 -45.95 -5.70 -5.15
CA VAL I 153 -44.60 -6.24 -5.28
C VAL I 153 -44.37 -7.44 -4.39
N LYS I 154 -43.76 -8.48 -4.97
CA LYS I 154 -43.39 -9.68 -4.26
C LYS I 154 -42.01 -10.10 -4.62
N VAL I 155 -41.35 -10.78 -3.69
CA VAL I 155 -40.06 -11.38 -3.99
C VAL I 155 -40.23 -12.33 -5.18
N GLY I 156 -39.28 -12.28 -6.10
CA GLY I 156 -39.37 -13.05 -7.34
C GLY I 156 -40.02 -12.33 -8.52
N ASP I 157 -40.51 -11.11 -8.33
CA ASP I 157 -41.09 -10.34 -9.43
C ASP I 157 -40.02 -9.77 -10.38
N PRO I 158 -40.28 -9.88 -11.69
CA PRO I 158 -39.29 -9.48 -12.71
C PRO I 158 -39.24 -7.98 -12.95
N ILE I 159 -38.08 -7.51 -13.38
CA ILE I 159 -37.84 -6.10 -13.58
C ILE I 159 -37.10 -5.88 -14.90
N VAL I 160 -37.50 -4.86 -15.64
CA VAL I 160 -36.76 -4.47 -16.83
C VAL I 160 -36.41 -3.00 -16.81
N PRO I 161 -35.43 -2.63 -17.62
CA PRO I 161 -35.17 -1.22 -17.87
C PRO I 161 -36.35 -0.52 -18.52
N TRP I 162 -36.53 0.76 -18.22
CA TRP I 162 -37.53 1.58 -18.91
C TRP I 162 -36.80 2.40 -19.96
N SER I 163 -37.17 2.20 -21.24
CA SER I 163 -36.42 2.76 -22.35
C SER I 163 -37.21 2.78 -23.63
N PRO I 164 -37.76 3.94 -23.97
CA PRO I 164 -38.59 4.03 -25.18
C PRO I 164 -37.79 3.90 -26.46
N PHE I 165 -38.47 3.43 -27.49
CA PHE I 165 -37.85 3.23 -28.79
C PHE I 165 -38.09 4.44 -29.66
N SER I 166 -37.04 4.89 -30.32
CA SER I 166 -37.18 5.90 -31.34
C SER I 166 -36.10 5.71 -32.39
N VAL I 167 -36.19 6.51 -33.44
CA VAL I 167 -35.19 6.54 -34.48
C VAL I 167 -34.59 7.94 -34.54
N ILE I 168 -33.27 8.01 -34.69
CA ILE I 168 -32.56 9.29 -34.78
C ILE I 168 -31.68 9.33 -36.04
N GLN I 169 -30.91 10.42 -36.17
CA GLN I 169 -30.03 10.61 -37.31
C GLN I 169 -30.77 10.48 -38.62
N ASN I 170 -31.82 11.28 -38.77
CA ASN I 170 -32.59 11.31 -40.02
C ASN I 170 -33.00 9.92 -40.46
N GLY I 171 -33.55 9.14 -39.54
CA GLY I 171 -34.13 7.85 -39.87
C GLY I 171 -33.13 6.71 -40.01
N ARG I 172 -31.86 6.95 -39.74
CA ARG I 172 -30.78 5.98 -39.99
C ARG I 172 -30.45 5.06 -38.83
N VAL I 173 -30.67 5.52 -37.60
CA VAL I 173 -30.19 4.85 -36.39
C VAL I 173 -31.30 4.66 -35.37
N ALA I 174 -31.46 3.41 -34.91
CA ALA I 174 -32.49 3.05 -33.92
C ALA I 174 -31.96 3.15 -32.51
N MSE I 175 -32.79 3.64 -31.59
CA MSE I 175 -32.38 3.89 -30.22
C MSE I 175 -33.38 3.29 -29.30
O MSE I 175 -34.57 3.54 -29.42
CB MSE I 175 -32.36 5.38 -29.96
CG MSE I 175 -31.85 5.76 -28.57
SE MSE I 175 -31.74 7.73 -28.47
CE MSE I 175 -31.15 8.05 -26.62
N GLY I 176 -32.88 2.50 -28.37
CA GLY I 176 -33.75 1.83 -27.39
C GLY I 176 -33.02 0.68 -26.69
N LYS I 177 -33.80 -0.12 -25.97
CA LYS I 177 -33.23 -1.23 -25.21
C LYS I 177 -33.47 -2.53 -25.93
N ALA I 178 -32.87 -3.59 -25.39
CA ALA I 178 -33.13 -4.96 -25.80
C ALA I 178 -32.79 -5.31 -27.26
N PHE I 179 -32.00 -4.48 -27.93
CA PHE I 179 -31.49 -4.85 -29.25
C PHE I 179 -30.85 -6.22 -29.16
N ASP I 180 -30.12 -6.47 -28.08
CA ASP I 180 -29.57 -7.77 -27.78
C ASP I 180 -30.66 -8.56 -27.09
N ASP I 181 -31.34 -9.48 -27.78
CA ASP I 181 -31.07 -9.87 -29.18
C ASP I 181 -32.37 -9.92 -29.97
N ARG I 182 -33.24 -8.97 -29.69
CA ARG I 182 -34.51 -8.90 -30.37
C ARG I 182 -34.30 -8.42 -31.79
N ILE I 183 -33.20 -7.71 -32.03
CA ILE I 183 -32.88 -7.32 -33.39
C ILE I 183 -32.54 -8.57 -34.20
N GLY I 184 -31.89 -9.55 -33.56
CA GLY I 184 -31.62 -10.83 -34.23
C GLY I 184 -32.90 -11.59 -34.53
N ALA I 185 -33.83 -11.55 -33.58
CA ALA I 185 -35.12 -12.17 -33.77
C ALA I 185 -35.86 -11.45 -34.88
N PHE I 186 -35.73 -10.11 -34.91
CA PHE I 186 -36.37 -9.29 -35.93
C PHE I 186 -35.88 -9.70 -37.31
N VAL I 187 -34.58 -9.91 -37.44
CA VAL I 187 -33.99 -10.29 -38.71
C VAL I 187 -34.53 -11.63 -39.19
N LEU I 188 -34.52 -12.65 -38.34
CA LEU I 188 -34.94 -13.96 -38.79
C LEU I 188 -36.43 -13.99 -39.14
N MSE I 189 -37.23 -13.25 -38.38
CA MSE I 189 -38.65 -13.13 -38.67
C MSE I 189 -38.91 -12.41 -39.96
O MSE I 189 -39.76 -12.84 -40.75
CB MSE I 189 -39.34 -12.36 -37.55
CG MSE I 189 -39.56 -13.30 -36.37
SE MSE I 189 -40.65 -12.38 -35.00
CE MSE I 189 -42.31 -12.07 -35.89
N GLU I 190 -38.16 -11.35 -40.23
CA GLU I 190 -38.31 -10.61 -41.49
C GLU I 190 -37.82 -11.42 -42.68
N ALA I 191 -36.78 -12.23 -42.47
CA ALA I 191 -36.28 -13.10 -43.52
C ALA I 191 -37.36 -14.09 -43.92
N ILE I 192 -37.93 -14.80 -42.95
CA ILE I 192 -38.98 -15.75 -43.23
C ILE I 192 -40.18 -15.08 -43.88
N ARG I 193 -40.57 -13.92 -43.37
CA ARG I 193 -41.71 -13.22 -43.94
C ARG I 193 -41.48 -12.93 -45.41
N ARG I 194 -40.33 -12.35 -45.72
CA ARG I 194 -40.02 -11.93 -47.07
C ARG I 194 -39.93 -13.10 -48.03
N MSE I 195 -39.43 -14.23 -47.55
CA MSE I 195 -39.31 -15.41 -48.39
C MSE I 195 -40.67 -15.92 -48.81
O MSE I 195 -40.85 -16.33 -49.96
CB MSE I 195 -38.52 -16.47 -47.65
CG MSE I 195 -37.06 -16.02 -47.66
SE MSE I 195 -35.85 -17.45 -47.07
CE MSE I 195 -35.05 -17.87 -48.84
N LYS I 196 -41.62 -15.89 -47.89
CA LYS I 196 -42.98 -16.25 -48.25
C LYS I 196 -43.61 -15.20 -49.16
N ASP I 197 -43.56 -13.93 -48.76
CA ASP I 197 -44.17 -12.84 -49.56
C ASP I 197 -43.72 -12.78 -51.01
N GLN I 198 -42.44 -13.01 -51.25
CA GLN I 198 -41.89 -12.94 -52.60
C GLN I 198 -41.68 -14.32 -53.23
N GLY I 199 -42.28 -15.35 -52.64
CA GLY I 199 -42.16 -16.73 -53.10
C GLY I 199 -40.75 -17.21 -53.40
N ILE I 200 -39.80 -16.86 -52.54
CA ILE I 200 -38.40 -17.25 -52.73
C ILE I 200 -38.22 -18.69 -52.31
N GLU I 201 -37.73 -19.52 -53.23
CA GLU I 201 -37.60 -20.95 -52.97
C GLU I 201 -36.31 -21.22 -52.26
N HIS I 202 -36.32 -22.23 -51.40
CA HIS I 202 -35.14 -22.63 -50.66
C HIS I 202 -35.09 -24.15 -50.49
N PRO I 203 -33.96 -24.78 -50.86
CA PRO I 203 -33.82 -26.24 -50.90
C PRO I 203 -33.62 -26.86 -49.53
N ASN I 204 -34.51 -26.54 -48.60
CA ASN I 204 -34.31 -26.85 -47.20
C ASN I 204 -35.49 -26.42 -46.34
N THR I 205 -35.49 -26.85 -45.10
CA THR I 205 -36.50 -26.43 -44.14
C THR I 205 -35.82 -25.49 -43.17
N VAL I 206 -36.46 -24.34 -42.93
CA VAL I 206 -35.91 -23.30 -42.08
C VAL I 206 -36.64 -23.22 -40.75
N TYR I 207 -35.88 -23.31 -39.67
CA TYR I 207 -36.43 -23.18 -38.31
C TYR I 207 -35.95 -21.86 -37.76
N GLY I 208 -36.84 -20.89 -37.70
CA GLY I 208 -36.51 -19.58 -37.17
C GLY I 208 -36.93 -19.49 -35.72
N SER I 209 -35.96 -19.41 -34.83
CA SER I 209 -36.22 -19.61 -33.43
C SER I 209 -35.94 -18.39 -32.55
N ALA I 210 -36.94 -18.02 -31.76
CA ALA I 210 -36.82 -16.94 -30.80
C ALA I 210 -36.53 -17.55 -29.44
N THR I 211 -35.26 -17.79 -29.17
CA THR I 211 -34.83 -18.50 -27.97
C THR I 211 -34.98 -17.67 -26.68
N VAL I 212 -35.05 -18.38 -25.55
CA VAL I 212 -35.15 -17.76 -24.23
C VAL I 212 -33.92 -18.04 -23.40
N GLN I 213 -33.74 -17.22 -22.36
CA GLN I 213 -32.68 -17.41 -21.38
C GLN I 213 -31.25 -17.51 -21.93
N GLU I 214 -30.92 -16.76 -22.97
CA GLU I 214 -29.52 -16.69 -23.42
C GLU I 214 -28.64 -15.98 -22.40
N GLU I 215 -29.15 -14.87 -21.86
CA GLU I 215 -28.33 -13.97 -21.06
C GLU I 215 -27.92 -14.58 -19.72
N VAL I 216 -28.55 -15.69 -19.33
CA VAL I 216 -28.23 -16.37 -18.06
C VAL I 216 -27.57 -17.75 -18.25
N GLY I 217 -27.16 -18.11 -19.46
CA GLY I 217 -26.44 -19.39 -19.68
C GLY I 217 -26.80 -20.22 -20.90
N LEU I 218 -27.28 -19.56 -21.96
CA LEU I 218 -27.57 -20.21 -23.24
C LEU I 218 -28.56 -21.37 -23.09
N ARG I 219 -29.54 -21.16 -22.20
CA ARG I 219 -30.39 -22.24 -21.76
C ARG I 219 -31.43 -22.66 -22.81
N GLY I 220 -32.12 -21.69 -23.39
CA GLY I 220 -33.12 -21.98 -24.41
C GLY I 220 -32.54 -22.57 -25.69
N ALA I 221 -31.31 -22.17 -26.02
CA ALA I 221 -30.63 -22.69 -27.19
C ALA I 221 -30.41 -24.20 -27.10
N GLN I 222 -30.01 -24.66 -25.92
CA GLN I 222 -29.75 -26.09 -25.73
C GLN I 222 -30.99 -26.93 -25.98
N THR I 223 -32.10 -26.50 -25.40
CA THR I 223 -33.36 -27.21 -25.47
C THR I 223 -34.04 -27.06 -26.84
N THR I 224 -33.88 -25.91 -27.48
CA THR I 224 -34.40 -25.72 -28.83
C THR I 224 -33.62 -26.54 -29.85
N ALA I 225 -32.30 -26.62 -29.67
CA ALA I 225 -31.46 -27.46 -30.52
C ALA I 225 -31.87 -28.91 -30.45
N HIS I 226 -32.21 -29.35 -29.24
CA HIS I 226 -32.71 -30.70 -29.04
C HIS I 226 -34.00 -30.95 -29.85
N VAL I 227 -34.93 -30.01 -29.79
CA VAL I 227 -36.20 -30.14 -30.48
C VAL I 227 -36.02 -30.21 -32.00
N VAL I 228 -35.12 -29.38 -32.53
CA VAL I 228 -35.01 -29.19 -33.98
C VAL I 228 -34.13 -30.21 -34.69
N ASP I 229 -33.05 -30.65 -34.06
CA ASP I 229 -32.05 -31.53 -34.71
C ASP I 229 -31.51 -30.89 -36.01
N PRO I 230 -30.86 -29.73 -35.89
CA PRO I 230 -30.44 -28.98 -37.07
C PRO I 230 -29.19 -29.54 -37.74
N ASP I 231 -29.11 -29.34 -39.05
CA ASP I 231 -27.95 -29.75 -39.83
C ASP I 231 -26.96 -28.62 -40.04
N VAL I 232 -27.45 -27.37 -39.94
CA VAL I 232 -26.59 -26.19 -39.97
C VAL I 232 -27.30 -25.08 -39.21
N ALA I 233 -26.53 -24.19 -38.57
CA ALA I 233 -27.12 -23.14 -37.75
C ALA I 233 -26.56 -21.74 -38.03
N LEU I 234 -27.45 -20.77 -38.15
CA LEU I 234 -27.07 -19.37 -38.29
C LEU I 234 -27.58 -18.66 -37.07
N VAL I 235 -26.69 -18.30 -36.18
CA VAL I 235 -27.09 -17.56 -34.99
C VAL I 235 -26.94 -16.08 -35.24
N LEU I 236 -27.99 -15.34 -34.93
CA LEU I 236 -28.01 -13.90 -35.10
C LEU I 236 -27.86 -13.24 -33.74
N GLU I 237 -26.90 -12.36 -33.62
CA GLU I 237 -26.60 -11.70 -32.36
C GLU I 237 -26.21 -10.26 -32.65
N VAL I 238 -25.91 -9.54 -31.58
CA VAL I 238 -25.33 -8.21 -31.70
C VAL I 238 -23.84 -8.35 -31.52
N ASP I 239 -23.11 -7.36 -32.01
CA ASP I 239 -21.69 -7.28 -31.83
C ASP I 239 -21.46 -6.00 -31.07
N ILE I 240 -20.50 -6.03 -30.15
CA ILE I 240 -20.12 -4.81 -29.47
C ILE I 240 -19.41 -3.94 -30.50
N ALA I 241 -19.93 -2.76 -30.74
CA ALA I 241 -19.39 -1.89 -31.77
C ALA I 241 -18.35 -0.96 -31.17
N GLY I 242 -17.12 -1.04 -31.70
CA GLY I 242 -16.00 -0.21 -31.26
C GLY I 242 -15.87 1.09 -32.04
N ASP I 243 -16.83 1.97 -31.85
CA ASP I 243 -16.84 3.29 -32.52
C ASP I 243 -16.38 4.37 -31.55
N VAL I 244 -16.14 3.98 -30.29
CA VAL I 244 -15.86 4.92 -29.19
C VAL I 244 -14.35 5.24 -29.08
N PRO I 245 -13.98 6.52 -28.79
CA PRO I 245 -12.56 6.96 -28.81
C PRO I 245 -11.72 6.30 -27.71
N LYS I 248 -8.23 0.80 -28.86
CA LYS I 248 -8.11 -0.65 -28.92
C LYS I 248 -9.01 -1.23 -30.03
N PRO I 249 -8.74 -0.88 -31.31
CA PRO I 249 -9.45 -1.33 -32.51
C PRO I 249 -9.57 -2.84 -32.50
N HIS I 250 -8.50 -3.53 -32.11
CA HIS I 250 -8.44 -4.98 -32.22
C HIS I 250 -9.39 -5.75 -31.30
N GLU I 251 -9.76 -5.15 -30.17
CA GLU I 251 -10.69 -5.78 -29.22
C GLU I 251 -12.17 -5.68 -29.68
N ALA I 252 -12.49 -4.66 -30.47
CA ALA I 252 -13.82 -4.47 -31.06
C ALA I 252 -13.69 -4.01 -32.50
N LEU I 253 -13.62 -4.98 -33.41
CA LEU I 253 -13.39 -4.71 -34.82
C LEU I 253 -14.55 -4.00 -35.52
N THR I 254 -15.79 -4.24 -35.09
CA THR I 254 -16.95 -3.81 -35.90
C THR I 254 -17.32 -2.36 -35.66
N LYS I 255 -17.85 -1.75 -36.72
CA LYS I 255 -18.31 -0.38 -36.69
C LYS I 255 -19.77 -0.31 -37.12
N MSE I 256 -20.54 0.51 -36.44
CA MSE I 256 -21.95 0.67 -36.77
C MSE I 256 -22.03 1.36 -38.11
O MSE I 256 -21.39 2.40 -38.33
CB MSE I 256 -22.64 1.50 -35.70
CG MSE I 256 -24.13 1.60 -35.94
SE MSE I 256 -24.94 2.85 -34.65
CE MSE I 256 -24.35 4.60 -35.36
N GLY I 257 -22.79 0.76 -39.03
CA GLY I 257 -23.00 1.33 -40.36
C GLY I 257 -22.13 0.76 -41.46
N LYS I 258 -21.15 -0.06 -41.10
CA LYS I 258 -20.24 -0.67 -42.06
C LYS I 258 -20.62 -2.12 -42.38
N GLY I 259 -21.81 -2.54 -41.99
CA GLY I 259 -22.38 -3.82 -42.43
C GLY I 259 -22.46 -4.84 -41.32
N PRO I 260 -23.22 -5.92 -41.53
CA PRO I 260 -23.26 -6.97 -40.54
C PRO I 260 -21.89 -7.59 -40.32
N GLY I 261 -21.74 -8.24 -39.18
CA GLY I 261 -20.48 -8.87 -38.81
C GLY I 261 -20.56 -10.37 -38.93
N LEU I 262 -19.40 -11.00 -39.03
CA LEU I 262 -19.28 -12.45 -39.04
C LEU I 262 -18.25 -12.82 -38.02
N VAL I 263 -18.64 -13.64 -37.07
CA VAL I 263 -17.77 -13.94 -35.95
C VAL I 263 -16.88 -15.10 -36.31
N THR I 264 -15.57 -14.83 -36.28
CA THR I 264 -14.55 -15.78 -36.65
C THR I 264 -14.01 -16.56 -35.44
N TYR I 265 -14.31 -16.09 -34.24
CA TYR I 265 -13.95 -16.78 -33.02
C TYR I 265 -14.67 -16.14 -31.85
N ASP I 266 -15.17 -16.96 -30.94
CA ASP I 266 -15.63 -16.46 -29.65
C ASP I 266 -15.40 -17.52 -28.58
N ARG I 267 -15.53 -17.11 -27.32
CA ARG I 267 -15.24 -17.96 -26.18
C ARG I 267 -16.11 -19.24 -26.16
N SER I 268 -17.31 -19.18 -26.71
CA SER I 268 -18.23 -20.33 -26.74
C SER I 268 -18.11 -21.24 -27.98
N MSE I 269 -17.47 -20.76 -29.05
CA MSE I 269 -17.36 -21.53 -30.28
C MSE I 269 -16.33 -21.02 -31.28
O MSE I 269 -16.22 -19.81 -31.50
CB MSE I 269 -18.71 -21.53 -30.99
CG MSE I 269 -18.63 -22.29 -32.33
SE MSE I 269 -20.34 -22.24 -33.31
CE MSE I 269 -20.22 -20.42 -34.06
N ILE I 270 -15.61 -21.96 -31.89
CA ILE I 270 -14.83 -21.68 -33.10
C ILE I 270 -15.66 -22.16 -34.30
N PRO I 271 -16.05 -21.25 -35.20
CA PRO I 271 -16.98 -21.67 -36.24
C PRO I 271 -16.43 -22.75 -37.17
N ASN I 272 -17.32 -23.53 -37.75
CA ASN I 272 -16.98 -24.42 -38.85
C ASN I 272 -16.35 -23.60 -39.96
N GLN I 273 -15.18 -24.02 -40.43
CA GLN I 273 -14.42 -23.19 -41.35
C GLN I 273 -14.98 -23.15 -42.78
N PRO I 274 -15.36 -24.30 -43.35
CA PRO I 274 -16.07 -24.28 -44.62
C PRO I 274 -17.29 -23.34 -44.62
N LEU I 275 -18.08 -23.38 -43.54
CA LEU I 275 -19.28 -22.57 -43.46
C LEU I 275 -18.92 -21.11 -43.37
N LYS I 276 -17.85 -20.79 -42.64
CA LYS I 276 -17.38 -19.42 -42.56
C LYS I 276 -17.02 -18.90 -43.95
N GLU I 277 -16.27 -19.69 -44.71
CA GLU I 277 -15.85 -19.30 -46.04
C GLU I 277 -17.06 -19.13 -46.95
N PHE I 278 -18.05 -20.00 -46.78
CA PHE I 278 -19.28 -19.94 -47.54
C PHE I 278 -20.00 -18.61 -47.37
N VAL I 279 -20.14 -18.19 -46.12
CA VAL I 279 -20.81 -16.92 -45.83
C VAL I 279 -20.04 -15.74 -46.42
N ILE I 280 -18.72 -15.75 -46.24
CA ILE I 280 -17.89 -14.67 -46.77
C ILE I 280 -18.10 -14.54 -48.27
N ASN I 281 -18.16 -15.67 -48.97
CA ASN I 281 -18.32 -15.66 -50.44
C ASN I 281 -19.72 -15.27 -50.88
N VAL I 282 -20.73 -15.81 -50.21
CA VAL I 282 -22.09 -15.43 -50.54
C VAL I 282 -22.26 -13.93 -50.41
N ALA I 283 -21.69 -13.35 -49.35
CA ALA I 283 -21.78 -11.91 -49.11
C ALA I 283 -21.05 -11.11 -50.19
N LYS I 284 -19.86 -11.57 -50.56
CA LYS I 284 -19.07 -10.89 -51.59
C LYS I 284 -19.76 -10.90 -52.94
N GLN I 285 -20.30 -12.07 -53.29
CA GLN I 285 -21.04 -12.26 -54.52
C GLN I 285 -22.31 -11.43 -54.56
N ALA I 286 -23.02 -11.32 -53.43
CA ALA I 286 -24.22 -10.49 -53.33
C ALA I 286 -23.93 -9.02 -53.06
N GLN I 287 -22.65 -8.66 -52.99
CA GLN I 287 -22.20 -7.29 -52.69
C GLN I 287 -22.71 -6.70 -51.38
N ILE I 288 -22.80 -7.55 -50.36
CA ILE I 288 -23.26 -7.13 -49.07
C ILE I 288 -22.03 -6.94 -48.21
N PRO I 289 -21.86 -5.72 -47.67
CA PRO I 289 -20.68 -5.48 -46.83
C PRO I 289 -20.71 -6.37 -45.59
N LEU I 290 -19.55 -6.89 -45.21
CA LEU I 290 -19.47 -7.86 -44.13
C LEU I 290 -18.20 -7.64 -43.32
N GLN I 291 -18.32 -7.44 -42.02
CA GLN I 291 -17.16 -7.15 -41.18
C GLN I 291 -16.70 -8.38 -40.41
N LEU I 292 -15.46 -8.79 -40.61
CA LEU I 292 -14.93 -9.89 -39.82
C LEU I 292 -14.76 -9.45 -38.39
N SER I 293 -15.27 -10.26 -37.46
CA SER I 293 -15.32 -9.92 -36.05
C SER I 293 -14.82 -11.05 -35.16
N GLN I 294 -14.47 -10.71 -33.93
CA GLN I 294 -14.01 -11.69 -32.97
C GLN I 294 -14.40 -11.25 -31.58
N MSE I 295 -15.08 -12.08 -30.82
CA MSE I 295 -15.49 -11.73 -29.44
C MSE I 295 -14.70 -12.57 -28.46
O MSE I 295 -15.17 -13.60 -27.98
CB MSE I 295 -17.00 -11.90 -29.24
CG MSE I 295 -17.81 -11.38 -30.43
SE MSE I 295 -19.74 -11.83 -30.30
CE MSE I 295 -19.76 -13.43 -29.13
N SER I 296 -13.49 -12.11 -28.16
CA SER I 296 -12.59 -12.71 -27.15
C SER I 296 -13.23 -13.19 -25.81
N GLY I 297 -14.18 -12.42 -25.29
CA GLY I 297 -14.78 -12.73 -23.99
C GLY I 297 -16.30 -12.67 -23.91
N GLY I 298 -16.97 -13.37 -24.83
CA GLY I 298 -18.41 -13.46 -24.81
C GLY I 298 -18.84 -14.71 -25.56
N GLY I 299 -20.08 -15.14 -25.35
CA GLY I 299 -20.63 -16.31 -26.02
C GLY I 299 -21.98 -16.05 -26.62
N THR I 300 -22.51 -17.07 -27.30
CA THR I 300 -23.76 -16.99 -28.06
C THR I 300 -24.57 -18.27 -27.95
N ASP I 301 -25.83 -18.22 -28.37
CA ASP I 301 -26.65 -19.42 -28.48
C ASP I 301 -25.88 -20.54 -29.22
N ALA I 302 -25.01 -20.14 -30.16
CA ALA I 302 -24.24 -21.10 -30.95
C ALA I 302 -23.35 -22.02 -30.10
N GLY I 303 -22.92 -21.51 -28.96
CA GLY I 303 -22.13 -22.27 -28.02
C GLY I 303 -22.76 -23.59 -27.63
N ARG I 304 -24.10 -23.61 -27.58
CA ARG I 304 -24.88 -24.84 -27.28
C ARG I 304 -25.38 -25.57 -28.52
N ILE I 305 -25.84 -24.81 -29.50
CA ILE I 305 -26.37 -25.37 -30.74
C ILE I 305 -25.38 -26.25 -31.49
N HIS I 306 -24.13 -25.78 -31.61
CA HIS I 306 -23.11 -26.49 -32.41
C HIS I 306 -22.66 -27.78 -31.74
N MSE I 307 -23.09 -27.99 -30.49
CA MSE I 307 -22.71 -29.16 -29.72
C MSE I 307 -23.82 -30.14 -29.60
O MSE I 307 -23.71 -31.13 -28.87
CB MSE I 307 -22.39 -28.71 -28.32
CG MSE I 307 -21.45 -27.53 -28.29
SE MSE I 307 -19.73 -28.10 -27.57
CE MSE I 307 -19.95 -27.45 -25.71
N ASN I 308 -24.91 -29.86 -30.29
CA ASN I 308 -26.08 -30.72 -30.24
C ASN I 308 -25.80 -32.07 -30.91
N ARG I 309 -26.14 -33.14 -30.20
CA ARG I 309 -25.97 -34.50 -30.69
C ARG I 309 -24.53 -34.76 -31.16
N ALA I 310 -24.33 -34.94 -32.48
CA ALA I 310 -23.02 -35.26 -33.04
C ALA I 310 -22.29 -33.99 -33.51
N GLY I 311 -22.92 -32.84 -33.29
CA GLY I 311 -22.35 -31.58 -33.69
C GLY I 311 -23.19 -30.96 -34.77
N CYS I 312 -23.07 -29.65 -34.94
CA CYS I 312 -23.81 -28.95 -35.96
C CYS I 312 -22.98 -27.78 -36.43
N PRO I 313 -22.60 -27.73 -37.72
CA PRO I 313 -21.83 -26.58 -38.20
C PRO I 313 -22.62 -25.28 -38.02
N SER I 314 -21.99 -24.28 -37.41
CA SER I 314 -22.68 -23.06 -37.08
C SER I 314 -21.79 -21.87 -37.25
N VAL I 315 -22.42 -20.72 -37.39
CA VAL I 315 -21.71 -19.47 -37.55
C VAL I 315 -22.54 -18.38 -36.92
N VAL I 316 -21.89 -17.37 -36.33
CA VAL I 316 -22.63 -16.24 -35.77
C VAL I 316 -22.55 -15.03 -36.70
N ILE I 317 -23.71 -14.48 -37.02
CA ILE I 317 -23.82 -13.28 -37.84
C ILE I 317 -24.39 -12.16 -36.97
N THR I 318 -23.80 -10.98 -37.04
CA THR I 318 -24.07 -9.96 -36.04
C THR I 318 -24.44 -8.60 -36.61
N ILE I 319 -25.26 -7.87 -35.86
CA ILE I 319 -25.47 -6.46 -36.13
C ILE I 319 -24.68 -5.64 -35.11
N PRO I 320 -23.72 -4.84 -35.59
CA PRO I 320 -23.01 -3.99 -34.65
C PRO I 320 -23.94 -3.03 -33.93
N THR I 321 -23.82 -3.02 -32.61
CA THR I 321 -24.70 -2.28 -31.73
C THR I 321 -23.84 -1.57 -30.69
N ARG I 322 -24.16 -0.33 -30.39
CA ARG I 322 -23.45 0.42 -29.37
C ARG I 322 -24.20 0.36 -28.04
N HIS I 323 -23.47 0.16 -26.96
CA HIS I 323 -24.02 0.18 -25.59
C HIS I 323 -25.04 -0.91 -25.29
N ILE I 324 -24.69 -2.16 -25.61
CA ILE I 324 -25.56 -3.29 -25.25
C ILE I 324 -25.49 -3.53 -23.74
N HIS I 325 -26.38 -4.38 -23.22
CA HIS I 325 -26.46 -4.67 -21.79
C HIS I 325 -26.52 -3.38 -20.96
N SER I 326 -27.28 -2.42 -21.45
CA SER I 326 -27.50 -1.18 -20.78
C SER I 326 -28.91 -0.66 -21.13
N HIS I 327 -29.36 0.42 -20.51
CA HIS I 327 -30.73 0.90 -20.73
C HIS I 327 -31.00 1.31 -22.16
N VAL I 328 -30.00 1.84 -22.84
CA VAL I 328 -30.21 2.36 -24.16
C VAL I 328 -29.01 2.13 -25.06
N GLY I 329 -29.26 1.63 -26.26
CA GLY I 329 -28.23 1.31 -27.21
C GLY I 329 -28.60 1.87 -28.56
N LEU I 330 -27.69 1.78 -29.52
CA LEU I 330 -27.92 2.29 -30.87
C LEU I 330 -27.49 1.27 -31.89
N LEU I 331 -28.26 1.14 -32.97
CA LEU I 331 -27.81 0.34 -34.10
C LEU I 331 -28.27 0.95 -35.40
N SER I 332 -27.66 0.50 -36.50
CA SER I 332 -27.95 1.00 -37.86
C SER I 332 -29.05 0.19 -38.53
N LEU I 333 -30.06 0.87 -39.03
CA LEU I 333 -31.13 0.19 -39.78
C LEU I 333 -30.65 -0.36 -41.11
N LYS I 334 -29.64 0.29 -41.67
CA LYS I 334 -29.01 -0.18 -42.88
C LYS I 334 -28.30 -1.51 -42.65
N ASP I 335 -27.53 -1.61 -41.57
CA ASP I 335 -26.85 -2.87 -41.21
C ASP I 335 -27.88 -4.00 -41.08
N THR I 336 -28.98 -3.68 -40.40
CA THR I 336 -30.06 -4.63 -40.15
C THR I 336 -30.64 -5.13 -41.47
N GLU I 337 -30.94 -4.21 -42.36
CA GLU I 337 -31.46 -4.56 -43.66
C GLU I 337 -30.51 -5.51 -44.41
N ASN I 338 -29.23 -5.18 -44.39
CA ASN I 338 -28.22 -6.04 -45.01
C ASN I 338 -28.10 -7.41 -44.38
N ALA I 339 -28.30 -7.48 -43.06
CA ALA I 339 -28.29 -8.77 -42.39
C ALA I 339 -29.46 -9.63 -42.89
N ILE I 340 -30.61 -9.00 -43.08
CA ILE I 340 -31.75 -9.69 -43.62
C ILE I 340 -31.44 -10.19 -45.04
N ARG I 341 -30.91 -9.31 -45.87
CA ARG I 341 -30.54 -9.69 -47.24
C ARG I 341 -29.59 -10.86 -47.24
N LEU I 342 -28.57 -10.76 -46.40
CA LEU I 342 -27.54 -11.80 -46.35
C LEU I 342 -28.11 -13.16 -46.01
N VAL I 343 -28.95 -13.19 -44.99
CA VAL I 343 -29.45 -14.44 -44.51
C VAL I 343 -30.31 -15.14 -45.56
N ILE I 344 -31.08 -14.36 -46.30
CA ILE I 344 -31.88 -14.88 -47.37
C ILE I 344 -30.98 -15.53 -48.43
N GLU I 345 -29.94 -14.82 -48.85
CA GLU I 345 -29.01 -15.35 -49.85
C GLU I 345 -28.39 -16.66 -49.38
N LEU I 346 -28.09 -16.74 -48.10
CA LEU I 346 -27.50 -17.96 -47.55
C LEU I 346 -28.49 -19.10 -47.64
N ILE I 347 -29.70 -18.86 -47.16
CA ILE I 347 -30.73 -19.89 -47.16
C ILE I 347 -31.06 -20.38 -48.57
N LYS I 348 -31.10 -19.47 -49.53
CA LYS I 348 -31.28 -19.87 -50.93
C LYS I 348 -30.28 -20.94 -51.37
N ARG I 349 -29.04 -20.84 -50.92
CA ARG I 349 -27.94 -21.68 -51.41
C ARG I 349 -27.57 -22.87 -50.51
N LEU I 350 -28.22 -23.02 -49.37
CA LEU I 350 -27.88 -24.07 -48.45
C LEU I 350 -28.65 -25.35 -48.76
N ASP I 351 -28.30 -26.00 -49.85
CA ASP I 351 -28.89 -27.30 -50.20
C ASP I 351 -28.17 -28.44 -49.47
N LEU I 352 -28.70 -29.65 -49.59
CA LEU I 352 -28.13 -30.80 -48.88
C LEU I 352 -26.65 -31.02 -49.20
N GLU I 353 -26.30 -30.87 -50.47
CA GLU I 353 -24.93 -31.16 -50.91
C GLU I 353 -23.91 -30.19 -50.32
N THR I 354 -24.22 -28.89 -50.37
CA THR I 354 -23.37 -27.85 -49.79
C THR I 354 -23.15 -28.08 -48.30
N VAL I 355 -24.23 -28.42 -47.60
CA VAL I 355 -24.19 -28.63 -46.16
C VAL I 355 -23.38 -29.86 -45.75
N GLU I 356 -23.51 -30.95 -46.48
CA GLU I 356 -22.70 -32.13 -46.22
C GLU I 356 -21.23 -31.84 -46.50
N GLY I 357 -20.97 -30.95 -47.45
CA GLY I 357 -19.60 -30.51 -47.78
C GLY I 357 -18.90 -29.69 -46.71
N PHE I 358 -19.64 -29.24 -45.70
CA PHE I 358 -19.05 -28.53 -44.57
C PHE I 358 -18.38 -29.43 -43.54
N THR I 359 -18.77 -30.70 -43.55
CA THR I 359 -18.29 -31.67 -42.59
C THR I 359 -17.48 -32.78 -43.31
N SER J 1 11.59 -51.01 -39.47
CA SER J 1 10.42 -50.91 -40.39
C SER J 1 9.18 -50.40 -39.64
N ASN J 2 8.59 -51.14 -38.68
CA ASN J 2 7.49 -50.62 -37.82
C ASN J 2 7.92 -49.61 -36.75
N ALA J 3 9.06 -49.88 -36.09
CA ALA J 3 9.69 -48.95 -35.15
C ALA J 3 10.04 -47.60 -35.82
N ASP J 4 10.45 -47.67 -37.10
CA ASP J 4 10.62 -46.48 -37.93
C ASP J 4 9.31 -45.78 -38.21
N LYS J 5 8.33 -46.55 -38.69
CA LYS J 5 6.99 -46.02 -38.98
C LYS J 5 6.30 -45.42 -37.77
N SER J 6 6.52 -46.00 -36.59
CA SER J 6 6.02 -45.43 -35.33
C SER J 6 6.65 -44.09 -34.99
N MSE J 7 7.98 -44.02 -35.07
CA MSE J 7 8.69 -42.77 -34.79
C MSE J 7 8.42 -41.75 -35.85
O MSE J 7 8.38 -40.57 -35.53
CB MSE J 7 10.19 -43.01 -34.65
CG MSE J 7 10.50 -43.68 -33.31
SE MSE J 7 9.90 -42.60 -31.74
CE MSE J 7 8.80 -44.02 -30.90
N GLU J 8 8.20 -42.17 -37.09
CA GLU J 8 7.84 -41.23 -38.18
C GLU J 8 6.45 -40.67 -37.93
N LEU J 9 5.56 -41.49 -37.38
CA LEU J 9 4.24 -41.02 -37.02
C LEU J 9 4.34 -40.01 -35.90
N MSE J 10 5.05 -40.36 -34.83
CA MSE J 10 5.22 -39.46 -33.71
C MSE J 10 5.72 -38.13 -34.19
O MSE J 10 5.11 -37.11 -33.91
CB MSE J 10 6.15 -40.03 -32.62
CG MSE J 10 5.87 -39.31 -31.31
SE MSE J 10 7.08 -39.86 -29.86
CE MSE J 10 6.22 -41.60 -29.51
N LYS J 11 6.82 -38.12 -34.94
CA LYS J 11 7.39 -36.88 -35.48
C LYS J 11 6.36 -36.07 -36.26
N THR J 12 5.65 -36.73 -37.14
CA THR J 12 4.71 -36.06 -38.02
C THR J 12 3.55 -35.43 -37.26
N LEU J 13 3.04 -36.16 -36.26
CA LEU J 13 2.01 -35.65 -35.37
C LEU J 13 2.45 -34.40 -34.61
N MSE J 14 3.57 -34.49 -33.90
CA MSE J 14 4.03 -33.39 -33.10
C MSE J 14 4.42 -32.19 -33.94
O MSE J 14 4.45 -31.07 -33.42
CB MSE J 14 5.24 -33.76 -32.25
CG MSE J 14 5.05 -34.93 -31.30
SE MSE J 14 3.26 -35.06 -30.48
CE MSE J 14 3.11 -37.02 -30.45
N GLU J 15 4.74 -32.41 -35.21
CA GLU J 15 5.11 -31.30 -36.08
C GLU J 15 3.96 -30.76 -36.92
N ALA J 16 2.84 -31.48 -36.94
CA ALA J 16 1.65 -31.07 -37.70
C ALA J 16 1.01 -29.80 -37.17
N PHE J 17 0.30 -29.12 -38.06
CA PHE J 17 -0.45 -27.91 -37.72
C PHE J 17 -1.86 -28.32 -37.31
N GLY J 18 -2.24 -28.04 -36.07
CA GLY J 18 -3.59 -28.35 -35.62
C GLY J 18 -4.04 -27.77 -34.27
N PRO J 19 -4.20 -26.44 -34.20
CA PRO J 19 -4.76 -25.83 -32.99
C PRO J 19 -6.25 -26.06 -32.86
N SER J 20 -6.81 -25.80 -31.68
CA SER J 20 -8.24 -26.04 -31.43
C SER J 20 -9.11 -25.39 -32.49
N GLY J 21 -10.00 -26.17 -33.10
CA GLY J 21 -10.84 -25.69 -34.20
C GLY J 21 -10.30 -25.94 -35.60
N PHE J 22 -9.02 -26.27 -35.71
CA PHE J 22 -8.38 -26.39 -37.01
C PHE J 22 -7.52 -27.66 -37.07
N GLU J 23 -8.11 -28.79 -36.74
CA GLU J 23 -7.34 -30.02 -36.54
C GLU J 23 -7.33 -30.93 -37.75
N ARG J 24 -7.77 -30.45 -38.90
CA ARG J 24 -8.00 -31.35 -40.04
C ARG J 24 -6.72 -31.99 -40.60
N GLU J 25 -5.65 -31.22 -40.70
CA GLU J 25 -4.35 -31.75 -41.14
C GLU J 25 -3.86 -32.91 -40.25
N VAL J 26 -4.05 -32.78 -38.95
CA VAL J 26 -3.58 -33.79 -38.00
C VAL J 26 -4.44 -35.03 -38.05
N ASN J 27 -5.74 -34.83 -38.18
CA ASN J 27 -6.65 -35.96 -38.21
C ASN J 27 -6.57 -36.70 -39.54
N ALA J 28 -6.14 -36.01 -40.58
CA ALA J 28 -5.81 -36.66 -41.86
C ALA J 28 -4.62 -37.60 -41.71
N ILE J 29 -3.60 -37.16 -40.98
CA ILE J 29 -2.42 -37.99 -40.69
C ILE J 29 -2.81 -39.26 -39.95
N CYS J 30 -3.75 -39.12 -39.01
CA CYS J 30 -4.25 -40.24 -38.23
C CYS J 30 -5.01 -41.21 -39.13
N LYS J 31 -5.88 -40.70 -39.98
CA LYS J 31 -6.64 -41.57 -40.88
C LYS J 31 -5.73 -42.38 -41.79
N GLU J 32 -4.70 -41.73 -42.31
CA GLU J 32 -3.80 -42.38 -43.24
C GLU J 32 -3.02 -43.51 -42.56
N TYR J 33 -2.47 -43.23 -41.38
CA TYR J 33 -1.74 -44.26 -40.64
C TYR J 33 -2.61 -45.45 -40.31
N MSE J 34 -3.89 -45.21 -40.07
CA MSE J 34 -4.81 -46.25 -39.61
C MSE J 34 -5.59 -46.95 -40.69
O MSE J 34 -6.32 -47.90 -40.37
CB MSE J 34 -5.81 -45.65 -38.62
CG MSE J 34 -5.12 -45.19 -37.34
SE MSE J 34 -4.67 -46.73 -36.17
CE MSE J 34 -6.51 -47.09 -35.58
N GLU J 35 -5.48 -46.52 -41.95
CA GLU J 35 -6.21 -47.18 -43.05
C GLU J 35 -6.08 -48.70 -43.01
N PRO J 36 -4.85 -49.23 -42.88
CA PRO J 36 -4.72 -50.68 -42.86
C PRO J 36 -5.07 -51.40 -41.55
N TYR J 37 -5.43 -50.68 -40.49
CA TYR J 37 -5.62 -51.31 -39.17
C TYR J 37 -7.01 -51.21 -38.55
N ALA J 38 -7.82 -50.23 -38.97
CA ALA J 38 -9.14 -50.07 -38.41
C ALA J 38 -10.18 -50.76 -39.27
N ASP J 39 -11.15 -51.39 -38.62
CA ASP J 39 -12.20 -52.09 -39.34
C ASP J 39 -13.22 -51.10 -39.91
N GLU J 40 -13.31 -49.91 -39.32
CA GLU J 40 -14.28 -48.90 -39.75
C GLU J 40 -13.87 -47.55 -39.15
N VAL J 41 -14.31 -46.47 -39.77
CA VAL J 41 -14.01 -45.12 -39.31
C VAL J 41 -15.28 -44.27 -39.22
N VAL J 42 -15.57 -43.76 -38.03
CA VAL J 42 -16.72 -42.85 -37.86
C VAL J 42 -16.21 -41.49 -37.42
N VAL J 43 -16.99 -40.45 -37.71
CA VAL J 43 -16.59 -39.08 -37.37
C VAL J 43 -17.72 -38.34 -36.64
N ASP J 44 -17.38 -37.28 -35.92
CA ASP J 44 -18.39 -36.33 -35.49
C ASP J 44 -18.28 -35.10 -36.39
N LYS J 45 -19.26 -34.22 -36.29
CA LYS J 45 -19.34 -33.08 -37.19
C LYS J 45 -18.42 -31.93 -36.78
N LEU J 46 -17.82 -32.04 -35.60
CA LEU J 46 -16.82 -31.07 -35.19
C LEU J 46 -15.45 -31.37 -35.78
N GLY J 47 -15.23 -32.61 -36.24
CA GLY J 47 -13.95 -32.99 -36.82
C GLY J 47 -13.23 -34.13 -36.13
N SER J 48 -13.80 -34.70 -35.06
CA SER J 48 -13.21 -35.87 -34.40
C SER J 48 -13.32 -37.06 -35.31
N VAL J 49 -12.22 -37.77 -35.51
CA VAL J 49 -12.26 -39.07 -36.17
C VAL J 49 -12.03 -40.19 -35.16
N THR J 50 -12.77 -41.28 -35.36
CA THR J 50 -12.81 -42.40 -34.43
C THR J 50 -12.62 -43.72 -35.20
N PHE J 51 -11.72 -44.55 -34.73
CA PHE J 51 -11.34 -45.79 -35.41
C PHE J 51 -11.87 -46.96 -34.62
N ILE J 52 -12.59 -47.84 -35.30
CA ILE J 52 -13.23 -48.98 -34.67
C ILE J 52 -12.48 -50.27 -34.95
N ALA J 53 -12.14 -50.99 -33.89
CA ALA J 53 -11.64 -52.35 -33.99
C ALA J 53 -12.74 -53.28 -33.47
N LYS J 54 -13.33 -54.05 -34.38
CA LYS J 54 -14.52 -54.85 -34.06
C LYS J 54 -14.24 -56.08 -33.20
N GLY J 55 -15.26 -56.46 -32.46
CA GLY J 55 -15.28 -57.67 -31.66
C GLY J 55 -16.75 -57.84 -31.28
N ASN J 56 -17.02 -58.11 -30.01
CA ASN J 56 -18.41 -58.23 -29.57
C ASN J 56 -19.10 -56.88 -29.61
N ASP J 57 -20.30 -56.82 -30.17
CA ASP J 57 -21.07 -55.57 -30.20
C ASP J 57 -20.96 -54.75 -28.92
N ARG J 58 -21.04 -55.44 -27.78
CA ARG J 58 -20.99 -54.83 -26.46
C ARG J 58 -20.08 -55.67 -25.57
N PRO J 59 -19.30 -55.07 -24.66
CA PRO J 59 -19.29 -53.64 -24.37
C PRO J 59 -18.48 -52.78 -25.37
N ARG J 60 -18.87 -51.52 -25.48
CA ARG J 60 -18.12 -50.56 -26.30
C ARG J 60 -17.11 -49.83 -25.42
N ILE J 61 -15.83 -49.98 -25.75
CA ILE J 61 -14.74 -49.28 -25.08
C ILE J 61 -14.37 -48.05 -25.88
N LEU J 62 -14.44 -46.89 -25.26
CA LEU J 62 -14.00 -45.66 -25.91
C LEU J 62 -12.64 -45.26 -25.36
N MSE J 63 -11.64 -45.19 -26.23
CA MSE J 63 -10.37 -44.57 -25.90
C MSE J 63 -10.27 -43.25 -26.61
O MSE J 63 -10.55 -43.18 -27.80
CB MSE J 63 -9.20 -45.38 -26.37
CG MSE J 63 -9.04 -46.69 -25.62
SE MSE J 63 -7.21 -47.34 -25.99
CE MSE J 63 -7.46 -48.00 -27.82
N ALA J 64 -9.89 -42.21 -25.89
CA ALA J 64 -9.86 -40.89 -26.49
C ALA J 64 -8.59 -40.16 -26.16
N GLY J 65 -8.00 -39.53 -27.18
CA GLY J 65 -6.90 -38.58 -27.00
C GLY J 65 -7.08 -37.40 -27.94
N HIS J 66 -7.06 -36.18 -27.42
CA HIS J 66 -7.36 -35.03 -28.26
C HIS J 66 -6.18 -34.63 -29.13
N THR J 67 -6.43 -34.33 -30.39
CA THR J 67 -5.39 -33.95 -31.32
C THR J 67 -5.24 -32.46 -31.48
N ASP J 68 -6.14 -31.68 -30.91
CA ASP J 68 -5.95 -30.23 -30.92
C ASP J 68 -4.84 -29.87 -29.95
N GLU J 69 -4.11 -28.81 -30.29
CA GLU J 69 -3.03 -28.27 -29.47
C GLU J 69 -3.35 -26.83 -29.13
N VAL J 70 -2.80 -26.34 -28.05
CA VAL J 70 -2.97 -24.94 -27.75
C VAL J 70 -2.32 -24.15 -28.88
N GLY J 71 -2.90 -23.00 -29.17
CA GLY J 71 -2.47 -22.17 -30.29
C GLY J 71 -2.98 -20.75 -30.17
N PHE J 72 -3.08 -20.06 -31.31
CA PHE J 72 -3.60 -18.70 -31.33
C PHE J 72 -4.37 -18.49 -32.62
N ILE J 73 -4.99 -17.32 -32.72
CA ILE J 73 -5.79 -16.96 -33.87
C ILE J 73 -5.63 -15.47 -34.11
N VAL J 74 -5.58 -15.08 -35.37
CA VAL J 74 -5.32 -13.68 -35.72
C VAL J 74 -6.56 -12.84 -35.42
N SER J 75 -6.39 -11.77 -34.63
CA SER J 75 -7.50 -10.93 -34.22
C SER J 75 -7.52 -9.60 -34.95
N SER J 76 -6.39 -9.20 -35.54
CA SER J 76 -6.32 -7.98 -36.36
C SER J 76 -4.98 -7.81 -37.03
N ILE J 77 -4.92 -6.95 -38.04
CA ILE J 77 -3.67 -6.46 -38.60
C ILE J 77 -3.56 -4.98 -38.27
N SER J 78 -2.50 -4.59 -37.56
CA SER J 78 -2.28 -3.19 -37.22
C SER J 78 -1.78 -2.45 -38.44
N LYS J 79 -1.91 -1.13 -38.38
CA LYS J 79 -1.51 -0.25 -39.45
C LYS J 79 0.00 -0.41 -39.83
N GLU J 80 0.81 -0.84 -38.88
CA GLU J 80 2.24 -1.00 -39.09
C GLU J 80 2.66 -2.39 -39.58
N GLY J 81 1.72 -3.33 -39.68
CA GLY J 81 2.02 -4.68 -40.21
C GLY J 81 2.27 -5.76 -39.17
N TYR J 82 1.72 -5.54 -37.98
CA TYR J 82 1.83 -6.48 -36.90
C TYR J 82 0.48 -7.13 -36.72
N LEU J 83 0.46 -8.34 -36.17
CA LEU J 83 -0.79 -9.04 -35.94
C LEU J 83 -1.09 -9.02 -34.47
N THR J 84 -2.34 -8.80 -34.10
CA THR J 84 -2.79 -9.09 -32.73
C THR J 84 -3.39 -10.47 -32.77
N PHE J 85 -3.50 -11.13 -31.63
CA PHE J 85 -4.02 -12.48 -31.60
C PHE J 85 -4.80 -12.76 -30.36
N ASN J 86 -5.72 -13.71 -30.43
CA ASN J 86 -6.31 -14.29 -29.24
C ASN J 86 -5.75 -15.68 -29.04
N THR J 87 -5.76 -16.14 -27.79
CA THR J 87 -5.26 -17.46 -27.48
C THR J 87 -6.33 -18.49 -27.75
N LEU J 88 -5.91 -19.70 -28.12
CA LEU J 88 -6.79 -20.85 -28.26
C LEU J 88 -6.33 -21.88 -27.26
N GLY J 89 -7.01 -21.95 -26.13
CA GLY J 89 -6.62 -22.83 -25.03
C GLY J 89 -5.85 -22.02 -24.02
N GLY J 90 -5.56 -22.64 -22.87
CA GLY J 90 -4.91 -21.95 -21.77
C GLY J 90 -3.41 -21.83 -21.96
N TRP J 91 -2.90 -20.60 -21.99
CA TRP J 91 -1.49 -20.32 -22.08
C TRP J 91 -1.07 -19.50 -20.88
N TRP J 92 0.13 -19.74 -20.37
CA TRP J 92 0.75 -18.85 -19.40
C TRP J 92 1.45 -17.75 -20.18
N SER J 93 1.15 -16.49 -19.90
CA SER J 93 1.74 -15.39 -20.67
C SER J 93 3.29 -15.42 -20.62
N GLN J 94 3.86 -15.85 -19.50
CA GLN J 94 5.29 -15.76 -19.31
C GLN J 94 6.15 -16.67 -20.20
N VAL J 95 5.52 -17.65 -20.87
CA VAL J 95 6.22 -18.48 -21.86
C VAL J 95 6.06 -18.04 -23.31
N LEU J 96 5.41 -16.90 -23.55
CA LEU J 96 5.09 -16.47 -24.90
C LEU J 96 6.12 -15.56 -25.59
N LEU J 97 6.56 -14.51 -24.91
CA LEU J 97 7.46 -13.53 -25.51
C LEU J 97 8.69 -14.17 -26.12
N GLY J 98 8.99 -13.73 -27.34
CA GLY J 98 10.22 -14.11 -28.03
C GLY J 98 10.09 -15.41 -28.80
N GLN J 99 8.89 -15.98 -28.84
CA GLN J 99 8.70 -17.31 -29.37
C GLN J 99 8.28 -17.28 -30.83
N ARG J 100 8.70 -18.30 -31.59
CA ARG J 100 8.37 -18.38 -33.00
C ARG J 100 7.02 -19.04 -33.18
N VAL J 101 6.22 -18.49 -34.08
CA VAL J 101 4.94 -19.06 -34.41
C VAL J 101 4.83 -19.14 -35.90
N VAL J 102 3.82 -19.86 -36.37
CA VAL J 102 3.50 -19.90 -37.79
C VAL J 102 1.98 -19.82 -38.00
N VAL J 103 1.60 -18.98 -38.94
CA VAL J 103 0.21 -18.65 -39.22
C VAL J 103 -0.13 -19.32 -40.51
N ARG J 104 -1.28 -19.98 -40.56
CA ARG J 104 -1.73 -20.60 -41.80
C ARG J 104 -2.70 -19.66 -42.53
N THR J 105 -2.24 -19.08 -43.65
CA THR J 105 -3.08 -18.22 -44.49
C THR J 105 -3.55 -19.00 -45.70
N CYS J 106 -4.39 -18.37 -46.51
CA CYS J 106 -4.78 -18.90 -47.81
C CYS J 106 -3.57 -19.07 -48.75
N LYS J 107 -2.54 -18.25 -48.58
CA LYS J 107 -1.32 -18.36 -49.37
C LYS J 107 -0.27 -19.32 -48.81
N GLY J 108 -0.55 -19.95 -47.66
CA GLY J 108 0.41 -20.87 -47.05
C GLY J 108 0.92 -20.42 -45.68
N MSE J 109 1.97 -21.08 -45.21
CA MSE J 109 2.54 -20.83 -43.88
C MSE J 109 3.30 -19.54 -43.86
O MSE J 109 4.14 -19.28 -44.71
CB MSE J 109 3.48 -21.94 -43.46
CG MSE J 109 2.81 -23.30 -43.32
SE MSE J 109 1.34 -23.30 -42.00
CE MSE J 109 0.61 -25.10 -42.39
N VAL J 110 3.01 -18.71 -42.86
CA VAL J 110 3.74 -17.45 -42.66
C VAL J 110 4.35 -17.42 -41.27
N HIS J 111 5.67 -17.25 -41.21
CA HIS J 111 6.37 -17.28 -39.94
C HIS J 111 6.39 -15.93 -39.27
N GLY J 112 6.44 -15.98 -37.95
CA GLY J 112 6.47 -14.77 -37.14
C GLY J 112 7.00 -14.99 -35.74
N ILE J 113 7.07 -13.92 -34.99
CA ILE J 113 7.63 -13.91 -33.65
C ILE J 113 6.69 -13.19 -32.72
N ILE J 114 6.42 -13.76 -31.54
CA ILE J 114 5.61 -13.08 -30.54
C ILE J 114 6.45 -11.96 -29.94
N ALA J 115 5.91 -10.75 -29.94
CA ALA J 115 6.66 -9.58 -29.49
C ALA J 115 5.81 -8.63 -28.66
N SER J 116 6.49 -7.72 -27.97
CA SER J 116 5.83 -6.63 -27.26
C SER J 116 6.64 -5.36 -27.44
N LYS J 117 6.14 -4.28 -26.87
CA LYS J 117 6.95 -3.07 -26.76
C LYS J 117 8.18 -3.42 -25.94
N PRO J 118 9.38 -2.99 -26.40
CA PRO J 118 10.63 -3.22 -25.66
C PRO J 118 10.63 -2.42 -24.39
N PRO J 119 11.17 -2.98 -23.29
CA PRO J 119 11.08 -2.31 -21.97
C PRO J 119 11.80 -0.95 -21.84
N HIS J 120 12.85 -0.69 -22.62
CA HIS J 120 13.60 0.58 -22.52
C HIS J 120 12.81 1.80 -23.04
N ILE J 121 11.73 1.59 -23.79
CA ILE J 121 10.80 2.67 -24.18
C ILE J 121 9.55 2.74 -23.26
N LEU J 122 9.61 2.12 -22.08
CA LEU J 122 8.52 2.20 -21.10
C LEU J 122 9.04 2.94 -19.88
N PRO J 123 8.12 3.46 -19.05
CA PRO J 123 8.53 4.08 -17.79
C PRO J 123 9.18 3.05 -16.86
N PRO J 124 10.11 3.47 -15.98
CA PRO J 124 10.80 2.51 -15.10
C PRO J 124 9.88 1.59 -14.28
N ASP J 125 8.75 2.10 -13.80
CA ASP J 125 7.81 1.30 -12.98
C ASP J 125 6.99 0.28 -13.78
N GLU J 126 6.95 0.44 -15.11
CA GLU J 126 6.20 -0.48 -16.00
C GLU J 126 7.06 -1.62 -16.57
N ARG J 127 8.38 -1.54 -16.40
CA ARG J 127 9.30 -2.60 -16.88
C ARG J 127 9.24 -3.85 -16.01
N LYS J 128 9.06 -3.65 -14.72
CA LYS J 128 8.96 -4.73 -13.76
C LYS J 128 7.56 -5.40 -13.80
N LYS J 129 6.61 -4.82 -14.55
CA LYS J 129 5.28 -5.41 -14.73
C LYS J 129 5.30 -6.53 -15.76
N ILE J 130 4.55 -7.59 -15.49
CA ILE J 130 4.41 -8.70 -16.44
C ILE J 130 3.73 -8.17 -17.68
N VAL J 131 4.19 -8.59 -18.85
CA VAL J 131 3.52 -8.23 -20.09
C VAL J 131 2.36 -9.21 -20.29
N GLU J 132 1.15 -8.68 -20.34
CA GLU J 132 -0.03 -9.50 -20.55
C GLU J 132 -0.13 -9.84 -22.03
N ALA J 133 -0.76 -10.97 -22.33
CA ALA J 133 -0.93 -11.42 -23.71
C ALA J 133 -1.76 -10.47 -24.56
N ARG J 134 -2.73 -9.81 -23.94
CA ARG J 134 -3.52 -8.77 -24.63
C ARG J 134 -2.65 -7.65 -25.24
N ASP J 135 -1.49 -7.38 -24.64
CA ASP J 135 -0.55 -6.34 -25.14
C ASP J 135 0.58 -6.88 -26.00
N MSE J 136 0.49 -8.13 -26.43
CA MSE J 136 1.51 -8.71 -27.30
C MSE J 136 1.01 -8.69 -28.70
O MSE J 136 -0.16 -8.43 -28.96
CB MSE J 136 1.78 -10.15 -26.90
CG MSE J 136 2.45 -10.22 -25.54
SE MSE J 136 2.82 -12.11 -25.07
CE MSE J 136 3.20 -11.81 -23.16
N PHE J 137 1.91 -8.93 -29.66
CA PHE J 137 1.51 -9.13 -31.04
C PHE J 137 2.56 -9.96 -31.75
N ILE J 138 2.28 -10.28 -33.00
CA ILE J 138 3.11 -11.16 -33.77
C ILE J 138 3.72 -10.33 -34.86
N ASP J 139 5.04 -10.42 -34.94
CA ASP J 139 5.82 -9.73 -35.92
C ASP J 139 6.15 -10.72 -37.02
N ILE J 140 5.74 -10.41 -38.25
CA ILE J 140 5.99 -11.30 -39.38
C ILE J 140 6.97 -10.69 -40.36
N GLY J 141 7.69 -9.66 -39.91
CA GLY J 141 8.70 -8.99 -40.73
C GLY J 141 8.15 -7.97 -41.69
N ALA J 142 6.90 -7.58 -41.48
CA ALA J 142 6.23 -6.65 -42.38
C ALA J 142 6.50 -5.24 -41.93
N THR J 143 6.43 -4.30 -42.86
CA THR J 143 6.71 -2.88 -42.57
C THR J 143 5.49 -1.98 -42.78
N SER J 144 4.33 -2.57 -43.09
CA SER J 144 3.10 -1.82 -43.30
C SER J 144 1.91 -2.78 -43.36
N GLU J 145 0.71 -2.25 -43.13
CA GLU J 145 -0.52 -3.03 -43.25
C GLU J 145 -0.64 -3.75 -44.60
N GLU J 146 -0.14 -3.13 -45.68
CA GLU J 146 -0.24 -3.68 -47.04
C GLU J 146 0.72 -4.85 -47.19
N GLU J 147 1.95 -4.67 -46.72
CA GLU J 147 2.98 -5.71 -46.84
C GLU J 147 2.56 -6.96 -46.07
N ALA J 148 1.81 -6.75 -44.99
CA ALA J 148 1.25 -7.84 -44.20
C ALA J 148 0.16 -8.55 -44.94
N GLU J 149 -0.73 -7.78 -45.55
CA GLU J 149 -1.83 -8.34 -46.35
C GLU J 149 -1.31 -9.18 -47.51
N GLU J 150 -0.22 -8.74 -48.14
CA GLU J 150 0.40 -9.50 -49.25
C GLU J 150 0.78 -10.93 -48.88
N SER J 151 1.09 -11.16 -47.62
CA SER J 151 1.40 -12.51 -47.13
C SER J 151 0.17 -13.42 -47.05
N GLY J 152 -1.03 -12.83 -47.05
CA GLY J 152 -2.28 -13.60 -47.10
C GLY J 152 -3.08 -13.60 -45.82
N VAL J 153 -2.59 -12.88 -44.82
CA VAL J 153 -3.15 -12.92 -43.47
C VAL J 153 -4.53 -12.28 -43.41
N LYS J 154 -5.44 -12.96 -42.73
CA LYS J 154 -6.78 -12.45 -42.48
C LYS J 154 -7.18 -12.67 -41.07
N VAL J 155 -8.05 -11.80 -40.56
CA VAL J 155 -8.64 -12.02 -39.25
C VAL J 155 -9.33 -13.39 -39.24
N GLY J 156 -9.15 -14.12 -38.15
CA GLY J 156 -9.64 -15.49 -38.05
C GLY J 156 -8.67 -16.59 -38.48
N ASP J 157 -7.49 -16.24 -38.98
CA ASP J 157 -6.50 -17.24 -39.39
C ASP J 157 -5.83 -17.89 -38.19
N PRO J 158 -5.67 -19.22 -38.22
CA PRO J 158 -5.11 -19.97 -37.10
C PRO J 158 -3.59 -19.88 -37.00
N ILE J 159 -3.09 -20.04 -35.78
CA ILE J 159 -1.68 -19.92 -35.48
C ILE J 159 -1.23 -21.04 -34.56
N VAL J 160 -0.06 -21.62 -34.83
CA VAL J 160 0.53 -22.58 -33.90
C VAL J 160 1.95 -22.21 -33.55
N PRO J 161 2.43 -22.75 -32.43
CA PRO J 161 3.86 -22.67 -32.13
C PRO J 161 4.72 -23.34 -33.18
N TRP J 162 5.91 -22.83 -33.40
CA TRP J 162 6.90 -23.47 -34.28
C TRP J 162 7.88 -24.22 -33.39
N SER J 163 7.94 -25.54 -33.54
CA SER J 163 8.68 -26.38 -32.60
C SER J 163 8.99 -27.73 -33.19
N PRO J 164 10.23 -27.91 -33.67
CA PRO J 164 10.61 -29.20 -34.28
C PRO J 164 10.67 -30.34 -33.30
N PHE J 165 10.44 -31.54 -33.81
CA PHE J 165 10.48 -32.75 -33.00
C PHE J 165 11.85 -33.39 -33.09
N SER J 166 12.37 -33.77 -31.94
CA SER J 166 13.59 -34.56 -31.89
C SER J 166 13.58 -35.44 -30.65
N VAL J 167 14.58 -36.31 -30.56
CA VAL J 167 14.75 -37.18 -29.41
C VAL J 167 16.12 -36.90 -28.80
N ILE J 168 16.16 -36.84 -27.47
CA ILE J 168 17.38 -36.52 -26.75
C ILE J 168 17.65 -37.59 -25.70
N GLN J 169 18.71 -37.39 -24.90
CA GLN J 169 19.07 -38.31 -23.85
C GLN J 169 19.23 -39.71 -24.37
N ASN J 170 20.09 -39.86 -25.38
CA ASN J 170 20.40 -41.17 -25.94
C ASN J 170 19.14 -41.93 -26.28
N GLY J 171 18.23 -41.28 -27.01
CA GLY J 171 17.04 -41.95 -27.52
C GLY J 171 15.91 -42.16 -26.53
N ARG J 172 16.02 -41.64 -25.31
CA ARG J 172 15.08 -41.94 -24.23
C ARG J 172 13.91 -40.97 -24.12
N VAL J 173 14.14 -39.71 -24.52
CA VAL J 173 13.23 -38.61 -24.21
C VAL J 173 12.89 -37.81 -25.46
N ALA J 174 11.60 -37.64 -25.71
CA ALA J 174 11.12 -36.94 -26.88
C ALA J 174 10.95 -35.46 -26.56
N MSE J 175 11.29 -34.62 -27.53
CA MSE J 175 11.21 -33.16 -27.36
C MSE J 175 10.47 -32.53 -28.51
O MSE J 175 10.77 -32.80 -29.66
CB MSE J 175 12.62 -32.60 -27.36
CG MSE J 175 12.67 -31.10 -27.09
SE MSE J 175 14.57 -30.58 -26.94
CE MSE J 175 14.50 -28.64 -26.67
N GLY J 176 9.47 -31.73 -28.19
CA GLY J 176 8.65 -31.05 -29.20
C GLY J 176 7.38 -30.47 -28.62
N LYS J 177 6.49 -30.06 -29.50
CA LYS J 177 5.23 -29.48 -29.07
C LYS J 177 4.08 -30.48 -29.21
N ALA J 178 2.93 -30.09 -28.71
CA ALA J 178 1.67 -30.79 -28.91
C ALA J 178 1.58 -32.20 -28.33
N PHE J 179 2.49 -32.57 -27.43
CA PHE J 179 2.37 -33.85 -26.76
C PHE J 179 0.98 -33.96 -26.15
N ASP J 180 0.49 -32.86 -25.60
CA ASP J 180 -0.87 -32.75 -25.12
C ASP J 180 -1.74 -32.39 -26.31
N ASP J 181 -2.47 -33.35 -26.88
CA ASP J 181 -2.57 -34.73 -26.41
C ASP J 181 -2.42 -35.69 -27.58
N ARG J 182 -1.50 -35.37 -28.48
CA ARG J 182 -1.22 -36.22 -29.60
C ARG J 182 -0.47 -37.48 -29.17
N ILE J 183 0.23 -37.40 -28.04
CA ILE J 183 0.86 -38.60 -27.49
C ILE J 183 -0.21 -39.57 -27.01
N GLY J 184 -1.32 -39.06 -26.48
CA GLY J 184 -2.47 -39.91 -26.14
C GLY J 184 -3.10 -40.54 -27.38
N ALA J 185 -3.21 -39.76 -28.45
CA ALA J 185 -3.70 -40.27 -29.70
C ALA J 185 -2.74 -41.31 -30.23
N PHE J 186 -1.45 -41.04 -30.09
CA PHE J 186 -0.42 -41.96 -30.55
C PHE J 186 -0.55 -43.31 -29.85
N VAL J 187 -0.78 -43.29 -28.56
CA VAL J 187 -0.95 -44.50 -27.78
C VAL J 187 -2.14 -45.32 -28.25
N LEU J 188 -3.30 -44.71 -28.39
CA LEU J 188 -4.48 -45.46 -28.75
C LEU J 188 -4.37 -46.04 -30.17
N MSE J 189 -3.76 -45.27 -31.06
CA MSE J 189 -3.52 -45.75 -32.42
C MSE J 189 -2.57 -46.91 -32.43
O MSE J 189 -2.77 -47.87 -33.17
CB MSE J 189 -2.95 -44.63 -33.28
CG MSE J 189 -4.09 -43.71 -33.70
SE MSE J 189 -3.41 -42.40 -35.02
CE MSE J 189 -2.35 -41.24 -33.85
N GLU J 190 -1.50 -46.84 -31.64
CA GLU J 190 -0.53 -47.91 -31.59
C GLU J 190 -1.11 -49.15 -30.93
N ALA J 191 -1.99 -48.95 -29.95
CA ALA J 191 -2.64 -50.06 -29.29
C ALA J 191 -3.48 -50.83 -30.30
N ILE J 192 -4.32 -50.12 -31.04
CA ILE J 192 -5.16 -50.75 -32.04
C ILE J 192 -4.31 -51.43 -33.11
N ARG J 193 -3.25 -50.77 -33.57
CA ARG J 193 -2.39 -51.34 -34.59
C ARG J 193 -1.82 -52.66 -34.12
N ARG J 194 -1.26 -52.66 -32.92
CA ARG J 194 -0.62 -53.84 -32.38
C ARG J 194 -1.56 -55.00 -32.14
N MSE J 195 -2.79 -54.69 -31.76
CA MSE J 195 -3.79 -55.73 -31.53
C MSE J 195 -4.13 -56.44 -32.81
O MSE J 195 -4.30 -57.66 -32.81
CB MSE J 195 -5.01 -55.10 -30.88
CG MSE J 195 -4.64 -54.80 -29.44
SE MSE J 195 -6.21 -54.38 -28.33
CE MSE J 195 -7.48 -53.73 -29.69
N LYS J 196 -4.23 -55.68 -33.90
CA LYS J 196 -4.44 -56.31 -35.18
C LYS J 196 -3.21 -57.07 -35.65
N ASP J 197 -2.04 -56.43 -35.64
CA ASP J 197 -0.78 -57.06 -36.08
C ASP J 197 -0.44 -58.38 -35.39
N GLN J 198 -0.71 -58.47 -34.09
CA GLN J 198 -0.40 -59.69 -33.34
C GLN J 198 -1.64 -60.54 -33.05
N GLY J 199 -2.73 -60.26 -33.75
CA GLY J 199 -3.99 -60.99 -33.59
C GLY J 199 -4.46 -61.16 -32.16
N ILE J 200 -4.33 -60.11 -31.35
CA ILE J 200 -4.76 -60.16 -29.96
C ILE J 200 -6.27 -60.03 -29.88
N GLU J 201 -6.92 -61.00 -29.26
CA GLU J 201 -8.38 -61.02 -29.20
C GLU J 201 -8.86 -60.21 -28.02
N HIS J 202 -10.03 -59.60 -28.18
CA HIS J 202 -10.61 -58.76 -27.16
C HIS J 202 -12.14 -58.90 -27.16
N PRO J 203 -12.72 -59.20 -26.00
CA PRO J 203 -14.14 -59.50 -25.86
C PRO J 203 -15.04 -58.25 -25.90
N ASN J 204 -14.87 -57.44 -26.94
CA ASN J 204 -15.48 -56.12 -26.98
C ASN J 204 -15.17 -55.41 -28.27
N THR J 205 -15.84 -54.30 -28.49
CA THR J 205 -15.56 -53.42 -29.62
C THR J 205 -14.86 -52.17 -29.10
N VAL J 206 -13.76 -51.81 -29.76
CA VAL J 206 -12.92 -50.71 -29.32
C VAL J 206 -13.08 -49.50 -30.24
N TYR J 207 -13.42 -48.35 -29.67
CA TYR J 207 -13.53 -47.12 -30.43
C TYR J 207 -12.36 -46.23 -30.02
N GLY J 208 -11.38 -46.11 -30.91
CA GLY J 208 -10.21 -45.28 -30.64
C GLY J 208 -10.37 -43.92 -31.28
N SER J 209 -10.51 -42.91 -30.46
CA SER J 209 -10.99 -41.63 -30.95
C SER J 209 -9.98 -40.50 -30.81
N ALA J 210 -9.73 -39.81 -31.92
CA ALA J 210 -8.91 -38.63 -31.93
C ALA J 210 -9.81 -37.40 -31.88
N THR J 211 -10.14 -36.98 -30.66
CA THR J 211 -11.09 -35.89 -30.43
C THR J 211 -10.54 -34.52 -30.76
N VAL J 212 -11.44 -33.58 -31.02
CA VAL J 212 -11.08 -32.20 -31.31
C VAL J 212 -11.56 -31.27 -30.22
N GLN J 213 -10.99 -30.07 -30.19
CA GLN J 213 -11.43 -29.00 -29.32
C GLN J 213 -11.50 -29.32 -27.83
N GLU J 214 -10.57 -30.13 -27.32
CA GLU J 214 -10.46 -30.33 -25.86
C GLU J 214 -10.01 -29.06 -25.16
N GLU J 215 -9.01 -28.39 -25.73
CA GLU J 215 -8.33 -27.31 -25.04
C GLU J 215 -9.21 -26.08 -24.85
N VAL J 216 -10.35 -26.03 -25.54
CA VAL J 216 -11.28 -24.88 -25.43
C VAL J 216 -12.63 -25.23 -24.75
N GLY J 217 -12.77 -26.40 -24.14
CA GLY J 217 -14.00 -26.77 -23.44
C GLY J 217 -14.54 -28.18 -23.63
N LEU J 218 -13.67 -29.15 -23.90
CA LEU J 218 -14.05 -30.57 -24.02
C LEU J 218 -15.16 -30.79 -25.06
N ARG J 219 -15.09 -30.05 -26.15
CA ARG J 219 -16.21 -29.98 -27.08
C ARG J 219 -16.35 -31.24 -27.95
N GLY J 220 -15.25 -31.70 -28.53
CA GLY J 220 -15.28 -32.90 -29.34
C GLY J 220 -15.62 -34.17 -28.58
N ALA J 221 -15.22 -34.22 -27.31
CA ALA J 221 -15.53 -35.35 -26.44
C ALA J 221 -17.04 -35.54 -26.25
N GLN J 222 -17.76 -34.44 -26.05
CA GLN J 222 -19.20 -34.50 -25.86
C GLN J 222 -19.92 -35.11 -27.06
N THR J 223 -19.56 -34.61 -28.24
CA THR J 223 -20.18 -35.03 -29.48
C THR J 223 -19.73 -36.43 -29.93
N THR J 224 -18.47 -36.79 -29.67
CA THR J 224 -17.98 -38.14 -29.96
C THR J 224 -18.62 -39.17 -29.03
N ALA J 225 -18.78 -38.82 -27.76
CA ALA J 225 -19.49 -39.68 -26.81
C ALA J 225 -20.93 -39.97 -27.27
N HIS J 226 -21.59 -38.94 -27.79
CA HIS J 226 -22.92 -39.10 -28.34
C HIS J 226 -22.94 -40.13 -29.46
N VAL J 227 -21.99 -40.01 -30.38
CA VAL J 227 -21.91 -40.90 -31.55
C VAL J 227 -21.68 -42.36 -31.13
N VAL J 228 -20.80 -42.57 -30.16
CA VAL J 228 -20.34 -43.91 -29.81
C VAL J 228 -21.25 -44.68 -28.85
N ASP J 229 -21.86 -43.99 -27.87
CA ASP J 229 -22.64 -44.65 -26.80
C ASP J 229 -21.78 -45.68 -26.04
N PRO J 230 -20.70 -45.22 -25.39
CA PRO J 230 -19.74 -46.15 -24.79
C PRO J 230 -20.21 -46.72 -23.46
N ASP J 231 -19.77 -47.94 -23.16
CA ASP J 231 -20.07 -48.62 -21.90
C ASP J 231 -18.95 -48.42 -20.87
N VAL J 232 -17.75 -48.14 -21.34
CA VAL J 232 -16.63 -47.80 -20.49
C VAL J 232 -15.64 -46.94 -21.28
N ALA J 233 -14.95 -46.02 -20.62
CA ALA J 233 -14.04 -45.13 -21.32
C ALA J 233 -12.65 -45.05 -20.69
N LEU J 234 -11.64 -45.10 -21.54
CA LEU J 234 -10.26 -44.87 -21.13
C LEU J 234 -9.78 -43.62 -21.83
N VAL J 235 -9.63 -42.55 -21.09
CA VAL J 235 -9.13 -41.32 -21.66
C VAL J 235 -7.64 -41.22 -21.46
N LEU J 236 -6.93 -40.94 -22.53
CA LEU J 236 -5.48 -40.81 -22.50
C LEU J 236 -5.10 -39.35 -22.57
N GLU J 237 -4.31 -38.90 -21.61
CA GLU J 237 -3.93 -37.51 -21.52
C GLU J 237 -2.47 -37.44 -21.09
N VAL J 238 -1.98 -36.22 -20.96
CA VAL J 238 -0.70 -35.98 -20.35
C VAL J 238 -0.93 -35.60 -18.90
N ASP J 239 0.10 -35.76 -18.09
CA ASP J 239 0.07 -35.34 -16.70
C ASP J 239 1.17 -34.30 -16.58
N ILE J 240 0.92 -33.27 -15.77
CA ILE J 240 1.95 -32.31 -15.49
C ILE J 240 2.97 -33.02 -14.61
N ALA J 241 4.21 -33.09 -15.08
CA ALA J 241 5.24 -33.81 -14.36
C ALA J 241 5.97 -32.90 -13.41
N GLY J 242 5.94 -33.24 -12.12
CA GLY J 242 6.61 -32.47 -11.07
C GLY J 242 8.04 -32.93 -10.81
N ASP J 243 8.91 -32.73 -11.79
CA ASP J 243 10.33 -33.11 -11.67
C ASP J 243 11.18 -31.89 -11.35
N VAL J 244 10.55 -30.72 -11.31
CA VAL J 244 11.25 -29.44 -11.18
C VAL J 244 11.47 -29.06 -9.70
N PRO J 245 12.65 -28.48 -9.36
CA PRO J 245 13.01 -28.14 -7.96
C PRO J 245 12.11 -27.08 -7.34
N PRO J 249 5.77 -31.07 -5.17
CA PRO J 249 5.56 -32.50 -4.75
C PRO J 249 4.09 -33.05 -4.66
N HIS J 250 3.34 -32.78 -3.59
CA HIS J 250 1.95 -33.23 -3.47
C HIS J 250 1.02 -32.64 -4.54
N GLU J 251 1.40 -31.49 -5.07
CA GLU J 251 0.62 -30.83 -6.14
C GLU J 251 0.84 -31.48 -7.54
N ALA J 252 2.01 -32.12 -7.74
CA ALA J 252 2.33 -32.84 -8.99
C ALA J 252 3.06 -34.12 -8.64
N LEU J 253 2.28 -35.17 -8.43
CA LEU J 253 2.81 -36.44 -7.98
C LEU J 253 3.68 -37.17 -9.01
N THR J 254 3.41 -36.98 -10.30
CA THR J 254 4.05 -37.83 -11.33
C THR J 254 5.44 -37.38 -11.71
N LYS J 255 6.28 -38.35 -12.05
CA LYS J 255 7.64 -38.12 -12.49
C LYS J 255 7.88 -38.74 -13.85
N MSE J 256 8.58 -38.03 -14.71
CA MSE J 256 8.86 -38.54 -16.04
C MSE J 256 9.80 -39.71 -15.89
O MSE J 256 10.83 -39.61 -15.22
CB MSE J 256 9.47 -37.45 -16.90
CG MSE J 256 9.70 -37.89 -18.33
SE MSE J 256 10.72 -36.52 -19.32
CE MSE J 256 12.54 -36.76 -18.59
N GLY J 257 9.44 -40.82 -16.51
CA GLY J 257 10.26 -42.04 -16.49
C GLY J 257 9.89 -43.08 -15.45
N LYS J 258 8.97 -42.75 -14.57
CA LYS J 258 8.51 -43.67 -13.53
C LYS J 258 7.17 -44.32 -13.86
N GLY J 259 6.74 -44.22 -15.12
CA GLY J 259 5.59 -44.99 -15.62
C GLY J 259 4.37 -44.15 -15.87
N PRO J 260 3.37 -44.70 -16.58
CA PRO J 260 2.16 -43.94 -16.82
C PRO J 260 1.43 -43.65 -15.54
N GLY J 261 0.58 -42.65 -15.58
CA GLY J 261 -0.17 -42.24 -14.40
C GLY J 261 -1.60 -42.71 -14.48
N LEU J 262 -2.25 -42.76 -13.32
CA LEU J 262 -3.67 -43.01 -13.24
C LEU J 262 -4.26 -41.91 -12.39
N VAL J 263 -5.25 -41.22 -12.95
CA VAL J 263 -5.82 -40.07 -12.27
C VAL J 263 -6.92 -40.52 -11.33
N THR J 264 -6.72 -40.24 -10.05
CA THR J 264 -7.64 -40.64 -8.99
C THR J 264 -8.67 -39.56 -8.65
N TYR J 265 -8.40 -38.34 -9.12
CA TYR J 265 -9.35 -37.24 -8.97
C TYR J 265 -8.93 -36.09 -9.85
N ASP J 266 -9.91 -35.46 -10.51
CA ASP J 266 -9.66 -34.19 -11.17
C ASP J 266 -10.91 -33.32 -11.11
N ARG J 267 -10.76 -32.05 -11.44
CA ARG J 267 -11.84 -31.07 -11.35
C ARG J 267 -13.06 -31.45 -12.22
N SER J 268 -12.83 -32.14 -13.35
CA SER J 268 -13.89 -32.55 -14.26
C SER J 268 -14.56 -33.90 -13.94
N MSE J 269 -13.92 -34.74 -13.12
CA MSE J 269 -14.44 -36.08 -12.83
C MSE J 269 -13.77 -36.77 -11.67
O MSE J 269 -12.54 -36.73 -11.50
CB MSE J 269 -14.22 -36.97 -14.07
CG MSE J 269 -14.70 -38.40 -13.80
SE MSE J 269 -14.36 -39.60 -15.31
CE MSE J 269 -12.44 -39.94 -15.06
N ILE J 270 -14.58 -37.46 -10.85
CA ILE J 270 -14.11 -38.46 -9.91
C ILE J 270 -14.31 -39.83 -10.54
N PRO J 271 -13.22 -40.58 -10.78
CA PRO J 271 -13.38 -41.80 -11.55
C PRO J 271 -14.27 -42.83 -10.87
N ASN J 272 -14.88 -43.71 -11.67
CA ASN J 272 -15.56 -44.90 -11.16
C ASN J 272 -14.56 -45.71 -10.35
N GLN J 273 -14.93 -46.04 -9.13
CA GLN J 273 -13.97 -46.65 -8.22
C GLN J 273 -13.63 -48.11 -8.55
N PRO J 274 -14.63 -48.96 -8.85
CA PRO J 274 -14.31 -50.31 -9.36
C PRO J 274 -13.38 -50.33 -10.57
N LEU J 275 -13.58 -49.42 -11.51
CA LEU J 275 -12.73 -49.31 -12.69
C LEU J 275 -11.32 -48.87 -12.33
N LYS J 276 -11.22 -47.94 -11.38
CA LYS J 276 -9.90 -47.52 -10.90
C LYS J 276 -9.14 -48.70 -10.32
N GLU J 277 -9.80 -49.48 -9.46
CA GLU J 277 -9.16 -50.63 -8.82
C GLU J 277 -8.76 -51.65 -9.86
N PHE J 278 -9.60 -51.82 -10.87
CA PHE J 278 -9.33 -52.73 -11.97
C PHE J 278 -8.03 -52.39 -12.68
N VAL J 279 -7.86 -51.12 -13.02
CA VAL J 279 -6.65 -50.69 -13.72
C VAL J 279 -5.41 -50.88 -12.84
N ILE J 280 -5.50 -50.51 -11.58
CA ILE J 280 -4.38 -50.68 -10.65
C ILE J 280 -3.94 -52.15 -10.60
N ASN J 281 -4.91 -53.06 -10.58
CA ASN J 281 -4.61 -54.50 -10.49
C ASN J 281 -4.07 -55.06 -11.78
N VAL J 282 -4.67 -54.68 -12.90
CA VAL J 282 -4.18 -55.13 -14.19
C VAL J 282 -2.72 -54.72 -14.35
N ALA J 283 -2.40 -53.49 -13.94
CA ALA J 283 -1.04 -52.98 -14.06
C ALA J 283 -0.07 -53.73 -13.16
N LYS J 284 -0.49 -53.99 -11.93
CA LYS J 284 0.34 -54.74 -10.97
C LYS J 284 0.62 -56.15 -11.46
N GLN J 285 -0.42 -56.81 -11.95
CA GLN J 285 -0.35 -58.16 -12.48
C GLN J 285 0.55 -58.23 -13.72
N ALA J 286 0.45 -57.23 -14.58
CA ALA J 286 1.29 -57.16 -15.78
C ALA J 286 2.67 -56.53 -15.52
N GLN J 287 2.94 -56.17 -14.26
CA GLN J 287 4.21 -55.57 -13.84
C GLN J 287 4.55 -54.27 -14.57
N ILE J 288 3.52 -53.49 -14.83
CA ILE J 288 3.70 -52.20 -15.48
C ILE J 288 3.66 -51.13 -14.40
N PRO J 289 4.75 -50.36 -14.26
CA PRO J 289 4.76 -49.32 -13.24
C PRO J 289 3.66 -48.28 -13.49
N LEU J 290 3.01 -47.83 -12.42
CA LEU J 290 1.84 -47.00 -12.53
C LEU J 290 1.81 -45.98 -11.40
N GLN J 291 1.75 -44.69 -11.73
CA GLN J 291 1.83 -43.64 -10.72
C GLN J 291 0.45 -43.09 -10.41
N LEU J 292 0.03 -43.18 -9.16
CA LEU J 292 -1.22 -42.55 -8.76
C LEU J 292 -1.09 -41.04 -8.80
N SER J 293 -2.02 -40.40 -9.49
CA SER J 293 -1.97 -38.97 -9.76
C SER J 293 -3.28 -38.27 -9.42
N GLN J 294 -3.22 -36.96 -9.27
CA GLN J 294 -4.39 -36.17 -8.99
C GLN J 294 -4.22 -34.80 -9.58
N MSE J 295 -5.16 -34.33 -10.40
CA MSE J 295 -5.08 -32.99 -10.99
C MSE J 295 -6.14 -32.10 -10.37
O MSE J 295 -7.21 -31.92 -10.93
CB MSE J 295 -5.20 -33.05 -12.52
CG MSE J 295 -4.43 -34.22 -13.16
SE MSE J 295 -4.93 -34.47 -15.08
CE MSE J 295 -3.61 -35.82 -15.55
N SER J 296 -5.81 -31.55 -9.21
CA SER J 296 -6.66 -30.57 -8.49
C SER J 296 -7.36 -29.48 -9.35
N GLY J 297 -6.66 -28.95 -10.35
CA GLY J 297 -7.18 -27.84 -11.15
C GLY J 297 -7.05 -27.99 -12.66
N GLY J 298 -7.53 -29.11 -13.18
CA GLY J 298 -7.57 -29.31 -14.61
C GLY J 298 -8.61 -30.33 -14.95
N GLY J 299 -9.00 -30.40 -16.22
CA GLY J 299 -9.98 -31.39 -16.68
C GLY J 299 -9.55 -32.12 -17.93
N THR J 300 -10.39 -33.06 -18.36
CA THR J 300 -10.09 -33.98 -19.47
C THR J 300 -11.34 -34.26 -20.29
N ASP J 301 -11.15 -34.86 -21.47
CA ASP J 301 -12.28 -35.33 -22.29
C ASP J 301 -13.25 -36.16 -21.42
N ALA J 302 -12.73 -36.85 -20.42
CA ALA J 302 -13.55 -37.70 -19.53
C ALA J 302 -14.65 -36.92 -18.83
N GLY J 303 -14.40 -35.64 -18.57
CA GLY J 303 -15.36 -34.76 -17.93
C GLY J 303 -16.69 -34.77 -18.64
N ARG J 304 -16.67 -34.92 -19.98
CA ARG J 304 -17.89 -34.99 -20.80
C ARG J 304 -18.34 -36.42 -21.10
N ILE J 305 -17.38 -37.29 -21.39
CA ILE J 305 -17.66 -38.67 -21.74
C ILE J 305 -18.43 -39.41 -20.64
N HIS J 306 -18.00 -39.24 -19.38
CA HIS J 306 -18.58 -40.00 -18.26
C HIS J 306 -19.98 -39.54 -17.92
N MSE J 307 -20.41 -38.44 -18.52
CA MSE J 307 -21.74 -37.89 -18.32
C MSE J 307 -22.66 -38.13 -19.48
O MSE J 307 -23.78 -37.62 -19.50
CB MSE J 307 -21.59 -36.40 -18.23
CG MSE J 307 -20.47 -36.01 -17.29
SE MSE J 307 -21.27 -35.18 -15.70
CE MSE J 307 -20.98 -33.28 -16.19
N ASN J 308 -22.20 -38.92 -20.44
CA ASN J 308 -23.01 -39.24 -21.60
C ASN J 308 -24.20 -40.11 -21.25
N ARG J 309 -25.38 -39.71 -21.71
CA ARG J 309 -26.63 -40.44 -21.48
C ARG J 309 -26.85 -40.71 -19.98
N ALA J 310 -26.77 -41.97 -19.56
CA ALA J 310 -27.03 -42.37 -18.18
C ALA J 310 -25.74 -42.43 -17.36
N GLY J 311 -24.62 -42.11 -18.00
CA GLY J 311 -23.33 -42.16 -17.37
C GLY J 311 -22.49 -43.22 -18.03
N CYS J 312 -21.18 -43.11 -17.85
CA CYS J 312 -20.25 -44.06 -18.42
C CYS J 312 -19.04 -44.15 -17.51
N PRO J 313 -18.75 -45.33 -16.94
CA PRO J 313 -17.57 -45.44 -16.09
C PRO J 313 -16.30 -45.12 -16.88
N SER J 314 -15.47 -44.23 -16.34
CA SER J 314 -14.30 -43.77 -17.06
C SER J 314 -13.14 -43.58 -16.13
N VAL J 315 -11.97 -43.58 -16.71
CA VAL J 315 -10.76 -43.36 -15.97
C VAL J 315 -9.75 -42.66 -16.87
N VAL J 316 -8.91 -41.80 -16.32
CA VAL J 316 -7.89 -41.13 -17.12
C VAL J 316 -6.52 -41.76 -16.87
N ILE J 317 -5.86 -42.14 -17.96
CA ILE J 317 -4.50 -42.69 -17.92
C ILE J 317 -3.56 -41.74 -18.61
N THR J 318 -2.42 -41.46 -18.00
CA THR J 318 -1.59 -40.32 -18.41
C THR J 318 -0.15 -40.64 -18.66
N ILE J 319 0.46 -39.90 -19.57
CA ILE J 319 1.90 -39.92 -19.73
C ILE J 319 2.49 -38.64 -19.12
N PRO J 320 3.35 -38.79 -18.11
CA PRO J 320 3.94 -37.59 -17.52
C PRO J 320 4.77 -36.85 -18.53
N THR J 321 4.51 -35.56 -18.63
CA THR J 321 5.10 -34.68 -19.63
C THR J 321 5.53 -33.42 -18.94
N ARG J 322 6.72 -32.94 -19.27
CA ARG J 322 7.22 -31.69 -18.72
C ARG J 322 6.93 -30.53 -19.67
N HIS J 323 6.49 -29.40 -19.14
CA HIS J 323 6.26 -28.17 -19.91
C HIS J 323 5.18 -28.29 -20.99
N ILE J 324 4.01 -28.78 -20.59
CA ILE J 324 2.85 -28.77 -21.51
C ILE J 324 2.30 -27.36 -21.67
N HIS J 325 1.40 -27.17 -22.63
CA HIS J 325 0.85 -25.84 -22.94
C HIS J 325 1.95 -24.80 -23.13
N SER J 326 3.02 -25.20 -23.81
CA SER J 326 4.14 -24.32 -24.12
C SER J 326 4.77 -24.77 -25.44
N HIS J 327 5.74 -24.02 -25.96
CA HIS J 327 6.31 -24.34 -27.27
C HIS J 327 6.99 -25.68 -27.32
N VAL J 328 7.62 -26.08 -26.22
CA VAL J 328 8.39 -27.29 -26.22
C VAL J 328 8.30 -28.03 -24.90
N GLY J 329 8.05 -29.32 -24.98
CA GLY J 329 7.86 -30.14 -23.80
C GLY J 329 8.69 -31.41 -23.94
N LEU J 330 8.77 -32.20 -22.88
CA LEU J 330 9.55 -33.44 -22.88
C LEU J 330 8.72 -34.56 -22.31
N LEU J 331 8.82 -35.76 -22.90
CA LEU J 331 8.25 -36.94 -22.28
C LEU J 331 9.12 -38.16 -22.51
N SER J 332 8.87 -39.20 -21.73
CA SER J 332 9.67 -40.45 -21.80
C SER J 332 9.06 -41.45 -22.78
N LEU J 333 9.87 -41.95 -23.71
CA LEU J 333 9.40 -42.97 -24.65
C LEU J 333 9.10 -44.29 -23.96
N LYS J 334 9.80 -44.55 -22.85
CA LYS J 334 9.55 -45.71 -22.04
C LYS J 334 8.17 -45.65 -21.37
N ASP J 335 7.82 -44.50 -20.79
CA ASP J 335 6.48 -44.31 -20.21
C ASP J 335 5.40 -44.55 -21.26
N THR J 336 5.64 -44.01 -22.46
CA THR J 336 4.71 -44.14 -23.57
C THR J 336 4.49 -45.60 -23.94
N GLU J 337 5.59 -46.33 -24.09
CA GLU J 337 5.53 -47.74 -24.39
C GLU J 337 4.69 -48.50 -23.35
N ASN J 338 4.94 -48.21 -22.07
CA ASN J 338 4.19 -48.84 -20.99
C ASN J 338 2.71 -48.47 -20.99
N ALA J 339 2.39 -47.25 -21.39
CA ALA J 339 1.00 -46.87 -21.52
C ALA J 339 0.33 -47.70 -22.60
N ILE J 340 1.04 -47.94 -23.70
CA ILE J 340 0.51 -48.78 -24.75
C ILE J 340 0.29 -50.19 -24.23
N ARG J 341 1.29 -50.74 -23.56
CA ARG J 341 1.16 -52.07 -22.98
C ARG J 341 -0.04 -52.15 -22.07
N LEU J 342 -0.18 -51.16 -21.20
CA LEU J 342 -1.23 -51.17 -20.21
C LEU J 342 -2.61 -51.17 -20.84
N VAL J 343 -2.81 -50.32 -21.85
CA VAL J 343 -4.15 -50.19 -22.48
C VAL J 343 -4.53 -51.51 -23.14
N ILE J 344 -3.56 -52.19 -23.75
CA ILE J 344 -3.81 -53.49 -24.35
C ILE J 344 -4.28 -54.51 -23.31
N GLU J 345 -3.55 -54.62 -22.20
CA GLU J 345 -3.94 -55.54 -21.13
C GLU J 345 -5.34 -55.25 -20.61
N LEU J 346 -5.70 -53.97 -20.52
CA LEU J 346 -7.03 -53.60 -20.04
C LEU J 346 -8.07 -54.08 -21.01
N ILE J 347 -7.87 -53.75 -22.28
CA ILE J 347 -8.83 -54.12 -23.33
C ILE J 347 -9.03 -55.63 -23.43
N LYS J 348 -7.95 -56.40 -23.30
CA LYS J 348 -8.03 -57.85 -23.27
C LYS J 348 -9.05 -58.35 -22.24
N ARG J 349 -9.09 -57.68 -21.08
CA ARG J 349 -9.88 -58.15 -19.92
C ARG J 349 -11.24 -57.47 -19.72
N LEU J 350 -11.56 -56.49 -20.54
CA LEU J 350 -12.81 -55.76 -20.36
C LEU J 350 -13.96 -56.44 -21.10
N ASP J 351 -14.41 -57.57 -20.58
CA ASP J 351 -15.57 -58.27 -21.14
C ASP J 351 -16.87 -57.68 -20.56
N LEU J 352 -18.02 -58.12 -21.09
CA LEU J 352 -19.31 -57.58 -20.67
C LEU J 352 -19.54 -57.74 -19.16
N GLU J 353 -19.15 -58.87 -18.61
CA GLU J 353 -19.41 -59.14 -17.19
C GLU J 353 -18.61 -58.21 -16.26
N THR J 354 -17.32 -58.04 -16.54
CA THR J 354 -16.45 -57.14 -15.77
C THR J 354 -16.97 -55.72 -15.79
N VAL J 355 -17.40 -55.28 -16.97
CA VAL J 355 -17.89 -53.91 -17.17
C VAL J 355 -19.22 -53.63 -16.47
N GLU J 356 -20.15 -54.59 -16.50
CA GLU J 356 -21.40 -54.43 -15.75
C GLU J 356 -21.13 -54.43 -14.25
N GLY J 357 -20.08 -55.14 -13.82
CA GLY J 357 -19.65 -55.15 -12.42
C GLY J 357 -19.11 -53.84 -11.88
N PHE J 358 -18.81 -52.89 -12.76
CA PHE J 358 -18.34 -51.57 -12.35
C PHE J 358 -19.46 -50.65 -11.88
N THR J 359 -20.69 -50.97 -12.27
CA THR J 359 -21.84 -50.14 -11.97
C THR J 359 -22.81 -50.92 -11.08
N SER K 1 29.42 -19.10 -56.86
CA SER K 1 28.73 -17.77 -56.75
C SER K 1 29.07 -17.06 -55.42
N ASN K 2 29.33 -15.76 -55.52
CA ASN K 2 29.63 -14.90 -54.36
C ASN K 2 28.41 -14.54 -53.50
N ALA K 3 27.29 -14.25 -54.14
CA ALA K 3 26.00 -14.06 -53.46
C ALA K 3 25.58 -15.30 -52.63
N ASP K 4 25.86 -16.49 -53.16
CA ASP K 4 25.70 -17.75 -52.42
C ASP K 4 26.65 -17.81 -51.23
N LYS K 5 27.93 -17.60 -51.52
CA LYS K 5 28.97 -17.64 -50.49
C LYS K 5 28.75 -16.63 -49.37
N SER K 6 28.20 -15.46 -49.72
CA SER K 6 27.82 -14.45 -48.74
C SER K 6 26.69 -14.90 -47.83
N MSE K 7 25.63 -15.42 -48.43
CA MSE K 7 24.49 -15.92 -47.67
C MSE K 7 24.86 -17.12 -46.87
O MSE K 7 24.33 -17.33 -45.79
CB MSE K 7 23.30 -16.21 -48.57
CG MSE K 7 22.66 -14.92 -49.04
SE MSE K 7 22.04 -13.77 -47.53
CE MSE K 7 20.82 -15.11 -46.74
N GLU K 8 25.77 -17.95 -47.38
CA GLU K 8 26.25 -19.09 -46.64
C GLU K 8 27.08 -18.68 -45.43
N LEU K 9 27.84 -17.61 -45.58
CA LEU K 9 28.56 -17.05 -44.47
C LEU K 9 27.58 -16.52 -43.42
N MSE K 10 26.62 -15.70 -43.87
CA MSE K 10 25.62 -15.14 -42.96
C MSE K 10 24.99 -16.24 -42.16
O MSE K 10 25.00 -16.20 -40.94
CB MSE K 10 24.57 -14.31 -43.68
CG MSE K 10 23.91 -13.37 -42.67
SE MSE K 10 22.43 -12.33 -43.44
CE MSE K 10 23.56 -11.06 -44.43
N LYS K 11 24.46 -17.25 -42.83
CA LYS K 11 23.83 -18.38 -42.15
C LYS K 11 24.76 -19.01 -41.11
N THR K 12 25.98 -19.28 -41.52
CA THR K 12 26.92 -19.98 -40.67
C THR K 12 27.26 -19.18 -39.42
N LEU K 13 27.43 -17.87 -39.60
CA LEU K 13 27.68 -16.96 -38.47
C LEU K 13 26.54 -16.93 -37.46
N MSE K 14 25.33 -16.67 -37.94
CA MSE K 14 24.18 -16.57 -37.05
C MSE K 14 23.86 -17.88 -36.40
O MSE K 14 23.20 -17.90 -35.36
CB MSE K 14 22.95 -16.13 -37.79
CG MSE K 14 23.05 -14.79 -38.53
SE MSE K 14 24.14 -13.44 -37.62
CE MSE K 14 24.93 -12.60 -39.22
N GLU K 15 24.29 -19.00 -36.99
CA GLU K 15 24.02 -20.32 -36.40
C GLU K 15 25.16 -20.86 -35.54
N ALA K 16 26.34 -20.22 -35.63
CA ALA K 16 27.51 -20.62 -34.85
C ALA K 16 27.32 -20.45 -33.36
N PHE K 17 28.08 -21.24 -32.61
CA PHE K 17 28.13 -21.16 -31.15
C PHE K 17 29.21 -20.15 -30.74
N GLY K 18 28.81 -19.06 -30.07
CA GLY K 18 29.81 -18.10 -29.58
C GLY K 18 29.36 -17.04 -28.60
N PRO K 19 29.01 -17.42 -27.37
CA PRO K 19 28.62 -16.46 -26.35
C PRO K 19 29.84 -15.74 -25.79
N SER K 20 29.64 -14.64 -25.07
CA SER K 20 30.76 -13.84 -24.55
C SER K 20 31.73 -14.72 -23.78
N GLY K 21 33.02 -14.64 -24.15
CA GLY K 21 34.07 -15.47 -23.54
C GLY K 21 34.38 -16.78 -24.26
N PHE K 22 33.51 -17.17 -25.17
CA PHE K 22 33.65 -18.45 -25.87
C PHE K 22 33.43 -18.30 -27.38
N GLU K 23 34.15 -17.39 -28.00
CA GLU K 23 33.86 -17.00 -29.37
C GLU K 23 34.73 -17.68 -30.40
N ARG K 24 35.47 -18.70 -30.00
CA ARG K 24 36.51 -19.25 -30.89
C ARG K 24 35.95 -19.90 -32.17
N GLU K 25 34.86 -20.65 -32.05
CA GLU K 25 34.21 -21.27 -33.21
C GLU K 25 33.82 -20.23 -34.25
N VAL K 26 33.30 -19.09 -33.80
CA VAL K 26 32.81 -18.05 -34.70
C VAL K 26 33.96 -17.31 -35.35
N ASN K 27 35.01 -17.05 -34.58
CA ASN K 27 36.14 -16.34 -35.12
C ASN K 27 36.95 -17.20 -36.06
N ALA K 28 36.86 -18.53 -35.89
CA ALA K 28 37.43 -19.49 -36.83
C ALA K 28 36.74 -19.40 -38.17
N ILE K 29 35.43 -19.27 -38.14
CA ILE K 29 34.63 -19.11 -39.36
C ILE K 29 35.04 -17.83 -40.12
N CYS K 30 35.30 -16.78 -39.35
CA CYS K 30 35.72 -15.50 -39.92
C CYS K 30 37.11 -15.63 -40.55
N LYS K 31 38.04 -16.27 -39.87
CA LYS K 31 39.40 -16.46 -40.40
C LYS K 31 39.37 -17.23 -41.71
N GLU K 32 38.55 -18.29 -41.76
CA GLU K 32 38.47 -19.11 -42.93
C GLU K 32 37.92 -18.36 -44.15
N TYR K 33 36.83 -17.63 -43.94
CA TYR K 33 36.24 -16.84 -45.02
C TYR K 33 37.20 -15.79 -45.56
N MSE K 34 38.03 -15.24 -44.68
CA MSE K 34 38.92 -14.14 -45.04
C MSE K 34 40.31 -14.54 -45.47
O MSE K 34 41.07 -13.66 -45.87
CB MSE K 34 39.04 -13.21 -43.85
CG MSE K 34 37.71 -12.53 -43.55
SE MSE K 34 37.37 -11.05 -44.80
CE MSE K 34 35.85 -11.46 -45.93
N GLU K 35 40.66 -15.82 -45.41
CA GLU K 35 42.01 -16.25 -45.84
C GLU K 35 42.42 -15.66 -47.18
N PRO K 36 41.55 -15.77 -48.20
CA PRO K 36 41.94 -15.24 -49.50
C PRO K 36 41.85 -13.72 -49.69
N TYR K 37 41.37 -12.98 -48.69
CA TYR K 37 41.12 -11.54 -48.88
C TYR K 37 41.93 -10.58 -48.00
N ALA K 38 42.44 -11.04 -46.86
CA ALA K 38 43.18 -10.17 -45.96
C ALA K 38 44.66 -10.28 -46.23
N ASP K 39 45.35 -9.16 -46.18
CA ASP K 39 46.78 -9.13 -46.39
C ASP K 39 47.53 -9.66 -45.17
N GLU K 40 46.91 -9.59 -44.00
CA GLU K 40 47.54 -10.03 -42.75
C GLU K 40 46.45 -10.20 -41.69
N VAL K 41 46.73 -11.01 -40.67
CA VAL K 41 45.78 -11.23 -39.57
C VAL K 41 46.47 -11.05 -38.21
N VAL K 42 45.96 -10.13 -37.40
CA VAL K 42 46.51 -9.94 -36.03
C VAL K 42 45.41 -10.24 -35.02
N VAL K 43 45.81 -10.63 -33.81
CA VAL K 43 44.85 -11.02 -32.77
C VAL K 43 45.17 -10.31 -31.47
N ASP K 44 44.18 -10.23 -30.59
CA ASP K 44 44.45 -9.87 -29.20
C ASP K 44 44.38 -11.16 -28.37
N LYS K 45 44.82 -11.09 -27.13
CA LYS K 45 44.91 -12.28 -26.29
C LYS K 45 43.57 -12.67 -25.68
N LEU K 46 42.56 -11.84 -25.84
CA LEU K 46 41.21 -12.20 -25.43
C LEU K 46 40.50 -13.06 -26.46
N GLY K 47 40.96 -13.04 -27.70
CA GLY K 47 40.34 -13.82 -28.77
C GLY K 47 39.83 -13.02 -29.96
N SER K 48 39.98 -11.70 -29.96
CA SER K 48 39.58 -10.88 -31.11
C SER K 48 40.52 -11.15 -32.25
N VAL K 49 39.97 -11.43 -33.43
CA VAL K 49 40.77 -11.47 -34.64
C VAL K 49 40.51 -10.24 -35.50
N THR K 50 41.57 -9.74 -36.11
CA THR K 50 41.55 -8.51 -36.87
C THR K 50 42.24 -8.72 -38.24
N PHE K 51 41.57 -8.29 -39.30
CA PHE K 51 42.01 -8.51 -40.67
C PHE K 51 42.46 -7.21 -41.26
N ILE K 52 43.68 -7.20 -41.81
CA ILE K 52 44.29 -5.99 -42.33
C ILE K 52 44.26 -6.00 -43.85
N ALA K 53 43.73 -4.92 -44.41
CA ALA K 53 43.85 -4.65 -45.84
C ALA K 53 44.82 -3.45 -45.98
N LYS K 54 46.00 -3.73 -46.54
CA LYS K 54 47.09 -2.75 -46.58
C LYS K 54 46.88 -1.63 -47.61
N GLY K 55 47.47 -0.49 -47.28
CA GLY K 55 47.52 0.68 -48.16
C GLY K 55 48.57 1.56 -47.50
N ASN K 56 48.27 2.84 -47.36
CA ASN K 56 49.23 3.74 -46.71
C ASN K 56 49.34 3.44 -45.22
N ASP K 57 50.56 3.36 -44.70
CA ASP K 57 50.84 3.14 -43.27
C ASP K 57 49.83 3.84 -42.35
N ARG K 58 49.56 5.11 -42.70
CA ARG K 58 48.65 5.97 -41.94
C ARG K 58 47.77 6.75 -42.95
N PRO K 59 46.51 7.04 -42.63
CA PRO K 59 45.86 6.69 -41.36
C PRO K 59 45.41 5.24 -41.22
N ARG K 60 45.35 4.77 -39.99
CA ARG K 60 44.78 3.46 -39.69
C ARG K 60 43.28 3.58 -39.38
N ILE K 61 42.46 2.90 -40.20
CA ILE K 61 41.01 2.84 -39.99
C ILE K 61 40.68 1.55 -39.27
N LEU K 62 40.04 1.66 -38.11
CA LEU K 62 39.56 0.48 -37.41
C LEU K 62 38.07 0.32 -37.61
N MSE K 63 37.65 -0.79 -38.21
CA MSE K 63 36.25 -1.17 -38.23
C MSE K 63 36.06 -2.32 -37.30
O MSE K 63 36.82 -3.28 -37.34
CB MSE K 63 35.81 -1.67 -39.59
CG MSE K 63 35.78 -0.57 -40.64
SE MSE K 63 34.69 -1.25 -42.15
CE MSE K 63 36.02 -2.48 -42.95
N ALA K 64 35.05 -2.25 -36.45
CA ALA K 64 34.86 -3.29 -35.45
C ALA K 64 33.41 -3.73 -35.38
N GLY K 65 33.21 -5.04 -35.32
CA GLY K 65 31.91 -5.62 -35.02
C GLY K 65 32.10 -6.80 -34.10
N HIS K 66 31.41 -6.85 -32.97
CA HIS K 66 31.64 -7.92 -32.02
C HIS K 66 30.95 -9.23 -32.43
N THR K 67 31.67 -10.34 -32.30
CA THR K 67 31.14 -11.64 -32.65
C THR K 67 30.58 -12.43 -31.49
N ASP K 68 30.76 -11.93 -30.27
CA ASP K 68 30.11 -12.57 -29.14
C ASP K 68 28.62 -12.26 -29.18
N GLU K 69 27.83 -13.22 -28.70
CA GLU K 69 26.38 -13.09 -28.58
C GLU K 69 25.98 -13.25 -27.13
N VAL K 70 24.84 -12.69 -26.78
CA VAL K 70 24.35 -12.91 -25.45
C VAL K 70 24.12 -14.39 -25.30
N GLY K 71 24.35 -14.90 -24.11
CA GLY K 71 24.22 -16.31 -23.82
C GLY K 71 24.10 -16.58 -22.32
N PHE K 72 24.48 -17.79 -21.90
CA PHE K 72 24.42 -18.17 -20.51
C PHE K 72 25.58 -19.08 -20.18
N ILE K 73 25.72 -19.41 -18.91
CA ILE K 73 26.78 -20.27 -18.45
C ILE K 73 26.25 -21.11 -17.30
N VAL K 74 26.67 -22.36 -17.24
CA VAL K 74 26.16 -23.27 -16.24
C VAL K 74 26.73 -22.88 -14.88
N SER K 75 25.84 -22.68 -13.91
CA SER K 75 26.25 -22.30 -12.55
C SER K 75 26.14 -23.43 -11.53
N SER K 76 25.37 -24.48 -11.85
CA SER K 76 25.30 -25.68 -10.99
C SER K 76 24.47 -26.79 -11.64
N ILE K 77 24.61 -28.01 -11.13
CA ILE K 77 23.69 -29.10 -11.41
C ILE K 77 22.95 -29.46 -10.14
N SER K 78 21.62 -29.36 -10.18
CA SER K 78 20.80 -29.68 -9.01
C SER K 78 20.70 -31.17 -8.85
N LYS K 79 20.33 -31.60 -7.65
CA LYS K 79 20.26 -33.02 -7.34
C LYS K 79 19.24 -33.77 -8.24
N GLU K 80 18.28 -33.05 -8.82
CA GLU K 80 17.28 -33.65 -9.70
C GLU K 80 17.64 -33.67 -11.17
N GLY K 81 18.78 -33.08 -11.54
CA GLY K 81 19.25 -33.11 -12.94
C GLY K 81 18.94 -31.89 -13.78
N TYR K 82 18.76 -30.76 -13.10
CA TYR K 82 18.46 -29.49 -13.76
C TYR K 82 19.67 -28.62 -13.59
N LEU K 83 19.85 -27.69 -14.51
CA LEU K 83 21.00 -26.81 -14.46
C LEU K 83 20.53 -25.46 -14.03
N THR K 84 21.28 -24.80 -13.18
CA THR K 84 21.09 -23.37 -12.95
C THR K 84 22.08 -22.68 -13.85
N PHE K 85 21.85 -21.40 -14.13
CA PHE K 85 22.72 -20.66 -15.05
C PHE K 85 22.84 -19.20 -14.65
N ASN K 86 23.95 -18.59 -15.04
CA ASN K 86 24.06 -17.16 -15.02
C ASN K 86 23.99 -16.64 -16.43
N THR K 87 23.56 -15.40 -16.58
CA THR K 87 23.49 -14.78 -17.88
C THR K 87 24.82 -14.23 -18.31
N LEU K 88 25.07 -14.23 -19.62
CA LEU K 88 26.26 -13.62 -20.22
C LEU K 88 25.79 -12.53 -21.13
N GLY K 89 25.81 -11.30 -20.64
CA GLY K 89 25.26 -10.16 -21.36
C GLY K 89 23.87 -9.86 -20.84
N GLY K 90 23.30 -8.75 -21.28
CA GLY K 90 22.02 -8.29 -20.79
C GLY K 90 20.86 -9.00 -21.45
N TRP K 91 20.05 -9.68 -20.64
CA TRP K 91 18.82 -10.34 -21.09
C TRP K 91 17.61 -9.78 -20.37
N TRP K 92 16.49 -9.67 -21.05
CA TRP K 92 15.22 -9.38 -20.39
C TRP K 92 14.62 -10.70 -19.95
N SER K 93 14.29 -10.85 -18.67
CA SER K 93 13.83 -12.14 -18.15
C SER K 93 12.56 -12.62 -18.88
N GLN K 94 11.73 -11.69 -19.32
CA GLN K 94 10.45 -12.06 -19.93
C GLN K 94 10.51 -12.78 -21.29
N VAL K 95 11.66 -12.74 -21.95
CA VAL K 95 11.87 -13.49 -23.20
C VAL K 95 12.52 -14.87 -23.01
N LEU K 96 12.76 -15.30 -21.78
CA LEU K 96 13.53 -16.50 -21.51
C LEU K 96 12.73 -17.78 -21.36
N LEU K 97 11.69 -17.76 -20.54
CA LEU K 97 10.91 -18.96 -20.26
C LEU K 97 10.43 -19.67 -21.52
N GLY K 98 10.63 -20.98 -21.54
CA GLY K 98 10.10 -21.83 -22.59
C GLY K 98 11.02 -21.95 -23.78
N GLN K 99 12.19 -21.36 -23.70
CA GLN K 99 13.07 -21.23 -24.85
C GLN K 99 14.09 -22.35 -24.91
N ARG K 100 14.46 -22.74 -26.13
CA ARG K 100 15.45 -23.80 -26.32
C ARG K 100 16.85 -23.24 -26.27
N VAL K 101 17.72 -23.95 -25.59
CA VAL K 101 19.12 -23.57 -25.52
C VAL K 101 19.95 -24.78 -25.81
N VAL K 102 21.23 -24.55 -26.02
CA VAL K 102 22.17 -25.65 -26.19
C VAL K 102 23.46 -25.33 -25.42
N VAL K 103 23.93 -26.35 -24.70
CA VAL K 103 25.07 -26.26 -23.81
C VAL K 103 26.21 -26.99 -24.47
N ARG K 104 27.41 -26.39 -24.49
CA ARG K 104 28.57 -27.06 -25.04
C ARG K 104 29.39 -27.70 -23.93
N THR K 105 29.35 -29.04 -23.87
CA THR K 105 30.11 -29.80 -22.91
C THR K 105 31.34 -30.38 -23.58
N CYS K 106 32.19 -31.01 -22.78
CA CYS K 106 33.31 -31.79 -23.31
C CYS K 106 32.83 -32.97 -24.20
N LYS K 107 31.63 -33.49 -23.97
CA LYS K 107 31.07 -34.56 -24.81
C LYS K 107 30.28 -34.06 -26.03
N GLY K 108 30.16 -32.74 -26.21
CA GLY K 108 29.41 -32.17 -27.34
C GLY K 108 28.20 -31.34 -26.93
N MSE K 109 27.35 -31.04 -27.90
CA MSE K 109 26.19 -30.19 -27.70
C MSE K 109 25.11 -30.93 -26.96
O MSE K 109 24.75 -32.05 -27.31
CB MSE K 109 25.61 -29.72 -29.02
CG MSE K 109 26.55 -28.86 -29.84
SE MSE K 109 27.12 -27.22 -28.88
CE MSE K 109 28.52 -26.62 -30.14
N VAL K 110 24.56 -30.30 -25.93
CA VAL K 110 23.47 -30.87 -25.15
C VAL K 110 22.30 -29.90 -25.16
N HIS K 111 21.13 -30.37 -25.62
CA HIS K 111 19.99 -29.51 -25.75
C HIS K 111 19.18 -29.45 -24.48
N GLY K 112 18.52 -28.32 -24.28
CA GLY K 112 17.70 -28.10 -23.10
C GLY K 112 16.71 -26.97 -23.28
N ILE K 113 15.90 -26.77 -22.24
CA ILE K 113 14.80 -25.83 -22.26
C ILE K 113 14.84 -25.00 -21.01
N ILE K 114 14.69 -23.69 -21.15
CA ILE K 114 14.64 -22.83 -19.97
C ILE K 114 13.29 -23.03 -19.31
N ALA K 115 13.31 -23.30 -18.02
CA ALA K 115 12.09 -23.62 -17.28
C ALA K 115 12.04 -23.00 -15.91
N SER K 116 10.86 -23.01 -15.32
CA SER K 116 10.68 -22.59 -13.94
C SER K 116 9.69 -23.51 -13.25
N LYS K 117 9.44 -23.27 -11.97
CA LYS K 117 8.35 -23.91 -11.29
C LYS K 117 7.06 -23.51 -11.99
N PRO K 118 6.17 -24.49 -12.27
CA PRO K 118 4.88 -24.21 -12.91
C PRO K 118 3.99 -23.44 -11.97
N PRO K 119 3.19 -22.49 -12.49
CA PRO K 119 2.44 -21.57 -11.61
C PRO K 119 1.36 -22.24 -10.73
N HIS K 120 0.80 -23.38 -11.15
CA HIS K 120 -0.26 -24.04 -10.38
C HIS K 120 0.22 -24.69 -9.07
N ILE K 121 1.53 -24.85 -8.89
CA ILE K 121 2.10 -25.24 -7.58
C ILE K 121 2.65 -24.06 -6.77
N LEU K 122 2.24 -22.84 -7.11
CA LEU K 122 2.61 -21.65 -6.34
C LEU K 122 1.37 -21.07 -5.70
N PRO K 123 1.55 -20.24 -4.66
CA PRO K 123 0.40 -19.54 -4.07
C PRO K 123 -0.25 -18.58 -5.08
N PRO K 124 -1.57 -18.33 -4.98
CA PRO K 124 -2.24 -17.46 -5.96
C PRO K 124 -1.61 -16.08 -6.17
N ASP K 125 -1.08 -15.47 -5.11
CA ASP K 125 -0.46 -14.12 -5.20
C ASP K 125 0.94 -14.13 -5.85
N GLU K 126 1.56 -15.29 -5.96
CA GLU K 126 2.89 -15.44 -6.59
C GLU K 126 2.84 -15.79 -8.09
N ARG K 127 1.66 -16.15 -8.60
CA ARG K 127 1.48 -16.47 -10.03
C ARG K 127 1.50 -15.22 -10.92
N LYS K 128 0.95 -14.10 -10.41
CA LYS K 128 0.97 -12.82 -11.13
C LYS K 128 2.35 -12.14 -11.09
N LYS K 129 3.27 -12.67 -10.28
CA LYS K 129 4.64 -12.15 -10.22
C LYS K 129 5.50 -12.60 -11.40
N ILE K 130 6.32 -11.70 -11.94
CA ILE K 130 7.27 -12.08 -13.00
C ILE K 130 8.25 -13.08 -12.43
N VAL K 131 8.59 -14.09 -13.21
CA VAL K 131 9.62 -15.03 -12.80
C VAL K 131 10.99 -14.43 -13.11
N GLU K 132 11.81 -14.27 -12.08
CA GLU K 132 13.15 -13.73 -12.25
C GLU K 132 14.06 -14.81 -12.77
N ALA K 133 15.10 -14.41 -13.51
CA ALA K 133 16.04 -15.36 -14.07
C ALA K 133 16.78 -16.19 -13.00
N ARG K 134 17.02 -15.58 -11.85
CA ARG K 134 17.65 -16.28 -10.72
C ARG K 134 16.87 -17.54 -10.31
N ASP K 135 15.55 -17.54 -10.52
CA ASP K 135 14.70 -18.67 -10.19
C ASP K 135 14.39 -19.61 -11.37
N MSE K 136 15.11 -19.47 -12.48
CA MSE K 136 14.90 -20.32 -13.63
C MSE K 136 15.97 -21.36 -13.66
O MSE K 136 16.94 -21.27 -12.92
CB MSE K 136 14.97 -19.52 -14.91
CG MSE K 136 13.81 -18.55 -15.04
SE MSE K 136 13.94 -17.55 -16.73
CE MSE K 136 12.60 -16.16 -16.30
N PHE K 137 15.78 -22.38 -14.49
CA PHE K 137 16.83 -23.35 -14.73
C PHE K 137 16.63 -23.97 -16.08
N ILE K 138 17.55 -24.84 -16.45
CA ILE K 138 17.56 -25.47 -17.75
C ILE K 138 17.29 -26.94 -17.55
N ASP K 139 16.31 -27.42 -18.30
CA ASP K 139 15.89 -28.80 -18.26
C ASP K 139 16.50 -29.46 -19.47
N ILE K 140 17.32 -30.48 -19.25
CA ILE K 140 17.97 -31.19 -20.34
C ILE K 140 17.44 -32.62 -20.47
N GLY K 141 16.28 -32.88 -19.85
CA GLY K 141 15.63 -34.18 -19.95
C GLY K 141 16.19 -35.21 -18.99
N ALA K 142 16.96 -34.75 -18.02
CA ALA K 142 17.60 -35.66 -17.09
C ALA K 142 16.67 -35.91 -15.93
N THR K 143 16.85 -37.04 -15.25
CA THR K 143 15.99 -37.41 -14.13
C THR K 143 16.76 -37.50 -12.81
N SER K 144 18.03 -37.15 -12.82
CA SER K 144 18.89 -37.23 -11.61
C SER K 144 20.21 -36.51 -11.87
N GLU K 145 20.88 -36.11 -10.80
CA GLU K 145 22.20 -35.49 -10.90
C GLU K 145 23.21 -36.32 -11.71
N GLU K 146 23.10 -37.65 -11.62
CA GLU K 146 24.02 -38.56 -12.32
C GLU K 146 23.72 -38.60 -13.82
N GLU K 147 22.45 -38.69 -14.16
CA GLU K 147 22.04 -38.74 -15.57
C GLU K 147 22.44 -37.44 -16.28
N ALA K 148 22.46 -36.35 -15.52
CA ALA K 148 22.90 -35.05 -16.03
C ALA K 148 24.39 -35.02 -16.26
N GLU K 149 25.14 -35.54 -15.30
CA GLU K 149 26.59 -35.62 -15.40
C GLU K 149 27.01 -36.47 -16.60
N GLU K 150 26.29 -37.56 -16.86
CA GLU K 150 26.58 -38.42 -18.02
C GLU K 150 26.60 -37.68 -19.35
N SER K 151 25.82 -36.63 -19.47
CA SER K 151 25.78 -35.81 -20.68
C SER K 151 27.05 -34.97 -20.85
N GLY K 152 27.81 -34.79 -19.78
CA GLY K 152 29.11 -34.09 -19.84
C GLY K 152 29.14 -32.71 -19.21
N VAL K 153 28.01 -32.30 -18.65
CA VAL K 153 27.85 -30.95 -18.14
C VAL K 153 28.70 -30.68 -16.91
N LYS K 154 29.35 -29.52 -16.91
CA LYS K 154 30.14 -29.05 -15.79
C LYS K 154 29.84 -27.61 -15.51
N VAL K 155 30.02 -27.22 -14.26
CA VAL K 155 29.94 -25.81 -13.91
C VAL K 155 30.96 -25.06 -14.75
N GLY K 156 30.54 -23.91 -15.27
CA GLY K 156 31.39 -23.12 -16.16
C GLY K 156 31.20 -23.40 -17.65
N ASP K 157 30.36 -24.37 -18.01
CA ASP K 157 30.10 -24.65 -19.42
C ASP K 157 29.20 -23.59 -20.06
N PRO K 158 29.56 -23.17 -21.29
CA PRO K 158 28.83 -22.12 -21.99
C PRO K 158 27.51 -22.58 -22.63
N ILE K 159 26.58 -21.64 -22.75
CA ILE K 159 25.25 -21.91 -23.26
C ILE K 159 24.82 -20.83 -24.26
N VAL K 160 24.22 -21.24 -25.37
CA VAL K 160 23.64 -20.27 -26.31
C VAL K 160 22.21 -20.61 -26.63
N PRO K 161 21.48 -19.61 -27.13
CA PRO K 161 20.14 -19.85 -27.64
C PRO K 161 20.19 -20.79 -28.83
N TRP K 162 19.13 -21.58 -29.00
CA TRP K 162 18.99 -22.41 -30.19
C TRP K 162 18.05 -21.70 -31.14
N SER K 163 18.54 -21.35 -32.33
CA SER K 163 17.80 -20.48 -33.23
C SER K 163 18.30 -20.57 -34.66
N PRO K 164 17.60 -21.33 -35.50
CA PRO K 164 18.02 -21.47 -36.89
C PRO K 164 17.88 -20.19 -37.70
N PHE K 165 18.74 -20.09 -38.72
CA PHE K 165 18.72 -18.95 -39.61
C PHE K 165 17.87 -19.25 -40.84
N SER K 166 17.03 -18.28 -41.20
CA SER K 166 16.31 -18.34 -42.44
C SER K 166 16.04 -16.94 -42.94
N VAL K 167 15.49 -16.87 -44.16
CA VAL K 167 15.10 -15.60 -44.76
C VAL K 167 13.61 -15.66 -45.02
N ILE K 168 12.91 -14.57 -44.72
CA ILE K 168 11.47 -14.48 -44.93
C ILE K 168 11.12 -13.25 -45.76
N GLN K 169 9.82 -13.01 -45.93
CA GLN K 169 9.35 -11.87 -46.70
C GLN K 169 9.97 -11.84 -48.09
N ASN K 170 9.81 -12.94 -48.82
CA ASN K 170 10.28 -13.02 -50.20
C ASN K 170 11.72 -12.60 -50.32
N GLY K 171 12.56 -13.14 -49.48
CA GLY K 171 14.00 -12.92 -49.58
C GLY K 171 14.50 -11.59 -49.04
N ARG K 172 13.63 -10.79 -48.42
CA ARG K 172 13.97 -9.42 -47.98
C ARG K 172 14.52 -9.31 -46.55
N VAL K 173 14.10 -10.23 -45.68
CA VAL K 173 14.32 -10.10 -44.23
C VAL K 173 14.93 -11.36 -43.63
N ALA K 174 16.05 -11.19 -42.93
CA ALA K 174 16.76 -12.30 -42.31
C ALA K 174 16.25 -12.55 -40.90
N MSE K 175 16.14 -13.82 -40.51
CA MSE K 175 15.60 -14.20 -39.22
C MSE K 175 16.53 -15.17 -38.56
O MSE K 175 16.91 -16.17 -39.15
CB MSE K 175 14.27 -14.89 -39.42
CG MSE K 175 13.56 -15.25 -38.11
SE MSE K 175 11.77 -15.97 -38.56
CE MSE K 175 11.02 -16.49 -36.82
N GLY K 176 16.90 -14.87 -37.32
CA GLY K 176 17.79 -15.73 -36.55
C GLY K 176 18.34 -15.01 -35.34
N LYS K 177 19.34 -15.62 -34.72
CA LYS K 177 19.95 -15.06 -33.53
C LYS K 177 21.28 -14.41 -33.85
N ALA K 178 21.83 -13.74 -32.85
CA ALA K 178 23.20 -13.22 -32.90
C ALA K 178 23.48 -12.15 -33.96
N PHE K 179 22.43 -11.54 -34.53
CA PHE K 179 22.66 -10.41 -35.43
C PHE K 179 23.53 -9.38 -34.73
N ASP K 180 23.28 -9.16 -33.45
CA ASP K 180 24.09 -8.32 -32.60
C ASP K 180 25.25 -9.18 -32.11
N ASP K 181 26.45 -9.06 -32.67
CA ASP K 181 26.79 -8.08 -33.73
C ASP K 181 27.56 -8.76 -34.88
N ARG K 182 27.12 -9.96 -35.22
CA ARG K 182 27.74 -10.71 -36.29
C ARG K 182 27.37 -10.10 -37.63
N ILE K 183 26.24 -9.41 -37.68
CA ILE K 183 25.87 -8.69 -38.89
C ILE K 183 26.86 -7.55 -39.11
N GLY K 184 27.33 -6.93 -38.03
CA GLY K 184 28.38 -5.91 -38.13
C GLY K 184 29.72 -6.48 -38.61
N ALA K 185 30.05 -7.66 -38.10
CA ALA K 185 31.22 -8.38 -38.54
C ALA K 185 31.06 -8.75 -39.99
N PHE K 186 29.85 -9.17 -40.36
CA PHE K 186 29.55 -9.56 -41.74
C PHE K 186 29.80 -8.39 -42.68
N VAL K 187 29.36 -7.20 -42.29
CA VAL K 187 29.54 -6.01 -43.09
C VAL K 187 31.00 -5.70 -43.33
N LEU K 188 31.80 -5.67 -42.26
CA LEU K 188 33.19 -5.27 -42.41
C LEU K 188 33.97 -6.30 -43.23
N MSE K 189 33.64 -7.57 -43.04
CA MSE K 189 34.26 -8.63 -43.83
C MSE K 189 33.90 -8.53 -45.29
O MSE K 189 34.77 -8.70 -46.16
CB MSE K 189 33.83 -9.99 -43.31
CG MSE K 189 34.64 -10.33 -42.07
SE MSE K 189 34.27 -12.19 -41.54
CE MSE K 189 32.44 -12.00 -40.84
N GLU K 190 32.64 -8.26 -45.58
CA GLU K 190 32.21 -8.10 -46.96
C GLU K 190 32.80 -6.85 -47.60
N ALA K 191 32.97 -5.80 -46.81
CA ALA K 191 33.57 -4.58 -47.32
C ALA K 191 35.00 -4.86 -47.76
N ILE K 192 35.79 -5.47 -46.88
CA ILE K 192 37.15 -5.80 -47.22
C ILE K 192 37.22 -6.74 -48.42
N ARG K 193 36.35 -7.75 -48.45
CA ARG K 193 36.34 -8.69 -49.56
C ARG K 193 36.13 -7.96 -50.88
N ARG K 194 35.10 -7.12 -50.91
CA ARG K 194 34.73 -6.44 -52.13
C ARG K 194 35.79 -5.47 -52.62
N MSE K 195 36.49 -4.84 -51.69
CA MSE K 195 37.54 -3.91 -52.04
C MSE K 195 38.69 -4.60 -52.73
O MSE K 195 39.24 -4.06 -53.68
CB MSE K 195 37.99 -3.17 -50.79
CG MSE K 195 36.90 -2.18 -50.42
SE MSE K 195 37.48 -0.88 -49.05
CE MSE K 195 37.63 0.70 -50.22
N LYS K 196 39.02 -5.79 -52.26
CA LYS K 196 40.03 -6.57 -52.93
C LYS K 196 39.52 -7.10 -54.27
N ASP K 197 38.36 -7.74 -54.28
CA ASP K 197 37.80 -8.31 -55.51
C ASP K 197 37.66 -7.31 -56.66
N GLN K 198 37.29 -6.08 -56.36
CA GLN K 198 37.07 -5.07 -57.41
C GLN K 198 38.23 -4.07 -57.48
N GLY K 199 39.35 -4.40 -56.84
CA GLY K 199 40.54 -3.54 -56.81
C GLY K 199 40.30 -2.10 -56.44
N ILE K 200 39.43 -1.86 -55.46
CA ILE K 200 39.11 -0.50 -55.02
C ILE K 200 40.24 0.05 -54.16
N GLU K 201 40.82 1.17 -54.57
CA GLU K 201 41.96 1.72 -53.88
C GLU K 201 41.50 2.56 -52.71
N HIS K 202 42.30 2.58 -51.66
CA HIS K 202 41.99 3.34 -50.46
C HIS K 202 43.25 3.92 -49.83
N PRO K 203 43.27 5.24 -49.59
CA PRO K 203 44.47 5.95 -49.14
C PRO K 203 44.77 5.75 -47.66
N ASN K 204 44.83 4.48 -47.25
CA ASN K 204 44.88 4.14 -45.83
C ASN K 204 45.03 2.64 -45.63
N THR K 205 45.29 2.25 -44.39
CA THR K 205 45.30 0.85 -44.00
C THR K 205 44.05 0.57 -43.17
N VAL K 206 43.35 -0.50 -43.52
CA VAL K 206 42.08 -0.84 -42.90
C VAL K 206 42.23 -2.04 -41.98
N TYR K 207 41.84 -1.89 -40.72
CA TYR K 207 41.86 -2.99 -39.78
C TYR K 207 40.42 -3.37 -39.51
N GLY K 208 40.00 -4.52 -40.04
CA GLY K 208 38.65 -5.02 -39.85
C GLY K 208 38.64 -6.02 -38.73
N SER K 209 38.00 -5.66 -37.63
CA SER K 209 38.15 -6.43 -36.42
C SER K 209 36.88 -7.09 -35.92
N ALA K 210 36.97 -8.39 -35.66
CA ALA K 210 35.89 -9.15 -35.07
C ALA K 210 36.16 -9.29 -33.56
N THR K 211 35.68 -8.29 -32.81
CA THR K 211 35.98 -8.21 -31.39
C THR K 211 35.22 -9.22 -30.56
N VAL K 212 35.75 -9.50 -29.37
CA VAL K 212 35.13 -10.41 -28.41
C VAL K 212 34.67 -9.66 -27.15
N GLN K 213 33.76 -10.29 -26.41
CA GLN K 213 33.32 -9.82 -25.11
C GLN K 213 32.77 -8.38 -25.06
N GLU K 214 32.06 -7.94 -26.10
CA GLU K 214 31.36 -6.67 -26.04
C GLU K 214 30.21 -6.71 -25.05
N GLU K 215 29.45 -7.80 -25.08
CA GLU K 215 28.19 -7.85 -24.35
C GLU K 215 28.39 -7.87 -22.83
N VAL K 216 29.63 -8.09 -22.37
CA VAL K 216 29.91 -8.11 -20.94
C VAL K 216 30.78 -6.95 -20.45
N GLY K 217 31.01 -5.93 -21.28
CA GLY K 217 31.80 -4.77 -20.85
C GLY K 217 32.83 -4.19 -21.82
N LEU K 218 32.60 -4.37 -23.12
CA LEU K 218 33.45 -3.78 -24.17
C LEU K 218 34.92 -4.19 -24.02
N ARG K 219 35.14 -5.43 -23.62
CA ARG K 219 36.45 -5.89 -23.21
C ARG K 219 37.42 -6.09 -24.38
N GLY K 220 36.97 -6.78 -25.43
CA GLY K 220 37.81 -7.01 -26.61
C GLY K 220 38.14 -5.75 -27.39
N ALA K 221 37.22 -4.79 -27.38
CA ALA K 221 37.46 -3.48 -28.00
C ALA K 221 38.65 -2.73 -27.38
N GLN K 222 38.75 -2.74 -26.06
CA GLN K 222 39.85 -2.06 -25.38
C GLN K 222 41.20 -2.60 -25.79
N THR K 223 41.32 -3.93 -25.77
CA THR K 223 42.57 -4.63 -26.07
C THR K 223 42.90 -4.63 -27.56
N THR K 224 41.88 -4.68 -28.42
CA THR K 224 42.11 -4.57 -29.85
C THR K 224 42.54 -3.16 -30.25
N ALA K 225 41.94 -2.16 -29.62
CA ALA K 225 42.34 -0.77 -29.83
C ALA K 225 43.81 -0.56 -29.48
N HIS K 226 44.25 -1.18 -28.38
CA HIS K 226 45.63 -1.12 -27.98
C HIS K 226 46.55 -1.69 -29.06
N VAL K 227 46.18 -2.84 -29.61
CA VAL K 227 46.99 -3.51 -30.63
C VAL K 227 47.10 -2.66 -31.90
N VAL K 228 46.01 -2.04 -32.31
CA VAL K 228 45.92 -1.39 -33.60
C VAL K 228 46.46 0.05 -33.64
N ASP K 229 46.26 0.82 -32.57
CA ASP K 229 46.60 2.26 -32.54
C ASP K 229 45.90 3.01 -33.69
N PRO K 230 44.54 3.02 -33.71
CA PRO K 230 43.81 3.57 -34.83
C PRO K 230 43.75 5.09 -34.83
N ASP K 231 43.68 5.68 -36.03
CA ASP K 231 43.55 7.12 -36.20
C ASP K 231 42.09 7.55 -36.39
N VAL K 232 41.25 6.63 -36.85
CA VAL K 232 39.81 6.85 -36.94
C VAL K 232 39.10 5.49 -36.86
N ALA K 233 37.90 5.46 -36.28
CA ALA K 233 37.19 4.19 -36.05
C ALA K 233 35.75 4.22 -36.53
N LEU K 234 35.36 3.16 -37.22
CA LEU K 234 33.98 2.97 -37.62
C LEU K 234 33.49 1.74 -36.93
N VAL K 235 32.64 1.91 -35.93
CA VAL K 235 32.08 0.77 -35.23
C VAL K 235 30.75 0.39 -35.85
N LEU K 236 30.59 -0.89 -36.16
CA LEU K 236 29.37 -1.40 -36.75
C LEU K 236 28.59 -2.17 -35.70
N GLU K 237 27.33 -1.79 -35.53
CA GLU K 237 26.50 -2.37 -34.49
C GLU K 237 25.09 -2.51 -35.03
N VAL K 238 24.21 -3.04 -34.20
CA VAL K 238 22.82 -3.05 -34.50
C VAL K 238 22.18 -1.86 -33.80
N ASP K 239 21.02 -1.46 -34.28
CA ASP K 239 20.22 -0.43 -33.64
C ASP K 239 18.92 -1.10 -33.24
N ILE K 240 18.39 -0.74 -32.09
CA ILE K 240 17.08 -1.22 -31.71
C ILE K 240 16.09 -0.55 -32.64
N ALA K 241 15.33 -1.34 -33.39
CA ALA K 241 14.40 -0.79 -34.37
C ALA K 241 13.04 -0.58 -33.73
N GLY K 242 12.57 0.67 -33.76
CA GLY K 242 11.25 1.03 -33.23
C GLY K 242 10.14 0.96 -34.28
N ASP K 243 9.84 -0.26 -34.73
CA ASP K 243 8.77 -0.49 -35.72
C ASP K 243 7.49 -0.96 -35.04
N VAL K 244 7.58 -1.20 -33.72
CA VAL K 244 6.51 -1.86 -32.97
C VAL K 244 5.44 -0.86 -32.47
N PRO K 245 4.14 -1.26 -32.50
CA PRO K 245 3.02 -0.41 -32.05
C PRO K 245 3.06 -0.15 -30.54
N PRO K 249 8.71 5.82 -30.40
CA PRO K 249 9.12 6.81 -31.45
C PRO K 249 10.45 7.59 -31.22
N HIS K 250 10.44 8.65 -30.42
CA HIS K 250 11.67 9.40 -30.12
C HIS K 250 12.73 8.58 -29.39
N GLU K 251 12.29 7.54 -28.69
CA GLU K 251 13.20 6.64 -27.97
C GLU K 251 13.91 5.63 -28.90
N ALA K 252 13.28 5.32 -30.04
CA ALA K 252 13.85 4.42 -31.06
C ALA K 252 13.53 4.97 -32.44
N LEU K 253 14.42 5.82 -32.92
CA LEU K 253 14.23 6.51 -34.18
C LEU K 253 14.26 5.62 -35.42
N THR K 254 15.03 4.52 -35.40
CA THR K 254 15.30 3.77 -36.64
C THR K 254 14.19 2.79 -36.99
N LYS K 255 14.02 2.60 -38.29
CA LYS K 255 13.04 1.67 -38.83
C LYS K 255 13.72 0.67 -39.75
N MSE K 256 13.32 -0.59 -39.66
CA MSE K 256 13.92 -1.63 -40.48
C MSE K 256 13.49 -1.37 -41.91
O MSE K 256 12.32 -1.18 -42.19
CB MSE K 256 13.45 -2.99 -40.01
CG MSE K 256 14.12 -4.13 -40.77
SE MSE K 256 13.29 -5.85 -40.29
CE MSE K 256 11.56 -5.75 -41.22
N GLY K 257 14.48 -1.33 -42.81
CA GLY K 257 14.23 -1.14 -44.24
C GLY K 257 14.42 0.28 -44.74
N LYS K 258 14.62 1.23 -43.84
CA LYS K 258 14.80 2.63 -44.19
C LYS K 258 16.27 3.06 -44.17
N GLY K 259 17.17 2.09 -44.10
CA GLY K 259 18.60 2.35 -44.31
C GLY K 259 19.42 2.20 -43.06
N PRO K 260 20.75 2.14 -43.20
CA PRO K 260 21.59 2.07 -42.01
C PRO K 260 21.44 3.32 -41.15
N GLY K 261 21.81 3.19 -39.88
CA GLY K 261 21.70 4.28 -38.95
C GLY K 261 23.05 4.88 -38.67
N LEU K 262 23.04 6.11 -38.19
CA LEU K 262 24.23 6.78 -37.69
C LEU K 262 23.93 7.29 -36.29
N VAL K 263 24.76 6.88 -35.34
CA VAL K 263 24.47 7.20 -33.94
C VAL K 263 25.07 8.54 -33.59
N THR K 264 24.20 9.45 -33.20
CA THR K 264 24.56 10.83 -32.90
C THR K 264 24.85 11.04 -31.42
N TYR K 265 24.46 10.08 -30.59
CA TYR K 265 24.77 10.09 -29.17
C TYR K 265 24.44 8.74 -28.57
N ASP K 266 25.32 8.26 -27.70
CA ASP K 266 24.99 7.11 -26.86
C ASP K 266 25.69 7.25 -25.49
N ARG K 267 25.27 6.41 -24.55
CA ARG K 267 25.75 6.47 -23.18
C ARG K 267 27.28 6.30 -23.09
N SER K 268 27.87 5.53 -24.02
CA SER K 268 29.32 5.28 -24.02
C SER K 268 30.18 6.31 -24.79
N MSE K 269 29.56 7.10 -25.67
CA MSE K 269 30.31 8.06 -26.49
C MSE K 269 29.45 9.11 -27.18
O MSE K 269 28.36 8.81 -27.70
CB MSE K 269 31.03 7.29 -27.60
CG MSE K 269 31.78 8.24 -28.54
SE MSE K 269 32.67 7.30 -30.02
CE MSE K 269 31.10 7.00 -31.18
N ILE K 270 29.96 10.34 -27.20
CA ILE K 270 29.47 11.39 -28.09
C ILE K 270 30.41 11.45 -29.29
N PRO K 271 29.91 11.16 -30.49
CA PRO K 271 30.83 11.05 -31.61
C PRO K 271 31.59 12.34 -31.92
N ASN K 272 32.77 12.21 -32.53
CA ASN K 272 33.49 13.32 -33.13
C ASN K 272 32.58 13.98 -34.16
N GLN K 273 32.41 15.30 -34.03
CA GLN K 273 31.39 16.00 -34.83
C GLN K 273 31.78 16.15 -36.31
N PRO K 274 33.03 16.56 -36.60
CA PRO K 274 33.49 16.55 -38.00
C PRO K 274 33.30 15.21 -38.71
N LEU K 275 33.61 14.13 -38.01
CA LEU K 275 33.46 12.79 -38.58
C LEU K 275 32.00 12.44 -38.81
N LYS K 276 31.13 12.84 -37.87
CA LYS K 276 29.69 12.65 -38.05
C LYS K 276 29.21 13.34 -39.31
N GLU K 277 29.59 14.62 -39.49
CA GLU K 277 29.17 15.39 -40.66
C GLU K 277 29.71 14.75 -41.94
N PHE K 278 30.93 14.23 -41.86
CA PHE K 278 31.57 13.55 -42.99
C PHE K 278 30.75 12.37 -43.47
N VAL K 279 30.32 11.54 -42.55
CA VAL K 279 29.53 10.36 -42.90
C VAL K 279 28.18 10.76 -43.49
N ILE K 280 27.53 11.73 -42.87
CA ILE K 280 26.25 12.20 -43.38
C ILE K 280 26.38 12.66 -44.83
N ASN K 281 27.47 13.38 -45.14
CA ASN K 281 27.68 13.91 -46.50
C ASN K 281 28.07 12.85 -47.50
N VAL K 282 28.96 11.96 -47.11
CA VAL K 282 29.33 10.87 -47.98
C VAL K 282 28.08 10.09 -48.37
N ALA K 283 27.20 9.84 -47.40
CA ALA K 283 25.99 9.05 -47.64
C ALA K 283 25.05 9.78 -48.57
N LYS K 284 24.88 11.07 -48.36
CA LYS K 284 24.01 11.91 -49.20
C LYS K 284 24.49 11.95 -50.64
N GLN K 285 25.79 12.15 -50.79
CA GLN K 285 26.45 12.19 -52.07
C GLN K 285 26.35 10.86 -52.81
N ALA K 286 26.50 9.75 -52.09
CA ALA K 286 26.37 8.41 -52.66
C ALA K 286 24.93 7.93 -52.75
N GLN K 287 23.99 8.78 -52.34
CA GLN K 287 22.56 8.47 -52.33
C GLN K 287 22.20 7.21 -51.54
N ILE K 288 22.87 7.02 -50.42
CA ILE K 288 22.59 5.92 -49.53
C ILE K 288 21.73 6.43 -48.39
N PRO K 289 20.52 5.88 -48.23
CA PRO K 289 19.65 6.35 -47.15
C PRO K 289 20.31 6.12 -45.80
N LEU K 290 20.17 7.08 -44.91
CA LEU K 290 20.87 7.05 -43.63
C LEU K 290 19.97 7.62 -42.53
N GLN K 291 19.72 6.85 -41.48
CA GLN K 291 18.81 7.30 -40.40
C GLN K 291 19.58 7.82 -39.19
N LEU K 292 19.35 9.06 -38.82
CA LEU K 292 19.96 9.58 -37.61
C LEU K 292 19.34 8.90 -36.40
N SER K 293 20.21 8.39 -35.53
CA SER K 293 19.80 7.58 -34.39
C SER K 293 20.44 8.05 -33.08
N GLN K 294 19.86 7.64 -31.98
CA GLN K 294 20.40 7.99 -30.67
C GLN K 294 20.06 6.88 -29.69
N MSE K 295 21.05 6.32 -28.99
CA MSE K 295 20.81 5.25 -28.03
C MSE K 295 21.05 5.77 -26.64
O MSE K 295 22.12 5.60 -26.06
CB MSE K 295 21.66 4.01 -28.31
CG MSE K 295 21.74 3.68 -29.81
SE MSE K 295 23.09 2.27 -30.22
CE MSE K 295 24.36 2.37 -28.71
N SER K 296 20.02 6.42 -26.09
CA SER K 296 20.02 6.95 -24.70
C SER K 296 20.60 6.03 -23.60
N GLY K 297 20.35 4.73 -23.70
CA GLY K 297 20.78 3.78 -22.66
C GLY K 297 21.45 2.50 -23.15
N GLY K 298 22.48 2.66 -23.97
CA GLY K 298 23.26 1.54 -24.43
C GLY K 298 24.62 2.02 -24.86
N GLY K 299 25.57 1.09 -24.97
CA GLY K 299 26.93 1.43 -25.40
C GLY K 299 27.44 0.50 -26.48
N THR K 300 28.66 0.80 -26.96
CA THR K 300 29.27 0.11 -28.10
C THR K 300 30.76 -0.06 -27.90
N ASP K 301 31.38 -0.91 -28.72
CA ASP K 301 32.83 -1.03 -28.73
C ASP K 301 33.50 0.36 -28.80
N ALA K 302 32.84 1.32 -29.46
CA ALA K 302 33.37 2.67 -29.61
C ALA K 302 33.64 3.35 -28.28
N GLY K 303 32.86 2.99 -27.26
CA GLY K 303 33.04 3.51 -25.92
C GLY K 303 34.45 3.36 -25.41
N ARG K 304 35.12 2.28 -25.81
CA ARG K 304 36.53 2.03 -25.45
C ARG K 304 37.53 2.47 -26.51
N ILE K 305 37.20 2.24 -27.78
CA ILE K 305 38.07 2.57 -28.88
C ILE K 305 38.41 4.06 -28.92
N HIS K 306 37.41 4.93 -28.74
CA HIS K 306 37.61 6.37 -28.89
C HIS K 306 38.41 6.96 -27.75
N MSE K 307 38.66 6.16 -26.71
CA MSE K 307 39.41 6.56 -25.54
C MSE K 307 40.81 5.99 -25.55
O MSE K 307 41.56 6.16 -24.56
CB MSE K 307 38.71 5.96 -24.32
CG MSE K 307 38.72 6.95 -23.18
SE MSE K 307 36.85 7.52 -23.01
CE MSE K 307 36.30 6.12 -21.73
N ASN K 308 41.18 5.33 -26.62
CA ASN K 308 42.51 4.72 -26.74
C ASN K 308 43.60 5.77 -26.82
N ARG K 309 44.63 5.61 -25.99
CA ARG K 309 45.77 6.51 -25.96
C ARG K 309 45.32 7.97 -25.80
N ALA K 310 45.53 8.81 -26.83
CA ALA K 310 45.20 10.24 -26.76
C ALA K 310 43.79 10.52 -27.30
N GLY K 311 43.09 9.46 -27.69
CA GLY K 311 41.76 9.60 -28.25
C GLY K 311 41.77 9.17 -29.70
N CYS K 312 40.59 8.83 -30.21
CA CYS K 312 40.46 8.39 -31.58
C CYS K 312 39.07 8.81 -32.04
N PRO K 313 38.96 9.67 -33.06
CA PRO K 313 37.64 10.01 -33.58
C PRO K 313 36.90 8.77 -34.06
N SER K 314 35.66 8.60 -33.61
CA SER K 314 34.90 7.41 -33.92
C SER K 314 33.45 7.73 -34.13
N VAL K 315 32.78 6.83 -34.83
CA VAL K 315 31.37 6.98 -35.10
C VAL K 315 30.76 5.58 -35.16
N VAL K 316 29.52 5.45 -34.69
CA VAL K 316 28.83 4.16 -34.79
C VAL K 316 27.84 4.14 -35.94
N ILE K 317 27.96 3.13 -36.78
CA ILE K 317 27.04 2.93 -37.90
C ILE K 317 26.28 1.66 -37.65
N THR K 318 24.96 1.69 -37.85
CA THR K 318 24.10 0.61 -37.38
C THR K 318 23.18 0.02 -38.44
N ILE K 319 22.88 -1.28 -38.28
CA ILE K 319 21.79 -1.90 -39.01
C ILE K 319 20.57 -2.07 -38.08
N PRO K 320 19.46 -1.42 -38.42
CA PRO K 320 18.29 -1.58 -37.57
C PRO K 320 17.85 -3.03 -37.53
N THR K 321 17.65 -3.52 -36.32
CA THR K 321 17.34 -4.91 -36.06
C THR K 321 16.22 -4.97 -35.04
N ARG K 322 15.26 -5.84 -35.26
CA ARG K 322 14.16 -6.03 -34.33
C ARG K 322 14.46 -7.19 -33.41
N HIS K 323 14.17 -7.01 -32.13
CA HIS K 323 14.28 -8.07 -31.13
C HIS K 323 15.69 -8.59 -30.90
N ILE K 324 16.62 -7.66 -30.69
CA ILE K 324 17.98 -8.06 -30.32
C ILE K 324 18.01 -8.60 -28.88
N HIS K 325 19.13 -9.18 -28.47
CA HIS K 325 19.27 -9.75 -27.13
C HIS K 325 18.10 -10.68 -26.80
N SER K 326 17.71 -11.47 -27.79
CA SER K 326 16.65 -12.45 -27.63
C SER K 326 16.93 -13.63 -28.57
N HIS K 327 16.15 -14.70 -28.48
CA HIS K 327 16.42 -15.89 -29.30
C HIS K 327 16.34 -15.64 -30.79
N VAL K 328 15.46 -14.76 -31.21
CA VAL K 328 15.25 -14.55 -32.63
C VAL K 328 14.95 -13.10 -32.95
N GLY K 329 15.65 -12.56 -33.94
CA GLY K 329 15.52 -11.17 -34.34
C GLY K 329 15.33 -11.10 -35.83
N LEU K 330 15.04 -9.91 -36.35
CA LEU K 330 14.86 -9.69 -37.78
C LEU K 330 15.63 -8.50 -38.24
N LEU K 331 16.23 -8.58 -39.43
CA LEU K 331 16.83 -7.39 -40.04
C LEU K 331 16.67 -7.42 -41.54
N SER K 332 16.87 -6.26 -42.16
CA SER K 332 16.72 -6.09 -43.62
C SER K 332 18.02 -6.31 -44.39
N LEU K 333 17.97 -7.17 -45.38
CA LEU K 333 19.15 -7.45 -46.20
C LEU K 333 19.52 -6.25 -47.04
N LYS K 334 18.52 -5.45 -47.38
CA LYS K 334 18.74 -4.21 -48.10
C LYS K 334 19.51 -3.19 -47.25
N ASP K 335 19.12 -3.00 -45.99
CA ASP K 335 19.84 -2.14 -45.06
C ASP K 335 21.30 -2.58 -44.95
N THR K 336 21.50 -3.89 -44.83
CA THR K 336 22.83 -4.48 -44.71
C THR K 336 23.67 -4.14 -45.93
N GLU K 337 23.10 -4.35 -47.11
CA GLU K 337 23.79 -4.05 -48.34
C GLU K 337 24.24 -2.59 -48.38
N ASN K 338 23.32 -1.70 -48.02
CA ASN K 338 23.63 -0.28 -47.98
C ASN K 338 24.70 0.09 -46.94
N ALA K 339 24.72 -0.61 -45.82
CA ALA K 339 25.79 -0.41 -44.85
C ALA K 339 27.14 -0.78 -45.45
N ILE K 340 27.18 -1.87 -46.21
CA ILE K 340 28.41 -2.27 -46.88
C ILE K 340 28.82 -1.20 -47.87
N ARG K 341 27.87 -0.77 -48.70
CA ARG K 341 28.17 0.30 -49.67
C ARG K 341 28.72 1.53 -48.98
N LEU K 342 28.06 1.93 -47.89
CA LEU K 342 28.44 3.16 -47.20
C LEU K 342 29.85 3.10 -46.67
N VAL K 343 30.20 1.99 -46.07
CA VAL K 343 31.49 1.86 -45.45
C VAL K 343 32.61 1.93 -46.48
N ILE K 344 32.37 1.32 -47.64
CA ILE K 344 33.33 1.37 -48.73
C ILE K 344 33.56 2.82 -49.16
N GLU K 345 32.47 3.56 -49.39
CA GLU K 345 32.58 4.97 -49.78
C GLU K 345 33.35 5.79 -48.75
N LEU K 346 33.15 5.49 -47.48
CA LEU K 346 33.88 6.21 -46.43
C LEU K 346 35.37 5.91 -46.54
N ILE K 347 35.71 4.64 -46.61
CA ILE K 347 37.10 4.21 -46.63
C ILE K 347 37.83 4.78 -47.84
N LYS K 348 37.16 4.82 -48.99
CA LYS K 348 37.73 5.46 -50.17
C LYS K 348 38.21 6.88 -49.91
N ARG K 349 37.45 7.64 -49.12
CA ARG K 349 37.70 9.06 -48.91
C ARG K 349 38.45 9.44 -47.63
N LEU K 350 38.76 8.46 -46.80
CA LEU K 350 39.45 8.75 -45.52
C LEU K 350 40.97 8.77 -45.70
N ASP K 351 41.47 9.82 -46.33
CA ASP K 351 42.92 10.01 -46.48
C ASP K 351 43.49 10.70 -45.23
N LEU K 352 44.81 10.81 -45.16
CA LEU K 352 45.45 11.42 -43.99
C LEU K 352 44.97 12.86 -43.72
N GLU K 353 44.78 13.65 -44.79
CA GLU K 353 44.39 15.07 -44.66
C GLU K 353 43.00 15.21 -44.02
N THR K 354 42.03 14.46 -44.56
CA THR K 354 40.66 14.45 -44.05
C THR K 354 40.59 14.05 -42.58
N VAL K 355 41.35 13.01 -42.22
CA VAL K 355 41.36 12.49 -40.87
C VAL K 355 42.00 13.44 -39.84
N GLU K 356 43.09 14.09 -40.22
CA GLU K 356 43.68 15.10 -39.33
C GLU K 356 42.73 16.28 -39.17
N GLY K 357 41.93 16.56 -40.19
CA GLY K 357 40.93 17.63 -40.14
C GLY K 357 39.77 17.40 -39.18
N PHE K 358 39.63 16.17 -38.69
CA PHE K 358 38.60 15.85 -37.70
C PHE K 358 38.96 16.29 -36.28
N THR K 359 40.24 16.50 -36.03
CA THR K 359 40.75 16.82 -34.71
C THR K 359 41.38 18.23 -34.73
N ALA L 3 42.38 43.16 -14.12
CA ALA L 3 41.19 42.87 -13.26
C ALA L 3 39.92 42.92 -14.13
N ASP L 4 39.90 43.83 -15.11
CA ASP L 4 38.87 43.89 -16.15
C ASP L 4 38.95 42.67 -17.04
N LYS L 5 40.13 42.41 -17.57
CA LYS L 5 40.35 41.26 -18.45
C LYS L 5 40.03 39.91 -17.79
N SER L 6 40.31 39.80 -16.50
CA SER L 6 39.92 38.62 -15.72
C SER L 6 38.42 38.44 -15.61
N MSE L 7 37.72 39.51 -15.23
CA MSE L 7 36.29 39.46 -15.11
C MSE L 7 35.63 39.28 -16.44
O MSE L 7 34.59 38.65 -16.54
CB MSE L 7 35.73 40.70 -14.41
CG MSE L 7 36.05 40.64 -12.92
SE MSE L 7 35.30 39.08 -11.98
CE MSE L 7 33.41 39.35 -12.50
N GLU L 8 36.23 39.83 -17.48
CA GLU L 8 35.73 39.64 -18.82
C GLU L 8 35.89 38.20 -19.29
N LEU L 9 36.97 37.57 -18.89
CA LEU L 9 37.17 36.17 -19.18
C LEU L 9 36.12 35.35 -18.46
N MSE L 10 35.98 35.58 -17.17
CA MSE L 10 35.01 34.84 -16.35
C MSE L 10 33.65 34.93 -16.98
O MSE L 10 33.05 33.92 -17.27
CB MSE L 10 35.18 35.33 -14.91
CG MSE L 10 33.97 34.88 -14.12
SE MSE L 10 34.04 34.78 -12.15
CE MSE L 10 35.87 35.17 -11.59
N LYS L 11 33.18 36.14 -17.29
CA LYS L 11 31.88 36.34 -17.95
C LYS L 11 31.76 35.54 -19.25
N THR L 12 32.77 35.64 -20.09
CA THR L 12 32.76 35.00 -21.38
C THR L 12 32.70 33.47 -21.28
N LEU L 13 33.47 32.92 -20.35
CA LEU L 13 33.46 31.48 -20.07
C LEU L 13 32.10 30.98 -19.62
N MSE L 14 31.56 31.61 -18.58
CA MSE L 14 30.28 31.17 -18.03
C MSE L 14 29.14 31.37 -19.00
O MSE L 14 28.11 30.71 -18.89
CB MSE L 14 29.92 31.91 -16.76
CG MSE L 14 30.94 31.81 -15.63
SE MSE L 14 31.85 30.08 -15.48
CE MSE L 14 33.61 30.75 -14.90
N GLU L 15 29.30 32.29 -19.96
CA GLU L 15 28.25 32.54 -20.95
C GLU L 15 28.47 31.77 -22.26
N ALA L 16 29.65 31.18 -22.46
CA ALA L 16 29.94 30.39 -23.65
C ALA L 16 29.11 29.13 -23.78
N PHE L 17 28.94 28.69 -25.01
CA PHE L 17 28.24 27.44 -25.34
C PHE L 17 29.26 26.29 -25.34
N GLY L 18 29.09 25.32 -24.45
CA GLY L 18 29.97 24.15 -24.43
C GLY L 18 29.57 22.96 -23.59
N PRO L 19 28.52 22.25 -23.99
CA PRO L 19 28.09 21.03 -23.26
C PRO L 19 29.01 19.87 -23.58
N SER L 20 28.93 18.79 -22.80
CA SER L 20 29.84 17.64 -22.99
C SER L 20 29.82 17.16 -24.44
N GLY L 21 30.99 17.05 -25.04
CA GLY L 21 31.11 16.68 -26.45
C GLY L 21 31.19 17.82 -27.45
N PHE L 22 30.85 19.03 -27.01
CA PHE L 22 30.78 20.18 -27.90
C PHE L 22 31.43 21.40 -27.26
N GLU L 23 32.68 21.24 -26.83
CA GLU L 23 33.35 22.26 -26.04
C GLU L 23 34.25 23.19 -26.83
N ARG L 24 34.17 23.16 -28.15
CA ARG L 24 35.18 23.85 -28.98
C ARG L 24 35.14 25.37 -28.84
N GLU L 25 33.95 25.96 -28.80
CA GLU L 25 33.82 27.41 -28.59
C GLU L 25 34.50 27.86 -27.28
N VAL L 26 34.34 27.08 -26.21
CA VAL L 26 34.89 27.45 -24.90
C VAL L 26 36.39 27.28 -24.86
N ASN L 27 36.88 26.22 -25.48
CA ASN L 27 38.30 25.97 -25.48
C ASN L 27 39.03 26.94 -26.41
N ALA L 28 38.32 27.47 -27.40
CA ALA L 28 38.84 28.56 -28.23
C ALA L 28 39.06 29.82 -27.41
N ILE L 29 38.11 30.12 -26.54
CA ILE L 29 38.22 31.26 -25.64
C ILE L 29 39.43 31.13 -24.72
N CYS L 30 39.67 29.92 -24.26
CA CYS L 30 40.82 29.62 -23.40
C CYS L 30 42.12 29.81 -24.16
N LYS L 31 42.19 29.28 -25.38
CA LYS L 31 43.41 29.44 -26.19
C LYS L 31 43.75 30.89 -26.43
N GLU L 32 42.73 31.68 -26.73
CA GLU L 32 42.93 33.07 -27.04
C GLU L 32 43.47 33.86 -25.83
N TYR L 33 42.85 33.65 -24.67
CA TYR L 33 43.29 34.32 -23.45
C TYR L 33 44.72 33.96 -23.10
N MSE L 34 45.11 32.72 -23.40
CA MSE L 34 46.42 32.20 -22.99
C MSE L 34 47.52 32.35 -24.01
O MSE L 34 48.66 32.02 -23.69
CB MSE L 34 46.29 30.73 -22.65
CG MSE L 34 45.43 30.53 -21.41
SE MSE L 34 46.40 30.96 -19.76
CE MSE L 34 47.58 29.38 -19.75
N GLU L 35 47.22 32.83 -25.22
CA GLU L 35 48.27 33.01 -26.24
C GLU L 35 49.51 33.70 -25.71
N PRO L 36 49.34 34.83 -25.01
CA PRO L 36 50.52 35.53 -24.51
C PRO L 36 51.18 34.95 -23.25
N TYR L 37 50.63 33.91 -22.65
CA TYR L 37 51.13 33.41 -21.36
C TYR L 37 51.68 31.98 -21.33
N ALA L 38 51.27 31.13 -22.26
CA ALA L 38 51.73 29.75 -22.27
C ALA L 38 52.93 29.60 -23.18
N ASP L 39 53.89 28.78 -22.76
CA ASP L 39 55.09 28.54 -23.54
C ASP L 39 54.80 27.59 -24.69
N GLU L 40 53.76 26.77 -24.55
CA GLU L 40 53.40 25.80 -25.58
C GLU L 40 51.97 25.31 -25.32
N VAL L 41 51.32 24.80 -26.35
CA VAL L 41 49.95 24.28 -26.24
C VAL L 41 49.84 22.88 -26.85
N VAL L 42 49.43 21.90 -26.05
CA VAL L 42 49.19 20.55 -26.57
C VAL L 42 47.72 20.20 -26.40
N VAL L 43 47.24 19.29 -27.24
CA VAL L 43 45.82 18.91 -27.22
C VAL L 43 45.67 17.38 -27.18
N ASP L 44 44.50 16.90 -26.75
CA ASP L 44 44.14 15.51 -26.99
C ASP L 44 43.12 15.51 -28.13
N LYS L 45 42.82 14.33 -28.65
CA LYS L 45 41.97 14.22 -29.82
C LYS L 45 40.49 14.31 -29.48
N LEU L 46 40.17 14.31 -28.20
CA LEU L 46 38.80 14.52 -27.76
C LEU L 46 38.44 16.00 -27.72
N GLY L 47 39.44 16.87 -27.69
CA GLY L 47 39.20 18.30 -27.64
C GLY L 47 39.75 19.03 -26.43
N SER L 48 40.41 18.32 -25.51
CA SER L 48 41.07 18.97 -24.38
C SER L 48 42.26 19.78 -24.87
N VAL L 49 42.35 21.03 -24.44
CA VAL L 49 43.53 21.84 -24.66
C VAL L 49 44.30 22.00 -23.35
N THR L 50 45.62 21.95 -23.46
CA THR L 50 46.51 21.96 -22.31
C THR L 50 47.64 22.99 -22.54
N PHE L 51 47.87 23.84 -21.54
CA PHE L 51 48.81 24.93 -21.64
C PHE L 51 50.01 24.65 -20.77
N ILE L 52 51.19 24.74 -21.37
CA ILE L 52 52.44 24.39 -20.68
C ILE L 52 53.22 25.64 -20.28
N ALA L 53 53.56 25.72 -19.01
CA ALA L 53 54.49 26.72 -18.50
C ALA L 53 55.78 25.98 -18.14
N LYS L 54 56.83 26.23 -18.93
CA LYS L 54 58.07 25.46 -18.82
C LYS L 54 58.91 25.80 -17.58
N GLY L 55 59.67 24.80 -17.16
CA GLY L 55 60.64 24.91 -16.07
C GLY L 55 61.45 23.64 -16.19
N ASN L 56 61.68 22.96 -15.08
CA ASN L 56 62.44 21.71 -15.13
C ASN L 56 61.63 20.61 -15.80
N ASP L 57 62.24 19.87 -16.73
CA ASP L 57 61.62 18.73 -17.42
C ASP L 57 60.69 17.91 -16.51
N ARG L 58 61.19 17.65 -15.31
CA ARG L 58 60.47 16.88 -14.30
C ARG L 58 60.66 17.59 -12.94
N PRO L 59 59.67 17.55 -12.04
CA PRO L 59 58.39 16.84 -12.20
C PRO L 59 57.36 17.57 -13.06
N ARG L 60 56.48 16.81 -13.69
CA ARG L 60 55.37 17.38 -14.44
C ARG L 60 54.14 17.51 -13.54
N ILE L 61 53.68 18.75 -13.35
CA ILE L 61 52.47 19.03 -12.57
C ILE L 61 51.29 19.18 -13.53
N LEU L 62 50.26 18.38 -13.34
CA LEU L 62 49.05 18.52 -14.15
C LEU L 62 47.97 19.19 -13.33
N MSE L 63 47.50 20.34 -13.79
CA MSE L 63 46.31 20.97 -13.23
C MSE L 63 45.22 20.82 -14.23
O MSE L 63 45.41 21.12 -15.39
CB MSE L 63 46.48 22.45 -13.01
CG MSE L 63 47.46 22.77 -11.89
SE MSE L 63 47.15 24.65 -11.38
CE MSE L 63 48.04 25.53 -12.90
N ALA L 64 44.05 20.38 -13.77
CA ALA L 64 42.95 20.13 -14.69
C ALA L 64 41.66 20.73 -14.17
N GLY L 65 40.93 21.38 -15.06
CA GLY L 65 39.55 21.81 -14.81
C GLY L 65 38.72 21.59 -16.07
N HIS L 66 37.60 20.89 -15.96
CA HIS L 66 36.84 20.57 -17.17
C HIS L 66 35.98 21.74 -17.65
N THR L 67 36.00 21.98 -18.96
CA THR L 67 35.25 23.09 -19.54
C THR L 67 33.90 22.67 -20.11
N ASP L 68 33.62 21.38 -20.15
CA ASP L 68 32.27 20.96 -20.50
C ASP L 68 31.30 21.27 -19.36
N GLU L 69 30.08 21.58 -19.74
CA GLU L 69 28.99 21.84 -18.80
C GLU L 69 27.88 20.85 -19.05
N VAL L 70 27.08 20.61 -18.03
CA VAL L 70 25.92 19.77 -18.23
C VAL L 70 25.05 20.46 -19.27
N GLY L 71 24.38 19.66 -20.07
CA GLY L 71 23.55 20.17 -21.15
C GLY L 71 22.56 19.14 -21.64
N PHE L 72 22.13 19.28 -22.89
CA PHE L 72 21.21 18.33 -23.50
C PHE L 72 21.54 18.19 -24.97
N ILE L 73 20.85 17.26 -25.62
CA ILE L 73 21.04 17.00 -27.02
C ILE L 73 19.69 16.64 -27.62
N VAL L 74 19.44 17.11 -28.84
CA VAL L 74 18.15 16.88 -29.49
C VAL L 74 18.03 15.41 -29.89
N SER L 75 16.95 14.77 -29.45
CA SER L 75 16.74 13.35 -29.73
C SER L 75 15.65 13.12 -30.79
N SER L 76 14.79 14.10 -31.04
CA SER L 76 13.79 14.02 -32.11
C SER L 76 13.03 15.33 -32.27
N ILE L 77 12.35 15.46 -33.40
CA ILE L 77 11.37 16.52 -33.62
C ILE L 77 10.00 15.86 -33.73
N SER L 78 9.08 16.22 -32.86
CA SER L 78 7.72 15.67 -32.88
C SER L 78 6.94 16.30 -34.01
N LYS L 79 5.85 15.64 -34.39
CA LYS L 79 5.03 16.10 -35.50
C LYS L 79 4.42 17.49 -35.23
N GLU L 80 4.30 17.89 -33.96
CA GLU L 80 3.75 19.20 -33.61
C GLU L 80 4.80 20.32 -33.47
N GLY L 81 6.09 20.00 -33.61
CA GLY L 81 7.15 21.03 -33.60
C GLY L 81 7.88 21.20 -32.28
N TYR L 82 7.86 20.16 -31.47
CA TYR L 82 8.52 20.15 -30.18
C TYR L 82 9.73 19.24 -30.30
N LEU L 83 10.72 19.49 -29.47
CA LEU L 83 11.93 18.69 -29.51
C LEU L 83 11.93 17.79 -28.30
N THR L 84 12.31 16.53 -28.46
CA THR L 84 12.64 15.68 -27.33
C THR L 84 14.14 15.79 -27.16
N PHE L 85 14.64 15.45 -26.00
CA PHE L 85 16.07 15.58 -25.75
C PHE L 85 16.58 14.50 -24.83
N ASN L 86 17.86 14.21 -24.94
CA ASN L 86 18.55 13.45 -23.90
C ASN L 86 19.43 14.38 -23.11
N THR L 87 19.69 14.01 -21.85
CA THR L 87 20.56 14.78 -21.01
C THR L 87 22.02 14.46 -21.31
N LEU L 88 22.89 15.46 -21.14
CA LEU L 88 24.35 15.29 -21.24
C LEU L 88 24.92 15.64 -19.87
N GLY L 89 25.18 14.62 -19.07
CA GLY L 89 25.62 14.82 -17.70
C GLY L 89 24.45 14.67 -16.77
N GLY L 90 24.72 14.65 -15.47
CA GLY L 90 23.71 14.36 -14.46
C GLY L 90 22.88 15.59 -14.14
N TRP L 91 21.57 15.50 -14.37
CA TRP L 91 20.61 16.57 -14.04
C TRP L 91 19.57 16.04 -13.06
N TRP L 92 19.15 16.87 -12.13
CA TRP L 92 18.00 16.56 -11.31
C TRP L 92 16.77 17.04 -12.05
N SER L 93 15.79 16.16 -12.26
CA SER L 93 14.66 16.53 -13.10
C SER L 93 13.91 17.74 -12.53
N GLN L 94 13.90 17.87 -11.23
CA GLN L 94 13.10 18.91 -10.58
C GLN L 94 13.54 20.36 -10.81
N VAL L 95 14.75 20.53 -11.34
CA VAL L 95 15.23 21.86 -11.73
C VAL L 95 15.06 22.21 -13.22
N LEU L 96 14.41 21.35 -13.99
CA LEU L 96 14.34 21.51 -15.45
C LEU L 96 13.13 22.23 -15.98
N LEU L 97 11.95 21.86 -15.53
CA LEU L 97 10.73 22.46 -16.04
C LEU L 97 10.74 23.97 -15.97
N GLY L 98 10.35 24.58 -17.08
CA GLY L 98 10.12 26.02 -17.16
C GLY L 98 11.36 26.79 -17.47
N GLN L 99 12.45 26.08 -17.76
CA GLN L 99 13.75 26.69 -17.94
C GLN L 99 14.09 26.99 -19.39
N ARG L 100 14.82 28.06 -19.61
CA ARG L 100 15.19 28.48 -20.95
C ARG L 100 16.44 27.74 -21.37
N VAL L 101 16.44 27.29 -22.62
CA VAL L 101 17.58 26.64 -23.19
C VAL L 101 17.83 27.21 -24.57
N VAL L 102 19.00 26.91 -25.11
CA VAL L 102 19.34 27.34 -26.46
C VAL L 102 20.04 26.19 -27.17
N VAL L 103 19.58 25.96 -28.39
CA VAL L 103 20.02 24.86 -29.22
C VAL L 103 20.91 25.44 -30.30
N ARG L 104 22.05 24.81 -30.54
CA ARG L 104 22.91 25.27 -31.62
C ARG L 104 22.68 24.44 -32.89
N THR L 105 22.06 25.07 -33.88
CA THR L 105 21.81 24.45 -35.17
C THR L 105 22.83 24.92 -36.19
N CYS L 106 22.77 24.36 -37.38
CA CYS L 106 23.55 24.86 -38.52
C CYS L 106 23.16 26.30 -38.90
N LYS L 107 21.92 26.70 -38.61
CA LYS L 107 21.47 28.06 -38.85
C LYS L 107 21.68 29.02 -37.68
N GLY L 108 22.30 28.56 -36.59
CA GLY L 108 22.59 29.42 -35.45
C GLY L 108 21.81 29.04 -34.21
N MSE L 109 21.81 29.94 -33.23
CA MSE L 109 21.19 29.67 -31.94
C MSE L 109 19.70 29.73 -32.05
O MSE L 109 19.15 30.69 -32.57
CB MSE L 109 21.66 30.69 -30.91
CG MSE L 109 23.16 30.65 -30.60
SE MSE L 109 23.77 28.89 -29.92
CE MSE L 109 25.72 29.23 -29.99
N VAL L 110 19.03 28.73 -31.50
CA VAL L 110 17.58 28.70 -31.45
C VAL L 110 17.11 28.56 -30.00
N HIS L 111 16.29 29.49 -29.55
CA HIS L 111 15.87 29.50 -28.16
C HIS L 111 14.65 28.66 -27.95
N GLY L 112 14.51 28.14 -26.74
CA GLY L 112 13.38 27.33 -26.37
C GLY L 112 13.20 27.22 -24.87
N ILE L 113 12.15 26.50 -24.50
CA ILE L 113 11.75 26.37 -23.12
C ILE L 113 11.49 24.90 -22.83
N ILE L 114 12.00 24.40 -21.70
CA ILE L 114 11.71 23.04 -21.30
C ILE L 114 10.28 22.97 -20.78
N ALA L 115 9.51 22.03 -21.31
CA ALA L 115 8.08 21.98 -21.00
C ALA L 115 7.59 20.56 -20.83
N SER L 116 6.40 20.43 -20.27
CA SER L 116 5.71 19.14 -20.18
C SER L 116 4.22 19.32 -20.44
N LYS L 117 3.48 18.23 -20.40
CA LYS L 117 2.04 18.31 -20.36
C LYS L 117 1.63 19.07 -19.10
N PRO L 118 0.70 20.03 -19.23
CA PRO L 118 0.20 20.79 -18.08
C PRO L 118 -0.62 19.91 -17.18
N PRO L 119 -0.54 20.09 -15.84
CA PRO L 119 -1.18 19.16 -14.90
C PRO L 119 -2.72 19.09 -14.95
N HIS L 120 -3.39 20.17 -15.36
CA HIS L 120 -4.87 20.16 -15.42
C HIS L 120 -5.47 19.26 -16.53
N ILE L 121 -4.66 18.83 -17.50
CA ILE L 121 -5.07 17.81 -18.49
C ILE L 121 -4.57 16.40 -18.12
N LEU L 122 -4.21 16.19 -16.86
CA LEU L 122 -3.84 14.86 -16.37
C LEU L 122 -4.85 14.40 -15.33
N PRO L 123 -4.92 13.09 -15.07
CA PRO L 123 -5.78 12.60 -13.98
C PRO L 123 -5.31 13.13 -12.62
N PRO L 124 -6.23 13.29 -11.65
CA PRO L 124 -5.83 13.86 -10.34
C PRO L 124 -4.66 13.14 -9.63
N ASP L 125 -4.57 11.82 -9.76
CA ASP L 125 -3.49 11.05 -9.11
C ASP L 125 -2.11 11.18 -9.80
N GLU L 126 -2.11 11.67 -11.04
CA GLU L 126 -0.86 11.87 -11.81
C GLU L 126 -0.26 13.28 -11.67
N ARG L 127 -1.01 14.22 -11.10
CA ARG L 127 -0.53 15.59 -10.88
C ARG L 127 0.48 15.70 -9.74
N LYS L 128 0.29 14.88 -8.69
CA LYS L 128 1.22 14.81 -7.56
C LYS L 128 2.50 14.07 -7.92
N LYS L 129 2.55 13.40 -9.08
CA LYS L 129 3.74 12.68 -9.53
C LYS L 129 4.78 13.63 -10.09
N ILE L 130 6.05 13.38 -9.78
CA ILE L 130 7.15 14.19 -10.38
C ILE L 130 7.17 13.93 -11.86
N VAL L 131 7.41 14.96 -12.63
CA VAL L 131 7.54 14.80 -14.08
C VAL L 131 8.97 14.35 -14.37
N GLU L 132 9.09 13.19 -14.99
CA GLU L 132 10.41 12.65 -15.35
C GLU L 132 10.90 13.35 -16.62
N ALA L 133 12.22 13.43 -16.76
CA ALA L 133 12.83 14.10 -17.91
C ALA L 133 12.48 13.42 -19.24
N ARG L 134 12.31 12.10 -19.22
CA ARG L 134 11.85 11.35 -20.42
C ARG L 134 10.53 11.88 -20.99
N ASP L 135 9.68 12.45 -20.14
CA ASP L 135 8.38 12.99 -20.57
C ASP L 135 8.38 14.49 -20.80
N MSE L 136 9.55 15.12 -20.83
CA MSE L 136 9.64 16.54 -21.09
C MSE L 136 10.02 16.75 -22.53
O MSE L 136 10.42 15.83 -23.23
CB MSE L 136 10.70 17.17 -20.21
CG MSE L 136 10.32 17.14 -18.75
SE MSE L 136 11.71 17.98 -17.64
CE MSE L 136 11.08 17.32 -15.90
N PHE L 137 9.88 17.98 -23.00
CA PHE L 137 10.39 18.37 -24.31
C PHE L 137 10.68 19.84 -24.32
N ILE L 138 11.22 20.31 -25.44
CA ILE L 138 11.62 21.68 -25.61
C ILE L 138 10.71 22.32 -26.62
N ASP L 139 10.15 23.44 -26.21
CA ASP L 139 9.24 24.22 -27.01
C ASP L 139 10.05 25.36 -27.58
N ILE L 140 10.10 25.45 -28.90
CA ILE L 140 10.84 26.51 -29.56
C ILE L 140 9.93 27.51 -30.29
N GLY L 141 8.64 27.48 -29.94
CA GLY L 141 7.67 28.37 -30.53
C GLY L 141 7.18 27.93 -31.89
N ALA L 142 7.42 26.66 -32.24
CA ALA L 142 7.02 26.16 -33.53
C ALA L 142 5.61 25.60 -33.43
N THR L 143 4.91 25.57 -34.57
CA THR L 143 3.53 25.08 -34.63
C THR L 143 3.37 23.83 -35.50
N SER L 144 4.48 23.29 -36.00
CA SER L 144 4.45 22.09 -36.84
C SER L 144 5.87 21.56 -37.04
N GLU L 145 5.98 20.28 -37.39
CA GLU L 145 7.27 19.68 -37.68
C GLU L 145 8.09 20.47 -38.71
N GLU L 146 7.40 21.09 -39.68
CA GLU L 146 8.07 21.84 -40.77
C GLU L 146 8.61 23.15 -40.24
N GLU L 147 7.80 23.85 -39.46
CA GLU L 147 8.20 25.14 -38.90
C GLU L 147 9.43 24.97 -38.00
N ALA L 148 9.52 23.81 -37.35
CA ALA L 148 10.65 23.47 -36.51
C ALA L 148 11.89 23.21 -37.32
N GLU L 149 11.73 22.45 -38.42
CA GLU L 149 12.83 22.16 -39.33
C GLU L 149 13.40 23.44 -39.95
N GLU L 150 12.54 24.39 -40.27
CA GLU L 150 12.98 25.69 -40.81
C GLU L 150 14.00 26.43 -39.91
N SER L 151 13.91 26.23 -38.61
CA SER L 151 14.86 26.81 -37.68
C SER L 151 16.27 26.17 -37.76
N GLY L 152 16.36 24.98 -38.35
CA GLY L 152 17.65 24.33 -38.59
C GLY L 152 17.95 23.14 -37.71
N VAL L 153 16.99 22.80 -36.85
CA VAL L 153 17.21 21.78 -35.84
C VAL L 153 17.29 20.37 -36.46
N LYS L 154 18.27 19.62 -35.99
CA LYS L 154 18.48 18.25 -36.43
C LYS L 154 18.75 17.38 -35.22
N VAL L 155 18.38 16.10 -35.33
CA VAL L 155 18.72 15.14 -34.27
C VAL L 155 20.23 15.16 -34.10
N GLY L 156 20.68 15.12 -32.85
CA GLY L 156 22.09 15.23 -32.53
C GLY L 156 22.61 16.63 -32.25
N ASP L 157 21.77 17.65 -32.40
CA ASP L 157 22.18 19.03 -32.11
C ASP L 157 22.28 19.31 -30.60
N PRO L 158 23.35 20.01 -30.18
CA PRO L 158 23.61 20.24 -28.77
C PRO L 158 22.78 21.36 -28.19
N ILE L 159 22.53 21.27 -26.89
CA ILE L 159 21.68 22.22 -26.16
C ILE L 159 22.33 22.61 -24.85
N VAL L 160 22.29 23.89 -24.52
CA VAL L 160 22.75 24.35 -23.21
C VAL L 160 21.71 25.18 -22.51
N PRO L 161 21.85 25.33 -21.21
CA PRO L 161 21.02 26.26 -20.47
C PRO L 161 21.28 27.68 -20.94
N TRP L 162 20.26 28.51 -20.88
CA TRP L 162 20.42 29.94 -21.10
C TRP L 162 20.50 30.64 -19.74
N SER L 163 21.63 31.29 -19.46
CA SER L 163 21.90 31.82 -18.14
C SER L 163 22.99 32.90 -18.15
N PRO L 164 22.59 34.16 -18.12
CA PRO L 164 23.56 35.25 -18.12
C PRO L 164 24.41 35.31 -16.88
N PHE L 165 25.62 35.85 -17.04
CA PHE L 165 26.55 36.02 -15.95
C PHE L 165 26.44 37.42 -15.35
N SER L 166 26.41 37.48 -14.02
CA SER L 166 26.47 38.75 -13.34
C SER L 166 27.12 38.54 -11.98
N VAL L 167 27.35 39.65 -11.30
CA VAL L 167 27.88 39.62 -9.95
C VAL L 167 26.87 40.28 -9.04
N ILE L 168 26.65 39.70 -7.86
CA ILE L 168 25.73 40.24 -6.88
C ILE L 168 26.41 40.41 -5.52
N GLN L 169 25.63 40.81 -4.51
CA GLN L 169 26.14 41.02 -3.17
C GLN L 169 27.33 41.98 -3.17
N ASN L 170 27.13 43.16 -3.73
CA ASN L 170 28.16 44.20 -3.74
C ASN L 170 29.49 43.68 -4.25
N GLY L 171 29.46 43.00 -5.39
CA GLY L 171 30.68 42.56 -6.04
C GLY L 171 31.33 41.31 -5.46
N ARG L 172 30.69 40.66 -4.49
CA ARG L 172 31.30 39.53 -3.77
C ARG L 172 31.03 38.15 -4.36
N VAL L 173 29.88 38.00 -5.03
CA VAL L 173 29.35 36.69 -5.41
C VAL L 173 28.96 36.64 -6.88
N ALA L 174 29.49 35.64 -7.59
CA ALA L 174 29.24 35.49 -9.01
C ALA L 174 28.02 34.61 -9.25
N MSE L 175 27.21 34.96 -10.25
CA MSE L 175 25.98 34.25 -10.54
C MSE L 175 25.93 33.91 -12.00
O MSE L 175 26.10 34.79 -12.85
CB MSE L 175 24.80 35.15 -10.21
CG MSE L 175 23.46 34.45 -10.40
SE MSE L 175 22.06 35.70 -9.78
CE MSE L 175 20.37 34.75 -10.12
N GLY L 176 25.67 32.65 -12.30
CA GLY L 176 25.59 32.19 -13.68
C GLY L 176 25.68 30.68 -13.78
N LYS L 177 25.85 30.18 -15.00
CA LYS L 177 25.93 28.76 -15.23
C LYS L 177 27.36 28.31 -15.45
N ALA L 178 27.53 27.00 -15.53
CA ALA L 178 28.79 26.38 -15.92
C ALA L 178 30.00 26.64 -15.01
N PHE L 179 29.77 27.11 -13.78
CA PHE L 179 30.87 27.22 -12.84
C PHE L 179 31.57 25.88 -12.75
N ASP L 180 30.81 24.79 -12.77
CA ASP L 180 31.34 23.44 -12.82
C ASP L 180 31.59 23.14 -14.29
N ASP L 181 32.84 23.19 -14.76
CA ASP L 181 34.03 23.47 -13.96
C ASP L 181 34.91 24.52 -14.62
N ARG L 182 34.26 25.53 -15.20
CA ARG L 182 34.98 26.58 -15.88
C ARG L 182 35.66 27.47 -14.86
N ILE L 183 35.13 27.50 -13.64
CA ILE L 183 35.78 28.26 -12.58
C ILE L 183 37.11 27.59 -12.25
N GLY L 184 37.16 26.26 -12.32
CA GLY L 184 38.42 25.54 -12.15
C GLY L 184 39.41 25.85 -13.25
N ALA L 185 38.90 25.90 -14.48
CA ALA L 185 39.71 26.26 -15.63
C ALA L 185 40.20 27.69 -15.46
N PHE L 186 39.30 28.55 -14.95
CA PHE L 186 39.64 29.96 -14.72
C PHE L 186 40.78 30.08 -13.75
N VAL L 187 40.74 29.30 -12.68
CA VAL L 187 41.80 29.31 -11.68
C VAL L 187 43.14 28.91 -12.27
N LEU L 188 43.19 27.78 -12.97
CA LEU L 188 44.47 27.30 -13.47
C LEU L 188 45.06 28.26 -14.52
N MSE L 189 44.18 28.84 -15.33
CA MSE L 189 44.62 29.84 -16.30
C MSE L 189 45.15 31.08 -15.65
O MSE L 189 46.16 31.63 -16.08
CB MSE L 189 43.45 30.20 -17.22
CG MSE L 189 43.26 29.12 -18.27
SE MSE L 189 41.92 29.70 -19.59
CE MSE L 189 42.35 31.57 -19.94
N GLU L 190 44.47 31.54 -14.61
CA GLU L 190 44.92 32.73 -13.89
C GLU L 190 46.20 32.47 -13.12
N ALA L 191 46.36 31.27 -12.61
CA ALA L 191 47.58 30.89 -11.93
C ALA L 191 48.78 30.97 -12.88
N ILE L 192 48.66 30.33 -14.05
CA ILE L 192 49.71 30.37 -15.03
C ILE L 192 49.98 31.79 -15.49
N ARG L 193 48.93 32.56 -15.72
CA ARG L 193 49.10 33.96 -16.16
C ARG L 193 49.92 34.74 -15.15
N ARG L 194 49.51 34.65 -13.89
CA ARG L 194 50.16 35.41 -12.83
C ARG L 194 51.62 35.02 -12.62
N MSE L 195 51.92 33.74 -12.79
CA MSE L 195 53.28 33.25 -12.60
C MSE L 195 54.20 33.82 -13.65
O MSE L 195 55.32 34.19 -13.34
CB MSE L 195 53.27 31.73 -12.63
CG MSE L 195 52.68 31.26 -11.31
SE MSE L 195 52.98 29.35 -11.00
CE MSE L 195 53.18 28.67 -12.84
N LYS L 196 53.71 33.92 -14.88
CA LYS L 196 54.48 34.58 -15.92
C LYS L 196 54.56 36.09 -15.67
N ASP L 197 53.44 36.76 -15.45
CA ASP L 197 53.41 38.21 -15.22
C ASP L 197 54.32 38.70 -14.10
N GLN L 198 54.40 37.95 -13.01
CA GLN L 198 55.21 38.36 -11.86
C GLN L 198 56.53 37.59 -11.78
N GLY L 199 56.90 36.91 -12.87
CA GLY L 199 58.12 36.13 -12.94
C GLY L 199 58.36 35.17 -11.78
N ILE L 200 57.31 34.49 -11.34
CA ILE L 200 57.42 33.56 -10.21
C ILE L 200 58.05 32.26 -10.70
N GLU L 201 59.15 31.87 -10.09
CA GLU L 201 59.87 30.69 -10.53
C GLU L 201 59.28 29.45 -9.91
N HIS L 202 59.34 28.35 -10.63
CA HIS L 202 58.80 27.08 -10.15
C HIS L 202 59.67 25.91 -10.63
N PRO L 203 60.10 25.03 -9.70
CA PRO L 203 61.08 23.98 -9.99
C PRO L 203 60.46 22.78 -10.71
N ASN L 204 59.76 23.05 -11.81
CA ASN L 204 58.91 22.05 -12.44
C ASN L 204 58.28 22.59 -13.72
N THR L 205 57.67 21.69 -14.47
CA THR L 205 56.90 22.06 -15.66
C THR L 205 55.41 21.87 -15.34
N VAL L 206 54.63 22.89 -15.65
CA VAL L 206 53.22 22.93 -15.30
C VAL L 206 52.35 22.74 -16.53
N TYR L 207 51.47 21.75 -16.49
CA TYR L 207 50.53 21.49 -17.58
C TYR L 207 49.16 21.88 -17.11
N GLY L 208 48.66 23.00 -17.59
CA GLY L 208 47.35 23.50 -17.19
C GLY L 208 46.32 23.09 -18.22
N SER L 209 45.42 22.20 -17.84
CA SER L 209 44.60 21.53 -18.83
C SER L 209 43.11 21.80 -18.69
N ALA L 210 42.51 22.22 -19.80
CA ALA L 210 41.08 22.42 -19.87
C ALA L 210 40.45 21.18 -20.50
N THR L 211 40.13 20.21 -19.66
CA THR L 211 39.64 18.91 -20.12
C THR L 211 38.22 18.95 -20.64
N VAL L 212 37.89 17.95 -21.45
CA VAL L 212 36.55 17.83 -22.01
C VAL L 212 35.87 16.57 -21.49
N GLN L 213 34.54 16.54 -21.63
CA GLN L 213 33.74 15.36 -21.33
C GLN L 213 33.90 14.77 -19.92
N GLU L 214 34.10 15.62 -18.90
CA GLU L 214 34.07 15.14 -17.52
C GLU L 214 32.68 14.68 -17.12
N GLU L 215 31.67 15.45 -17.49
CA GLU L 215 30.34 15.25 -16.95
C GLU L 215 29.68 13.95 -17.45
N VAL L 216 30.27 13.33 -18.47
CA VAL L 216 29.72 12.09 -19.04
C VAL L 216 30.62 10.87 -18.80
N GLY L 217 31.65 10.99 -17.97
CA GLY L 217 32.50 9.82 -17.64
C GLY L 217 34.01 10.03 -17.58
N LEU L 218 34.43 11.26 -17.25
CA LEU L 218 35.85 11.58 -17.04
C LEU L 218 36.71 11.23 -18.27
N ARG L 219 36.15 11.46 -19.45
CA ARG L 219 36.73 10.95 -20.68
C ARG L 219 37.96 11.72 -21.11
N GLY L 220 37.88 13.04 -21.11
CA GLY L 220 39.02 13.86 -21.50
C GLY L 220 40.21 13.77 -20.54
N ALA L 221 39.93 13.54 -19.26
CA ALA L 221 40.96 13.37 -18.26
C ALA L 221 41.84 12.17 -18.55
N GLN L 222 41.23 11.06 -18.95
CA GLN L 222 41.96 9.84 -19.25
C GLN L 222 42.97 10.04 -20.40
N THR L 223 42.50 10.66 -21.48
CA THR L 223 43.29 10.89 -22.66
C THR L 223 44.32 12.00 -22.48
N THR L 224 43.99 13.02 -21.70
CA THR L 224 44.95 14.10 -21.40
C THR L 224 46.06 13.58 -20.49
N ALA L 225 45.70 12.74 -19.53
CA ALA L 225 46.69 12.11 -18.65
C ALA L 225 47.68 11.29 -19.45
N HIS L 226 47.17 10.58 -20.46
CA HIS L 226 48.03 9.81 -21.37
C HIS L 226 49.04 10.72 -22.07
N VAL L 227 48.57 11.85 -22.59
CA VAL L 227 49.43 12.78 -23.33
C VAL L 227 50.54 13.36 -22.42
N VAL L 228 50.20 13.70 -21.19
CA VAL L 228 51.08 14.47 -20.34
C VAL L 228 52.08 13.63 -19.56
N ASP L 229 51.69 12.44 -19.12
CA ASP L 229 52.52 11.60 -18.23
C ASP L 229 52.92 12.39 -16.95
N PRO L 230 51.92 12.78 -16.15
CA PRO L 230 52.20 13.64 -15.00
C PRO L 230 52.79 12.90 -13.81
N ASP L 231 53.60 13.62 -13.01
CA ASP L 231 54.20 13.08 -11.80
C ASP L 231 53.36 13.41 -10.56
N VAL L 232 52.58 14.48 -10.65
CA VAL L 232 51.64 14.87 -9.60
C VAL L 232 50.50 15.67 -10.22
N ALA L 233 49.30 15.56 -9.67
CA ALA L 233 48.15 16.23 -10.24
C ALA L 233 47.32 17.03 -9.24
N LEU L 234 46.94 18.25 -9.63
CA LEU L 234 46.04 19.07 -8.86
C LEU L 234 44.80 19.25 -9.69
N VAL L 235 43.72 18.60 -9.30
CA VAL L 235 42.47 18.77 -10.00
C VAL L 235 41.66 19.85 -9.32
N LEU L 236 41.20 20.80 -10.13
CA LEU L 236 40.38 21.91 -9.64
C LEU L 236 38.91 21.63 -10.01
N GLU L 237 38.03 21.64 -9.02
CA GLU L 237 36.61 21.33 -9.23
C GLU L 237 35.77 22.25 -8.36
N VAL L 238 34.48 22.10 -8.46
CA VAL L 238 33.57 22.75 -7.54
C VAL L 238 33.20 21.76 -6.44
N ASP L 239 32.75 22.29 -5.31
CA ASP L 239 32.27 21.48 -4.22
C ASP L 239 30.82 21.89 -4.04
N ILE L 240 29.96 20.92 -3.73
CA ILE L 240 28.60 21.23 -3.42
C ILE L 240 28.62 21.94 -2.07
N ALA L 241 28.11 23.16 -2.03
CA ALA L 241 28.16 23.96 -0.82
C ALA L 241 26.90 23.76 0.00
N GLY L 242 27.09 23.30 1.24
CA GLY L 242 26.00 23.06 2.18
C GLY L 242 25.68 24.27 3.05
N ASP L 243 25.14 25.32 2.41
CA ASP L 243 24.78 26.55 3.12
C ASP L 243 23.27 26.61 3.35
N VAL L 244 22.58 25.57 2.88
CA VAL L 244 21.11 25.48 2.97
C VAL L 244 20.70 24.94 4.36
N PRO L 245 19.64 25.53 4.96
CA PRO L 245 19.35 25.27 6.40
C PRO L 245 19.07 23.80 6.85
N GLY L 246 18.12 23.13 6.21
CA GLY L 246 17.81 21.72 6.52
C GLY L 246 18.38 21.13 7.82
N PRO L 249 24.60 19.13 6.73
CA PRO L 249 25.88 19.37 7.44
C PRO L 249 27.08 18.40 7.16
N HIS L 250 27.10 17.21 7.77
CA HIS L 250 28.17 16.23 7.53
C HIS L 250 28.22 15.72 6.08
N GLU L 251 27.07 15.79 5.38
CA GLU L 251 26.98 15.37 3.95
C GLU L 251 27.57 16.45 3.01
N ALA L 252 27.58 17.72 3.43
CA ALA L 252 28.20 18.83 2.66
C ALA L 252 28.92 19.78 3.62
N LEU L 253 30.18 19.49 3.86
CA LEU L 253 30.98 20.23 4.82
C LEU L 253 31.29 21.68 4.41
N THR L 254 31.39 21.97 3.11
CA THR L 254 31.91 23.28 2.68
C THR L 254 30.87 24.38 2.68
N LYS L 255 31.34 25.59 2.95
CA LYS L 255 30.51 26.79 2.97
C LYS L 255 31.08 27.84 2.02
N MSE L 256 30.20 28.50 1.28
CA MSE L 256 30.63 29.51 0.35
C MSE L 256 31.16 30.66 1.15
O MSE L 256 30.50 31.14 2.08
CB MSE L 256 29.46 29.94 -0.52
CG MSE L 256 29.89 30.94 -1.59
SE MSE L 256 28.29 31.64 -2.53
CE MSE L 256 27.54 32.87 -1.19
N GLY L 257 32.37 31.09 0.81
CA GLY L 257 33.01 32.24 1.48
C GLY L 257 34.00 31.91 2.57
N LYS L 258 34.08 30.64 2.96
CA LYS L 258 34.98 30.19 4.01
C LYS L 258 36.25 29.53 3.43
N GLY L 259 36.49 29.70 2.14
CA GLY L 259 37.77 29.32 1.53
C GLY L 259 37.66 28.12 0.60
N PRO L 260 38.67 27.91 -0.24
CA PRO L 260 38.66 26.70 -1.05
C PRO L 260 38.63 25.43 -0.22
N GLY L 261 38.20 24.35 -0.86
CA GLY L 261 38.11 23.06 -0.20
C GLY L 261 39.22 22.13 -0.62
N LEU L 262 39.46 21.13 0.20
CA LEU L 262 40.38 20.07 -0.13
C LEU L 262 39.64 18.76 0.09
N VAL L 263 39.57 17.94 -0.95
CA VAL L 263 38.79 16.72 -0.88
C VAL L 263 39.64 15.61 -0.28
N THR L 264 39.16 15.07 0.84
CA THR L 264 39.85 14.03 1.57
C THR L 264 39.40 12.63 1.18
N TYR L 265 38.27 12.55 0.49
CA TYR L 265 37.77 11.30 -0.03
C TYR L 265 36.65 11.55 -1.01
N ASP L 266 36.64 10.82 -2.13
CA ASP L 266 35.50 10.80 -3.00
C ASP L 266 35.37 9.43 -3.65
N ARG L 267 34.22 9.18 -4.28
CA ARG L 267 33.90 7.89 -4.86
C ARG L 267 34.94 7.46 -5.93
N SER L 268 35.53 8.43 -6.62
CA SER L 268 36.49 8.15 -7.70
C SER L 268 37.96 8.04 -7.25
N MSE L 269 38.28 8.54 -6.05
CA MSE L 269 39.65 8.51 -5.55
C MSE L 269 39.81 8.79 -4.08
O MSE L 269 39.14 9.67 -3.53
CB MSE L 269 40.44 9.58 -6.31
CG MSE L 269 41.90 9.65 -5.80
SE MSE L 269 42.93 11.08 -6.68
CE MSE L 269 42.25 12.63 -5.69
N ILE L 270 40.71 8.04 -3.43
CA ILE L 270 41.25 8.40 -2.11
C ILE L 270 42.62 9.06 -2.33
N PRO L 271 42.74 10.34 -1.94
CA PRO L 271 43.96 11.05 -2.32
C PRO L 271 45.23 10.46 -1.72
N ASN L 272 46.35 10.67 -2.39
CA ASN L 272 47.67 10.40 -1.82
C ASN L 272 47.79 11.17 -0.50
N GLN L 273 48.15 10.46 0.56
CA GLN L 273 48.10 11.06 1.88
C GLN L 273 49.22 12.07 2.14
N PRO L 274 50.48 11.73 1.80
CA PRO L 274 51.55 12.75 1.86
C PRO L 274 51.20 14.06 1.12
N LEU L 275 50.61 13.95 -0.07
CA LEU L 275 50.25 15.11 -0.85
C LEU L 275 49.14 15.89 -0.16
N LYS L 276 48.18 15.19 0.43
CA LYS L 276 47.11 15.85 1.17
C LYS L 276 47.70 16.69 2.30
N GLU L 277 48.61 16.09 3.06
CA GLU L 277 49.21 16.78 4.20
C GLU L 277 50.01 17.99 3.71
N PHE L 278 50.67 17.83 2.59
CA PHE L 278 51.44 18.90 1.98
C PHE L 278 50.57 20.11 1.70
N VAL L 279 49.43 19.90 1.08
CA VAL L 279 48.53 21.00 0.74
C VAL L 279 48.00 21.67 1.99
N ILE L 280 47.59 20.86 2.97
CA ILE L 280 47.11 21.41 4.25
C ILE L 280 48.14 22.33 4.87
N ASN L 281 49.41 21.93 4.84
CA ASN L 281 50.48 22.70 5.46
C ASN L 281 50.83 23.94 4.65
N VAL L 282 50.92 23.81 3.34
CA VAL L 282 51.20 24.96 2.51
C VAL L 282 50.15 26.04 2.75
N ALA L 283 48.89 25.61 2.85
CA ALA L 283 47.78 26.55 3.06
C ALA L 283 47.86 27.22 4.41
N LYS L 284 48.17 26.43 5.45
CA LYS L 284 48.30 26.95 6.81
C LYS L 284 49.42 27.96 6.92
N GLN L 285 50.56 27.62 6.34
CA GLN L 285 51.73 28.48 6.29
C GLN L 285 51.48 29.78 5.51
N ALA L 286 50.77 29.70 4.41
CA ALA L 286 50.41 30.87 3.61
C ALA L 286 49.17 31.60 4.15
N GLN L 287 48.60 31.11 5.24
CA GLN L 287 47.37 31.66 5.86
C GLN L 287 46.17 31.74 4.94
N ILE L 288 46.03 30.73 4.10
CA ILE L 288 44.90 30.65 3.18
C ILE L 288 43.89 29.71 3.79
N PRO L 289 42.67 30.19 4.01
CA PRO L 289 41.66 29.34 4.65
C PRO L 289 41.35 28.15 3.74
N LEU L 290 41.18 26.97 4.33
CA LEU L 290 41.04 25.75 3.59
C LEU L 290 40.06 24.81 4.28
N GLN L 291 39.02 24.39 3.58
CA GLN L 291 37.97 23.58 4.20
C GLN L 291 38.14 22.12 3.83
N LEU L 292 38.29 21.27 4.82
CA LEU L 292 38.33 19.84 4.55
C LEU L 292 36.95 19.37 4.10
N SER L 293 36.93 18.65 2.98
CA SER L 293 35.69 18.24 2.33
C SER L 293 35.69 16.75 1.98
N GLN L 294 34.51 16.22 1.76
CA GLN L 294 34.38 14.83 1.38
C GLN L 294 33.17 14.67 0.49
N MSE L 295 33.31 14.09 -0.70
CA MSE L 295 32.17 13.89 -1.62
C MSE L 295 31.85 12.43 -1.72
O MSE L 295 32.30 11.73 -2.64
CB MSE L 295 32.45 14.50 -3.00
CG MSE L 295 33.13 15.87 -2.94
SE MSE L 295 33.77 16.52 -4.69
CE MSE L 295 33.99 14.87 -5.78
N SER L 296 31.10 11.95 -0.75
CA SER L 296 30.60 10.56 -0.68
C SER L 296 30.09 9.94 -2.02
N GLY L 297 29.40 10.73 -2.84
CA GLY L 297 28.78 10.22 -4.06
C GLY L 297 29.00 11.05 -5.31
N GLY L 298 30.26 11.36 -5.60
CA GLY L 298 30.61 12.07 -6.82
C GLY L 298 32.06 11.79 -7.15
N GLY L 299 32.44 12.08 -8.39
CA GLY L 299 33.81 11.88 -8.85
C GLY L 299 34.36 13.07 -9.60
N THR L 300 35.62 12.97 -9.99
CA THR L 300 36.38 14.07 -10.59
C THR L 300 37.33 13.55 -11.68
N ASP L 301 37.86 14.47 -12.49
CA ASP L 301 38.92 14.12 -13.44
C ASP L 301 40.02 13.29 -12.77
N ALA L 302 40.25 13.54 -11.48
CA ALA L 302 41.30 12.84 -10.73
C ALA L 302 41.11 11.32 -10.70
N GLY L 303 39.85 10.90 -10.75
CA GLY L 303 39.51 9.49 -10.79
C GLY L 303 40.24 8.74 -11.88
N ARG L 304 40.49 9.42 -13.01
CA ARG L 304 41.24 8.83 -14.13
C ARG L 304 42.72 9.19 -14.12
N ILE L 305 43.02 10.44 -13.81
CA ILE L 305 44.40 10.92 -13.80
C ILE L 305 45.31 10.11 -12.86
N HIS L 306 44.82 9.83 -11.65
CA HIS L 306 45.64 9.17 -10.63
C HIS L 306 45.91 7.71 -10.94
N MSE L 307 45.24 7.21 -11.96
CA MSE L 307 45.40 5.82 -12.40
C MSE L 307 46.19 5.68 -13.65
O MSE L 307 46.27 4.60 -14.22
CB MSE L 307 44.02 5.30 -12.72
CG MSE L 307 43.03 5.60 -11.61
SE MSE L 307 42.54 3.94 -10.73
CE MSE L 307 40.80 3.62 -11.64
N ASN L 308 46.73 6.80 -14.13
CA ASN L 308 47.51 6.82 -15.36
C ASN L 308 48.82 6.06 -15.19
N ARG L 309 49.08 5.15 -16.13
CA ARG L 309 50.30 4.34 -16.13
C ARG L 309 50.49 3.61 -14.78
N ALA L 310 51.51 3.97 -14.01
CA ALA L 310 51.84 3.32 -12.75
C ALA L 310 51.17 4.02 -11.56
N GLY L 311 50.40 5.06 -11.84
CA GLY L 311 49.76 5.85 -10.83
C GLY L 311 50.32 7.26 -10.82
N CYS L 312 49.56 8.17 -10.25
CA CYS L 312 50.00 9.56 -10.14
C CYS L 312 49.39 10.15 -8.89
N PRO L 313 50.20 10.62 -7.94
CA PRO L 313 49.63 11.21 -6.73
C PRO L 313 48.80 12.44 -7.09
N SER L 314 47.58 12.51 -6.58
CA SER L 314 46.68 13.57 -6.95
C SER L 314 45.84 14.00 -5.79
N VAL L 315 45.33 15.22 -5.89
CA VAL L 315 44.46 15.76 -4.88
C VAL L 315 43.45 16.67 -5.54
N VAL L 316 42.23 16.74 -5.02
CA VAL L 316 41.23 17.64 -5.59
C VAL L 316 41.07 18.90 -4.72
N ILE L 317 41.17 20.06 -5.35
CA ILE L 317 40.99 21.34 -4.68
C ILE L 317 39.76 21.99 -5.25
N THR L 318 38.90 22.53 -4.40
CA THR L 318 37.56 22.93 -4.82
C THR L 318 37.17 24.34 -4.46
N ILE L 319 36.33 24.95 -5.28
CA ILE L 319 35.64 26.17 -4.91
C ILE L 319 34.19 25.83 -4.55
N PRO L 320 33.79 26.10 -3.30
CA PRO L 320 32.40 25.84 -2.94
C PRO L 320 31.44 26.67 -3.77
N THR L 321 30.46 25.98 -4.35
CA THR L 321 29.52 26.54 -5.29
C THR L 321 28.13 26.07 -4.91
N ARG L 322 27.16 26.97 -4.95
CA ARG L 322 25.79 26.62 -4.67
C ARG L 322 25.06 26.35 -5.98
N HIS L 323 24.25 25.30 -5.99
CA HIS L 323 23.36 24.96 -7.11
C HIS L 323 24.09 24.62 -8.41
N ILE L 324 25.04 23.71 -8.32
CA ILE L 324 25.71 23.20 -9.52
C ILE L 324 24.76 22.28 -10.29
N HIS L 325 25.15 21.91 -11.50
CA HIS L 325 24.33 21.07 -12.35
C HIS L 325 22.90 21.61 -12.45
N SER L 326 22.80 22.93 -12.57
CA SER L 326 21.51 23.59 -12.74
C SER L 326 21.72 24.85 -13.57
N HIS L 327 20.64 25.55 -13.94
CA HIS L 327 20.77 26.73 -14.79
C HIS L 327 21.58 27.85 -14.19
N VAL L 328 21.50 28.02 -12.88
CA VAL L 328 22.19 29.15 -12.25
C VAL L 328 22.73 28.76 -10.88
N GLY L 329 23.97 29.10 -10.65
CA GLY L 329 24.66 28.77 -9.40
C GLY L 329 25.33 30.01 -8.86
N LEU L 330 25.86 29.92 -7.66
CA LEU L 330 26.56 31.04 -7.03
C LEU L 330 27.89 30.58 -6.48
N LEU L 331 28.92 31.41 -6.60
CA LEU L 331 30.17 31.16 -5.89
C LEU L 331 30.82 32.46 -5.45
N SER L 332 31.78 32.34 -4.52
CA SER L 332 32.46 33.49 -3.93
C SER L 332 33.72 33.85 -4.71
N LEU L 333 33.85 35.12 -5.09
CA LEU L 333 35.05 35.58 -5.79
C LEU L 333 36.27 35.57 -4.88
N LYS L 334 36.04 35.72 -3.59
CA LYS L 334 37.08 35.63 -2.60
C LYS L 334 37.65 34.22 -2.50
N ASP L 335 36.76 33.22 -2.45
CA ASP L 335 37.21 31.82 -2.45
C ASP L 335 38.06 31.53 -3.68
N THR L 336 37.60 32.02 -4.82
CA THR L 336 38.27 31.82 -6.11
C THR L 336 39.67 32.40 -6.07
N GLU L 337 39.76 33.64 -5.60
CA GLU L 337 41.05 34.30 -5.45
C GLU L 337 42.01 33.47 -4.58
N ASN L 338 41.51 32.99 -3.45
CA ASN L 338 42.32 32.16 -2.56
C ASN L 338 42.71 30.83 -3.16
N ALA L 339 41.87 30.26 -4.01
CA ALA L 339 42.23 29.04 -4.73
C ALA L 339 43.40 29.32 -5.68
N ILE L 340 43.38 30.48 -6.34
CA ILE L 340 44.47 30.86 -7.19
C ILE L 340 45.73 31.02 -6.37
N ARG L 341 45.65 31.76 -5.27
CA ARG L 341 46.80 31.94 -4.39
C ARG L 341 47.38 30.60 -3.96
N LEU L 342 46.51 29.71 -3.52
CA LEU L 342 46.94 28.42 -3.01
C LEU L 342 47.69 27.59 -4.06
N VAL L 343 47.15 27.53 -5.29
CA VAL L 343 47.76 26.70 -6.34
C VAL L 343 49.15 27.21 -6.65
N ILE L 344 49.31 28.53 -6.65
CA ILE L 344 50.62 29.12 -6.89
C ILE L 344 51.62 28.70 -5.82
N GLU L 345 51.24 28.83 -4.55
CA GLU L 345 52.12 28.42 -3.46
C GLU L 345 52.51 26.96 -3.55
N LEU L 346 51.57 26.12 -3.97
CA LEU L 346 51.86 24.70 -4.13
C LEU L 346 52.90 24.48 -5.22
N ILE L 347 52.65 25.08 -6.38
CA ILE L 347 53.53 24.92 -7.53
C ILE L 347 54.95 25.42 -7.23
N LYS L 348 55.06 26.54 -6.51
CA LYS L 348 56.36 27.04 -6.07
C LYS L 348 57.18 25.97 -5.34
N ARG L 349 56.52 25.15 -4.52
CA ARG L 349 57.19 24.20 -3.63
C ARG L 349 57.25 22.75 -4.12
N LEU L 350 56.64 22.46 -5.26
CA LEU L 350 56.62 21.09 -5.77
C LEU L 350 57.85 20.78 -6.63
N ASP L 351 59.00 20.65 -5.97
CA ASP L 351 60.25 20.24 -6.64
C ASP L 351 60.33 18.71 -6.74
N LEU L 352 61.32 18.21 -7.48
CA LEU L 352 61.43 16.76 -7.72
C LEU L 352 61.53 15.96 -6.41
N GLU L 353 62.27 16.49 -5.43
CA GLU L 353 62.48 15.77 -4.18
C GLU L 353 61.18 15.60 -3.37
N THR L 354 60.43 16.69 -3.22
CA THR L 354 59.15 16.67 -2.52
C THR L 354 58.18 15.68 -3.15
N VAL L 355 58.13 15.69 -4.48
CA VAL L 355 57.21 14.85 -5.23
C VAL L 355 57.56 13.36 -5.15
N GLU L 356 58.84 13.03 -5.20
CA GLU L 356 59.25 11.63 -5.03
C GLU L 356 58.96 11.17 -3.60
N GLY L 357 59.01 12.10 -2.65
CA GLY L 357 58.67 11.82 -1.24
C GLY L 357 57.21 11.49 -0.98
N PHE L 358 56.33 11.73 -1.95
CA PHE L 358 54.92 11.38 -1.82
C PHE L 358 54.63 9.91 -2.08
N THR L 359 55.54 9.24 -2.76
CA THR L 359 55.38 7.85 -3.18
C THR L 359 56.43 6.96 -2.48
CO CO M . 19.13 -4.09 31.69
CO CO N . 19.51 -3.55 34.67
C1 GOL O . 34.90 -11.23 27.82
O1 GOL O . 33.88 -12.05 27.23
C2 GOL O . 36.27 -11.86 27.68
O2 GOL O . 36.97 -11.77 28.92
C3 GOL O . 37.16 -11.10 26.71
O3 GOL O . 38.48 -11.67 26.67
CO CO P . -9.05 3.14 36.11
CO CO Q . -10.08 1.95 38.65
C1 GOL R . -11.42 23.16 40.41
O1 GOL R . -12.20 24.00 41.27
C2 GOL R . -11.05 21.84 41.09
O2 GOL R . -9.84 22.05 41.82
C3 GOL R . -10.91 20.65 40.11
O3 GOL R . -9.66 20.57 39.41
C1 GOL S . -4.39 24.32 19.78
O1 GOL S . -5.30 25.11 18.98
C2 GOL S . -3.29 23.67 18.93
O2 GOL S . -2.20 24.58 18.68
C3 GOL S . -2.79 22.40 19.63
O3 GOL S . -2.59 22.62 21.03
CO CO T . -5.24 36.02 -15.91
CO CO U . -3.65 34.00 -14.52
C1 GOL V . 15.45 42.21 -17.13
O1 GOL V . 15.70 43.00 -18.31
C2 GOL V . 13.94 42.15 -16.86
O2 GOL V . 13.61 43.19 -15.93
C3 GOL V . 13.58 40.76 -16.36
O3 GOL V . 12.31 40.66 -15.70
C1 GOL W . 18.42 23.63 -6.07
O1 GOL W . 18.57 25.06 -6.05
C2 GOL W . 19.43 22.91 -5.15
O2 GOL W . 18.82 21.72 -4.67
C3 GOL W . 20.77 22.50 -5.79
O3 GOL W . 20.83 22.81 -7.20
CO CO X . -11.01 35.71 13.95
CO CO Y . -11.06 32.77 13.96
CO CO Z . -26.97 -29.38 -1.92
CO CO AA . -24.35 -28.03 -0.99
C1 GOL BA . -21.47 -21.72 8.65
O1 GOL BA . -20.61 -22.74 8.11
C2 GOL BA . -20.74 -20.49 9.21
O2 GOL BA . -21.44 -19.33 8.69
C3 GOL BA . -20.70 -20.41 10.76
O3 GOL BA . -20.80 -21.67 11.48
CO CO CA . -2.01 -24.27 28.16
CO CO DA . -0.66 -25.77 30.41
CO CO EA . 38.75 -9.10 -2.24
CO CO FA . 36.41 -7.80 -0.79
C1 GOL GA . 21.82 2.80 21.07
O1 GOL GA . 22.38 3.87 21.84
C2 GOL GA . 22.94 1.84 20.73
O2 GOL GA . 22.72 0.57 21.34
C3 GOL GA . 23.14 1.70 19.24
O3 GOL GA . 24.49 2.13 19.01
C1 GOL HA . 42.66 -6.04 15.95
O1 GOL HA . 42.27 -4.75 15.47
C2 GOL HA . 43.90 -5.99 16.84
O2 GOL HA . 44.16 -4.67 17.35
C3 GOL HA . 43.72 -6.93 18.02
O3 GOL HA . 44.91 -7.04 18.81
CO CO IA . -29.21 22.07 -6.75
CO CO JA . -31.20 24.13 -5.67
C1 GOL KA . -38.63 16.74 -23.44
O1 GOL KA . -39.20 18.06 -23.29
C2 GOL KA . -38.81 15.93 -22.14
O2 GOL KA . -39.82 14.92 -22.33
C3 GOL KA . -37.49 15.28 -21.70
O3 GOL KA . -37.10 15.78 -20.42
C1 GOL LA . -22.98 3.02 -21.99
O1 GOL LA . -23.55 4.25 -22.51
C2 GOL LA . -21.55 2.75 -22.45
O2 GOL LA . -20.62 3.19 -21.46
C3 GOL LA . -21.33 1.26 -22.69
O3 GOL LA . -19.92 0.99 -22.71
CO CO MA . -26.28 -10.29 -24.32
CO CO NA . -27.09 -11.72 -26.80
C1 GOL OA . -41.48 2.51 -22.44
O1 GOL OA . -42.59 2.98 -23.23
C2 GOL OA . -41.17 1.03 -22.69
O2 GOL OA . -42.37 0.29 -22.46
C3 GOL OA . -39.99 0.57 -21.82
O3 GOL OA . -40.15 -0.67 -21.07
C1 GOL PA . -29.18 10.65 -5.58
O1 GOL PA . -29.24 11.05 -6.96
C2 GOL PA . -28.53 9.30 -5.37
O2 GOL PA . -28.64 8.99 -3.98
C3 GOL PA . -29.19 8.25 -6.25
O3 GOL PA . -28.96 6.96 -5.70
CO CO QA . -4.20 -29.40 -22.35
CO CO RA . -5.05 -32.23 -22.91
C1 GOL SA . 6.61 -27.37 -36.44
O1 GOL SA . 5.93 -26.10 -36.48
C2 GOL SA . 7.32 -27.76 -37.76
O2 GOL SA . 7.21 -26.74 -38.77
C3 GOL SA . 8.81 -28.04 -37.49
O3 GOL SA . 9.54 -28.35 -38.69
CO CO TA . 24.32 -6.26 -27.64
CO CO UA . 26.25 -5.24 -29.73
C1 GOL VA . 12.46 -8.30 -27.36
O1 GOL VA . 13.59 -8.22 -28.22
C2 GOL VA . 11.31 -7.47 -27.93
O2 GOL VA . 11.33 -6.11 -27.45
C3 GOL VA . 9.99 -8.14 -27.56
O3 GOL VA . 9.58 -8.98 -28.64
CO CO WA . 29.86 18.30 -12.54
CO CO XA . 32.80 18.97 -12.46
C1 GOL YA . 3.08 23.86 -19.40
O1 GOL YA . 1.99 22.98 -19.21
C2 GOL YA . 3.91 23.96 -18.13
O2 GOL YA . 4.02 25.33 -17.75
C3 GOL YA . 5.29 23.36 -18.36
O3 GOL YA . 5.97 24.01 -19.45
#